data_8XSL
#
_entry.id   8XSL
#
_cell.length_a   1.00
_cell.length_b   1.00
_cell.length_c   1.00
_cell.angle_alpha   90.00
_cell.angle_beta   90.00
_cell.angle_gamma   90.00
#
_symmetry.space_group_name_H-M   'P 1'
#
loop_
_entity.id
_entity.type
_entity.pdbx_description
1 polymer 'Spike glycoprotein'
2 polymer 'IMCAS-123 heavy chain'
3 polymer 'IMCAS-123 light chain'
4 branched 2-acetamido-2-deoxy-beta-D-glucopyranose-(1-4)-2-acetamido-2-deoxy-beta-D-glucopyranose
5 non-polymer 2-acetamido-2-deoxy-beta-D-glucopyranose
#
loop_
_entity_poly.entity_id
_entity_poly.type
_entity_poly.pdbx_seq_one_letter_code
_entity_poly.pdbx_strand_id
1 'polypeptide(L)'
;MFVFLVLLPLVSSQCVNLTTRTQLPPAYTNSFTRGVYYPDKVFRSSVLHSTQDLFLPFFSNVTWFHAIHVSGTNGTKRFD
NPVLPFNDGVYFASTEKSNIIRGWIFGTTLDSKTQSLLIVNNATNVVIKVCEFQFCNDPFLGVYYHKNNKSWMESEFRVY
SSANNCTFEYVSQPFLMDLEGKQGNFKNLREFVFKNIDGYFKIYSKHTPINLVRDLPQGFSALEPLVDLPIGINITRFQT
LLALHRSYLTPGDSSSGWTAGAAAYYVGYLQPRTFLLKYNENGTITDAVDCALDPLSETKCTLKSFTVEKGIYQTSNFRV
QPTESIVRFPNITNLCPFGEVFNATRFASVYAWNRKRISNCVADYSVLYNSASFSTFKCYGVSPTKLNDLCFTNVYADSF
VIRGDEVRQIAPGQTGKIADYNYKLPDDFTGCVIAWNSNNLDSKVGGNYNYLYRLFRKSNLKPFERDISTEIYQAGSTPC
NGVEGFNCYFPLQSYGFQPTNGVGYQPYRVVVLSFELLHAPATVCGPKKSTNLVKNKCVNFNFNGLTGTGVLTESNKKFL
PFQQFGRDIADTTDAVRDPQTLEILDITPCSFGGVSVITPGTNTSNQVAVLYQDVNCTEVPVAIHADQLTPTWRVYSTGS
NVFQTRAGCLIGAEHVNNSYECDIPIGAGICASYQTQTNSPRRARSVASQSIIAYTMSLGAENSVAYSNNSIAIPTNFTI
SVTTEILPVSMTKTSVDCTMYICGDSTECSNLLLQYGSFCTQLNRALTGIAVEQDKNTQEVFAQVKQIYKTPPIKDFGGF
NFSQILPDPSKPSKRSFIEDLLFNKVTLADAGFIKQYGDCLGDIAARDLICAQKFNGLTVLPPLLTDEMIAQYTSALLAG
TITSGWTFGAGAALQIPFAMQMAYRFNGIGVTQNVLYENQKLIANQFNSAIGKIQDSLSSTASALGKLQDVVNQNAQALN
TLVKQLSSNFGAISSVLNDILSRLDPPEAEVQIDRLITGRLQSLQTYVTQQLIRAAEIRASANLAATKMSECVLGQSKRV
DFCGKGYHLMSFPQSAPHGVVFLHVTYVPAQEKNFTTAPAICHDGKAHFPREGVFVSNGTHWFVTQRNFYEPQIITTDNT
FVSGNCDVVIGIVNNTVYDPLQPELDSFKEELDKYFKNHTSPDVDLGDISGINASVVNIQKEIDRLNEVAKNLNESLIDL
QELGKYEQYIKWPWYIWLGFIAGLIAIVMVTIMLCCMTSCCSCLKGCCSCGSCCKFDEDDSEPVLKGVKLHYT
;
A,B,C
2 'polypeptide(L)'
;QVQLVESGGGLVQPGGSLRLSCAASGFTFSSYAMSWVRQAPGKGLEWVSAISGSGGSTYYADSVKGRFTISRDNSKNTLY
LQMNSLRAEDTAVYYCAKDHLITMVQPEYFHHWGQGTLVTVSSASTKGPSVFPLAPSSKSTSGGTAALGCLVKDYFPEPV
TVSWNSGALTSGVHTFPAVLQSSGLYSLSSVVTVPSSSLGTQTYICNVNHKPSNTKVDKRVEPKSC
;
H,M
3 'polypeptide(L)'
;DIQMTQSPSSVSASVGDSVTITCRASQGISRWLAWYQQRPGKAPKLLIYAAGNLETGVPSRFSGSGSGTDFTLTISDLQA
EDFATYYCQQADSFPLTFGGGTKVDIKRTVAAPSVFIFPPSDEQLKSGTASVVCLLNNFYPREAKVQWKVDNALQSGNSQ
ESVTEQDSKDSTYSLSSTLTLSKADYEKHKVYACEVTHQGLSSPVTKSFNRGECS
;
L,N
#
# COMPACT_ATOMS: atom_id res chain seq x y z
N ALA A 27 54.84 34.77 16.65
CA ALA A 27 55.56 33.68 15.99
C ALA A 27 54.60 32.54 15.66
N TYR A 28 54.98 31.70 14.70
CA TYR A 28 54.18 30.57 14.28
C TYR A 28 55.10 29.37 14.03
N THR A 29 54.53 28.17 14.12
CA THR A 29 55.29 26.98 13.80
C THR A 29 54.35 25.85 13.38
N ASN A 30 54.94 24.73 12.98
CA ASN A 30 54.20 23.59 12.45
C ASN A 30 53.80 22.66 13.58
N SER A 31 52.53 22.25 13.59
CA SER A 31 52.05 21.34 14.62
C SER A 31 52.40 19.88 14.35
N PHE A 32 52.81 19.56 13.13
CA PHE A 32 53.16 18.19 12.76
C PHE A 32 52.01 17.23 12.99
N THR A 33 52.22 16.23 13.85
CA THR A 33 51.23 15.18 14.07
C THR A 33 50.78 15.09 15.53
N ARG A 34 51.13 16.08 16.34
CA ARG A 34 50.72 16.05 17.73
C ARG A 34 49.21 16.26 17.86
N GLY A 35 48.68 15.85 19.00
CA GLY A 35 47.29 16.12 19.33
C GLY A 35 46.30 15.00 19.07
N VAL A 36 46.58 13.78 19.48
CA VAL A 36 45.70 12.65 19.30
C VAL A 36 45.29 12.12 20.67
N TYR A 37 43.98 11.98 20.89
CA TYR A 37 43.44 11.53 22.15
C TYR A 37 42.48 10.38 21.92
N TYR A 38 42.29 9.58 22.96
CA TYR A 38 41.38 8.43 22.86
C TYR A 38 39.95 8.94 22.77
N PRO A 39 39.24 8.67 21.68
CA PRO A 39 37.88 9.21 21.53
C PRO A 39 36.90 8.72 22.57
N ASP A 40 37.06 7.51 23.07
CA ASP A 40 36.15 6.94 24.05
C ASP A 40 36.95 6.02 24.97
N LYS A 41 36.24 5.22 25.75
CA LYS A 41 36.88 4.34 26.73
C LYS A 41 36.76 2.87 26.34
N VAL A 42 36.10 2.58 25.22
CA VAL A 42 35.86 1.22 24.77
C VAL A 42 37.16 0.63 24.28
N PHE A 43 37.64 -0.40 24.97
CA PHE A 43 38.91 -1.02 24.63
C PHE A 43 38.81 -1.71 23.28
N ARG A 44 39.82 -1.53 22.45
CA ARG A 44 39.95 -2.25 21.19
C ARG A 44 41.41 -2.63 21.02
N SER A 45 41.66 -3.70 20.26
CA SER A 45 43.02 -4.19 20.13
C SER A 45 43.26 -4.66 18.70
N SER A 46 44.40 -4.22 18.15
CA SER A 46 44.86 -4.65 16.83
C SER A 46 43.77 -4.45 15.77
N VAL A 47 43.40 -3.19 15.57
CA VAL A 47 42.29 -2.88 14.68
C VAL A 47 42.47 -1.47 14.12
N LEU A 48 42.10 -1.30 12.85
CA LEU A 48 42.09 0.00 12.21
C LEU A 48 40.66 0.52 12.25
N HIS A 49 40.43 1.56 13.04
CA HIS A 49 39.07 2.04 13.30
C HIS A 49 38.94 3.48 12.86
N SER A 50 37.83 3.79 12.22
CA SER A 50 37.57 5.13 11.69
C SER A 50 36.62 5.86 12.62
N THR A 51 36.81 7.17 12.78
CA THR A 51 35.97 7.95 13.65
C THR A 51 35.89 9.38 13.15
N GLN A 52 34.89 10.11 13.63
CA GLN A 52 34.69 11.52 13.33
C GLN A 52 34.56 12.29 14.63
N ASP A 53 35.41 13.30 14.82
CA ASP A 53 35.41 14.03 16.08
C ASP A 53 36.26 15.29 15.91
N LEU A 54 36.37 16.04 17.00
CA LEU A 54 37.15 17.29 17.02
C LEU A 54 38.61 16.91 17.30
N PHE A 55 39.49 17.33 16.41
CA PHE A 55 40.91 17.04 16.51
C PHE A 55 41.73 18.25 16.07
N LEU A 56 43.03 18.17 16.32
CA LEU A 56 43.95 19.15 15.77
C LEU A 56 44.38 18.69 14.39
N PRO A 57 44.02 19.40 13.32
CA PRO A 57 44.38 18.95 11.97
C PRO A 57 45.88 18.83 11.81
N PHE A 58 46.30 17.84 11.05
CA PHE A 58 47.72 17.55 10.90
C PHE A 58 48.42 18.68 10.17
N PHE A 59 49.68 18.91 10.53
CA PHE A 59 50.52 19.93 9.92
C PHE A 59 49.88 21.31 9.99
N SER A 60 49.20 21.62 11.08
CA SER A 60 48.54 22.91 11.19
C SER A 60 49.53 23.98 11.61
N ASN A 61 49.02 25.15 11.96
CA ASN A 61 49.83 26.34 12.19
C ASN A 61 49.57 26.84 13.61
N VAL A 62 50.47 26.50 14.53
CA VAL A 62 50.24 26.81 15.94
C VAL A 62 51.05 28.03 16.36
N THR A 63 50.54 28.73 17.37
CA THR A 63 51.13 29.96 17.85
C THR A 63 52.11 29.68 18.99
N TRP A 64 53.24 30.37 18.98
CA TRP A 64 54.36 30.11 19.87
C TRP A 64 54.54 31.30 20.79
N PHE A 65 54.72 31.04 22.08
CA PHE A 65 54.95 32.09 23.06
C PHE A 65 56.17 31.78 23.92
N HIS A 66 56.90 32.84 24.26
CA HIS A 66 58.07 32.75 25.13
C HIS A 66 57.77 33.47 26.44
N ALA A 67 58.68 33.33 27.40
CA ALA A 67 58.52 33.92 28.73
C ALA A 67 59.83 34.57 29.18
N ILE A 68 60.40 35.38 28.30
CA ILE A 68 61.66 36.05 28.59
C ILE A 68 61.54 37.53 28.28
N HIS A 69 62.16 38.34 29.13
CA HIS A 69 62.31 39.78 28.94
C HIS A 69 60.98 40.48 28.62
N ASP A 80 54.13 37.78 29.07
CA ASP A 80 53.52 37.17 27.89
C ASP A 80 52.36 36.25 28.27
N ASN A 81 51.28 36.83 28.77
CA ASN A 81 50.06 36.09 29.08
C ASN A 81 48.83 36.86 28.62
N PRO A 82 48.63 36.98 27.31
CA PRO A 82 47.44 37.68 26.80
C PRO A 82 46.21 36.80 26.90
N VAL A 83 45.11 37.33 26.41
CA VAL A 83 43.84 36.61 26.39
C VAL A 83 43.68 35.96 25.02
N LEU A 84 43.46 34.65 25.02
CA LEU A 84 43.36 33.93 23.76
C LEU A 84 41.95 33.36 23.57
N PRO A 85 41.44 33.34 22.35
CA PRO A 85 40.13 32.75 22.11
C PRO A 85 40.14 31.26 22.37
N PHE A 86 38.98 30.72 22.72
CA PHE A 86 38.83 29.29 22.97
C PHE A 86 38.35 28.51 21.75
N ASN A 87 37.47 29.11 20.95
CA ASN A 87 36.92 28.46 19.77
C ASN A 87 36.28 27.12 20.12
N ASP A 88 36.70 26.05 19.45
CA ASP A 88 36.10 24.74 19.62
C ASP A 88 37.03 23.77 20.35
N GLY A 89 37.72 24.21 21.38
CA GLY A 89 38.64 23.37 22.12
C GLY A 89 40.05 23.76 21.77
N VAL A 90 40.94 23.65 22.76
CA VAL A 90 42.30 24.15 22.64
C VAL A 90 43.27 23.01 22.90
N TYR A 91 44.26 22.88 22.03
CA TYR A 91 45.40 22.00 22.27
C TYR A 91 46.56 22.85 22.77
N PHE A 92 47.03 22.54 23.97
CA PHE A 92 48.07 23.31 24.64
C PHE A 92 49.29 22.43 24.83
N ALA A 93 50.47 22.97 24.57
CA ALA A 93 51.69 22.22 24.81
C ALA A 93 52.66 23.11 25.57
N SER A 94 53.37 22.50 26.53
CA SER A 94 54.32 23.25 27.32
C SER A 94 55.63 22.49 27.40
N THR A 95 56.71 23.18 27.04
CA THR A 95 58.06 22.68 27.22
C THR A 95 58.67 23.38 28.42
N GLU A 96 59.02 22.61 29.43
CA GLU A 96 59.42 23.16 30.72
C GLU A 96 60.68 22.50 31.23
N LYS A 97 61.42 23.28 32.02
CA LYS A 97 62.53 22.77 32.82
C LYS A 97 62.54 23.30 34.25
N SER A 98 61.66 24.24 34.59
CA SER A 98 61.67 24.81 35.94
C SER A 98 60.25 25.01 36.50
N ASN A 99 59.25 24.39 35.88
CA ASN A 99 57.87 24.43 36.39
C ASN A 99 57.35 25.85 36.51
N ILE A 100 57.28 26.54 35.37
CA ILE A 100 56.79 27.92 35.38
C ILE A 100 55.30 27.97 35.12
N ILE A 101 54.85 27.30 34.06
CA ILE A 101 53.43 27.29 33.71
C ILE A 101 52.67 26.52 34.77
N ARG A 102 51.77 27.19 35.48
CA ARG A 102 51.13 26.60 36.64
C ARG A 102 49.64 26.88 36.76
N GLY A 103 49.02 27.49 35.76
CA GLY A 103 47.59 27.71 35.90
C GLY A 103 46.91 28.01 34.58
N TRP A 104 45.61 27.78 34.57
CA TRP A 104 44.73 28.13 33.46
C TRP A 104 43.49 28.85 33.98
N ILE A 105 42.98 29.75 33.15
CA ILE A 105 41.73 30.48 33.40
C ILE A 105 40.88 30.38 32.15
N PHE A 106 39.61 29.99 32.32
CA PHE A 106 38.67 29.91 31.21
C PHE A 106 37.39 30.63 31.59
N GLY A 107 36.83 31.38 30.63
CA GLY A 107 35.58 32.06 30.91
C GLY A 107 35.12 32.86 29.71
N THR A 108 34.34 33.91 29.98
CA THR A 108 33.93 34.87 28.97
C THR A 108 34.21 36.32 29.38
N THR A 109 34.05 36.64 30.66
CA THR A 109 34.30 37.99 31.15
C THR A 109 35.54 38.10 32.02
N LEU A 110 35.79 37.12 32.88
CA LEU A 110 37.04 37.05 33.66
C LEU A 110 37.23 38.27 34.55
N ASP A 111 36.12 38.76 35.12
CA ASP A 111 36.17 39.88 36.05
C ASP A 111 35.22 39.67 37.22
N SER A 112 35.02 38.42 37.63
CA SER A 112 34.14 38.01 38.72
C SER A 112 32.67 38.28 38.43
N LYS A 113 32.30 38.59 37.19
CA LYS A 113 30.90 38.78 36.85
C LYS A 113 30.19 37.48 36.46
N THR A 114 30.94 36.40 36.25
CA THR A 114 30.37 35.12 35.89
C THR A 114 31.28 34.01 36.38
N GLN A 115 30.75 32.80 36.42
CA GLN A 115 31.54 31.63 36.81
C GLN A 115 32.58 31.35 35.74
N SER A 116 33.83 31.21 36.19
CA SER A 116 34.95 30.97 35.28
C SER A 116 35.81 29.86 35.87
N LEU A 117 36.18 28.90 35.03
CA LEU A 117 37.01 27.81 35.50
C LEU A 117 38.42 28.30 35.79
N LEU A 118 38.96 27.94 36.94
CA LEU A 118 40.31 28.28 37.33
C LEU A 118 41.02 27.02 37.82
N ILE A 119 42.18 26.74 37.24
CA ILE A 119 43.00 25.60 37.62
C ILE A 119 44.36 26.13 38.02
N VAL A 120 44.82 25.78 39.22
CA VAL A 120 46.07 26.31 39.77
C VAL A 120 46.85 25.17 40.39
N ASN A 121 48.18 25.23 40.27
CA ASN A 121 49.08 24.34 41.00
C ASN A 121 49.92 25.20 41.94
N ASN A 122 49.89 24.88 43.24
CA ASN A 122 50.74 25.53 44.22
C ASN A 122 51.51 24.46 44.99
N ALA A 123 52.83 24.47 44.83
CA ALA A 123 53.70 23.47 45.43
C ALA A 123 53.30 22.06 44.99
N THR A 124 52.70 21.29 45.90
CA THR A 124 52.22 19.96 45.60
C THR A 124 50.71 19.85 45.74
N ASN A 125 49.98 20.92 45.47
CA ASN A 125 48.54 20.98 45.65
C ASN A 125 47.91 21.46 44.35
N VAL A 126 46.80 20.84 43.97
CA VAL A 126 46.06 21.26 42.78
C VAL A 126 44.70 21.79 43.21
N VAL A 127 44.36 22.98 42.74
CA VAL A 127 43.12 23.64 43.12
C VAL A 127 42.32 23.92 41.86
N ILE A 128 41.07 23.46 41.85
CA ILE A 128 40.14 23.71 40.75
C ILE A 128 38.92 24.40 41.34
N LYS A 129 38.56 25.54 40.77
CA LYS A 129 37.41 26.31 41.25
C LYS A 129 36.62 26.84 40.07
N VAL A 130 35.36 27.17 40.33
CA VAL A 130 34.48 27.74 39.32
C VAL A 130 33.81 28.98 39.90
N CYS A 131 34.42 29.56 40.93
CA CYS A 131 33.84 30.71 41.60
C CYS A 131 33.95 31.95 40.71
N GLU A 132 33.47 33.07 41.25
CA GLU A 132 33.65 34.38 40.62
C GLU A 132 34.82 35.09 41.32
N PHE A 133 36.00 34.53 41.12
CA PHE A 133 37.22 35.12 41.66
C PHE A 133 37.48 36.47 41.01
N GLN A 134 38.02 37.41 41.78
CA GLN A 134 38.38 38.73 41.27
C GLN A 134 39.73 38.62 40.60
N PHE A 135 39.73 38.68 39.28
CA PHE A 135 40.95 38.53 38.50
C PHE A 135 41.70 39.84 38.41
N CYS A 136 43.00 39.78 38.64
CA CYS A 136 43.83 40.98 38.63
C CYS A 136 43.98 41.52 37.20
N ASN A 137 44.68 42.66 37.09
CA ASN A 137 44.95 43.22 35.78
C ASN A 137 45.79 42.26 34.93
N ASP A 138 46.91 41.80 35.46
CA ASP A 138 47.75 40.81 34.80
C ASP A 138 48.09 39.74 35.83
N PRO A 139 47.13 38.89 36.17
CA PRO A 139 47.36 37.91 37.25
C PRO A 139 48.49 36.96 36.93
N PHE A 140 49.26 36.62 37.96
CA PHE A 140 50.30 35.61 37.86
C PHE A 140 50.63 35.11 39.25
N LEU A 141 51.64 34.25 39.33
CA LEU A 141 52.02 33.59 40.57
C LEU A 141 53.35 34.14 41.06
N GLY A 142 53.39 34.55 42.33
CA GLY A 142 54.61 35.06 42.91
C GLY A 142 55.32 34.03 43.77
N VAL A 143 56.61 33.87 43.50
CA VAL A 143 57.43 32.88 44.19
C VAL A 143 57.57 33.23 45.67
N ASN A 165 30.25 33.10 44.97
CA ASN A 165 29.24 32.29 44.31
C ASN A 165 29.86 31.03 43.71
N CYS A 166 30.47 30.22 44.56
CA CYS A 166 31.12 28.99 44.13
C CYS A 166 30.10 27.88 43.94
N THR A 167 30.23 27.15 42.84
CA THR A 167 29.40 25.99 42.58
C THR A 167 30.19 24.69 42.56
N PHE A 168 31.50 24.75 42.69
CA PHE A 168 32.34 23.56 42.75
C PHE A 168 33.74 23.95 43.17
N GLU A 169 34.42 23.02 43.84
CA GLU A 169 35.84 23.17 44.15
C GLU A 169 36.42 21.79 44.41
N TYR A 170 37.63 21.56 43.90
CA TYR A 170 38.36 20.34 44.16
C TYR A 170 39.78 20.69 44.56
N VAL A 171 40.30 20.00 45.57
CA VAL A 171 41.61 20.26 46.14
C VAL A 171 42.34 18.94 46.30
N SER A 172 43.64 18.94 46.00
CA SER A 172 44.47 17.77 46.22
C SER A 172 45.52 18.03 47.29
N PHE A 186 64.71 22.52 27.14
CA PHE A 186 63.81 22.09 28.20
C PHE A 186 63.97 20.59 28.42
N LYS A 187 63.37 20.09 29.50
CA LYS A 187 63.49 18.69 29.85
C LYS A 187 62.18 17.93 29.90
N ASN A 188 61.05 18.63 29.92
CA ASN A 188 59.74 18.00 30.02
C ASN A 188 58.80 18.61 29.00
N LEU A 189 57.93 17.79 28.42
CA LEU A 189 56.87 18.26 27.55
C LEU A 189 55.54 17.74 28.07
N ARG A 190 54.63 18.66 28.39
CA ARG A 190 53.31 18.29 28.89
C ARG A 190 52.27 18.81 27.90
N GLU A 191 51.43 17.90 27.42
CA GLU A 191 50.42 18.20 26.43
C GLU A 191 49.03 18.07 27.04
N PHE A 192 48.13 18.97 26.66
CA PHE A 192 46.78 19.00 27.20
C PHE A 192 45.80 19.34 26.09
N VAL A 193 44.59 18.82 26.23
CA VAL A 193 43.49 19.12 25.32
C VAL A 193 42.28 19.47 26.17
N PHE A 194 41.66 20.61 25.87
CA PHE A 194 40.50 21.09 26.62
C PHE A 194 39.35 21.28 25.67
N LYS A 195 38.16 20.78 26.05
CA LYS A 195 36.99 21.00 25.21
C LYS A 195 35.70 20.93 26.03
N ASN A 196 34.75 21.80 25.68
CA ASN A 196 33.43 21.83 26.29
C ASN A 196 32.46 21.09 25.39
N ILE A 197 31.78 20.10 25.93
CA ILE A 197 30.77 19.33 25.21
C ILE A 197 29.58 19.12 26.14
N ASP A 198 28.45 19.73 25.77
CA ASP A 198 27.16 19.49 26.44
C ASP A 198 27.23 19.80 27.92
N GLY A 199 27.87 20.92 28.26
CA GLY A 199 28.03 21.30 29.64
C GLY A 199 29.07 20.50 30.41
N TYR A 200 29.91 19.75 29.72
CA TYR A 200 30.98 18.99 30.35
C TYR A 200 32.31 19.51 29.84
N PHE A 201 33.16 19.94 30.77
CA PHE A 201 34.53 20.32 30.44
C PHE A 201 35.38 19.07 30.50
N LYS A 202 35.96 18.70 29.36
CA LYS A 202 36.77 17.51 29.24
C LYS A 202 38.23 17.92 29.10
N ILE A 203 39.08 17.32 29.94
CA ILE A 203 40.51 17.60 29.99
C ILE A 203 41.25 16.30 29.75
N TYR A 204 42.07 16.27 28.70
CA TYR A 204 42.86 15.12 28.34
C TYR A 204 44.31 15.56 28.42
N SER A 205 45.22 14.65 28.74
CA SER A 205 46.59 15.14 28.89
C SER A 205 47.60 14.02 28.68
N LYS A 206 48.86 14.40 28.79
CA LYS A 206 49.99 13.49 28.60
C LYS A 206 51.26 14.19 29.07
N HIS A 207 52.17 13.43 29.67
CA HIS A 207 53.49 13.92 30.06
C HIS A 207 54.54 13.12 29.33
N THR A 208 55.69 13.75 29.06
CA THR A 208 56.79 13.03 28.45
C THR A 208 58.12 13.72 28.73
N PRO A 209 59.21 12.97 28.83
CA PRO A 209 60.52 13.60 28.95
C PRO A 209 61.09 13.97 27.59
N ILE A 210 61.76 15.11 27.53
CA ILE A 210 62.36 15.62 26.31
C ILE A 210 63.75 16.17 26.61
N ASN A 211 64.56 16.30 25.56
CA ASN A 211 65.82 17.02 25.60
C ASN A 211 65.84 17.98 24.40
N LEU A 212 65.21 19.13 24.59
CA LEU A 212 64.99 20.07 23.49
C LEU A 212 64.48 21.38 24.04
N VAL A 213 64.98 22.48 23.51
CA VAL A 213 64.54 23.82 23.89
C VAL A 213 64.14 24.64 22.67
N ARG A 214 64.26 24.06 21.48
CA ARG A 214 64.08 24.83 20.26
C ARG A 214 62.62 24.93 19.86
N ASP A 215 61.98 23.80 19.55
CA ASP A 215 60.61 23.82 19.06
C ASP A 215 59.92 22.51 19.44
N LEU A 216 58.76 22.28 18.84
CA LEU A 216 57.99 21.09 19.15
C LEU A 216 58.66 19.86 18.55
N PRO A 217 58.93 18.82 19.34
CA PRO A 217 59.46 17.59 18.76
C PRO A 217 58.49 16.98 17.77
N GLN A 218 59.03 16.39 16.72
CA GLN A 218 58.22 15.77 15.69
C GLN A 218 58.04 14.29 16.00
N GLY A 219 56.86 13.95 16.50
CA GLY A 219 56.57 12.59 16.89
C GLY A 219 55.09 12.42 17.16
N PHE A 220 54.73 11.21 17.59
CA PHE A 220 53.34 10.83 17.78
C PHE A 220 53.16 10.24 19.17
N SER A 221 52.05 10.61 19.83
CA SER A 221 51.74 10.09 21.15
C SER A 221 50.28 10.36 21.44
N ALA A 222 49.62 9.44 22.13
CA ALA A 222 48.21 9.55 22.43
C ALA A 222 47.99 10.20 23.79
N LEU A 223 46.79 10.75 23.98
CA LEU A 223 46.45 11.48 25.18
C LEU A 223 45.21 10.87 25.83
N GLU A 224 45.43 9.98 26.80
CA GLU A 224 44.30 9.33 27.45
C GLU A 224 43.53 10.32 28.32
N PRO A 225 42.23 10.10 28.49
CA PRO A 225 41.42 11.06 29.27
C PRO A 225 41.80 11.06 30.73
N LEU A 226 41.68 12.23 31.35
CA LEU A 226 41.81 12.32 32.79
C LEU A 226 40.58 12.91 33.48
N VAL A 227 39.99 13.98 32.96
CA VAL A 227 39.00 14.71 33.74
C VAL A 227 37.75 15.01 32.91
N ASP A 228 36.59 14.77 33.51
CA ASP A 228 35.32 15.28 33.01
C ASP A 228 34.66 16.02 34.17
N LEU A 229 34.34 17.29 33.95
CA LEU A 229 33.67 18.10 34.96
C LEU A 229 32.34 18.60 34.43
N PRO A 230 31.22 18.26 35.04
CA PRO A 230 29.90 18.71 34.52
C PRO A 230 29.61 20.16 34.88
N ILE A 231 30.57 21.04 34.63
CA ILE A 231 30.45 22.41 35.10
C ILE A 231 29.39 23.19 34.34
N GLY A 232 29.36 23.08 33.02
CA GLY A 232 28.35 23.77 32.23
C GLY A 232 28.49 25.27 32.15
N ILE A 233 29.69 25.78 31.89
CA ILE A 233 29.91 27.21 31.68
C ILE A 233 30.10 27.46 30.20
N ASN A 234 29.42 28.48 29.67
CA ASN A 234 29.69 28.98 28.33
C ASN A 234 31.02 29.73 28.40
N ILE A 235 31.98 29.31 27.57
CA ILE A 235 33.34 29.84 27.61
C ILE A 235 33.72 30.31 26.22
N THR A 236 34.32 31.50 26.13
CA THR A 236 34.80 32.05 24.88
C THR A 236 36.26 32.48 24.90
N ARG A 237 36.83 32.75 26.06
CA ARG A 237 38.19 33.23 26.19
C ARG A 237 38.91 32.41 27.25
N PHE A 238 40.24 32.45 27.20
CA PHE A 238 41.04 31.81 28.23
C PHE A 238 42.39 32.50 28.32
N GLN A 239 43.17 32.08 29.32
CA GLN A 239 44.46 32.68 29.60
C GLN A 239 45.29 31.72 30.45
N THR A 240 46.61 31.86 30.34
CA THR A 240 47.52 31.03 31.12
C THR A 240 48.02 31.79 32.35
N LEU A 241 48.68 31.06 33.23
CA LEU A 241 49.17 31.60 34.50
C LEU A 241 50.53 31.00 34.79
N LEU A 242 51.54 31.86 34.89
CA LEU A 242 52.90 31.44 35.13
C LEU A 242 53.36 31.90 36.51
N ALA A 243 54.53 31.42 36.91
CA ALA A 243 55.16 31.85 38.16
C ALA A 243 56.36 32.73 37.83
N LEU A 244 56.36 33.95 38.37
CA LEU A 244 57.40 34.92 38.07
C LEU A 244 58.21 35.23 39.32
N HIS A 245 59.51 35.41 39.13
CA HIS A 245 60.43 35.61 40.24
C HIS A 245 60.61 37.09 40.57
N ALA A 263 60.64 29.85 29.44
CA ALA A 263 59.62 28.81 29.39
C ALA A 263 58.61 29.08 28.29
N ALA A 264 58.78 28.40 27.17
CA ALA A 264 57.90 28.60 26.02
C ALA A 264 56.70 27.68 26.09
N TYR A 265 55.69 27.98 25.27
CA TYR A 265 54.54 27.11 25.11
C TYR A 265 53.90 27.37 23.76
N TYR A 266 53.00 26.46 23.38
CA TYR A 266 52.40 26.48 22.05
C TYR A 266 50.89 26.25 22.17
N VAL A 267 50.14 26.90 21.28
CA VAL A 267 48.68 26.90 21.32
C VAL A 267 48.16 26.57 19.93
N GLY A 268 47.14 25.70 19.87
CA GLY A 268 46.46 25.38 18.63
C GLY A 268 44.98 25.14 18.86
N TYR A 269 44.23 25.16 17.75
CA TYR A 269 42.77 25.09 17.80
C TYR A 269 42.26 23.87 17.04
N LEU A 270 41.11 23.38 17.47
CA LEU A 270 40.56 22.12 16.96
C LEU A 270 39.53 22.35 15.87
N GLN A 271 39.26 21.29 15.12
CA GLN A 271 38.32 21.28 14.01
C GLN A 271 37.60 19.94 13.95
N PRO A 272 36.41 19.89 13.35
CA PRO A 272 35.69 18.62 13.19
C PRO A 272 36.21 17.76 12.06
N ARG A 273 37.22 16.93 12.32
CA ARG A 273 37.84 16.11 11.30
C ARG A 273 37.46 14.64 11.46
N THR A 274 37.69 13.88 10.39
CA THR A 274 37.54 12.43 10.42
C THR A 274 38.93 11.81 10.39
N PHE A 275 39.17 10.87 11.30
CA PHE A 275 40.47 10.25 11.47
C PHE A 275 40.37 8.75 11.34
N LEU A 276 41.49 8.12 10.98
CA LEU A 276 41.62 6.68 11.05
C LEU A 276 42.73 6.35 12.05
N LEU A 277 42.44 5.47 13.00
CA LEU A 277 43.33 5.17 14.11
C LEU A 277 43.76 3.71 14.03
N LYS A 278 44.98 3.43 14.50
CA LYS A 278 45.50 2.08 14.57
C LYS A 278 45.69 1.70 16.04
N TYR A 279 44.92 0.71 16.50
CA TYR A 279 45.05 0.19 17.84
C TYR A 279 45.94 -1.05 17.81
N ASN A 280 47.00 -1.04 18.60
CA ASN A 280 47.94 -2.15 18.61
C ASN A 280 47.38 -3.30 19.45
N GLU A 281 48.23 -4.28 19.75
CA GLU A 281 47.82 -5.39 20.61
C GLU A 281 47.46 -4.93 22.01
N ASN A 282 48.26 -4.04 22.59
CA ASN A 282 48.06 -3.59 23.96
C ASN A 282 46.97 -2.54 24.07
N GLY A 283 46.17 -2.35 23.02
CA GLY A 283 45.12 -1.36 23.06
C GLY A 283 45.60 0.07 23.02
N THR A 284 46.81 0.30 22.50
CA THR A 284 47.42 1.63 22.48
C THR A 284 47.40 2.18 21.06
N ILE A 285 46.89 3.41 20.91
CA ILE A 285 46.85 4.06 19.61
C ILE A 285 48.29 4.39 19.19
N THR A 286 48.75 3.75 18.12
CA THR A 286 50.12 3.93 17.67
C THR A 286 50.27 4.86 16.48
N ASP A 287 49.24 5.01 15.66
CA ASP A 287 49.35 5.84 14.47
C ASP A 287 47.95 6.22 14.00
N ALA A 288 47.88 7.24 13.15
CA ALA A 288 46.61 7.73 12.65
C ALA A 288 46.83 8.41 11.31
N VAL A 289 45.74 8.57 10.57
CA VAL A 289 45.75 9.34 9.33
C VAL A 289 44.56 10.29 9.33
N ASP A 290 44.74 11.42 8.64
CA ASP A 290 43.92 12.61 8.78
C ASP A 290 42.81 12.70 7.73
N CYS A 291 42.67 11.68 6.89
CA CYS A 291 41.65 11.68 5.85
C CYS A 291 41.72 12.94 5.00
N ALA A 292 40.91 13.93 5.32
CA ALA A 292 40.82 15.14 4.51
C ALA A 292 42.04 16.04 4.72
N LEU A 293 43.20 15.60 4.23
CA LEU A 293 44.40 16.44 4.25
C LEU A 293 44.99 16.53 2.85
N ASP A 294 44.92 15.44 2.11
CA ASP A 294 45.44 15.38 0.75
C ASP A 294 44.80 14.17 0.06
N PRO A 295 44.86 14.11 -1.27
CA PRO A 295 44.26 12.95 -1.95
C PRO A 295 44.80 11.62 -1.47
N LEU A 296 46.08 11.54 -1.15
CA LEU A 296 46.64 10.28 -0.68
C LEU A 296 46.00 9.84 0.64
N SER A 297 45.82 10.77 1.57
CA SER A 297 45.21 10.41 2.84
C SER A 297 43.74 10.05 2.66
N GLU A 298 43.06 10.73 1.74
CA GLU A 298 41.68 10.36 1.44
C GLU A 298 41.61 8.93 0.91
N THR A 299 42.54 8.57 0.02
CA THR A 299 42.59 7.22 -0.50
C THR A 299 42.86 6.21 0.60
N LYS A 300 43.79 6.54 1.50
CA LYS A 300 44.07 5.66 2.63
C LYS A 300 42.82 5.47 3.49
N CYS A 301 42.09 6.54 3.74
CA CYS A 301 40.89 6.44 4.56
C CYS A 301 39.83 5.58 3.88
N THR A 302 39.67 5.74 2.57
CA THR A 302 38.62 5.00 1.87
C THR A 302 38.87 3.50 1.91
N LEU A 303 40.12 3.08 1.74
CA LEU A 303 40.46 1.66 1.71
C LEU A 303 40.63 1.08 3.10
N LYS A 304 40.52 1.89 4.16
CA LYS A 304 40.69 1.43 5.53
C LYS A 304 42.04 0.74 5.71
N SER A 305 43.06 1.30 5.08
CA SER A 305 44.39 0.71 5.11
C SER A 305 45.44 1.80 5.21
N PHE A 306 46.59 1.45 5.77
CA PHE A 306 47.74 2.34 5.80
C PHE A 306 48.66 2.15 4.61
N THR A 307 48.40 1.15 3.77
CA THR A 307 49.23 0.87 2.61
C THR A 307 48.34 0.80 1.39
N VAL A 308 48.75 1.47 0.31
CA VAL A 308 48.00 1.51 -0.93
C VAL A 308 48.91 0.99 -2.04
N GLU A 309 48.40 0.03 -2.81
CA GLU A 309 49.16 -0.50 -3.92
C GLU A 309 48.90 0.31 -5.18
N LYS A 310 49.76 0.09 -6.18
CA LYS A 310 49.68 0.83 -7.43
C LYS A 310 48.34 0.60 -8.10
N GLY A 311 47.75 1.67 -8.61
CA GLY A 311 46.47 1.59 -9.29
C GLY A 311 45.77 2.93 -9.27
N ILE A 312 44.51 2.90 -9.66
CA ILE A 312 43.65 4.08 -9.68
C ILE A 312 42.41 3.77 -8.86
N TYR A 313 42.03 4.70 -7.98
CA TYR A 313 40.93 4.50 -7.06
C TYR A 313 39.98 5.68 -7.13
N GLN A 314 38.69 5.42 -6.94
CA GLN A 314 37.71 6.47 -6.81
C GLN A 314 37.50 6.76 -5.34
N THR A 315 37.59 8.03 -4.96
CA THR A 315 37.51 8.43 -3.57
C THR A 315 36.27 9.24 -3.23
N SER A 316 36.00 10.31 -3.95
CA SER A 316 34.95 11.24 -3.55
C SER A 316 34.19 11.69 -4.79
N ASN A 317 33.39 12.74 -4.62
CA ASN A 317 32.58 13.27 -5.71
C ASN A 317 32.79 14.78 -5.77
N PHE A 318 32.68 15.33 -6.97
CA PHE A 318 32.87 16.76 -7.17
C PHE A 318 31.57 17.40 -7.62
N ARG A 319 31.13 18.43 -6.89
CA ARG A 319 29.91 19.15 -7.24
C ARG A 319 30.19 20.64 -7.20
N VAL A 320 29.69 21.36 -8.21
CA VAL A 320 29.76 22.81 -8.18
C VAL A 320 28.62 23.34 -7.32
N GLN A 321 28.95 24.10 -6.33
CA GLN A 321 27.89 24.53 -5.45
C GLN A 321 27.15 25.74 -6.03
N PRO A 322 25.87 25.89 -5.70
CA PRO A 322 25.12 27.04 -6.22
C PRO A 322 25.67 28.34 -5.66
N THR A 323 25.75 29.34 -6.53
CA THR A 323 26.20 30.67 -6.14
C THR A 323 25.18 31.40 -5.27
N GLU A 324 23.91 31.41 -5.67
CA GLU A 324 22.88 32.16 -4.97
C GLU A 324 21.48 31.72 -5.38
N SER A 325 20.46 32.27 -4.72
CA SER A 325 19.08 31.84 -4.91
C SER A 325 18.30 32.95 -5.60
N ILE A 326 17.37 32.58 -6.47
CA ILE A 326 16.66 33.53 -7.30
C ILE A 326 15.18 33.15 -7.39
N VAL A 327 14.29 34.14 -7.36
CA VAL A 327 12.85 33.90 -7.36
C VAL A 327 12.16 34.86 -8.32
N ARG A 328 11.32 34.34 -9.21
CA ARG A 328 10.60 35.15 -10.18
C ARG A 328 9.12 34.82 -10.15
N PHE A 329 8.29 35.86 -10.20
CA PHE A 329 6.83 35.75 -10.24
C PHE A 329 6.31 36.72 -11.31
N PRO A 330 5.11 36.48 -11.86
CA PRO A 330 4.68 37.25 -13.03
C PRO A 330 4.62 38.77 -12.84
N ASN A 331 3.80 39.23 -11.90
CA ASN A 331 3.65 40.66 -11.62
C ASN A 331 2.78 40.88 -10.39
N ILE A 332 2.51 42.14 -10.08
CA ILE A 332 1.59 42.51 -9.02
C ILE A 332 0.51 43.39 -9.62
N THR A 333 -0.71 42.88 -9.69
CA THR A 333 -1.83 43.63 -10.26
C THR A 333 -3.00 43.67 -9.30
N ASN A 334 -4.14 44.19 -9.78
CA ASN A 334 -5.45 44.17 -9.11
C ASN A 334 -5.36 44.25 -7.59
N LEU A 335 -4.68 45.27 -7.09
CA LEU A 335 -4.52 45.46 -5.64
C LEU A 335 -5.91 45.59 -5.03
N CYS A 336 -6.14 44.86 -3.93
CA CYS A 336 -7.46 44.84 -3.31
C CYS A 336 -7.84 46.23 -2.83
N PRO A 337 -9.08 46.65 -3.06
CA PRO A 337 -9.46 48.04 -2.76
C PRO A 337 -9.64 48.32 -1.28
N PHE A 338 -8.55 48.54 -0.56
CA PHE A 338 -8.63 48.86 0.86
C PHE A 338 -8.62 50.36 1.14
N GLY A 339 -8.16 51.17 0.19
CA GLY A 339 -8.19 52.61 0.41
C GLY A 339 -9.59 53.18 0.45
N GLU A 340 -10.49 52.64 -0.38
CA GLU A 340 -11.85 53.15 -0.47
C GLU A 340 -12.61 53.04 0.84
N VAL A 341 -12.28 52.06 1.66
CA VAL A 341 -12.93 51.90 2.96
C VAL A 341 -12.28 52.78 4.02
N PHE A 342 -10.96 52.72 4.13
CA PHE A 342 -10.27 53.47 5.17
C PHE A 342 -10.19 54.96 4.84
N ASN A 343 -10.37 55.33 3.57
CA ASN A 343 -10.41 56.74 3.18
C ASN A 343 -11.81 57.17 2.74
N ALA A 344 -12.83 56.43 3.13
CA ALA A 344 -14.19 56.80 2.77
C ALA A 344 -14.59 58.11 3.42
N THR A 345 -15.39 58.90 2.70
CA THR A 345 -15.76 60.22 3.19
C THR A 345 -16.57 60.12 4.47
N ARG A 346 -17.62 59.29 4.47
CA ARG A 346 -18.47 59.10 5.64
C ARG A 346 -18.73 57.62 5.85
N PHE A 347 -18.73 57.19 7.10
CA PHE A 347 -19.12 55.82 7.41
C PHE A 347 -20.59 55.76 7.80
N ALA A 348 -21.12 54.54 7.78
CA ALA A 348 -22.46 54.28 8.30
C ALA A 348 -22.42 54.14 9.81
N SER A 349 -23.59 54.21 10.42
CA SER A 349 -23.68 54.10 11.88
C SER A 349 -23.31 52.69 12.32
N VAL A 350 -23.05 52.55 13.63
CA VAL A 350 -22.64 51.26 14.16
C VAL A 350 -23.78 50.25 14.10
N TYR A 351 -25.02 50.69 14.34
CA TYR A 351 -26.15 49.78 14.23
C TYR A 351 -26.38 49.33 12.80
N ALA A 352 -25.87 50.09 11.83
CA ALA A 352 -25.98 49.77 10.41
C ALA A 352 -24.60 49.65 9.79
N TRP A 353 -23.72 48.89 10.45
CA TRP A 353 -22.33 48.77 10.03
C TRP A 353 -22.24 48.31 8.57
N ASN A 354 -21.33 48.93 7.83
CA ASN A 354 -21.24 48.68 6.40
C ASN A 354 -20.30 47.52 6.11
N ARG A 355 -20.83 46.51 5.42
CA ARG A 355 -20.07 45.32 5.06
C ARG A 355 -19.73 45.36 3.57
N LYS A 356 -18.46 45.12 3.25
CA LYS A 356 -17.98 45.09 1.88
C LYS A 356 -17.25 43.77 1.66
N ARG A 357 -17.45 43.17 0.48
CA ARG A 357 -16.81 41.92 0.12
C ARG A 357 -15.63 42.17 -0.80
N ILE A 358 -14.51 41.51 -0.52
CA ILE A 358 -13.29 41.66 -1.30
C ILE A 358 -12.81 40.28 -1.72
N SER A 359 -12.61 40.08 -3.02
CA SER A 359 -12.20 38.79 -3.53
C SER A 359 -11.51 38.98 -4.87
N ASN A 360 -10.76 37.96 -5.27
CA ASN A 360 -10.12 37.89 -6.58
C ASN A 360 -9.21 39.08 -6.82
N CYS A 361 -8.35 39.34 -5.85
CA CYS A 361 -7.43 40.47 -5.93
C CYS A 361 -6.23 40.17 -5.04
N VAL A 362 -5.28 41.11 -5.02
CA VAL A 362 -4.04 40.99 -4.27
C VAL A 362 -4.04 42.09 -3.21
N ALA A 363 -3.92 41.69 -1.94
CA ALA A 363 -3.96 42.62 -0.83
C ALA A 363 -2.62 42.58 -0.10
N ASP A 364 -2.00 43.76 0.04
CA ASP A 364 -0.73 43.86 0.76
C ASP A 364 -0.99 44.34 2.20
N TYR A 365 -1.21 43.36 3.07
CA TYR A 365 -1.50 43.66 4.46
C TYR A 365 -0.31 44.29 5.16
N SER A 366 0.88 44.12 4.60
CA SER A 366 2.07 44.73 5.18
C SER A 366 1.99 46.25 5.14
N VAL A 367 1.46 46.79 4.05
CA VAL A 367 1.35 48.25 3.91
C VAL A 367 0.52 48.83 5.04
N LEU A 368 -0.66 48.26 5.28
CA LEU A 368 -1.50 48.73 6.38
C LEU A 368 -0.83 48.45 7.72
N TYR A 369 -0.20 47.28 7.86
CA TYR A 369 0.50 46.93 9.08
C TYR A 369 1.71 47.83 9.33
N ASN A 370 2.34 48.34 8.28
CA ASN A 370 3.50 49.21 8.40
C ASN A 370 3.09 50.65 8.16
N SER A 371 1.87 51.00 8.60
CA SER A 371 1.36 52.35 8.49
C SER A 371 1.49 53.17 9.76
N ALA A 372 1.30 52.58 10.93
CA ALA A 372 1.43 53.26 12.22
C ALA A 372 0.56 54.51 12.26
N SER A 373 -0.66 54.38 11.73
CA SER A 373 -1.61 55.47 11.70
C SER A 373 -2.91 55.18 12.42
N PHE A 374 -3.08 53.99 12.97
CA PHE A 374 -4.30 53.60 13.66
C PHE A 374 -4.06 53.44 15.15
N SER A 375 -5.04 53.89 15.93
CA SER A 375 -4.97 53.78 17.39
C SER A 375 -4.90 52.35 17.87
N THR A 376 -5.70 51.45 17.30
CA THR A 376 -5.79 50.07 17.75
C THR A 376 -5.67 49.15 16.55
N PHE A 377 -4.90 48.07 16.71
CA PHE A 377 -4.74 47.08 15.66
C PHE A 377 -4.52 45.70 16.26
N LYS A 378 -5.57 44.88 16.29
CA LYS A 378 -5.51 43.55 16.89
C LYS A 378 -5.76 42.50 15.81
N CYS A 379 -5.11 41.36 15.92
CA CYS A 379 -5.35 40.25 15.01
C CYS A 379 -5.45 38.94 15.76
N GLY A 381 -6.92 35.31 15.98
CA GLY A 381 -6.10 34.12 15.88
C GLY A 381 -5.04 34.21 14.78
N VAL A 382 -5.20 35.18 13.89
CA VAL A 382 -4.26 35.38 12.79
C VAL A 382 -3.09 36.23 13.27
N SER A 383 -1.89 35.93 12.78
CA SER A 383 -0.69 36.66 13.14
C SER A 383 -0.50 37.84 12.19
N PRO A 384 -0.49 39.07 12.71
CA PRO A 384 -0.34 40.24 11.82
C PRO A 384 0.99 40.28 11.07
N THR A 385 2.05 39.73 11.67
CA THR A 385 3.40 39.92 11.13
C THR A 385 3.64 39.06 9.89
N LYS A 386 3.56 39.70 8.73
CA LYS A 386 3.84 39.09 7.43
C LYS A 386 3.08 37.77 7.24
N LEU A 387 1.76 37.85 7.25
CA LEU A 387 0.91 36.78 6.74
C LEU A 387 0.05 37.22 5.57
N ASN A 388 0.57 38.10 4.73
CA ASN A 388 -0.04 38.36 3.43
C ASN A 388 0.36 37.23 2.49
N ASP A 389 0.95 36.19 3.06
CA ASP A 389 1.42 35.02 2.32
C ASP A 389 0.36 33.90 2.35
N LEU A 390 -0.83 34.21 2.86
CA LEU A 390 -1.89 33.23 3.01
C LEU A 390 -3.06 33.61 2.12
N CYS A 391 -3.80 32.58 1.68
CA CYS A 391 -4.90 32.73 0.75
C CYS A 391 -6.21 32.50 1.48
N PHE A 392 -7.26 33.22 1.07
CA PHE A 392 -8.57 33.12 1.70
C PHE A 392 -9.66 33.22 0.66
N THR A 393 -10.82 32.66 0.98
CA THR A 393 -11.96 32.71 0.07
C THR A 393 -12.42 34.14 -0.16
N ASN A 394 -12.53 34.93 0.91
CA ASN A 394 -13.05 36.28 0.83
C ASN A 394 -12.50 37.11 1.98
N VAL A 395 -12.63 38.43 1.86
CA VAL A 395 -12.33 39.35 2.95
C VAL A 395 -13.54 40.24 3.15
N TYR A 396 -14.11 40.19 4.35
CA TYR A 396 -15.29 40.98 4.66
C TYR A 396 -14.92 42.12 5.59
N ALA A 397 -15.18 43.34 5.12
CA ALA A 397 -14.82 44.56 5.83
C ALA A 397 -16.08 45.16 6.43
N ASP A 398 -16.17 45.17 7.75
CA ASP A 398 -17.26 45.81 8.47
C ASP A 398 -16.75 47.12 9.07
N SER A 399 -17.28 48.23 8.59
CA SER A 399 -16.82 49.54 8.98
C SER A 399 -17.94 50.30 9.68
N PHE A 400 -17.56 51.07 10.70
CA PHE A 400 -18.49 51.94 11.42
C PHE A 400 -17.67 52.94 12.21
N VAL A 401 -18.38 53.77 13.00
CA VAL A 401 -17.75 54.76 13.86
C VAL A 401 -18.40 54.67 15.24
N ILE A 402 -17.56 54.61 16.28
CA ILE A 402 -18.03 54.53 17.66
C ILE A 402 -17.15 55.42 18.53
N ARG A 403 -17.63 55.69 19.73
CA ARG A 403 -16.79 56.43 20.68
C ARG A 403 -15.60 55.57 21.08
N GLY A 404 -14.54 56.24 21.53
CA GLY A 404 -13.30 55.53 21.83
C GLY A 404 -13.48 54.46 22.88
N ASP A 405 -14.23 54.77 23.94
CA ASP A 405 -14.43 53.81 25.02
C ASP A 405 -15.15 52.55 24.55
N GLU A 406 -16.02 52.66 23.55
CA GLU A 406 -16.70 51.49 22.99
C GLU A 406 -15.84 50.73 22.00
N VAL A 407 -14.68 51.28 21.62
CA VAL A 407 -13.81 50.61 20.65
C VAL A 407 -13.38 49.25 21.16
N ARG A 408 -13.17 49.11 22.47
CA ARG A 408 -12.78 47.82 23.02
C ARG A 408 -13.81 46.73 22.78
N GLN A 409 -15.08 47.10 22.55
CA GLN A 409 -16.15 46.12 22.44
C GLN A 409 -16.04 45.24 21.21
N ILE A 410 -15.24 45.61 20.22
CA ILE A 410 -15.14 44.87 18.97
C ILE A 410 -14.05 43.83 19.14
N ALA A 411 -14.43 42.68 19.70
CA ALA A 411 -13.53 41.55 19.91
C ALA A 411 -14.38 40.32 20.18
N PRO A 412 -13.84 39.12 19.94
CA PRO A 412 -14.61 37.91 20.22
C PRO A 412 -14.97 37.81 21.70
N GLY A 413 -16.17 37.31 21.97
CA GLY A 413 -16.61 37.14 23.34
C GLY A 413 -16.69 38.42 24.14
N GLN A 414 -17.24 39.48 23.54
CA GLN A 414 -17.38 40.77 24.18
C GLN A 414 -18.85 41.14 24.32
N THR A 415 -19.16 41.87 25.39
CA THR A 415 -20.50 42.36 25.66
C THR A 415 -20.55 43.87 25.53
N GLY A 416 -21.75 44.41 25.67
CA GLY A 416 -21.94 45.84 25.57
C GLY A 416 -23.02 46.20 24.57
N LYS A 417 -23.48 47.46 24.60
CA LYS A 417 -24.54 47.89 23.69
C LYS A 417 -24.11 47.74 22.23
N ILE A 418 -22.87 48.11 21.92
CA ILE A 418 -22.35 47.90 20.57
C ILE A 418 -22.28 46.41 20.26
N ALA A 419 -21.78 45.61 21.20
CA ALA A 419 -21.64 44.18 20.96
C ALA A 419 -22.99 43.47 20.93
N ASP A 420 -23.93 43.88 21.77
CA ASP A 420 -25.19 43.16 21.89
C ASP A 420 -26.24 43.61 20.87
N TYR A 421 -26.31 44.91 20.58
CA TYR A 421 -27.37 45.44 19.74
C TYR A 421 -26.89 46.12 18.46
N ASN A 422 -25.59 46.35 18.31
CA ASN A 422 -25.08 47.03 17.13
C ASN A 422 -24.22 46.14 16.25
N TYR A 423 -23.20 45.50 16.81
CA TYR A 423 -22.29 44.67 16.02
C TYR A 423 -21.73 43.56 16.89
N LYS A 424 -22.06 42.31 16.56
CA LYS A 424 -21.63 41.14 17.33
C LYS A 424 -20.66 40.33 16.49
N LEU A 425 -19.54 39.92 17.11
CA LEU A 425 -18.54 39.08 16.48
C LEU A 425 -18.59 37.67 17.06
N PRO A 426 -18.37 36.66 16.22
CA PRO A 426 -18.33 35.28 16.71
C PRO A 426 -17.11 35.04 17.60
N ASP A 427 -17.27 34.10 18.54
CA ASP A 427 -16.18 33.78 19.45
C ASP A 427 -14.97 33.22 18.70
N ASP A 428 -15.20 32.60 17.54
CA ASP A 428 -14.12 32.08 16.71
C ASP A 428 -13.77 33.04 15.57
N PHE A 429 -13.82 34.34 15.84
CA PHE A 429 -13.52 35.34 14.83
C PHE A 429 -12.12 35.16 14.28
N THR A 430 -12.01 35.19 12.95
CA THR A 430 -10.73 35.16 12.25
C THR A 430 -10.58 36.46 11.49
N GLY A 431 -9.43 37.12 11.65
CA GLY A 431 -9.21 38.40 11.01
C GLY A 431 -8.61 39.38 11.98
N CYS A 432 -8.79 40.65 11.66
CA CYS A 432 -8.22 41.74 12.44
C CYS A 432 -9.25 42.84 12.67
N VAL A 433 -9.01 43.61 13.72
CA VAL A 433 -9.81 44.77 14.07
C VAL A 433 -8.89 45.98 14.12
N ILE A 434 -9.27 47.05 13.43
CA ILE A 434 -8.46 48.25 13.31
C ILE A 434 -9.33 49.44 13.69
N ALA A 435 -8.74 50.41 14.40
CA ALA A 435 -9.47 51.59 14.81
C ALA A 435 -8.53 52.77 14.88
N TRP A 436 -9.05 53.95 14.55
CA TRP A 436 -8.27 55.17 14.63
C TRP A 436 -9.20 56.34 14.88
N ASN A 437 -8.68 57.33 15.62
CA ASN A 437 -9.48 58.48 16.03
C ASN A 437 -9.98 59.25 14.81
N SER A 438 -11.21 59.73 14.88
CA SER A 438 -11.81 60.56 13.85
C SER A 438 -12.42 61.82 14.45
N ASN A 439 -11.88 62.28 15.58
CA ASN A 439 -12.34 63.54 16.15
C ASN A 439 -12.10 64.71 15.21
N ASN A 440 -11.05 64.62 14.39
CA ASN A 440 -10.83 65.64 13.38
C ASN A 440 -11.84 65.52 12.24
N LEU A 441 -12.50 64.37 12.11
CA LEU A 441 -13.35 64.08 10.98
C LEU A 441 -14.83 63.95 11.34
N ASP A 442 -15.18 63.06 12.26
CA ASP A 442 -16.58 62.79 12.58
C ASP A 442 -17.14 63.72 13.64
N SER A 443 -16.31 64.52 14.30
CA SER A 443 -16.79 65.54 15.21
C SER A 443 -17.18 66.77 14.41
N LYS A 444 -18.05 67.58 14.99
CA LYS A 444 -18.58 68.74 14.29
C LYS A 444 -18.95 69.82 15.30
N VAL A 445 -18.73 71.08 14.92
CA VAL A 445 -19.17 72.19 15.75
C VAL A 445 -20.69 72.16 15.86
N GLY A 446 -21.18 72.21 17.10
CA GLY A 446 -22.59 72.11 17.36
C GLY A 446 -23.11 70.70 17.53
N GLY A 447 -22.27 69.69 17.33
CA GLY A 447 -22.68 68.31 17.52
C GLY A 447 -23.01 67.57 16.25
N ASN A 448 -22.29 66.49 15.98
CA ASN A 448 -22.52 65.66 14.82
C ASN A 448 -23.45 64.51 15.21
N TYR A 449 -24.70 64.60 14.79
CA TYR A 449 -25.74 63.67 15.21
C TYR A 449 -26.15 62.69 14.12
N ASN A 450 -25.33 62.54 13.07
CA ASN A 450 -25.64 61.56 12.04
C ASN A 450 -25.45 60.13 12.54
N TYR A 451 -24.36 59.86 13.24
CA TYR A 451 -24.07 58.53 13.75
C TYR A 451 -24.98 58.21 14.93
N LEU A 452 -25.66 57.07 14.86
CA LEU A 452 -26.55 56.60 15.90
C LEU A 452 -26.05 55.26 16.43
N TYR A 453 -26.72 54.78 17.47
CA TYR A 453 -26.42 53.46 18.02
C TYR A 453 -27.70 52.85 18.56
N ARG A 454 -27.72 51.52 18.61
CA ARG A 454 -28.88 50.80 19.10
C ARG A 454 -28.70 50.51 20.59
N LEU A 455 -29.48 51.22 21.41
CA LEU A 455 -29.44 51.01 22.86
C LEU A 455 -30.54 50.08 23.33
N PHE A 456 -31.69 50.08 22.66
CA PHE A 456 -32.83 49.28 23.05
C PHE A 456 -33.12 48.23 22.00
N ARG A 457 -33.23 46.98 22.44
CA ARG A 457 -33.58 45.87 21.58
C ARG A 457 -34.19 44.76 22.41
N LYS A 458 -34.96 43.89 21.75
CA LYS A 458 -35.60 42.79 22.46
C LYS A 458 -34.60 41.71 22.86
N SER A 459 -33.54 41.54 22.07
CA SER A 459 -32.56 40.49 22.34
C SER A 459 -31.22 40.92 21.75
N ASN A 460 -30.16 40.23 22.17
CA ASN A 460 -28.82 40.53 21.68
C ASN A 460 -28.66 40.07 20.24
N LEU A 461 -27.65 40.62 19.57
CA LEU A 461 -27.41 40.33 18.17
C LEU A 461 -26.60 39.06 18.00
N LYS A 462 -26.90 38.31 16.95
CA LYS A 462 -26.12 37.14 16.58
C LYS A 462 -24.79 37.57 15.99
N PRO A 463 -23.81 36.67 15.92
CA PRO A 463 -22.54 37.02 15.28
C PRO A 463 -22.75 37.49 13.85
N PHE A 464 -22.08 38.59 13.50
CA PHE A 464 -22.17 39.23 12.19
C PHE A 464 -23.61 39.62 11.83
N GLU A 465 -24.38 40.08 12.81
CA GLU A 465 -25.75 40.51 12.53
C GLU A 465 -25.85 42.04 12.53
N ARG A 466 -26.72 42.54 11.68
CA ARG A 466 -27.01 43.97 11.61
C ARG A 466 -28.50 44.17 11.78
N ASP A 467 -28.88 45.09 12.67
CA ASP A 467 -30.28 45.40 12.93
C ASP A 467 -30.49 46.88 12.65
N ILE A 468 -31.32 47.19 11.67
CA ILE A 468 -31.65 48.56 11.32
C ILE A 468 -33.14 48.85 11.58
N SER A 469 -33.81 47.99 12.34
CA SER A 469 -35.22 48.14 12.60
C SER A 469 -35.51 49.46 13.32
N THR A 470 -36.52 50.17 12.83
CA THR A 470 -36.95 51.44 13.41
C THR A 470 -38.15 51.27 14.30
N GLU A 471 -38.54 50.04 14.61
CA GLU A 471 -39.68 49.79 15.48
C GLU A 471 -39.40 50.32 16.88
N ILE A 472 -40.39 51.00 17.47
CA ILE A 472 -40.21 51.55 18.80
C ILE A 472 -40.11 50.41 19.81
N TYR A 473 -39.04 50.43 20.61
CA TYR A 473 -38.83 49.41 21.62
C TYR A 473 -39.93 49.48 22.67
N GLN A 474 -40.54 48.34 22.97
CA GLN A 474 -41.63 48.26 23.93
C GLN A 474 -41.06 47.88 25.29
N ALA A 475 -40.70 48.88 26.09
CA ALA A 475 -40.15 48.64 27.41
C ALA A 475 -41.14 48.00 28.36
N GLY A 476 -42.40 48.41 28.33
CA GLY A 476 -43.44 47.86 29.18
C GLY A 476 -44.38 46.96 28.43
N SER A 477 -45.64 46.92 28.88
CA SER A 477 -46.65 46.06 28.27
C SER A 477 -47.63 46.81 27.40
N THR A 478 -47.44 48.11 27.19
CA THR A 478 -48.33 48.88 26.33
C THR A 478 -47.78 48.92 24.91
N PRO A 479 -48.59 48.58 23.91
CA PRO A 479 -48.11 48.67 22.52
C PRO A 479 -47.71 50.09 22.16
N CYS A 480 -46.64 50.18 21.37
CA CYS A 480 -46.06 51.49 21.05
C CYS A 480 -46.90 52.27 20.05
N ASN A 481 -47.75 51.61 19.27
CA ASN A 481 -48.66 52.24 18.33
C ASN A 481 -47.93 53.10 17.29
N GLY A 482 -46.69 52.74 16.97
CA GLY A 482 -45.94 53.48 15.97
C GLY A 482 -45.35 54.79 16.43
N VAL A 483 -45.46 55.11 17.73
CA VAL A 483 -44.96 56.36 18.27
C VAL A 483 -44.23 56.09 19.59
N GLU A 484 -43.13 56.80 19.79
CA GLU A 484 -42.36 56.69 21.01
C GLU A 484 -43.05 57.44 22.15
N GLY A 485 -42.85 56.95 23.36
CA GLY A 485 -43.45 57.56 24.53
C GLY A 485 -43.13 56.81 25.81
N PHE A 486 -44.10 56.69 26.71
CA PHE A 486 -43.90 55.95 27.94
C PHE A 486 -43.80 54.46 27.63
N ASN A 487 -42.77 53.81 28.19
CA ASN A 487 -42.46 52.41 27.94
C ASN A 487 -42.27 52.10 26.46
N CYS A 488 -42.01 53.13 25.66
CA CYS A 488 -41.81 52.99 24.22
C CYS A 488 -40.80 54.03 23.76
N TYR A 489 -39.58 53.58 23.49
CA TYR A 489 -38.47 54.46 23.11
C TYR A 489 -37.98 54.11 21.73
N PHE A 490 -37.53 55.12 21.00
CA PHE A 490 -36.93 54.90 19.69
C PHE A 490 -35.65 54.08 19.87
N PRO A 491 -35.49 52.99 19.12
CA PRO A 491 -34.32 52.12 19.35
C PRO A 491 -32.99 52.77 19.01
N LEU A 492 -32.99 53.88 18.27
CA LEU A 492 -31.78 54.52 17.82
C LEU A 492 -31.53 55.80 18.61
N GLN A 493 -30.36 55.89 19.23
CA GLN A 493 -29.96 57.06 20.00
C GLN A 493 -28.79 57.72 19.30
N SER A 494 -28.85 59.06 19.22
CA SER A 494 -27.95 59.83 18.39
C SER A 494 -26.74 60.31 19.19
N TYR A 495 -25.55 59.94 18.73
CA TYR A 495 -24.32 60.46 19.32
C TYR A 495 -24.20 61.95 19.04
N GLY A 496 -23.66 62.68 20.01
CA GLY A 496 -23.24 64.04 19.74
C GLY A 496 -21.73 64.11 19.62
N PHE A 497 -21.22 64.17 18.39
CA PHE A 497 -19.77 64.17 18.17
C PHE A 497 -19.30 65.62 18.06
N GLN A 498 -18.46 66.03 19.00
CA GLN A 498 -17.94 67.38 19.04
CA GLN A 498 -17.94 67.39 19.07
C GLN A 498 -16.43 67.37 19.25
N PRO A 499 -15.72 68.40 18.78
CA PRO A 499 -14.26 68.43 18.98
C PRO A 499 -13.86 68.52 20.45
N THR A 500 -14.75 68.95 21.32
CA THR A 500 -14.44 69.14 22.73
C THR A 500 -14.78 67.94 23.60
N ASN A 501 -15.33 66.88 23.01
CA ASN A 501 -15.68 65.70 23.80
C ASN A 501 -14.44 64.96 24.27
N GLY A 502 -14.62 64.13 25.29
CA GLY A 502 -13.53 63.34 25.80
C GLY A 502 -13.09 62.27 24.82
N VAL A 503 -11.82 61.85 24.97
CA VAL A 503 -11.23 60.89 24.04
C VAL A 503 -12.03 59.60 24.01
N GLY A 504 -12.47 59.12 25.18
CA GLY A 504 -13.32 57.95 25.23
C GLY A 504 -14.64 58.15 24.52
N TYR A 505 -15.18 59.36 24.52
CA TYR A 505 -16.40 59.68 23.79
C TYR A 505 -16.12 60.25 22.40
N GLN A 506 -14.87 60.57 22.09
CA GLN A 506 -14.52 61.09 20.78
C GLN A 506 -14.71 60.03 19.71
N PRO A 507 -15.06 60.43 18.49
CA PRO A 507 -15.33 59.44 17.44
C PRO A 507 -14.06 58.73 17.00
N TYR A 508 -14.22 57.43 16.74
CA TYR A 508 -13.16 56.56 16.25
C TYR A 508 -13.76 55.70 15.14
N ARG A 509 -13.09 55.70 13.99
CA ARG A 509 -13.49 54.86 12.87
C ARG A 509 -12.89 53.47 13.08
N VAL A 510 -13.73 52.44 12.96
CA VAL A 510 -13.36 51.05 13.20
C VAL A 510 -13.68 50.24 11.96
N VAL A 511 -12.72 49.44 11.52
CA VAL A 511 -12.87 48.54 10.39
C VAL A 511 -12.42 47.15 10.84
N VAL A 512 -13.25 46.14 10.57
CA VAL A 512 -12.95 44.77 10.93
C VAL A 512 -12.84 43.96 9.64
N LEU A 513 -11.71 43.27 9.48
CA LEU A 513 -11.47 42.42 8.32
C LEU A 513 -11.60 40.97 8.76
N SER A 514 -12.54 40.24 8.15
CA SER A 514 -12.74 38.84 8.41
C SER A 514 -12.35 38.01 7.19
N PHE A 515 -11.47 37.03 7.41
CA PHE A 515 -11.00 36.16 6.34
C PHE A 515 -11.93 34.95 6.26
N GLU A 516 -12.39 34.66 5.06
CA GLU A 516 -13.21 33.48 4.80
C GLU A 516 -12.34 32.37 4.24
N LEU A 517 -12.48 31.18 4.85
CA LEU A 517 -11.73 30.00 4.40
C LEU A 517 -12.71 28.85 4.30
N LEU A 518 -13.32 28.68 3.14
CA LEU A 518 -14.22 27.58 2.86
C LEU A 518 -13.64 26.72 1.75
N HIS A 519 -14.41 25.71 1.35
CA HIS A 519 -14.01 24.85 0.23
C HIS A 519 -14.23 25.62 -1.08
N ALA A 520 -13.21 26.40 -1.43
CA ALA A 520 -13.25 27.31 -2.57
C ALA A 520 -11.82 27.59 -3.03
N PRO A 521 -11.64 28.14 -4.24
CA PRO A 521 -10.27 28.39 -4.73
C PRO A 521 -9.47 29.37 -3.89
N ALA A 522 -10.13 30.21 -3.08
CA ALA A 522 -9.44 31.13 -2.17
C ALA A 522 -8.50 32.07 -2.93
N THR A 523 -9.07 32.98 -3.71
CA THR A 523 -8.34 33.72 -4.72
C THR A 523 -7.62 34.97 -4.24
N VAL A 524 -7.69 35.32 -2.96
CA VAL A 524 -6.98 36.48 -2.43
C VAL A 524 -5.87 35.98 -1.53
N CYS A 525 -4.63 36.21 -1.96
CA CYS A 525 -3.47 35.84 -1.15
C CYS A 525 -2.66 37.09 -0.79
N GLY A 526 -2.21 37.83 -1.80
CA GLY A 526 -1.52 39.08 -1.59
C GLY A 526 -0.01 39.11 -1.35
N PRO A 527 0.76 38.06 -1.72
CA PRO A 527 2.22 38.16 -1.53
C PRO A 527 2.94 38.46 -2.84
N LYS A 528 3.60 37.45 -3.37
CA LYS A 528 4.18 37.46 -4.71
C LYS A 528 5.20 38.58 -4.90
N LYS A 529 6.33 38.48 -4.21
CA LYS A 529 7.48 39.34 -4.47
C LYS A 529 8.48 38.56 -5.31
N SER A 530 9.22 39.28 -6.15
CA SER A 530 10.15 38.67 -7.10
C SER A 530 11.53 39.27 -6.87
N THR A 531 12.50 38.78 -7.64
CA THR A 531 13.86 39.30 -7.58
C THR A 531 14.33 39.56 -9.02
N ASN A 532 15.61 39.86 -9.16
CA ASN A 532 16.21 40.09 -10.47
C ASN A 532 16.49 38.76 -11.16
N LEU A 533 17.23 38.82 -12.27
CA LEU A 533 17.53 37.63 -13.06
C LEU A 533 19.03 37.49 -13.22
N VAL A 534 19.51 36.25 -13.21
CA VAL A 534 20.93 35.93 -13.33
C VAL A 534 21.08 34.86 -14.40
N LYS A 535 22.06 35.03 -15.29
CA LYS A 535 22.33 34.08 -16.34
C LYS A 535 23.74 33.51 -16.22
N ASN A 536 23.93 32.32 -16.80
CA ASN A 536 25.25 31.72 -16.99
C ASN A 536 25.97 31.52 -15.66
N LYS A 537 25.28 30.98 -14.66
CA LYS A 537 25.87 30.80 -13.34
C LYS A 537 25.05 29.79 -12.55
N CYS A 538 25.75 28.90 -11.85
CA CYS A 538 25.09 27.86 -11.06
C CYS A 538 24.33 28.50 -9.91
N VAL A 539 22.99 28.54 -10.03
CA VAL A 539 22.15 29.22 -9.08
C VAL A 539 21.00 28.31 -8.67
N ASN A 540 20.21 28.78 -7.71
CA ASN A 540 19.03 28.09 -7.22
C ASN A 540 17.82 28.94 -7.63
N PHE A 541 16.92 28.35 -8.41
CA PHE A 541 15.85 29.09 -9.02
C PHE A 541 14.47 28.60 -8.60
N ASN A 542 13.50 29.51 -8.70
CA ASN A 542 12.10 29.25 -8.37
C ASN A 542 11.27 30.05 -9.36
N PHE A 543 10.68 29.36 -10.33
CA PHE A 543 9.80 29.97 -11.33
C PHE A 543 8.37 29.54 -11.05
N ASN A 544 7.57 30.47 -10.53
CA ASN A 544 6.15 30.24 -10.27
C ASN A 544 5.93 29.01 -9.39
N GLY A 545 6.82 28.82 -8.42
CA GLY A 545 6.74 27.68 -7.52
C GLY A 545 7.53 26.47 -7.96
N LEU A 546 7.91 26.38 -9.24
CA LEU A 546 8.76 25.30 -9.71
C LEU A 546 10.18 25.57 -9.27
N THR A 547 10.72 24.73 -8.40
CA THR A 547 12.04 24.92 -7.83
C THR A 547 13.07 24.10 -8.60
N GLY A 548 14.32 24.51 -8.49
CA GLY A 548 15.40 23.75 -9.10
C GLY A 548 16.73 24.45 -8.88
N THR A 549 17.76 23.84 -9.46
CA THR A 549 19.12 24.34 -9.37
C THR A 549 19.84 24.08 -10.68
N GLY A 550 20.56 25.07 -11.18
CA GLY A 550 21.29 24.88 -12.42
C GLY A 550 21.74 26.19 -13.03
N VAL A 551 21.93 26.15 -14.34
CA VAL A 551 22.42 27.28 -15.10
C VAL A 551 21.37 27.63 -16.14
N LEU A 552 20.97 28.90 -16.17
CA LEU A 552 19.96 29.39 -17.09
C LEU A 552 20.65 30.09 -18.26
N THR A 553 20.33 29.64 -19.47
CA THR A 553 20.92 30.22 -20.67
C THR A 553 19.81 30.59 -21.64
N GLU A 554 20.11 31.55 -22.52
CA GLU A 554 19.16 31.90 -23.55
C GLU A 554 18.99 30.76 -24.54
N SER A 555 17.78 30.60 -25.04
CA SER A 555 17.45 29.48 -25.92
C SER A 555 16.77 30.00 -27.17
N ASN A 556 16.47 29.08 -28.08
CA ASN A 556 15.78 29.39 -29.33
C ASN A 556 14.56 28.50 -29.55
N LYS A 557 14.18 27.74 -28.53
CA LYS A 557 13.02 26.86 -28.62
C LYS A 557 11.76 27.72 -28.66
N LYS A 558 10.82 27.34 -29.52
CA LYS A 558 9.64 28.16 -29.79
C LYS A 558 8.44 27.57 -29.05
N PHE A 559 8.16 28.11 -27.87
CA PHE A 559 7.04 27.64 -27.08
C PHE A 559 5.71 28.05 -27.71
N LEU A 560 4.63 27.48 -27.21
CA LEU A 560 3.30 27.96 -27.53
C LEU A 560 2.87 29.02 -26.52
N PRO A 561 2.00 29.94 -26.92
CA PRO A 561 1.62 31.05 -26.03
C PRO A 561 1.03 30.59 -24.71
N PHE A 562 0.36 29.45 -24.68
CA PHE A 562 -0.26 28.99 -23.45
C PHE A 562 0.62 28.03 -22.66
N GLN A 563 1.80 27.68 -23.17
CA GLN A 563 2.68 26.74 -22.50
C GLN A 563 3.79 27.48 -21.77
N GLN A 564 4.16 26.97 -20.59
CA GLN A 564 5.18 27.60 -19.75
C GLN A 564 6.43 26.77 -19.56
N PHE A 565 6.32 25.44 -19.51
CA PHE A 565 7.45 24.60 -19.19
C PHE A 565 7.76 23.67 -20.35
N GLY A 566 9.02 23.23 -20.42
CA GLY A 566 9.40 22.23 -21.37
C GLY A 566 9.94 21.00 -20.66
N ARG A 567 9.67 19.82 -21.19
CA ARG A 567 10.14 18.59 -20.58
C ARG A 567 10.87 17.75 -21.61
N ASP A 568 11.76 16.90 -21.12
CA ASP A 568 12.52 16.00 -21.96
C ASP A 568 11.83 14.64 -22.02
N ILE A 569 12.51 13.66 -22.62
CA ILE A 569 11.97 12.32 -22.70
C ILE A 569 11.81 11.74 -21.29
N ALA A 570 12.80 11.95 -20.44
CA ALA A 570 12.81 11.40 -19.10
C ALA A 570 11.97 12.18 -18.11
N ASP A 571 11.07 13.04 -18.59
CA ASP A 571 10.17 13.85 -17.77
C ASP A 571 10.89 14.89 -16.93
N THR A 572 12.16 15.15 -17.20
CA THR A 572 12.88 16.18 -16.47
C THR A 572 12.66 17.54 -17.11
N THR A 573 12.55 18.56 -16.27
CA THR A 573 12.36 19.92 -16.75
C THR A 573 13.58 20.38 -17.52
N ASP A 574 13.35 21.01 -18.67
CA ASP A 574 14.43 21.38 -19.57
C ASP A 574 14.45 22.86 -19.91
N ALA A 575 13.28 23.46 -20.13
CA ALA A 575 13.21 24.87 -20.49
C ALA A 575 12.08 25.51 -19.71
N VAL A 576 12.24 26.80 -19.45
CA VAL A 576 11.24 27.58 -18.73
C VAL A 576 10.98 28.88 -19.47
N ARG A 577 9.89 29.53 -19.10
CA ARG A 577 9.55 30.83 -19.64
C ARG A 577 9.41 31.81 -18.49
N ASP A 578 10.17 32.90 -18.53
CA ASP A 578 10.17 33.85 -17.44
C ASP A 578 8.80 34.51 -17.33
N PRO A 579 8.16 34.45 -16.16
CA PRO A 579 6.84 35.09 -16.03
C PRO A 579 6.87 36.60 -16.21
N GLN A 580 7.95 37.28 -15.81
CA GLN A 580 8.03 38.73 -15.95
C GLN A 580 8.46 39.18 -17.33
N THR A 581 8.95 38.28 -18.17
CA THR A 581 9.30 38.60 -19.54
C THR A 581 9.25 37.33 -20.37
N LEU A 582 8.43 37.36 -21.42
CA LEU A 582 8.07 36.15 -22.14
C LEU A 582 9.21 35.74 -23.08
N GLU A 583 10.14 34.97 -22.52
CA GLU A 583 11.26 34.40 -23.26
C GLU A 583 11.59 33.03 -22.71
N ILE A 584 12.29 32.25 -23.52
CA ILE A 584 12.55 30.84 -23.21
C ILE A 584 14.00 30.68 -22.78
N LEU A 585 14.19 30.01 -21.65
CA LEU A 585 15.52 29.77 -21.08
C LEU A 585 15.75 28.29 -20.93
N ASP A 586 16.92 27.83 -21.36
CA ASP A 586 17.35 26.46 -21.15
C ASP A 586 17.99 26.30 -19.78
N ILE A 587 17.74 25.16 -19.15
CA ILE A 587 18.30 24.84 -17.84
C ILE A 587 19.33 23.73 -18.06
N THR A 588 20.54 23.95 -17.56
CA THR A 588 21.58 22.94 -17.61
C THR A 588 22.03 22.62 -16.19
N PRO A 589 22.08 21.35 -15.79
CA PRO A 589 22.46 21.04 -14.41
C PRO A 589 23.86 21.52 -14.08
N CYS A 590 24.07 21.92 -12.83
CA CYS A 590 25.38 22.36 -12.41
C CYS A 590 26.39 21.22 -12.54
N SER A 591 27.61 21.56 -12.93
CA SER A 591 28.60 20.55 -13.26
C SER A 591 28.90 19.67 -12.05
N PHE A 592 29.01 18.37 -12.30
CA PHE A 592 29.34 17.41 -11.26
C PHE A 592 30.08 16.25 -11.90
N GLY A 593 30.79 15.50 -11.08
CA GLY A 593 31.54 14.36 -11.57
C GLY A 593 32.35 13.75 -10.45
N GLY A 594 32.86 12.55 -10.74
CA GLY A 594 33.67 11.86 -9.76
C GLY A 594 35.10 12.35 -9.76
N VAL A 595 35.82 11.96 -8.71
CA VAL A 595 37.23 12.28 -8.54
C VAL A 595 37.97 10.98 -8.29
N SER A 596 39.06 10.77 -9.02
CA SER A 596 39.87 9.57 -8.87
C SER A 596 41.31 9.95 -8.60
N VAL A 597 41.99 9.12 -7.82
CA VAL A 597 43.36 9.37 -7.41
C VAL A 597 44.26 8.35 -8.09
N ILE A 598 45.24 8.84 -8.84
CA ILE A 598 46.19 7.99 -9.54
C ILE A 598 47.49 8.01 -8.76
N THR A 599 47.94 6.83 -8.31
CA THR A 599 49.16 6.76 -7.54
C THR A 599 49.93 5.48 -7.85
N PRO A 600 51.25 5.53 -7.77
CA PRO A 600 52.01 4.30 -7.59
C PRO A 600 51.87 3.80 -6.17
N GLY A 601 52.40 2.62 -5.92
CA GLY A 601 52.29 2.03 -4.60
C GLY A 601 52.98 2.88 -3.55
N THR A 602 52.42 2.87 -2.34
CA THR A 602 53.04 3.57 -1.22
C THR A 602 54.43 3.05 -0.91
N ASN A 603 54.75 1.83 -1.33
CA ASN A 603 56.10 1.31 -1.25
C ASN A 603 57.09 2.12 -2.06
N THR A 604 56.62 2.92 -3.01
CA THR A 604 57.50 3.64 -3.91
C THR A 604 57.52 5.14 -3.66
N SER A 605 56.36 5.79 -3.65
CA SER A 605 56.34 7.23 -3.52
C SER A 605 55.04 7.68 -2.89
N ASN A 606 55.02 8.92 -2.44
CA ASN A 606 53.82 9.56 -1.92
C ASN A 606 53.25 10.58 -2.89
N GLN A 607 53.77 10.64 -4.11
CA GLN A 607 53.32 11.61 -5.09
C GLN A 607 52.15 11.04 -5.88
N VAL A 608 51.08 11.83 -6.00
CA VAL A 608 49.85 11.36 -6.63
C VAL A 608 49.40 12.37 -7.68
N ALA A 609 48.40 11.97 -8.45
CA ALA A 609 47.74 12.83 -9.41
C ALA A 609 46.23 12.67 -9.24
N VAL A 610 45.48 13.67 -9.71
CA VAL A 610 44.03 13.70 -9.50
C VAL A 610 43.34 13.85 -10.83
N LEU A 611 42.33 13.02 -11.06
CA LEU A 611 41.50 13.09 -12.27
C LEU A 611 40.08 13.46 -11.89
N TYR A 612 39.61 14.58 -12.42
CA TYR A 612 38.20 14.96 -12.31
C TYR A 612 37.50 14.44 -13.56
N GLN A 613 36.58 13.51 -13.36
CA GLN A 613 36.02 12.77 -14.48
C GLN A 613 35.01 13.62 -15.25
N ASP A 614 35.25 13.77 -16.54
CA ASP A 614 34.30 14.38 -17.47
C ASP A 614 33.87 15.77 -17.03
N VAL A 615 34.84 16.61 -16.70
CA VAL A 615 34.56 18.03 -16.46
C VAL A 615 35.51 18.84 -17.34
N ASN A 616 35.36 20.15 -17.31
CA ASN A 616 36.21 21.05 -18.10
C ASN A 616 37.12 21.77 -17.13
N CYS A 617 38.40 21.88 -17.48
CA CYS A 617 39.41 22.36 -16.54
C CYS A 617 39.17 23.79 -16.11
N THR A 618 38.36 24.53 -16.85
CA THR A 618 38.07 25.92 -16.51
C THR A 618 37.27 26.02 -15.22
N GLU A 619 36.49 24.98 -14.91
CA GLU A 619 35.56 25.07 -13.79
C GLU A 619 36.16 24.57 -12.49
N VAL A 620 37.43 24.18 -12.50
CA VAL A 620 38.06 23.68 -11.28
C VAL A 620 38.59 24.83 -10.43
N ASN A 641 50.54 22.78 -15.76
CA ASN A 641 50.60 21.41 -15.27
C ASN A 641 49.20 20.81 -15.19
N VAL A 642 48.35 21.17 -16.15
CA VAL A 642 46.98 20.70 -16.21
C VAL A 642 46.75 20.15 -17.62
N PHE A 643 46.13 18.98 -17.71
CA PHE A 643 45.92 18.30 -18.97
C PHE A 643 44.43 18.09 -19.16
N GLN A 644 43.96 18.22 -20.39
CA GLN A 644 42.55 18.00 -20.71
C GLN A 644 42.43 16.80 -21.64
N THR A 645 41.66 15.80 -21.21
CA THR A 645 41.43 14.58 -21.98
C THR A 645 39.94 14.35 -22.10
N ARG A 646 39.57 13.46 -23.01
CA ARG A 646 38.17 13.13 -23.17
C ARG A 646 37.56 12.48 -21.93
N ALA A 647 38.39 11.98 -21.02
CA ALA A 647 37.90 11.47 -19.76
C ALA A 647 37.66 12.57 -18.74
N GLY A 648 38.33 13.71 -18.86
CA GLY A 648 38.11 14.82 -17.96
C GLY A 648 39.33 15.70 -17.85
N CYS A 649 39.62 16.11 -16.62
CA CYS A 649 40.72 17.03 -16.34
C CYS A 649 41.72 16.33 -15.43
N LEU A 650 42.99 16.32 -15.82
CA LEU A 650 44.03 15.61 -15.10
C LEU A 650 45.02 16.61 -14.55
N ILE A 651 45.29 16.53 -13.25
CA ILE A 651 46.11 17.51 -12.56
C ILE A 651 47.20 16.77 -11.79
N GLY A 652 48.43 17.26 -11.90
CA GLY A 652 49.57 16.67 -11.24
C GLY A 652 50.40 15.76 -12.13
N ALA A 653 49.90 15.43 -13.30
CA ALA A 653 50.63 14.58 -14.24
C ALA A 653 51.11 15.42 -15.42
N GLU A 654 52.21 14.99 -16.02
CA GLU A 654 52.80 15.76 -17.11
C GLU A 654 52.60 15.02 -18.43
N HIS A 655 52.05 15.72 -19.41
CA HIS A 655 51.81 15.14 -20.73
C HIS A 655 53.15 14.89 -21.42
N VAL A 656 53.26 13.78 -22.12
CA VAL A 656 54.48 13.37 -22.80
C VAL A 656 54.14 13.01 -24.24
N ASN A 657 54.98 13.45 -25.18
CA ASN A 657 54.73 13.16 -26.58
C ASN A 657 55.08 11.72 -26.94
N ASN A 658 55.90 11.05 -26.13
CA ASN A 658 56.26 9.67 -26.41
C ASN A 658 55.09 8.74 -26.11
N SER A 659 55.20 7.50 -26.57
CA SER A 659 54.20 6.49 -26.26
C SER A 659 54.85 5.25 -25.65
N TYR A 660 54.20 4.71 -24.62
CA TYR A 660 54.70 3.54 -23.92
C TYR A 660 53.53 2.60 -23.68
N GLU A 661 53.84 1.41 -23.16
CA GLU A 661 52.79 0.47 -22.82
C GLU A 661 51.92 1.03 -21.71
N CYS A 662 50.67 0.58 -21.67
CA CYS A 662 49.76 1.08 -20.66
C CYS A 662 50.14 0.52 -19.29
N ASP A 663 50.21 1.41 -18.30
CA ASP A 663 50.62 1.01 -16.98
C ASP A 663 49.44 1.12 -16.02
N ILE A 664 48.87 2.31 -15.92
CA ILE A 664 47.64 2.56 -15.18
C ILE A 664 46.62 3.14 -16.16
N PRO A 665 45.61 2.38 -16.57
CA PRO A 665 44.69 2.87 -17.60
C PRO A 665 43.81 3.99 -17.07
N ILE A 666 43.88 5.14 -17.74
CA ILE A 666 43.02 6.28 -17.44
C ILE A 666 41.77 6.27 -18.29
N GLY A 667 41.93 6.18 -19.60
CA GLY A 667 40.79 6.03 -20.48
C GLY A 667 40.94 6.81 -21.77
N ALA A 668 40.11 6.46 -22.75
CA ALA A 668 40.12 7.10 -24.06
C ALA A 668 41.50 7.04 -24.70
N GLY A 669 42.23 5.96 -24.42
CA GLY A 669 43.56 5.77 -24.95
C GLY A 669 44.67 6.46 -24.19
N ILE A 670 44.39 7.02 -23.02
CA ILE A 670 45.39 7.70 -22.21
C ILE A 670 45.71 6.84 -21.01
N CYS A 671 47.01 6.62 -20.77
CA CYS A 671 47.48 5.84 -19.63
C CYS A 671 48.50 6.67 -18.87
N ALA A 672 48.88 6.19 -17.69
CA ALA A 672 49.77 6.93 -16.81
C ALA A 672 50.82 5.99 -16.21
N SER A 673 51.96 6.56 -15.85
CA SER A 673 53.03 5.77 -15.24
C SER A 673 53.99 6.70 -14.50
N TYR A 674 54.74 6.12 -13.57
CA TYR A 674 55.69 6.83 -12.74
C TYR A 674 57.09 6.58 -13.28
N GLN A 675 57.74 7.62 -13.80
CA GLN A 675 59.03 7.46 -14.46
C GLN A 675 59.91 8.67 -14.16
N THR A 676 61.21 8.48 -14.37
CA THR A 676 62.19 9.54 -14.17
C THR A 676 61.92 10.75 -15.06
N SER A 689 63.51 14.05 -9.81
CA SER A 689 63.59 13.69 -11.22
C SER A 689 62.39 12.87 -11.63
N GLN A 690 62.04 11.89 -10.80
CA GLN A 690 60.90 11.03 -11.08
C GLN A 690 59.59 11.76 -10.81
N SER A 691 58.59 11.45 -11.63
CA SER A 691 57.27 12.04 -11.49
C SER A 691 56.26 11.19 -12.25
N ILE A 692 55.01 11.58 -12.14
CA ILE A 692 53.92 10.88 -12.81
C ILE A 692 53.68 11.52 -14.17
N ILE A 693 53.61 10.70 -15.22
CA ILE A 693 53.40 11.17 -16.57
C ILE A 693 52.19 10.47 -17.15
N ALA A 694 51.53 11.15 -18.08
CA ALA A 694 50.39 10.61 -18.81
C ALA A 694 50.67 10.69 -20.29
N TYR A 695 50.24 9.68 -21.03
CA TYR A 695 50.61 9.60 -22.43
C TYR A 695 49.59 8.76 -23.19
N THR A 696 49.58 8.93 -24.50
CA THR A 696 48.82 8.07 -25.38
C THR A 696 49.39 6.66 -25.30
N MET A 697 48.53 5.68 -25.08
CA MET A 697 49.01 4.32 -24.89
C MET A 697 49.63 3.79 -26.19
N SER A 698 50.82 3.23 -26.06
CA SER A 698 51.42 2.51 -27.17
C SER A 698 50.64 1.23 -27.39
N LEU A 699 50.80 0.64 -28.56
CA LEU A 699 49.94 -0.45 -28.95
C LEU A 699 50.69 -1.59 -29.63
N GLY A 700 51.96 -1.39 -29.97
CA GLY A 700 52.77 -2.45 -30.55
C GLY A 700 53.84 -1.92 -31.48
N ALA A 701 54.83 -2.75 -31.78
CA ALA A 701 55.88 -2.36 -32.72
C ALA A 701 55.47 -2.69 -34.14
N GLU A 702 55.53 -1.69 -35.00
CA GLU A 702 55.07 -1.82 -36.39
C GLU A 702 56.03 -2.69 -37.18
N ASN A 703 55.66 -3.96 -37.33
CA ASN A 703 56.51 -4.93 -38.00
C ASN A 703 55.96 -5.31 -39.38
N SER A 704 56.38 -4.59 -40.42
CA SER A 704 55.99 -4.97 -41.77
C SER A 704 56.66 -6.28 -42.16
N VAL A 705 56.05 -7.03 -43.07
CA VAL A 705 56.62 -8.28 -43.56
C VAL A 705 56.86 -8.16 -45.06
N ALA A 706 58.00 -8.68 -45.51
CA ALA A 706 58.42 -8.52 -46.90
C ALA A 706 57.65 -9.50 -47.79
N TYR A 707 56.40 -9.15 -48.04
CA TYR A 707 55.57 -9.96 -48.90
C TYR A 707 55.95 -9.77 -50.37
N SER A 708 55.91 -10.86 -51.12
CA SER A 708 56.04 -10.81 -52.57
C SER A 708 55.36 -12.05 -53.12
N ASN A 709 55.16 -12.10 -54.44
CA ASN A 709 54.38 -13.18 -55.02
C ASN A 709 55.20 -14.44 -55.23
N ASN A 710 56.53 -14.38 -55.06
CA ASN A 710 57.31 -15.59 -55.00
C ASN A 710 58.45 -15.46 -53.99
N SER A 711 58.17 -15.75 -52.73
CA SER A 711 59.18 -15.70 -51.69
C SER A 711 58.59 -16.35 -50.45
N ILE A 712 59.32 -17.28 -49.86
CA ILE A 712 58.83 -17.99 -48.68
C ILE A 712 59.94 -18.03 -47.64
N ALA A 713 59.57 -17.85 -46.38
CA ALA A 713 60.51 -17.92 -45.27
C ALA A 713 60.26 -19.20 -44.49
N ILE A 714 61.31 -19.98 -44.28
CA ILE A 714 61.20 -21.27 -43.60
C ILE A 714 62.14 -21.23 -42.39
N PRO A 715 61.72 -21.73 -41.23
CA PRO A 715 62.63 -21.76 -40.08
C PRO A 715 63.61 -22.92 -40.17
N THR A 716 64.76 -22.71 -39.57
CA THR A 716 65.85 -23.68 -39.52
C THR A 716 66.13 -24.19 -38.12
N ASN A 717 65.53 -23.56 -37.10
CA ASN A 717 65.80 -23.91 -35.72
C ASN A 717 64.55 -23.58 -34.92
N PHE A 718 64.41 -24.20 -33.76
CA PHE A 718 63.19 -24.11 -32.98
C PHE A 718 63.53 -23.85 -31.52
N THR A 719 62.50 -23.94 -30.69
CA THR A 719 62.67 -23.83 -29.26
C THR A 719 61.47 -24.47 -28.57
N ILE A 720 61.71 -24.99 -27.38
CA ILE A 720 60.67 -25.57 -26.54
C ILE A 720 60.36 -24.58 -25.44
N SER A 721 59.09 -24.28 -25.24
CA SER A 721 58.71 -23.32 -24.22
C SER A 721 57.69 -23.94 -23.28
N VAL A 722 57.70 -23.46 -22.05
CA VAL A 722 56.74 -23.90 -21.02
C VAL A 722 56.04 -22.67 -20.48
N THR A 723 54.73 -22.65 -20.61
CA THR A 723 53.94 -21.53 -20.12
C THR A 723 53.02 -22.01 -19.00
N THR A 724 52.51 -21.06 -18.23
CA THR A 724 51.72 -21.35 -17.05
C THR A 724 50.31 -20.83 -17.26
N GLU A 725 49.31 -21.59 -16.82
CA GLU A 725 47.92 -21.20 -16.95
C GLU A 725 47.20 -21.57 -15.67
N ILE A 726 46.60 -20.58 -15.00
CA ILE A 726 46.06 -20.76 -13.66
C ILE A 726 44.56 -20.56 -13.71
N LEU A 727 43.81 -21.52 -13.13
CA LEU A 727 42.36 -21.44 -13.19
C LEU A 727 41.74 -21.74 -11.82
N PRO A 728 40.76 -20.94 -11.41
CA PRO A 728 39.99 -21.29 -10.22
C PRO A 728 39.17 -22.53 -10.48
N VAL A 729 38.91 -23.31 -9.42
CA VAL A 729 38.12 -24.52 -9.52
C VAL A 729 36.95 -24.51 -8.54
N SER A 730 37.20 -24.20 -7.28
CA SER A 730 36.16 -24.28 -6.26
C SER A 730 36.10 -22.97 -5.50
N MET A 731 35.27 -22.97 -4.47
CA MET A 731 35.04 -21.78 -3.66
C MET A 731 34.67 -22.21 -2.25
N THR A 732 34.88 -21.33 -1.29
CA THR A 732 34.72 -21.70 0.11
C THR A 732 33.27 -22.06 0.42
N LYS A 733 33.09 -23.20 1.09
CA LYS A 733 31.76 -23.74 1.38
C LYS A 733 31.23 -23.08 2.65
N THR A 734 30.73 -21.87 2.49
CA THR A 734 30.16 -21.18 3.65
C THR A 734 28.75 -21.68 3.91
N SER A 735 28.26 -21.37 5.10
CA SER A 735 26.89 -21.70 5.48
C SER A 735 26.44 -20.72 6.56
N VAL A 736 25.21 -20.25 6.46
CA VAL A 736 24.67 -19.25 7.36
C VAL A 736 23.36 -19.76 7.93
N ASP A 737 23.22 -19.65 9.24
CA ASP A 737 21.96 -19.99 9.92
C ASP A 737 21.10 -18.74 9.92
N CYS A 738 20.06 -18.73 9.08
CA CYS A 738 19.19 -17.58 8.98
C CYS A 738 18.57 -17.19 10.32
N THR A 739 18.00 -18.15 11.04
CA THR A 739 17.38 -17.83 12.32
C THR A 739 18.41 -17.28 13.31
N MET A 740 19.57 -17.94 13.40
CA MET A 740 20.60 -17.50 14.32
C MET A 740 21.13 -16.11 13.95
N TYR A 741 21.31 -15.85 12.66
CA TYR A 741 21.82 -14.55 12.26
C TYR A 741 20.82 -13.45 12.58
N ILE A 742 19.57 -13.61 12.16
CA ILE A 742 18.60 -12.54 12.33
C ILE A 742 18.20 -12.38 13.79
N CYS A 743 17.89 -13.47 14.45
CA CYS A 743 17.27 -13.42 15.77
C CYS A 743 18.04 -14.22 16.80
N GLY A 744 19.34 -14.00 16.89
CA GLY A 744 20.19 -14.86 17.68
C GLY A 744 19.75 -15.05 19.12
N ASP A 745 19.20 -16.23 19.41
CA ASP A 745 18.79 -16.61 20.76
C ASP A 745 17.79 -15.63 21.35
N SER A 746 16.63 -15.52 20.72
CA SER A 746 15.52 -14.74 21.24
C SER A 746 14.21 -15.35 20.76
N THR A 747 13.29 -15.57 21.69
CA THR A 747 12.02 -16.19 21.32
C THR A 747 11.13 -15.22 20.55
N GLU A 748 11.06 -13.97 21.01
CA GLU A 748 10.15 -13.01 20.39
C GLU A 748 10.52 -12.77 18.94
N CYS A 749 11.81 -12.61 18.66
CA CYS A 749 12.23 -12.36 17.29
C CYS A 749 11.89 -13.55 16.40
N SER A 750 12.11 -14.77 16.89
CA SER A 750 11.77 -15.94 16.10
C SER A 750 10.28 -16.02 15.83
N ASN A 751 9.46 -15.74 16.85
CA ASN A 751 8.02 -15.78 16.66
C ASN A 751 7.56 -14.74 15.66
N LEU A 752 8.11 -13.53 15.70
CA LEU A 752 7.77 -12.53 14.70
C LEU A 752 8.24 -12.96 13.32
N LEU A 753 9.42 -13.59 13.24
CA LEU A 753 9.95 -14.03 11.96
C LEU A 753 9.07 -15.09 11.33
N LEU A 754 8.41 -15.91 12.16
CA LEU A 754 7.56 -16.97 11.62
C LEU A 754 6.46 -16.43 10.73
N GLN A 755 6.10 -15.16 10.86
CA GLN A 755 5.04 -14.60 10.02
C GLN A 755 5.46 -14.42 8.57
N TYR A 756 6.75 -14.36 8.28
CA TYR A 756 7.22 -14.11 6.92
C TYR A 756 7.24 -15.37 6.08
N GLY A 757 6.95 -16.52 6.67
CA GLY A 757 6.79 -17.71 5.85
C GLY A 757 8.10 -18.45 5.68
N SER A 758 8.38 -18.83 4.45
CA SER A 758 9.48 -19.74 4.16
C SER A 758 10.75 -19.03 3.70
N PHE A 759 10.93 -17.76 4.06
CA PHE A 759 12.16 -17.07 3.67
C PHE A 759 13.39 -17.74 4.28
N CYS A 760 13.30 -18.11 5.55
CA CYS A 760 14.47 -18.59 6.27
C CYS A 760 14.96 -19.91 5.68
N THR A 761 14.04 -20.80 5.33
CA THR A 761 14.44 -22.12 4.83
C THR A 761 15.04 -22.07 3.45
N GLN A 762 14.43 -21.35 2.51
CA GLN A 762 14.88 -21.42 1.13
C GLN A 762 16.28 -20.82 0.95
N LEU A 763 16.66 -19.85 1.77
CA LEU A 763 18.04 -19.39 1.74
C LEU A 763 19.00 -20.51 2.12
N ASN A 764 18.64 -21.28 3.14
CA ASN A 764 19.46 -22.44 3.51
C ASN A 764 19.53 -23.43 2.36
N ARG A 765 18.41 -23.63 1.65
CA ARG A 765 18.42 -24.54 0.52
C ARG A 765 19.39 -24.06 -0.55
N ALA A 766 19.36 -22.76 -0.86
CA ALA A 766 20.25 -22.23 -1.88
C ALA A 766 21.71 -22.40 -1.49
N LEU A 767 22.04 -22.06 -0.24
CA LEU A 767 23.42 -22.20 0.19
C LEU A 767 23.87 -23.65 0.17
N THR A 768 23.00 -24.57 0.56
CA THR A 768 23.35 -25.98 0.51
C THR A 768 23.61 -26.43 -0.92
N GLY A 769 22.79 -25.96 -1.86
CA GLY A 769 23.04 -26.29 -3.25
C GLY A 769 24.40 -25.83 -3.73
N ILE A 770 24.77 -24.60 -3.37
CA ILE A 770 26.10 -24.10 -3.73
C ILE A 770 27.18 -24.98 -3.11
N ALA A 771 27.03 -25.31 -1.83
CA ALA A 771 28.04 -26.10 -1.15
C ALA A 771 28.22 -27.46 -1.81
N VAL A 772 27.13 -28.10 -2.21
CA VAL A 772 27.25 -29.40 -2.86
C VAL A 772 27.93 -29.27 -4.21
N GLU A 773 27.53 -28.26 -5.00
CA GLU A 773 28.13 -28.16 -6.32
C GLU A 773 29.61 -27.82 -6.26
N GLN A 774 30.09 -27.27 -5.14
CA GLN A 774 31.54 -27.09 -5.00
C GLN A 774 32.28 -28.42 -5.07
N ASP A 775 31.88 -29.38 -4.25
CA ASP A 775 32.51 -30.70 -4.30
C ASP A 775 32.27 -31.37 -5.63
N LYS A 776 31.12 -31.13 -6.26
CA LYS A 776 30.90 -31.67 -7.60
C LYS A 776 31.92 -31.11 -8.57
N ASN A 777 32.22 -29.81 -8.47
CA ASN A 777 33.23 -29.20 -9.34
C ASN A 777 34.57 -29.88 -9.16
N THR A 778 35.01 -30.02 -7.91
CA THR A 778 36.33 -30.63 -7.69
C THR A 778 36.36 -32.06 -8.22
N GLN A 779 35.30 -32.83 -7.95
CA GLN A 779 35.23 -34.20 -8.42
C GLN A 779 35.33 -34.28 -9.94
N GLU A 780 34.60 -33.40 -10.63
CA GLU A 780 34.64 -33.40 -12.08
C GLU A 780 36.01 -33.03 -12.62
N VAL A 781 36.67 -32.05 -12.01
CA VAL A 781 37.95 -31.61 -12.54
C VAL A 781 39.03 -32.67 -12.36
N PHE A 782 39.14 -33.22 -11.16
CA PHE A 782 40.32 -34.07 -10.88
C PHE A 782 40.07 -35.55 -11.09
N ALA A 783 39.01 -36.11 -10.54
CA ALA A 783 38.81 -37.56 -10.52
C ALA A 783 38.38 -38.07 -11.90
N GLN A 784 39.23 -37.85 -12.88
CA GLN A 784 38.97 -38.33 -14.23
C GLN A 784 39.71 -39.63 -14.54
N VAL A 785 40.45 -40.18 -13.58
CA VAL A 785 41.20 -41.41 -13.79
C VAL A 785 40.69 -42.45 -12.80
N LYS A 786 40.48 -43.67 -13.29
CA LYS A 786 39.89 -44.72 -12.48
C LYS A 786 40.89 -45.34 -11.51
N GLN A 787 42.16 -45.45 -11.89
CA GLN A 787 43.13 -46.18 -11.10
C GLN A 787 44.31 -45.28 -10.77
N ILE A 788 44.87 -45.50 -9.59
CA ILE A 788 45.97 -44.69 -9.07
C ILE A 788 47.27 -45.30 -9.55
N TYR A 789 47.87 -44.68 -10.57
CA TYR A 789 49.17 -45.10 -11.08
C TYR A 789 50.27 -44.53 -10.20
N LYS A 790 51.49 -45.02 -10.41
CA LYS A 790 52.63 -44.50 -9.70
C LYS A 790 53.91 -44.78 -10.48
N THR A 791 54.85 -43.84 -10.38
CA THR A 791 56.05 -43.87 -11.19
C THR A 791 57.01 -44.96 -10.71
N PRO A 792 57.81 -45.50 -11.62
CA PRO A 792 58.80 -46.51 -11.23
C PRO A 792 59.90 -45.89 -10.39
N PRO A 793 60.62 -46.70 -9.61
CA PRO A 793 61.67 -46.15 -8.74
C PRO A 793 62.85 -45.57 -9.50
N ILE A 794 63.03 -45.93 -10.78
CA ILE A 794 64.20 -45.51 -11.54
C ILE A 794 63.75 -44.46 -12.56
N LYS A 795 64.43 -43.31 -12.56
CA LYS A 795 64.06 -42.20 -13.43
C LYS A 795 64.97 -42.14 -14.66
N ASP A 796 64.86 -43.15 -15.50
CA ASP A 796 65.62 -43.20 -16.75
C ASP A 796 64.72 -42.79 -17.92
N PHE A 797 64.49 -41.49 -18.03
CA PHE A 797 63.62 -40.94 -19.05
C PHE A 797 64.38 -40.28 -20.18
N GLY A 798 65.50 -40.87 -20.60
CA GLY A 798 66.24 -40.33 -21.71
C GLY A 798 66.83 -38.96 -21.46
N GLY A 799 66.95 -38.56 -20.21
CA GLY A 799 67.50 -37.27 -19.86
C GLY A 799 66.48 -36.21 -19.54
N PHE A 800 65.19 -36.54 -19.53
CA PHE A 800 64.14 -35.58 -19.18
C PHE A 800 64.01 -35.57 -17.67
N ASN A 801 64.49 -34.50 -17.06
CA ASN A 801 64.42 -34.37 -15.60
C ASN A 801 63.04 -33.93 -15.17
N PHE A 802 62.43 -34.69 -14.26
CA PHE A 802 61.07 -34.42 -13.81
C PHE A 802 60.97 -34.12 -12.34
N SER A 803 62.08 -34.00 -11.62
CA SER A 803 62.06 -33.91 -10.17
C SER A 803 61.18 -32.76 -9.70
N GLN A 804 61.19 -31.65 -10.42
CA GLN A 804 60.47 -30.47 -10.00
C GLN A 804 58.96 -30.65 -9.97
N ILE A 805 58.43 -31.67 -10.63
CA ILE A 805 56.99 -31.87 -10.64
C ILE A 805 56.56 -33.18 -9.99
N LEU A 806 57.42 -34.18 -9.89
CA LEU A 806 57.01 -35.40 -9.23
C LEU A 806 57.03 -35.23 -7.72
N PRO A 807 56.23 -36.01 -6.99
CA PRO A 807 56.13 -35.82 -5.54
C PRO A 807 57.47 -36.04 -4.85
N ASP A 808 57.70 -35.27 -3.80
CA ASP A 808 58.90 -35.40 -3.00
C ASP A 808 58.63 -36.33 -1.84
N PRO A 809 59.33 -37.47 -1.73
CA PRO A 809 59.09 -38.37 -0.60
C PRO A 809 59.45 -37.77 0.74
N SER A 810 60.32 -36.76 0.78
CA SER A 810 60.83 -36.21 2.03
C SER A 810 59.78 -35.45 2.83
N LYS A 811 58.97 -34.63 2.19
CA LYS A 811 58.00 -33.80 2.90
C LYS A 811 56.94 -34.67 3.55
N PRO A 812 56.37 -34.23 4.67
CA PRO A 812 55.23 -34.94 5.26
C PRO A 812 54.06 -35.05 4.32
N SER A 813 53.80 -34.02 3.52
CA SER A 813 52.79 -34.08 2.46
C SER A 813 53.54 -34.22 1.14
N LYS A 814 53.23 -35.29 0.40
CA LYS A 814 54.01 -35.64 -0.79
C LYS A 814 53.65 -34.69 -1.93
N ARG A 815 54.00 -33.43 -1.75
CA ARG A 815 53.78 -32.40 -2.75
C ARG A 815 55.09 -32.05 -3.42
N SER A 816 55.03 -31.87 -4.74
CA SER A 816 56.24 -31.54 -5.48
C SER A 816 56.70 -30.13 -5.13
N PHE A 817 57.88 -29.78 -5.64
CA PHE A 817 58.49 -28.50 -5.28
C PHE A 817 57.62 -27.33 -5.74
N ILE A 818 57.14 -27.39 -6.98
CA ILE A 818 56.31 -26.30 -7.50
C ILE A 818 55.03 -26.19 -6.69
N GLU A 819 54.47 -27.33 -6.29
CA GLU A 819 53.29 -27.30 -5.45
C GLU A 819 53.60 -26.63 -4.11
N ASP A 820 54.77 -26.90 -3.55
CA ASP A 820 55.15 -26.24 -2.30
C ASP A 820 55.27 -24.73 -2.49
N LEU A 821 55.87 -24.30 -3.59
CA LEU A 821 55.93 -22.86 -3.85
C LEU A 821 54.54 -22.27 -3.96
N LEU A 822 53.64 -22.95 -4.66
CA LEU A 822 52.29 -22.44 -4.83
C LEU A 822 51.57 -22.33 -3.49
N PHE A 823 51.75 -23.31 -2.60
CA PHE A 823 51.01 -23.28 -1.35
C PHE A 823 51.49 -22.16 -0.44
N ASN A 824 52.73 -21.71 -0.60
CA ASN A 824 53.24 -20.64 0.24
C ASN A 824 52.99 -19.26 -0.33
N LYS A 825 52.56 -19.16 -1.59
CA LYS A 825 52.24 -17.88 -2.20
C LYS A 825 50.83 -17.40 -1.91
N VAL A 826 49.92 -18.32 -1.55
CA VAL A 826 48.53 -17.97 -1.32
C VAL A 826 48.25 -18.00 0.18
N THR A 827 47.65 -16.95 0.69
CA THR A 827 47.33 -16.85 2.11
C THR A 827 45.83 -16.83 2.33
N LYS A 854 31.38 -14.86 12.67
CA LYS A 854 32.25 -15.76 13.39
C LYS A 854 31.46 -16.62 14.37
N PHE A 855 30.84 -15.96 15.34
CA PHE A 855 29.94 -16.61 16.29
C PHE A 855 28.50 -16.24 16.02
N ASN A 856 28.16 -16.03 14.75
CA ASN A 856 26.83 -15.59 14.36
C ASN A 856 26.20 -16.51 13.32
N GLY A 857 26.31 -17.81 13.51
CA GLY A 857 25.77 -18.75 12.54
C GLY A 857 26.56 -18.88 11.27
N LEU A 858 27.73 -18.27 11.19
CA LEU A 858 28.59 -18.37 10.02
C LEU A 858 29.54 -19.54 10.22
N THR A 859 29.40 -20.56 9.38
CA THR A 859 30.23 -21.75 9.46
C THR A 859 30.86 -22.01 8.11
N VAL A 860 31.97 -22.75 8.13
CA VAL A 860 32.70 -23.11 6.92
C VAL A 860 32.83 -24.62 6.89
N LEU A 861 32.12 -25.22 6.03
CA LEU A 861 32.23 -26.67 5.97
C LEU A 861 33.52 -27.09 5.28
N PRO A 862 34.18 -28.13 5.77
CA PRO A 862 35.41 -28.59 5.15
C PRO A 862 35.14 -29.19 3.79
N PRO A 863 36.08 -29.10 2.86
CA PRO A 863 35.91 -29.75 1.56
C PRO A 863 35.96 -31.25 1.71
N LEU A 864 35.27 -31.95 0.81
CA LEU A 864 35.21 -33.40 0.88
C LEU A 864 36.58 -34.03 0.66
N LEU A 865 37.35 -33.52 -0.30
CA LEU A 865 38.64 -34.10 -0.64
C LEU A 865 39.74 -33.28 0.02
N THR A 866 40.49 -33.91 0.91
CA THR A 866 41.60 -33.25 1.54
C THR A 866 42.71 -33.00 0.52
N ASP A 867 43.61 -32.08 0.84
CA ASP A 867 44.65 -31.70 -0.10
C ASP A 867 45.54 -32.87 -0.46
N GLU A 868 45.71 -33.82 0.47
CA GLU A 868 46.52 -34.99 0.19
C GLU A 868 45.90 -35.83 -0.93
N MET A 869 44.58 -35.98 -0.91
CA MET A 869 43.92 -36.72 -1.99
C MET A 869 44.07 -35.99 -3.32
N ILE A 870 43.96 -34.66 -3.32
CA ILE A 870 44.18 -33.91 -4.55
C ILE A 870 45.58 -34.15 -5.06
N ALA A 871 46.56 -34.17 -4.16
CA ALA A 871 47.92 -34.45 -4.56
C ALA A 871 48.05 -35.84 -5.15
N GLN A 872 47.34 -36.81 -4.58
CA GLN A 872 47.40 -38.17 -5.12
C GLN A 872 46.82 -38.24 -6.52
N TYR A 873 45.68 -37.59 -6.76
CA TYR A 873 45.16 -37.53 -8.12
C TYR A 873 46.14 -36.87 -9.08
N THR A 874 46.73 -35.74 -8.69
CA THR A 874 47.68 -35.11 -9.60
C THR A 874 48.85 -36.03 -9.88
N SER A 875 49.36 -36.71 -8.86
CA SER A 875 50.48 -37.62 -9.05
C SER A 875 50.12 -38.77 -9.98
N ALA A 876 48.92 -39.32 -9.81
CA ALA A 876 48.50 -40.43 -10.67
C ALA A 876 48.37 -39.98 -12.12
N LEU A 877 47.74 -38.82 -12.34
CA LEU A 877 47.64 -38.30 -13.70
C LEU A 877 49.02 -38.10 -14.29
N LEU A 878 49.93 -37.51 -13.52
CA LEU A 878 51.26 -37.23 -14.05
C LEU A 878 52.01 -38.51 -14.38
N ALA A 879 51.91 -39.53 -13.51
CA ALA A 879 52.62 -40.78 -13.76
C ALA A 879 52.06 -41.50 -14.98
N GLY A 880 50.74 -41.53 -15.11
CA GLY A 880 50.15 -42.12 -16.30
C GLY A 880 50.58 -41.40 -17.55
N THR A 881 50.60 -40.08 -17.52
CA THR A 881 51.06 -39.31 -18.66
C THR A 881 52.50 -39.64 -19.00
N ILE A 882 53.35 -39.76 -17.99
CA ILE A 882 54.77 -39.99 -18.25
C ILE A 882 54.99 -41.36 -18.86
N THR A 883 54.39 -42.40 -18.29
CA THR A 883 54.76 -43.75 -18.69
C THR A 883 53.74 -44.46 -19.57
N SER A 884 52.72 -43.77 -20.07
CA SER A 884 51.73 -44.44 -20.89
C SER A 884 51.25 -43.60 -22.07
N GLY A 885 51.80 -42.43 -22.29
CA GLY A 885 51.31 -41.59 -23.37
C GLY A 885 49.89 -41.15 -23.10
N TRP A 886 49.08 -41.11 -24.15
CA TRP A 886 47.68 -40.76 -24.02
C TRP A 886 46.77 -41.98 -23.93
N THR A 887 47.34 -43.18 -23.99
CA THR A 887 46.51 -44.37 -24.10
C THR A 887 45.66 -44.59 -22.86
N PHE A 888 46.15 -44.19 -21.69
CA PHE A 888 45.40 -44.47 -20.47
C PHE A 888 44.13 -43.65 -20.39
N GLY A 889 43.95 -42.66 -21.26
CA GLY A 889 42.71 -41.92 -21.26
C GLY A 889 41.59 -42.65 -22.00
N ALA A 890 41.96 -43.46 -23.00
CA ALA A 890 40.94 -44.15 -23.78
C ALA A 890 40.53 -45.47 -23.11
N GLY A 891 41.46 -46.41 -23.00
CA GLY A 891 41.13 -47.70 -22.45
C GLY A 891 42.19 -48.24 -21.51
N ALA A 892 42.64 -49.46 -21.75
CA ALA A 892 43.70 -50.06 -20.97
C ALA A 892 44.99 -49.26 -21.15
N ALA A 893 45.67 -48.97 -20.05
CA ALA A 893 46.90 -48.19 -20.08
C ALA A 893 48.01 -49.04 -20.66
N LEU A 894 48.75 -48.49 -21.62
CA LEU A 894 49.82 -49.21 -22.30
C LEU A 894 51.11 -48.43 -22.10
N GLN A 895 52.22 -49.14 -21.85
CA GLN A 895 53.47 -48.46 -21.63
C GLN A 895 54.22 -48.23 -22.93
N ILE A 896 55.13 -47.27 -22.91
CA ILE A 896 55.90 -46.87 -24.09
C ILE A 896 57.04 -45.97 -23.65
N PRO A 897 58.24 -46.14 -24.19
CA PRO A 897 59.36 -45.27 -23.79
C PRO A 897 59.07 -43.82 -24.08
N PHE A 898 59.56 -42.94 -23.20
CA PHE A 898 59.21 -41.53 -23.29
C PHE A 898 59.71 -40.90 -24.59
N ALA A 899 60.89 -41.30 -25.04
CA ALA A 899 61.40 -40.76 -26.30
C ALA A 899 60.45 -41.06 -27.46
N MET A 900 59.92 -42.29 -27.50
CA MET A 900 58.96 -42.63 -28.53
C MET A 900 57.69 -41.80 -28.40
N GLN A 901 57.26 -41.53 -27.17
CA GLN A 901 56.08 -40.70 -26.98
C GLN A 901 56.30 -39.32 -27.54
N MET A 902 57.46 -38.72 -27.27
CA MET A 902 57.75 -37.42 -27.84
C MET A 902 57.83 -37.48 -29.36
N ALA A 903 58.29 -38.61 -29.91
CA ALA A 903 58.28 -38.76 -31.36
C ALA A 903 56.86 -38.71 -31.91
N TYR A 904 55.93 -39.38 -31.24
CA TYR A 904 54.53 -39.28 -31.64
C TYR A 904 54.04 -37.84 -31.56
N ARG A 905 54.36 -37.15 -30.46
CA ARG A 905 53.90 -35.77 -30.31
C ARG A 905 54.44 -34.90 -31.43
N PHE A 906 55.70 -35.11 -31.82
CA PHE A 906 56.26 -34.38 -32.94
C PHE A 906 55.52 -34.67 -34.23
N ASN A 907 55.20 -35.94 -34.48
CA ASN A 907 54.36 -36.26 -35.62
C ASN A 907 53.03 -35.51 -35.56
N GLY A 908 52.55 -35.25 -34.35
CA GLY A 908 51.25 -34.61 -34.21
C GLY A 908 51.16 -33.22 -34.78
N ILE A 909 52.30 -32.57 -35.05
CA ILE A 909 52.31 -31.20 -35.54
C ILE A 909 53.06 -31.07 -36.86
N GLY A 910 53.08 -32.12 -37.67
CA GLY A 910 53.72 -32.03 -38.97
C GLY A 910 55.22 -31.88 -38.94
N VAL A 911 55.89 -32.50 -37.99
CA VAL A 911 57.35 -32.52 -37.95
C VAL A 911 57.78 -33.98 -37.89
N THR A 912 58.73 -34.35 -38.76
CA THR A 912 59.18 -35.73 -38.83
C THR A 912 59.92 -36.13 -37.55
N GLN A 913 59.76 -37.40 -37.17
CA GLN A 913 60.35 -37.89 -35.93
C GLN A 913 61.88 -37.91 -35.97
N ASN A 914 62.48 -38.04 -37.15
CA ASN A 914 63.92 -37.98 -37.23
C ASN A 914 64.45 -36.69 -36.64
N VAL A 915 63.68 -35.61 -36.70
CA VAL A 915 64.10 -34.37 -36.07
C VAL A 915 64.30 -34.58 -34.58
N LEU A 916 63.35 -35.23 -33.92
CA LEU A 916 63.49 -35.47 -32.48
C LEU A 916 64.66 -36.38 -32.19
N TYR A 917 64.78 -37.49 -32.94
CA TYR A 917 65.83 -38.45 -32.62
C TYR A 917 67.21 -37.86 -32.85
N GLU A 918 67.34 -36.97 -33.83
CA GLU A 918 68.65 -36.43 -34.13
C GLU A 918 69.03 -35.31 -33.17
N ASN A 919 68.10 -34.85 -32.34
CA ASN A 919 68.35 -33.74 -31.44
C ASN A 919 67.89 -34.02 -30.02
N GLN A 920 68.14 -35.22 -29.50
CA GLN A 920 67.54 -35.59 -28.23
C GLN A 920 68.13 -34.79 -27.07
N LYS A 921 69.46 -34.70 -27.00
CA LYS A 921 70.10 -34.04 -25.88
C LYS A 921 69.73 -32.56 -25.80
N LEU A 922 69.75 -31.87 -26.94
CA LEU A 922 69.44 -30.45 -26.95
C LEU A 922 68.02 -30.20 -26.48
N ILE A 923 67.07 -31.01 -26.95
CA ILE A 923 65.69 -30.83 -26.56
C ILE A 923 65.52 -31.09 -25.08
N ALA A 924 66.18 -32.13 -24.56
CA ALA A 924 66.09 -32.42 -23.14
C ALA A 924 66.64 -31.27 -22.31
N ASN A 925 67.76 -30.70 -22.72
CA ASN A 925 68.33 -29.58 -21.98
C ASN A 925 67.39 -28.37 -22.01
N GLN A 926 66.80 -28.07 -23.16
CA GLN A 926 65.85 -26.97 -23.22
C GLN A 926 64.67 -27.22 -22.30
N PHE A 927 64.17 -28.45 -22.26
CA PHE A 927 63.05 -28.77 -21.39
C PHE A 927 63.41 -28.53 -19.92
N ASN A 928 64.58 -29.01 -19.51
CA ASN A 928 65.00 -28.83 -18.13
C ASN A 928 65.16 -27.35 -17.78
N SER A 929 65.79 -26.59 -18.67
CA SER A 929 65.98 -25.17 -18.41
C SER A 929 64.65 -24.44 -18.31
N ALA A 930 63.69 -24.80 -19.15
CA ALA A 930 62.38 -24.19 -19.06
C ALA A 930 61.73 -24.49 -17.72
N ILE A 931 61.86 -25.72 -17.24
CA ILE A 931 61.29 -26.05 -15.93
C ILE A 931 61.93 -25.19 -14.84
N GLY A 932 63.25 -25.07 -14.87
CA GLY A 932 63.92 -24.26 -13.86
C GLY A 932 63.49 -22.81 -13.91
N LYS A 933 63.35 -22.26 -15.12
CA LYS A 933 62.87 -20.89 -15.25
C LYS A 933 61.47 -20.72 -14.69
N ILE A 934 60.62 -21.74 -14.87
CA ILE A 934 59.28 -21.65 -14.29
C ILE A 934 59.35 -21.57 -12.78
N GLN A 935 60.19 -22.42 -12.17
CA GLN A 935 60.34 -22.34 -10.72
C GLN A 935 60.79 -20.95 -10.29
N ASP A 936 61.79 -20.40 -10.97
CA ASP A 936 62.31 -19.10 -10.58
C ASP A 936 61.25 -18.00 -10.75
N SER A 937 60.50 -18.05 -11.85
CA SER A 937 59.47 -17.04 -12.08
C SER A 937 58.41 -17.09 -10.99
N LEU A 938 57.99 -18.30 -10.61
CA LEU A 938 57.03 -18.39 -9.51
C LEU A 938 57.63 -17.88 -8.21
N SER A 939 58.88 -18.22 -7.92
CA SER A 939 59.52 -17.75 -6.70
C SER A 939 59.75 -16.24 -6.69
N SER A 940 59.72 -15.59 -7.86
CA SER A 940 60.01 -14.18 -7.95
C SER A 940 58.78 -13.28 -7.81
N THR A 941 57.73 -13.51 -8.58
CA THR A 941 56.58 -12.60 -8.63
C THR A 941 55.38 -13.32 -8.01
N ALA A 942 54.80 -12.72 -6.96
CA ALA A 942 53.64 -13.30 -6.33
C ALA A 942 52.36 -13.01 -7.10
N SER A 943 52.29 -11.85 -7.77
CA SER A 943 51.05 -11.41 -8.41
C SER A 943 50.58 -12.35 -9.50
N ALA A 944 51.44 -13.26 -9.97
CA ALA A 944 51.00 -14.27 -10.94
C ALA A 944 49.85 -15.10 -10.40
N LEU A 945 49.74 -15.23 -9.07
CA LEU A 945 48.69 -16.02 -8.46
C LEU A 945 47.41 -15.22 -8.27
N GLY A 946 47.39 -13.97 -8.74
CA GLY A 946 46.28 -13.08 -8.44
C GLY A 946 44.93 -13.67 -8.73
N LYS A 947 44.79 -14.34 -9.89
CA LYS A 947 43.49 -14.89 -10.27
C LYS A 947 42.88 -15.73 -9.16
N LEU A 948 43.69 -16.53 -8.47
CA LEU A 948 43.17 -17.25 -7.32
C LEU A 948 43.00 -16.33 -6.12
N GLN A 949 44.04 -15.60 -5.75
CA GLN A 949 43.97 -14.78 -4.54
C GLN A 949 42.78 -13.84 -4.58
N ASP A 950 42.59 -13.15 -5.71
CA ASP A 950 41.47 -12.25 -5.86
C ASP A 950 40.16 -12.90 -5.45
N VAL A 951 39.91 -14.12 -5.94
CA VAL A 951 38.64 -14.76 -5.62
C VAL A 951 38.44 -14.82 -4.12
N VAL A 952 39.46 -15.28 -3.40
CA VAL A 952 39.34 -15.40 -1.95
C VAL A 952 38.95 -14.06 -1.36
N ASN A 953 39.66 -13.00 -1.75
CA ASN A 953 39.36 -11.68 -1.22
C ASN A 953 37.88 -11.37 -1.38
N GLN A 954 37.35 -11.56 -2.59
CA GLN A 954 35.96 -11.23 -2.82
C GLN A 954 35.06 -11.89 -1.79
N ASN A 955 35.23 -13.20 -1.60
CA ASN A 955 34.39 -13.88 -0.63
C ASN A 955 34.55 -13.25 0.74
N ALA A 956 35.78 -13.13 1.21
CA ALA A 956 35.99 -12.50 2.51
C ALA A 956 35.34 -11.13 2.54
N GLN A 957 35.55 -10.35 1.48
CA GLN A 957 34.90 -9.05 1.34
C GLN A 957 33.44 -9.15 1.73
N ALA A 958 32.68 -9.98 1.00
CA ALA A 958 31.24 -10.07 1.25
C ALA A 958 30.97 -10.35 2.72
N LEU A 959 31.66 -11.35 3.28
CA LEU A 959 31.35 -11.72 4.65
C LEU A 959 31.52 -10.53 5.59
N ASN A 960 32.61 -9.79 5.44
CA ASN A 960 32.81 -8.66 6.34
C ASN A 960 31.64 -7.69 6.23
N THR A 961 31.25 -7.35 5.00
CA THR A 961 30.10 -6.48 4.83
C THR A 961 28.92 -7.02 5.60
N LEU A 962 28.60 -8.30 5.41
CA LEU A 962 27.46 -8.89 6.09
C LEU A 962 27.55 -8.66 7.58
N VAL A 963 28.73 -8.92 8.16
CA VAL A 963 28.85 -8.79 9.61
C VAL A 963 28.61 -7.36 10.04
N LYS A 964 29.16 -6.38 9.32
CA LYS A 964 28.97 -5.00 9.73
C LYS A 964 27.51 -4.61 9.63
N GLN A 965 26.73 -5.29 8.81
CA GLN A 965 25.32 -4.96 8.70
C GLN A 965 24.60 -5.17 10.02
N LEU A 966 25.18 -5.96 10.93
CA LEU A 966 24.54 -6.17 12.22
C LEU A 966 24.61 -4.94 13.10
N SER A 967 25.49 -3.99 12.80
CA SER A 967 25.60 -2.81 13.65
C SER A 967 24.73 -1.65 13.18
N SER A 968 23.96 -1.83 12.13
CA SER A 968 23.12 -0.76 11.62
C SER A 968 21.82 -0.68 12.39
N ASN A 969 21.12 0.44 12.23
CA ASN A 969 19.89 0.68 12.97
C ASN A 969 18.64 0.46 12.13
N PHE A 970 18.69 0.82 10.86
CA PHE A 970 17.53 0.72 9.96
C PHE A 970 16.33 1.48 10.53
N GLY A 971 16.59 2.55 11.26
CA GLY A 971 15.56 3.35 11.87
C GLY A 971 15.21 2.96 13.29
N ALA A 972 15.62 1.78 13.74
CA ALA A 972 15.36 1.39 15.11
C ALA A 972 16.19 2.23 16.07
N ILE A 973 15.77 2.25 17.33
CA ILE A 973 16.46 3.08 18.31
C ILE A 973 17.79 2.50 18.72
N SER A 974 18.06 1.23 18.39
CA SER A 974 19.33 0.63 18.74
C SER A 974 19.62 -0.54 17.79
N SER A 975 20.88 -0.94 17.74
CA SER A 975 21.27 -2.07 16.90
C SER A 975 21.46 -3.35 17.71
N VAL A 976 21.12 -3.34 18.99
CA VAL A 976 21.27 -4.51 19.83
C VAL A 976 19.90 -5.01 20.25
N LEU A 977 19.58 -6.24 19.87
CA LEU A 977 18.26 -6.80 20.14
C LEU A 977 18.01 -6.93 21.63
N ASN A 978 19.03 -7.34 22.39
CA ASN A 978 18.86 -7.55 23.82
C ASN A 978 18.48 -6.28 24.53
N ASP A 979 19.09 -5.15 24.17
CA ASP A 979 18.73 -3.88 24.79
C ASP A 979 17.28 -3.51 24.49
N ILE A 980 16.83 -3.70 23.26
CA ILE A 980 15.44 -3.42 22.92
C ILE A 980 14.51 -4.28 23.75
N LEU A 981 14.85 -5.57 23.89
CA LEU A 981 14.04 -6.45 24.71
C LEU A 981 14.03 -6.03 26.16
N SER A 982 15.13 -5.47 26.66
CA SER A 982 15.25 -5.16 28.07
C SER A 982 14.76 -3.77 28.44
N ARG A 983 14.40 -2.94 27.47
CA ARG A 983 14.00 -1.57 27.77
C ARG A 983 12.59 -1.23 27.37
N LEU A 984 11.86 -2.11 26.70
CA LEU A 984 10.56 -1.78 26.16
C LEU A 984 9.55 -2.90 26.43
N ASP A 985 8.28 -2.52 26.44
CA ASP A 985 7.21 -3.50 26.50
C ASP A 985 7.01 -4.15 25.14
N PRO A 986 6.36 -5.31 25.09
CA PRO A 986 6.15 -6.01 23.82
C PRO A 986 5.47 -5.16 22.76
N PRO A 987 4.46 -4.34 23.08
CA PRO A 987 3.75 -3.62 22.01
C PRO A 987 4.64 -2.74 21.13
N GLU A 988 5.69 -2.12 21.66
CA GLU A 988 6.60 -1.34 20.83
C GLU A 988 7.85 -2.09 20.44
N ALA A 989 8.26 -3.04 21.27
CA ALA A 989 9.32 -3.96 20.87
C ALA A 989 8.95 -4.64 19.57
N GLU A 990 7.67 -4.88 19.34
CA GLU A 990 7.26 -5.43 18.05
C GLU A 990 7.66 -4.53 16.90
N VAL A 991 7.41 -3.23 17.00
CA VAL A 991 7.75 -2.32 15.92
C VAL A 991 9.26 -2.29 15.70
N GLN A 992 10.01 -2.16 16.79
CA GLN A 992 11.47 -2.05 16.64
C GLN A 992 12.05 -3.33 16.04
N ILE A 993 11.61 -4.48 16.54
CA ILE A 993 12.12 -5.74 16.03
C ILE A 993 11.69 -5.95 14.59
N ASP A 994 10.52 -5.45 14.22
CA ASP A 994 10.12 -5.52 12.82
C ASP A 994 11.09 -4.75 11.94
N ARG A 995 11.49 -3.55 12.36
CA ARG A 995 12.46 -2.81 11.57
C ARG A 995 13.77 -3.59 11.43
N LEU A 996 14.28 -4.11 12.54
CA LEU A 996 15.55 -4.83 12.49
C LEU A 996 15.44 -6.06 11.60
N ILE A 997 14.33 -6.79 11.71
CA ILE A 997 14.14 -7.99 10.91
C ILE A 997 14.11 -7.63 9.43
N THR A 998 13.39 -6.57 9.07
CA THR A 998 13.34 -6.16 7.67
C THR A 998 14.75 -5.89 7.15
N GLY A 999 15.51 -5.08 7.88
CA GLY A 999 16.84 -4.74 7.41
C GLY A 999 17.74 -5.96 7.26
N ARG A 1000 17.79 -6.81 8.28
CA ARG A 1000 18.68 -7.95 8.22
C ARG A 1000 18.26 -8.95 7.15
N LEU A 1001 16.97 -9.17 6.98
CA LEU A 1001 16.50 -10.07 5.95
C LEU A 1001 16.89 -9.57 4.56
N GLN A 1002 16.73 -8.26 4.33
CA GLN A 1002 17.15 -7.72 3.04
C GLN A 1002 18.64 -7.90 2.82
N SER A 1003 19.44 -7.69 3.88
CA SER A 1003 20.88 -7.91 3.76
C SER A 1003 21.19 -9.34 3.36
N LEU A 1004 20.54 -10.30 4.01
CA LEU A 1004 20.78 -11.70 3.67
C LEU A 1004 20.41 -11.99 2.23
N GLN A 1005 19.28 -11.48 1.76
CA GLN A 1005 18.88 -11.76 0.39
C GLN A 1005 19.90 -11.22 -0.59
N THR A 1006 20.38 -9.99 -0.35
CA THR A 1006 21.41 -9.44 -1.22
C THR A 1006 22.64 -10.33 -1.24
N TYR A 1007 23.09 -10.75 -0.06
CA TYR A 1007 24.28 -11.59 0.01
C TYR A 1007 24.09 -12.89 -0.75
N VAL A 1008 22.92 -13.52 -0.59
CA VAL A 1008 22.68 -14.81 -1.24
C VAL A 1008 22.68 -14.66 -2.75
N THR A 1009 22.05 -13.59 -3.25
CA THR A 1009 22.03 -13.41 -4.70
C THR A 1009 23.44 -13.20 -5.24
N GLN A 1010 24.25 -12.38 -4.55
CA GLN A 1010 25.62 -12.20 -4.98
C GLN A 1010 26.35 -13.54 -5.03
N GLN A 1011 26.16 -14.36 -4.00
CA GLN A 1011 26.84 -15.64 -3.96
C GLN A 1011 26.39 -16.55 -5.10
N LEU A 1012 25.11 -16.53 -5.43
CA LEU A 1012 24.64 -17.37 -6.53
C LEU A 1012 25.30 -16.97 -7.84
N ILE A 1013 25.38 -15.67 -8.12
CA ILE A 1013 26.01 -15.23 -9.36
C ILE A 1013 27.48 -15.63 -9.39
N ARG A 1014 28.18 -15.39 -8.28
CA ARG A 1014 29.60 -15.73 -8.24
C ARG A 1014 29.82 -17.22 -8.41
N ALA A 1015 28.95 -18.04 -7.81
CA ALA A 1015 29.06 -19.48 -7.95
C ALA A 1015 28.85 -19.90 -9.39
N ALA A 1016 27.92 -19.24 -10.09
CA ALA A 1016 27.75 -19.53 -11.51
C ALA A 1016 29.04 -19.28 -12.28
N GLU A 1017 29.69 -18.14 -12.00
CA GLU A 1017 30.94 -17.86 -12.70
C GLU A 1017 32.00 -18.92 -12.37
N ILE A 1018 32.09 -19.31 -11.10
CA ILE A 1018 33.08 -20.31 -10.71
C ILE A 1018 32.80 -21.63 -11.42
N ARG A 1019 31.54 -22.01 -11.55
CA ARG A 1019 31.22 -23.25 -12.23
C ARG A 1019 31.60 -23.18 -13.70
N ALA A 1020 31.40 -22.03 -14.33
CA ALA A 1020 31.85 -21.89 -15.71
C ALA A 1020 33.35 -22.11 -15.81
N SER A 1021 34.11 -21.50 -14.89
CA SER A 1021 35.56 -21.69 -14.92
C SER A 1021 35.94 -23.13 -14.66
N ALA A 1022 35.22 -23.82 -13.78
CA ALA A 1022 35.53 -25.21 -13.48
C ALA A 1022 35.26 -26.09 -14.69
N ASN A 1023 34.18 -25.82 -15.42
CA ASN A 1023 33.93 -26.56 -16.65
C ASN A 1023 35.06 -26.34 -17.64
N LEU A 1024 35.53 -25.10 -17.76
CA LEU A 1024 36.65 -24.86 -18.66
C LEU A 1024 37.89 -25.63 -18.22
N ALA A 1025 38.15 -25.68 -16.92
CA ALA A 1025 39.31 -26.41 -16.43
C ALA A 1025 39.20 -27.89 -16.70
N ALA A 1026 38.01 -28.46 -16.50
CA ALA A 1026 37.81 -29.87 -16.79
C ALA A 1026 38.02 -30.15 -18.27
N THR A 1027 37.53 -29.26 -19.13
CA THR A 1027 37.72 -29.44 -20.56
C THR A 1027 39.20 -29.39 -20.92
N LYS A 1028 39.94 -28.46 -20.32
CA LYS A 1028 41.38 -28.39 -20.60
C LYS A 1028 42.08 -29.66 -20.13
N MET A 1029 41.72 -30.16 -18.96
CA MET A 1029 42.33 -31.40 -18.47
C MET A 1029 42.05 -32.56 -19.41
N SER A 1030 40.83 -32.64 -19.91
CA SER A 1030 40.48 -33.75 -20.78
C SER A 1030 41.17 -33.66 -22.13
N GLU A 1031 41.14 -32.48 -22.76
CA GLU A 1031 41.58 -32.34 -24.14
C GLU A 1031 43.03 -31.92 -24.27
N CYS A 1032 43.73 -31.73 -23.16
CA CYS A 1032 45.08 -31.20 -23.25
C CYS A 1032 46.07 -32.07 -22.49
N VAL A 1033 45.62 -32.68 -21.40
CA VAL A 1033 46.49 -33.55 -20.61
C VAL A 1033 46.38 -34.98 -21.09
N LEU A 1034 45.15 -35.44 -21.34
CA LEU A 1034 44.93 -36.83 -21.70
C LEU A 1034 45.10 -37.07 -23.19
N GLY A 1035 45.41 -36.04 -23.98
CA GLY A 1035 45.62 -36.17 -25.39
C GLY A 1035 46.57 -35.10 -25.90
N GLN A 1036 46.35 -34.69 -27.14
CA GLN A 1036 47.08 -33.58 -27.74
C GLN A 1036 46.10 -32.77 -28.56
N SER A 1037 46.09 -31.47 -28.35
CA SER A 1037 45.03 -30.62 -28.89
C SER A 1037 45.47 -29.96 -30.19
N LYS A 1038 44.59 -29.98 -31.18
CA LYS A 1038 44.79 -29.28 -32.43
C LYS A 1038 44.20 -27.88 -32.42
N ARG A 1039 43.50 -27.51 -31.37
CA ARG A 1039 42.88 -26.19 -31.30
C ARG A 1039 43.95 -25.15 -31.03
N VAL A 1040 43.91 -24.06 -31.79
CA VAL A 1040 44.95 -23.05 -31.67
C VAL A 1040 44.76 -22.25 -30.39
N ASP A 1041 45.83 -22.06 -29.64
CA ASP A 1041 45.86 -21.24 -28.43
C ASP A 1041 44.94 -21.76 -27.35
N PHE A 1042 44.39 -22.96 -27.51
CA PHE A 1042 43.63 -23.54 -26.40
C PHE A 1042 44.56 -24.05 -25.32
N CYS A 1043 45.81 -24.33 -25.66
CA CYS A 1043 46.77 -24.90 -24.72
C CYS A 1043 48.09 -24.15 -24.77
N GLY A 1044 48.05 -22.84 -24.69
CA GLY A 1044 49.25 -22.03 -24.72
C GLY A 1044 49.64 -21.65 -26.14
N LYS A 1045 50.37 -20.55 -26.25
CA LYS A 1045 50.73 -20.03 -27.56
C LYS A 1045 51.81 -20.90 -28.19
N GLY A 1046 51.58 -21.25 -29.45
CA GLY A 1046 52.46 -22.15 -30.18
C GLY A 1046 51.77 -23.46 -30.47
N TYR A 1047 52.53 -24.37 -31.07
CA TYR A 1047 52.05 -25.71 -31.36
C TYR A 1047 52.15 -26.53 -30.09
N HIS A 1048 51.06 -27.20 -29.73
CA HIS A 1048 51.00 -27.87 -28.44
C HIS A 1048 51.72 -29.21 -28.48
N LEU A 1049 52.52 -29.49 -27.46
CA LEU A 1049 53.16 -30.79 -27.29
C LEU A 1049 52.53 -31.55 -26.13
N MET A 1050 52.43 -30.95 -24.95
CA MET A 1050 51.80 -31.66 -23.83
C MET A 1050 51.50 -30.69 -22.70
N SER A 1051 51.01 -31.24 -21.59
CA SER A 1051 50.66 -30.43 -20.44
C SER A 1051 50.82 -31.24 -19.17
N PHE A 1052 51.03 -30.53 -18.07
CA PHE A 1052 51.17 -31.15 -16.77
C PHE A 1052 50.30 -30.41 -15.76
N PRO A 1053 49.51 -31.10 -14.95
CA PRO A 1053 48.70 -30.43 -13.95
C PRO A 1053 49.42 -30.33 -12.60
N GLN A 1054 49.07 -29.29 -11.86
CA GLN A 1054 49.53 -29.11 -10.49
C GLN A 1054 48.38 -28.54 -9.68
N SER A 1055 48.20 -29.03 -8.47
CA SER A 1055 47.14 -28.52 -7.63
C SER A 1055 47.51 -27.16 -7.05
N ALA A 1056 46.50 -26.45 -6.57
CA ALA A 1056 46.71 -25.18 -5.88
C ALA A 1056 45.48 -24.91 -5.05
N PRO A 1057 45.59 -24.08 -4.01
CA PRO A 1057 44.41 -23.80 -3.18
C PRO A 1057 43.22 -23.34 -3.99
N HIS A 1058 42.18 -24.18 -4.04
CA HIS A 1058 40.96 -23.89 -4.79
C HIS A 1058 41.24 -23.62 -6.26
N GLY A 1059 42.18 -24.33 -6.85
CA GLY A 1059 42.46 -24.10 -8.25
C GLY A 1059 43.48 -25.06 -8.79
N VAL A 1060 43.71 -24.92 -10.09
CA VAL A 1060 44.63 -25.80 -10.81
C VAL A 1060 45.59 -24.94 -11.62
N VAL A 1061 46.80 -25.46 -11.83
CA VAL A 1061 47.82 -24.79 -12.63
C VAL A 1061 48.31 -25.76 -13.69
N PHE A 1062 48.20 -25.35 -14.95
CA PHE A 1062 48.65 -26.16 -16.07
C PHE A 1062 50.00 -25.63 -16.54
N LEU A 1063 50.94 -26.53 -16.72
CA LEU A 1063 52.21 -26.22 -17.39
C LEU A 1063 52.09 -26.75 -18.81
N HIS A 1064 52.00 -25.84 -19.78
CA HIS A 1064 51.85 -26.21 -21.18
C HIS A 1064 53.23 -26.23 -21.81
N VAL A 1065 53.61 -27.36 -22.38
CA VAL A 1065 54.86 -27.52 -23.12
C VAL A 1065 54.54 -27.43 -24.60
N THR A 1066 55.09 -26.41 -25.26
CA THR A 1066 54.77 -26.07 -26.64
C THR A 1066 56.05 -25.87 -27.44
N TYR A 1067 55.88 -25.80 -28.75
CA TYR A 1067 56.97 -25.75 -29.71
C TYR A 1067 56.87 -24.46 -30.51
N VAL A 1068 57.99 -23.75 -30.69
CA VAL A 1068 58.00 -22.46 -31.37
C VAL A 1068 59.14 -22.42 -32.36
N PRO A 1069 58.90 -22.11 -33.63
CA PRO A 1069 60.02 -21.90 -34.56
C PRO A 1069 60.86 -20.71 -34.14
N ALA A 1070 62.15 -20.76 -34.42
CA ALA A 1070 63.08 -19.79 -33.87
C ALA A 1070 63.74 -18.89 -34.90
N GLN A 1071 64.48 -19.45 -35.85
CA GLN A 1071 65.25 -18.67 -36.80
C GLN A 1071 64.74 -18.99 -38.19
N GLU A 1072 64.61 -17.98 -39.04
CA GLU A 1072 64.00 -18.20 -40.35
C GLU A 1072 64.92 -17.67 -41.45
N LYS A 1073 64.74 -18.23 -42.64
CA LYS A 1073 65.55 -17.88 -43.80
C LYS A 1073 64.66 -17.73 -45.02
N ASN A 1074 65.03 -16.78 -45.87
CA ASN A 1074 64.28 -16.46 -47.08
C ASN A 1074 64.64 -17.45 -48.18
N PHE A 1075 63.69 -17.72 -49.08
CA PHE A 1075 63.90 -18.61 -50.22
C PHE A 1075 62.96 -18.23 -51.35
N THR A 1076 63.32 -18.68 -52.54
CA THR A 1076 62.46 -18.52 -53.71
C THR A 1076 61.66 -19.78 -53.95
N THR A 1077 60.37 -19.61 -54.24
CA THR A 1077 59.41 -20.70 -54.28
C THR A 1077 58.64 -20.67 -55.60
N ALA A 1078 58.07 -21.82 -55.95
CA ALA A 1078 57.25 -21.95 -57.16
C ALA A 1078 56.22 -23.03 -56.92
N PRO A 1079 54.99 -22.86 -57.41
CA PRO A 1079 53.91 -23.79 -57.03
C PRO A 1079 54.05 -25.18 -57.62
N ALA A 1080 54.75 -25.34 -58.74
CA ALA A 1080 54.87 -26.66 -59.35
C ALA A 1080 56.08 -26.66 -60.26
N ILE A 1081 56.39 -27.82 -60.83
CA ILE A 1081 57.58 -28.01 -61.64
C ILE A 1081 57.24 -28.82 -62.88
N CYS A 1082 57.72 -28.34 -64.03
CA CYS A 1082 57.59 -29.09 -65.28
C CYS A 1082 58.87 -29.85 -65.58
N HIS A 1083 58.73 -31.13 -65.89
CA HIS A 1083 59.91 -31.90 -66.26
C HIS A 1083 59.81 -32.43 -67.69
N ASP A 1084 58.71 -33.09 -68.01
CA ASP A 1084 58.50 -33.65 -69.35
C ASP A 1084 57.19 -33.17 -69.95
N GLY A 1085 56.87 -31.89 -69.81
CA GLY A 1085 55.60 -31.36 -70.24
C GLY A 1085 54.49 -31.57 -69.23
N LYS A 1086 54.73 -32.40 -68.22
CA LYS A 1086 53.74 -32.62 -67.17
C LYS A 1086 54.04 -31.68 -66.01
N ALA A 1087 53.13 -31.65 -65.04
CA ALA A 1087 53.32 -30.87 -63.83
C ALA A 1087 53.68 -31.82 -62.70
N HIS A 1088 54.28 -31.28 -61.65
CA HIS A 1088 54.59 -32.06 -60.45
C HIS A 1088 54.28 -31.24 -59.21
N PHE A 1089 53.68 -31.88 -58.23
CA PHE A 1089 53.33 -31.25 -56.97
C PHE A 1089 53.86 -32.09 -55.82
N PRO A 1090 54.30 -31.46 -54.74
CA PRO A 1090 54.86 -32.23 -53.62
C PRO A 1090 53.76 -32.96 -52.87
N ARG A 1091 54.05 -34.19 -52.47
CA ARG A 1091 53.11 -34.89 -51.60
C ARG A 1091 52.94 -34.14 -50.29
N GLU A 1092 54.04 -33.69 -49.70
CA GLU A 1092 54.02 -32.77 -48.57
C GLU A 1092 55.31 -31.99 -48.58
N GLY A 1093 55.23 -30.76 -48.10
CA GLY A 1093 56.35 -29.85 -48.23
C GLY A 1093 56.22 -29.00 -49.48
N VAL A 1094 57.20 -28.12 -49.67
CA VAL A 1094 57.17 -27.16 -50.76
C VAL A 1094 58.51 -27.14 -51.46
N PHE A 1095 58.51 -26.56 -52.65
CA PHE A 1095 59.70 -26.37 -53.45
C PHE A 1095 60.37 -25.06 -53.09
N VAL A 1096 61.65 -25.13 -52.76
CA VAL A 1096 62.43 -23.96 -52.41
C VAL A 1096 63.73 -24.00 -53.20
N SER A 1097 64.30 -22.83 -53.43
CA SER A 1097 65.55 -22.71 -54.15
C SER A 1097 66.46 -21.74 -53.42
N ASN A 1098 67.72 -22.12 -53.26
CA ASN A 1098 68.70 -21.17 -52.75
C ASN A 1098 69.24 -20.28 -53.85
N GLY A 1099 68.73 -20.41 -55.07
CA GLY A 1099 69.16 -19.60 -56.18
C GLY A 1099 69.90 -20.35 -57.27
N THR A 1100 70.33 -21.58 -57.02
CA THR A 1100 71.08 -22.33 -58.02
C THR A 1100 70.56 -23.76 -58.15
N HIS A 1101 69.64 -24.14 -57.27
CA HIS A 1101 69.13 -25.51 -57.28
C HIS A 1101 67.64 -25.52 -56.95
N TRP A 1102 67.10 -26.70 -56.67
CA TRP A 1102 65.70 -26.80 -56.27
C TRP A 1102 65.54 -28.01 -55.37
N PHE A 1103 64.86 -27.81 -54.25
CA PHE A 1103 64.66 -28.87 -53.28
C PHE A 1103 63.21 -28.87 -52.84
N VAL A 1104 62.74 -30.04 -52.41
CA VAL A 1104 61.46 -30.17 -51.74
C VAL A 1104 61.73 -30.37 -50.26
N THR A 1105 61.00 -29.63 -49.42
CA THR A 1105 61.29 -29.69 -47.99
C THR A 1105 59.97 -29.74 -47.22
N GLN A 1106 60.06 -30.20 -45.97
CA GLN A 1106 58.90 -30.15 -45.10
C GLN A 1106 58.64 -28.71 -44.69
N ARG A 1107 57.45 -28.46 -44.16
CA ARG A 1107 56.94 -27.09 -44.17
C ARG A 1107 57.27 -26.33 -42.88
N ASN A 1108 57.63 -27.03 -41.81
CA ASN A 1108 57.86 -26.36 -40.54
C ASN A 1108 59.30 -26.47 -40.04
N PHE A 1109 60.22 -26.95 -40.86
CA PHE A 1109 61.60 -27.10 -40.43
C PHE A 1109 62.49 -27.26 -41.64
N TYR A 1110 63.41 -26.34 -41.86
CA TYR A 1110 64.21 -26.37 -43.07
C TYR A 1110 65.02 -27.66 -43.13
N GLU A 1111 64.70 -28.50 -44.10
CA GLU A 1111 65.43 -29.73 -44.34
C GLU A 1111 65.33 -30.07 -45.82
N PRO A 1112 66.24 -29.54 -46.63
CA PRO A 1112 66.12 -29.71 -48.08
C PRO A 1112 66.32 -31.15 -48.49
N GLN A 1113 65.68 -31.53 -49.60
CA GLN A 1113 65.74 -32.87 -50.13
C GLN A 1113 65.78 -32.82 -51.65
N ILE A 1114 66.41 -33.83 -52.24
CA ILE A 1114 66.45 -33.93 -53.70
C ILE A 1114 65.08 -34.32 -54.22
N ILE A 1115 64.70 -33.76 -55.36
CA ILE A 1115 63.38 -33.99 -55.92
C ILE A 1115 63.40 -35.24 -56.79
N THR A 1116 62.71 -36.28 -56.36
CA THR A 1116 62.53 -37.48 -57.14
C THR A 1116 61.04 -37.79 -57.22
N THR A 1117 60.71 -38.82 -57.99
CA THR A 1117 59.30 -39.18 -58.17
C THR A 1117 58.64 -39.62 -56.87
N ASP A 1118 59.40 -40.08 -55.89
CA ASP A 1118 58.83 -40.48 -54.61
C ASP A 1118 58.31 -39.28 -53.82
N ASN A 1119 58.76 -38.07 -54.13
CA ASN A 1119 58.32 -36.88 -53.43
C ASN A 1119 57.14 -36.20 -54.08
N THR A 1120 56.94 -36.38 -55.38
CA THR A 1120 56.01 -35.59 -56.15
C THR A 1120 55.00 -36.50 -56.85
N PHE A 1121 53.90 -35.88 -57.26
CA PHE A 1121 52.89 -36.56 -58.07
C PHE A 1121 52.44 -35.63 -59.19
N VAL A 1122 51.95 -36.24 -60.26
CA VAL A 1122 51.72 -35.55 -61.53
C VAL A 1122 50.23 -35.34 -61.72
N SER A 1123 49.86 -34.16 -62.22
CA SER A 1123 48.47 -33.84 -62.51
C SER A 1123 48.40 -32.92 -63.71
N GLY A 1124 48.22 -33.49 -64.90
CA GLY A 1124 48.06 -32.66 -66.07
C GLY A 1124 49.39 -32.20 -66.67
N ASN A 1125 49.29 -31.20 -67.54
CA ASN A 1125 50.45 -30.69 -68.27
C ASN A 1125 50.69 -29.24 -67.88
N CYS A 1126 51.64 -28.60 -68.58
CA CYS A 1126 52.21 -27.34 -68.14
C CYS A 1126 51.40 -26.12 -68.57
N ASP A 1127 50.30 -26.31 -69.28
CA ASP A 1127 49.62 -25.19 -69.95
C ASP A 1127 48.77 -24.34 -68.99
N VAL A 1128 48.43 -24.84 -67.81
CA VAL A 1128 47.40 -24.24 -66.98
C VAL A 1128 47.99 -23.56 -65.76
N VAL A 1129 49.00 -24.16 -65.14
CA VAL A 1129 49.53 -23.65 -63.88
C VAL A 1129 50.14 -22.27 -64.11
N ILE A 1130 49.84 -21.34 -63.22
CA ILE A 1130 50.39 -19.99 -63.29
C ILE A 1130 51.66 -19.93 -62.45
N GLY A 1131 52.72 -19.39 -63.03
CA GLY A 1131 53.97 -19.26 -62.31
C GLY A 1131 54.72 -20.55 -62.09
N ILE A 1132 54.49 -21.57 -62.91
CA ILE A 1132 55.25 -22.80 -62.80
C ILE A 1132 56.69 -22.56 -63.22
N VAL A 1133 57.61 -23.38 -62.69
CA VAL A 1133 59.02 -23.24 -63.00
C VAL A 1133 59.44 -24.43 -63.84
N ASN A 1134 60.65 -24.39 -64.39
CA ASN A 1134 61.04 -25.33 -65.42
C ASN A 1134 62.33 -26.05 -65.05
N ASN A 1135 62.23 -27.28 -64.54
CA ASN A 1135 63.39 -27.95 -63.98
C ASN A 1135 63.38 -29.45 -64.26
N THR A 1136 64.22 -30.21 -63.56
CA THR A 1136 64.35 -31.64 -63.77
C THR A 1136 64.00 -32.38 -62.49
N VAL A 1137 63.44 -33.58 -62.64
CA VAL A 1137 63.10 -34.45 -61.52
C VAL A 1137 63.85 -35.76 -61.69
N TYR A 1138 64.57 -36.16 -60.65
CA TYR A 1138 65.34 -37.41 -60.68
C TYR A 1138 64.40 -38.60 -60.75
N ASP A 1139 64.88 -39.68 -61.37
CA ASP A 1139 64.17 -40.96 -61.40
C ASP A 1139 64.96 -41.97 -60.56
N PRO A 1140 64.41 -42.46 -59.46
CA PRO A 1140 65.14 -43.46 -58.66
C PRO A 1140 65.42 -44.76 -59.39
N LEU A 1141 64.52 -45.19 -60.28
CA LEU A 1141 64.66 -46.50 -60.91
C LEU A 1141 65.77 -46.53 -61.94
N GLN A 1142 65.98 -45.45 -62.68
CA GLN A 1142 66.89 -45.44 -63.82
C GLN A 1142 68.29 -45.95 -63.49
N PRO A 1143 68.96 -45.47 -62.43
CA PRO A 1143 70.28 -46.03 -62.11
C PRO A 1143 70.25 -47.52 -61.83
N GLU A 1144 69.17 -48.04 -61.24
CA GLU A 1144 69.07 -49.47 -60.99
C GLU A 1144 69.11 -50.27 -62.28
N LEU A 1145 68.34 -49.85 -63.29
CA LEU A 1145 68.33 -50.56 -64.55
C LEU A 1145 69.54 -50.25 -65.41
N ASP A 1146 70.27 -49.18 -65.10
CA ASP A 1146 71.49 -48.86 -65.85
C ASP A 1146 72.54 -49.95 -65.69
N SER A 1147 72.62 -50.53 -64.50
CA SER A 1147 73.57 -51.62 -64.24
C SER A 1147 73.09 -52.93 -64.87
N ALA B 27 -31.96 13.06 -33.89
CA ALA B 27 -31.00 12.72 -34.93
C ALA B 27 -29.66 12.31 -34.32
N TYR B 28 -28.83 11.66 -35.11
CA TYR B 28 -27.50 11.24 -34.68
C TYR B 28 -26.54 11.35 -35.86
N THR B 29 -25.25 11.45 -35.56
CA THR B 29 -24.24 11.41 -36.61
C THR B 29 -22.91 10.96 -36.04
N ASN B 30 -21.93 10.80 -36.93
CA ASN B 30 -20.61 10.25 -36.56
C ASN B 30 -19.78 11.32 -35.87
N SER B 31 -18.88 10.88 -34.99
CA SER B 31 -17.98 11.80 -34.32
C SER B 31 -16.59 11.81 -34.95
N PHE B 32 -16.19 10.72 -35.61
CA PHE B 32 -14.89 10.61 -36.24
C PHE B 32 -13.77 10.81 -35.22
N THR B 33 -12.91 11.80 -35.47
CA THR B 33 -11.76 12.07 -34.60
C THR B 33 -11.73 13.50 -34.09
N ARG B 34 -12.88 14.05 -33.73
CA ARG B 34 -12.92 15.39 -33.15
C ARG B 34 -12.85 15.31 -31.62
N GLY B 35 -12.37 16.38 -31.02
CA GLY B 35 -12.41 16.52 -29.58
C GLY B 35 -11.13 16.24 -28.83
N VAL B 36 -9.99 16.73 -29.31
CA VAL B 36 -8.71 16.56 -28.64
C VAL B 36 -8.23 17.91 -28.15
N TYR B 37 -7.89 17.98 -26.86
CA TYR B 37 -7.49 19.23 -26.24
C TYR B 37 -6.23 19.02 -25.43
N TYR B 38 -5.40 20.05 -25.38
CA TYR B 38 -4.14 19.96 -24.65
C TYR B 38 -4.40 19.72 -23.18
N PRO B 39 -3.94 18.62 -22.61
CA PRO B 39 -4.31 18.31 -21.21
C PRO B 39 -3.62 19.19 -20.19
N ASP B 40 -2.48 19.78 -20.51
CA ASP B 40 -1.74 20.58 -19.56
C ASP B 40 -1.04 21.71 -20.31
N LYS B 41 -0.05 22.32 -19.66
CA LYS B 41 0.67 23.47 -20.21
C LYS B 41 2.15 23.18 -20.40
N VAL B 42 2.49 21.93 -20.70
CA VAL B 42 3.89 21.50 -20.81
C VAL B 42 4.25 21.38 -22.28
N PHE B 43 5.34 22.04 -22.67
CA PHE B 43 5.81 21.96 -24.04
C PHE B 43 6.60 20.67 -24.24
N ARG B 44 6.17 19.85 -25.19
CA ARG B 44 6.90 18.66 -25.59
C ARG B 44 7.10 18.71 -27.09
N SER B 45 8.30 18.33 -27.53
CA SER B 45 8.64 18.48 -28.93
C SER B 45 8.95 17.13 -29.55
N SER B 46 8.17 16.77 -30.57
CA SER B 46 8.41 15.57 -31.36
C SER B 46 8.52 14.33 -30.49
N VAL B 47 7.42 13.98 -29.83
CA VAL B 47 7.43 12.85 -28.91
C VAL B 47 6.01 12.31 -28.79
N LEU B 48 5.91 11.02 -28.49
CA LEU B 48 4.64 10.36 -28.23
C LEU B 48 4.45 10.29 -26.72
N HIS B 49 3.30 10.73 -26.24
CA HIS B 49 3.01 10.79 -24.82
C HIS B 49 1.66 10.16 -24.52
N SER B 50 1.61 9.34 -23.48
CA SER B 50 0.38 8.69 -23.05
C SER B 50 -0.22 9.48 -21.90
N THR B 51 -1.55 9.56 -21.86
CA THR B 51 -2.23 10.26 -20.77
C THR B 51 -3.64 9.73 -20.62
N GLN B 52 -4.11 9.68 -19.37
CA GLN B 52 -5.46 9.26 -19.04
C GLN B 52 -6.25 10.47 -18.57
N ASP B 53 -7.39 10.72 -19.19
CA ASP B 53 -8.19 11.90 -18.87
C ASP B 53 -9.55 11.75 -19.52
N LEU B 54 -10.39 12.76 -19.33
CA LEU B 54 -11.74 12.77 -19.87
C LEU B 54 -11.69 13.27 -21.31
N PHE B 55 -12.01 12.39 -22.25
CA PHE B 55 -11.96 12.71 -23.67
C PHE B 55 -13.26 12.29 -24.35
N LEU B 56 -13.39 12.70 -25.60
CA LEU B 56 -14.49 12.23 -26.42
C LEU B 56 -14.07 10.97 -27.16
N PRO B 57 -14.65 9.82 -26.86
CA PRO B 57 -14.24 8.58 -27.54
C PRO B 57 -14.44 8.69 -29.04
N PHE B 58 -13.52 8.08 -29.79
CA PHE B 58 -13.56 8.16 -31.23
C PHE B 58 -14.80 7.46 -31.78
N PHE B 59 -15.31 7.97 -32.91
CA PHE B 59 -16.37 7.32 -33.67
C PHE B 59 -17.62 7.04 -32.85
N SER B 60 -18.01 7.98 -31.99
CA SER B 60 -19.25 7.81 -31.25
C SER B 60 -20.40 8.51 -31.94
N ASN B 61 -21.62 8.16 -31.52
CA ASN B 61 -22.80 8.88 -31.97
C ASN B 61 -22.88 10.22 -31.25
N VAL B 62 -23.01 11.30 -32.01
CA VAL B 62 -23.13 12.64 -31.47
C VAL B 62 -24.46 13.21 -31.91
N THR B 63 -25.12 13.94 -31.00
CA THR B 63 -26.46 14.42 -31.24
C THR B 63 -26.41 15.69 -32.08
N TRP B 64 -27.39 15.83 -32.98
CA TRP B 64 -27.39 16.88 -33.98
C TRP B 64 -28.65 17.73 -33.81
N PHE B 65 -28.50 19.04 -33.91
CA PHE B 65 -29.61 19.97 -33.83
C PHE B 65 -29.55 20.96 -34.98
N HIS B 66 -30.72 21.34 -35.48
CA HIS B 66 -30.83 22.17 -36.68
C HIS B 66 -31.45 23.52 -36.33
N ALA B 67 -31.37 24.46 -37.27
CA ALA B 67 -31.77 25.84 -37.04
C ALA B 67 -32.63 26.35 -38.20
N ILE B 68 -33.63 25.55 -38.58
CA ILE B 68 -34.57 25.94 -39.63
C ILE B 68 -35.99 25.61 -39.18
N HIS B 69 -36.90 26.54 -39.49
CA HIS B 69 -38.35 26.36 -39.29
C HIS B 69 -38.71 25.84 -37.90
N ASP B 80 -35.13 25.01 -31.40
CA ASP B 80 -34.36 23.78 -31.27
C ASP B 80 -33.30 23.91 -30.19
N ASN B 81 -33.71 24.32 -29.00
CA ASN B 81 -32.80 24.54 -27.88
C ASN B 81 -33.33 23.90 -26.61
N PRO B 82 -33.28 22.56 -26.52
CA PRO B 82 -33.72 21.89 -25.29
C PRO B 82 -32.64 21.97 -24.21
N VAL B 83 -33.01 21.54 -23.02
CA VAL B 83 -32.11 21.53 -21.88
C VAL B 83 -31.44 20.17 -21.80
N LEU B 84 -30.11 20.16 -21.77
CA LEU B 84 -29.37 18.91 -21.84
C LEU B 84 -28.59 18.66 -20.55
N PRO B 85 -28.45 17.38 -20.17
CA PRO B 85 -27.61 17.07 -19.00
C PRO B 85 -26.16 17.36 -19.27
N PHE B 86 -25.42 17.65 -18.21
CA PHE B 86 -24.00 17.98 -18.30
C PHE B 86 -23.08 16.79 -18.07
N ASN B 87 -23.44 15.91 -17.13
CA ASN B 87 -22.63 14.73 -16.80
C ASN B 87 -21.21 15.13 -16.42
N ASP B 88 -20.23 14.63 -17.16
CA ASP B 88 -18.82 14.86 -16.86
C ASP B 88 -18.12 15.72 -17.90
N GLY B 89 -18.77 16.77 -18.39
CA GLY B 89 -18.17 17.66 -19.36
C GLY B 89 -18.83 17.42 -20.70
N VAL B 90 -18.84 18.44 -21.53
CA VAL B 90 -19.53 18.39 -22.82
C VAL B 90 -18.61 18.91 -23.90
N TYR B 91 -18.58 18.20 -25.03
CA TYR B 91 -17.98 18.71 -26.25
C TYR B 91 -19.09 19.28 -27.12
N PHE B 92 -18.99 20.57 -27.41
CA PHE B 92 -19.96 21.27 -28.25
C PHE B 92 -19.28 21.67 -29.54
N ALA B 93 -20.00 21.57 -30.65
CA ALA B 93 -19.47 22.05 -31.91
C ALA B 93 -20.56 22.84 -32.62
N SER B 94 -20.16 23.91 -33.29
CA SER B 94 -21.13 24.75 -33.99
C SER B 94 -20.63 25.06 -35.39
N THR B 95 -21.53 24.88 -36.35
CA THR B 95 -21.32 25.29 -37.73
C THR B 95 -22.14 26.54 -37.97
N GLU B 96 -21.46 27.63 -38.34
CA GLU B 96 -22.11 28.93 -38.45
C GLU B 96 -21.79 29.58 -39.78
N LYS B 97 -22.74 30.39 -40.23
CA LYS B 97 -22.53 31.32 -41.34
C LYS B 97 -23.07 32.71 -41.07
N SER B 98 -23.85 32.91 -40.00
CA SER B 98 -24.44 34.21 -39.73
C SER B 98 -24.48 34.56 -38.25
N ASN B 99 -23.71 33.86 -37.41
CA ASN B 99 -23.61 34.16 -35.98
C ASN B 99 -24.98 34.10 -35.30
N ILE B 100 -25.56 32.90 -35.29
CA ILE B 100 -26.88 32.76 -34.68
C ILE B 100 -26.75 32.28 -33.23
N ILE B 101 -25.84 31.36 -32.97
CA ILE B 101 -25.57 30.92 -31.61
C ILE B 101 -24.80 32.03 -30.90
N ARG B 102 -25.25 32.38 -29.70
CA ARG B 102 -24.66 33.49 -28.98
C ARG B 102 -24.41 33.23 -27.49
N GLY B 103 -24.98 32.19 -26.91
CA GLY B 103 -24.78 32.09 -25.47
C GLY B 103 -24.95 30.69 -24.93
N TRP B 104 -24.60 30.55 -23.65
CA TRP B 104 -24.72 29.31 -22.90
C TRP B 104 -25.20 29.60 -21.49
N ILE B 105 -25.95 28.65 -20.93
CA ILE B 105 -26.37 28.67 -19.54
C ILE B 105 -26.01 27.33 -18.91
N PHE B 106 -25.46 27.37 -17.71
CA PHE B 106 -25.07 26.17 -16.97
C PHE B 106 -25.61 26.28 -15.56
N GLY B 107 -25.90 25.13 -14.94
CA GLY B 107 -26.32 25.15 -13.55
C GLY B 107 -26.96 23.83 -13.15
N THR B 108 -27.87 23.92 -12.18
CA THR B 108 -28.69 22.79 -11.76
C THR B 108 -30.18 23.07 -11.80
N THR B 109 -30.58 24.31 -11.49
CA THR B 109 -31.98 24.69 -11.53
C THR B 109 -32.31 25.69 -12.63
N LEU B 110 -31.47 26.70 -12.84
CA LEU B 110 -31.62 27.64 -13.96
C LEU B 110 -32.93 28.42 -13.88
N ASP B 111 -33.32 28.79 -12.66
CA ASP B 111 -34.52 29.60 -12.47
C ASP B 111 -34.33 30.66 -11.39
N SER B 112 -33.11 31.19 -11.28
CA SER B 112 -32.70 32.22 -10.33
C SER B 112 -32.65 31.71 -8.89
N LYS B 113 -32.99 30.45 -8.64
CA LYS B 113 -32.93 29.91 -7.29
C LYS B 113 -31.51 29.61 -6.82
N THR B 114 -30.57 29.41 -7.74
CA THR B 114 -29.17 29.19 -7.38
C THR B 114 -28.29 29.75 -8.49
N GLN B 115 -27.02 29.95 -8.14
CA GLN B 115 -26.09 30.57 -9.07
C GLN B 115 -25.91 29.71 -10.32
N SER B 116 -26.37 30.22 -11.46
CA SER B 116 -26.25 29.54 -12.73
C SER B 116 -25.34 30.35 -13.64
N LEU B 117 -24.27 29.74 -14.12
CA LEU B 117 -23.31 30.45 -14.94
C LEU B 117 -23.95 30.83 -16.27
N LEU B 118 -23.63 32.03 -16.75
CA LEU B 118 -24.21 32.56 -17.98
C LEU B 118 -23.11 33.18 -18.82
N ILE B 119 -23.07 32.82 -20.10
CA ILE B 119 -22.13 33.38 -21.06
C ILE B 119 -22.93 33.91 -22.24
N VAL B 120 -22.67 35.16 -22.61
CA VAL B 120 -23.43 35.84 -23.67
C VAL B 120 -22.46 36.58 -24.57
N ASN B 121 -22.76 36.60 -25.87
CA ASN B 121 -22.06 37.46 -26.83
C ASN B 121 -23.08 38.44 -27.39
N ASN B 122 -22.71 39.72 -27.48
CA ASN B 122 -23.57 40.75 -28.07
C ASN B 122 -22.70 41.78 -28.78
N ALA B 123 -22.93 41.95 -30.08
CA ALA B 123 -22.20 42.91 -30.90
C ALA B 123 -20.70 42.64 -30.86
N THR B 124 -19.96 43.42 -30.08
CA THR B 124 -18.52 43.25 -29.92
C THR B 124 -18.12 42.99 -28.48
N ASN B 125 -19.02 42.44 -27.66
CA ASN B 125 -18.84 42.33 -26.22
C ASN B 125 -19.14 40.90 -25.78
N VAL B 126 -18.34 40.41 -24.83
CA VAL B 126 -18.58 39.13 -24.20
C VAL B 126 -18.88 39.36 -22.73
N VAL B 127 -19.96 38.77 -22.24
CA VAL B 127 -20.41 38.97 -20.87
C VAL B 127 -20.49 37.62 -20.18
N ILE B 128 -19.75 37.46 -19.08
CA ILE B 128 -19.76 36.25 -18.29
C ILE B 128 -20.19 36.61 -16.88
N LYS B 129 -21.19 35.90 -16.36
CA LYS B 129 -21.68 36.18 -15.02
C LYS B 129 -22.05 34.88 -14.33
N VAL B 130 -22.15 34.93 -13.00
CA VAL B 130 -22.55 33.78 -12.21
C VAL B 130 -23.76 34.17 -11.36
N CYS B 131 -24.45 35.24 -11.76
CA CYS B 131 -25.58 35.73 -11.01
C CYS B 131 -26.78 34.80 -11.17
N GLU B 132 -27.68 34.86 -10.19
CA GLU B 132 -28.89 34.05 -10.20
C GLU B 132 -29.97 34.77 -11.00
N PHE B 133 -29.73 34.86 -12.31
CA PHE B 133 -30.69 35.50 -13.19
C PHE B 133 -31.96 34.67 -13.30
N GLN B 134 -33.08 35.35 -13.48
CA GLN B 134 -34.35 34.69 -13.77
C GLN B 134 -34.38 34.38 -15.26
N PHE B 135 -34.24 33.11 -15.60
CA PHE B 135 -34.12 32.69 -16.98
C PHE B 135 -35.50 32.54 -17.60
N CYS B 136 -35.58 32.86 -18.89
CA CYS B 136 -36.82 32.73 -19.62
C CYS B 136 -37.18 31.24 -19.80
N ASN B 137 -38.46 30.99 -20.03
CA ASN B 137 -38.88 29.63 -20.38
C ASN B 137 -38.32 29.24 -21.74
N ASP B 138 -38.20 30.20 -22.65
CA ASP B 138 -37.57 29.97 -23.96
C ASP B 138 -36.48 31.02 -24.10
N PRO B 139 -35.32 30.78 -23.49
CA PRO B 139 -34.28 31.82 -23.45
C PRO B 139 -33.69 32.08 -24.83
N PHE B 140 -33.74 33.34 -25.25
CA PHE B 140 -33.06 33.78 -26.46
C PHE B 140 -32.99 35.29 -26.43
N LEU B 141 -32.32 35.85 -27.44
CA LEU B 141 -32.24 37.29 -27.61
C LEU B 141 -32.73 37.65 -29.00
N GLY B 142 -33.53 38.71 -29.10
CA GLY B 142 -34.07 39.14 -30.37
C GLY B 142 -33.09 39.98 -31.16
N VAL B 143 -33.21 39.88 -32.48
CA VAL B 143 -32.34 40.63 -33.39
C VAL B 143 -32.86 42.06 -33.57
N ASN B 165 -27.98 37.67 -6.85
CA ASN B 165 -26.76 37.47 -6.07
C ASN B 165 -25.60 37.07 -6.98
N CYS B 166 -24.59 37.94 -7.05
CA CYS B 166 -23.44 37.72 -7.93
C CYS B 166 -22.18 37.52 -7.11
N THR B 167 -21.27 36.70 -7.63
CA THR B 167 -19.96 36.52 -7.03
C THR B 167 -18.82 36.72 -8.03
N PHE B 168 -19.12 36.88 -9.32
CA PHE B 168 -18.11 37.11 -10.34
C PHE B 168 -18.79 37.71 -11.56
N GLU B 169 -18.02 38.51 -12.31
CA GLU B 169 -18.53 39.10 -13.54
C GLU B 169 -17.35 39.60 -14.37
N TYR B 170 -17.38 39.27 -15.66
CA TYR B 170 -16.37 39.72 -16.60
C TYR B 170 -17.05 40.27 -17.85
N VAL B 171 -16.55 41.40 -18.35
CA VAL B 171 -17.12 42.07 -19.51
C VAL B 171 -15.97 42.61 -20.35
N SER B 172 -16.15 42.62 -21.67
CA SER B 172 -15.19 43.26 -22.56
C SER B 172 -15.88 44.16 -23.57
N PHE B 186 -22.80 27.12 -44.48
CA PHE B 186 -21.92 27.15 -43.32
C PHE B 186 -20.49 27.44 -43.73
N LYS B 187 -19.85 28.35 -43.01
CA LYS B 187 -18.49 28.77 -43.36
C LYS B 187 -17.50 28.71 -42.20
N ASN B 188 -17.98 28.67 -40.96
CA ASN B 188 -17.10 28.65 -39.79
C ASN B 188 -17.46 27.46 -38.92
N LEU B 189 -16.46 26.79 -38.37
CA LEU B 189 -16.65 25.75 -37.38
C LEU B 189 -15.97 26.19 -36.10
N ARG B 190 -16.72 26.22 -35.00
CA ARG B 190 -16.17 26.59 -33.71
C ARG B 190 -16.45 25.45 -32.73
N GLU B 191 -15.39 24.89 -32.17
CA GLU B 191 -15.48 23.78 -31.23
C GLU B 191 -15.15 24.28 -29.84
N PHE B 192 -15.88 23.78 -28.85
CA PHE B 192 -15.68 24.16 -27.46
C PHE B 192 -15.77 22.91 -26.60
N VAL B 193 -15.02 22.91 -25.50
CA VAL B 193 -15.05 21.83 -24.53
C VAL B 193 -15.20 22.45 -23.15
N PHE B 194 -16.22 22.02 -22.42
CA PHE B 194 -16.51 22.55 -21.10
C PHE B 194 -16.44 21.43 -20.07
N LYS B 195 -15.74 21.67 -18.95
CA LYS B 195 -15.75 20.71 -17.87
C LYS B 195 -15.49 21.40 -16.54
N ASN B 196 -15.69 20.65 -15.45
CA ASN B 196 -15.49 21.15 -14.10
C ASN B 196 -14.61 20.17 -13.33
N ILE B 197 -13.55 20.69 -12.70
CA ILE B 197 -12.68 19.90 -11.85
C ILE B 197 -12.30 20.74 -10.64
N ASP B 198 -12.63 20.23 -9.45
CA ASP B 198 -12.22 20.84 -8.19
C ASP B 198 -12.60 22.32 -8.11
N GLY B 199 -13.85 22.61 -8.47
CA GLY B 199 -14.32 23.98 -8.42
C GLY B 199 -13.76 24.88 -9.49
N TYR B 200 -13.10 24.34 -10.50
CA TYR B 200 -12.61 25.12 -11.62
C TYR B 200 -13.38 24.73 -12.88
N PHE B 201 -13.97 25.72 -13.53
CA PHE B 201 -14.63 25.55 -14.81
C PHE B 201 -13.59 25.77 -15.90
N LYS B 202 -13.25 24.70 -16.61
CA LYS B 202 -12.25 24.76 -17.67
C LYS B 202 -12.97 24.82 -19.02
N ILE B 203 -12.51 25.75 -19.86
CA ILE B 203 -13.08 25.98 -21.19
C ILE B 203 -11.95 25.99 -22.21
N TYR B 204 -12.01 25.06 -23.15
CA TYR B 204 -11.12 25.01 -24.31
C TYR B 204 -11.92 25.34 -25.55
N SER B 205 -11.24 25.85 -26.57
CA SER B 205 -11.96 26.19 -27.79
C SER B 205 -11.03 26.15 -28.98
N LYS B 206 -11.63 26.27 -30.17
CA LYS B 206 -10.89 26.29 -31.42
C LYS B 206 -11.81 26.80 -32.54
N HIS B 207 -11.30 27.74 -33.34
CA HIS B 207 -12.01 28.28 -34.49
C HIS B 207 -11.37 27.76 -35.76
N THR B 208 -12.17 27.61 -36.82
CA THR B 208 -11.61 27.21 -38.10
C THR B 208 -12.55 27.58 -39.24
N PRO B 209 -12.01 27.89 -40.42
CA PRO B 209 -12.87 28.10 -41.58
C PRO B 209 -13.22 26.78 -42.26
N ILE B 210 -14.48 26.66 -42.65
CA ILE B 210 -14.99 25.44 -43.27
C ILE B 210 -15.84 25.82 -44.48
N ASN B 211 -16.09 24.83 -45.35
CA ASN B 211 -17.01 24.96 -46.47
C ASN B 211 -17.73 23.63 -46.64
N LEU B 212 -18.86 23.49 -45.96
CA LEU B 212 -19.62 22.24 -45.97
C LEU B 212 -20.98 22.51 -45.38
N VAL B 213 -22.01 21.87 -45.92
CA VAL B 213 -23.39 22.15 -45.56
C VAL B 213 -24.08 20.96 -44.93
N ARG B 214 -23.54 19.76 -45.13
CA ARG B 214 -24.28 18.57 -44.70
C ARG B 214 -24.07 18.27 -43.21
N ASP B 215 -22.85 17.96 -42.82
CA ASP B 215 -22.63 17.37 -41.49
C ASP B 215 -21.28 17.82 -40.97
N LEU B 216 -20.83 17.14 -39.91
CA LEU B 216 -19.56 17.46 -39.30
C LEU B 216 -18.42 17.10 -40.26
N PRO B 217 -17.53 18.04 -40.58
CA PRO B 217 -16.38 17.70 -41.41
C PRO B 217 -15.49 16.69 -40.70
N GLN B 218 -14.83 15.86 -41.50
CA GLN B 218 -13.94 14.85 -40.95
C GLN B 218 -12.50 15.32 -41.03
N GLY B 219 -11.86 15.41 -39.88
CA GLY B 219 -10.50 15.91 -39.80
C GLY B 219 -10.05 15.94 -38.36
N PHE B 220 -8.79 16.37 -38.19
CA PHE B 220 -8.17 16.39 -36.87
C PHE B 220 -7.61 17.78 -36.59
N SER B 221 -7.92 18.29 -35.40
CA SER B 221 -7.37 19.57 -34.95
C SER B 221 -7.46 19.62 -33.43
N ALA B 222 -6.35 19.97 -32.79
CA ALA B 222 -6.28 20.02 -31.34
C ALA B 222 -6.93 21.29 -30.82
N LEU B 223 -7.28 21.28 -29.54
CA LEU B 223 -7.92 22.40 -28.88
C LEU B 223 -7.04 22.89 -27.74
N GLU B 224 -6.87 24.20 -27.64
CA GLU B 224 -6.04 24.73 -26.58
C GLU B 224 -6.89 25.45 -25.54
N PRO B 225 -6.45 25.48 -24.28
CA PRO B 225 -7.26 26.11 -23.24
C PRO B 225 -7.34 27.61 -23.44
N LEU B 226 -8.48 28.17 -23.06
CA LEU B 226 -8.63 29.62 -22.98
C LEU B 226 -9.05 30.09 -21.61
N VAL B 227 -9.96 29.40 -20.93
CA VAL B 227 -10.55 29.95 -19.72
C VAL B 227 -10.47 28.95 -18.58
N ASP B 228 -10.05 29.44 -17.42
CA ASP B 228 -10.07 28.63 -16.20
C ASP B 228 -10.70 29.50 -15.11
N LEU B 229 -11.98 29.25 -14.83
CA LEU B 229 -12.72 30.05 -13.88
C LEU B 229 -12.68 29.39 -12.52
N PRO B 230 -12.20 30.06 -11.48
CA PRO B 230 -12.24 29.52 -10.12
C PRO B 230 -13.58 29.78 -9.43
N ILE B 231 -14.61 29.06 -9.85
CA ILE B 231 -15.95 29.38 -9.38
C ILE B 231 -16.44 28.42 -8.32
N GLY B 232 -16.60 27.14 -8.65
CA GLY B 232 -17.04 26.17 -7.66
C GLY B 232 -18.53 25.94 -7.61
N ILE B 233 -19.25 26.27 -8.67
CA ILE B 233 -20.69 26.02 -8.75
C ILE B 233 -20.91 24.57 -9.16
N ASN B 234 -21.74 23.86 -8.41
CA ASN B 234 -22.17 22.52 -8.79
C ASN B 234 -23.11 22.67 -9.98
N ILE B 235 -22.80 21.99 -11.08
CA ILE B 235 -23.56 22.09 -12.32
C ILE B 235 -23.94 20.69 -12.77
N THR B 236 -25.20 20.52 -13.16
CA THR B 236 -25.68 19.24 -13.67
C THR B 236 -26.38 19.34 -15.03
N ARG B 237 -26.83 20.51 -15.43
CA ARG B 237 -27.55 20.68 -16.69
C ARG B 237 -27.11 21.99 -17.34
N PHE B 238 -27.44 22.12 -18.62
CA PHE B 238 -27.10 23.32 -19.36
C PHE B 238 -28.02 23.46 -20.56
N GLN B 239 -27.87 24.59 -21.26
CA GLN B 239 -28.65 24.88 -22.45
C GLN B 239 -27.96 25.95 -23.27
N THR B 240 -28.28 25.99 -24.56
CA THR B 240 -27.72 26.98 -25.48
C THR B 240 -28.62 28.21 -25.54
N LEU B 241 -28.15 29.23 -26.24
CA LEU B 241 -28.82 30.52 -26.35
C LEU B 241 -28.66 31.05 -27.76
N LEU B 242 -29.77 31.17 -28.47
CA LEU B 242 -29.81 31.53 -29.88
C LEU B 242 -30.38 32.93 -30.07
N ALA B 243 -30.20 33.44 -31.29
CA ALA B 243 -30.78 34.71 -31.68
C ALA B 243 -31.81 34.47 -32.79
N LEU B 244 -33.00 35.00 -32.61
CA LEU B 244 -34.11 34.78 -33.53
C LEU B 244 -34.48 36.05 -34.25
N HIS B 245 -34.70 35.95 -35.55
CA HIS B 245 -35.09 37.09 -36.37
C HIS B 245 -36.56 37.43 -36.15
N ALA B 263 -28.04 27.03 -39.10
CA ALA B 263 -27.08 27.13 -38.02
C ALA B 263 -27.12 25.89 -37.13
N ALA B 264 -26.81 24.74 -37.73
CA ALA B 264 -26.85 23.48 -36.99
C ALA B 264 -25.66 23.37 -36.05
N TYR B 265 -25.84 22.58 -34.98
CA TYR B 265 -24.75 22.32 -34.05
C TYR B 265 -24.84 20.88 -33.57
N TYR B 266 -23.81 20.47 -32.82
CA TYR B 266 -23.65 19.08 -32.42
C TYR B 266 -23.15 19.00 -30.99
N VAL B 267 -23.53 17.93 -30.29
CA VAL B 267 -23.26 17.76 -28.87
C VAL B 267 -22.75 16.34 -28.63
N GLY B 268 -21.76 16.21 -27.73
CA GLY B 268 -21.29 14.92 -27.29
C GLY B 268 -20.80 14.95 -25.84
N TYR B 269 -20.73 13.77 -25.24
CA TYR B 269 -20.34 13.61 -23.85
C TYR B 269 -18.97 12.95 -23.74
N LEU B 270 -18.29 13.21 -22.62
CA LEU B 270 -16.93 12.75 -22.42
C LEU B 270 -16.88 11.55 -21.48
N GLN B 271 -15.77 10.83 -21.54
CA GLN B 271 -15.54 9.60 -20.79
C GLN B 271 -14.09 9.52 -20.33
N PRO B 272 -13.82 8.78 -19.26
CA PRO B 272 -12.43 8.64 -18.79
C PRO B 272 -11.61 7.66 -19.61
N ARG B 273 -10.98 8.14 -20.69
CA ARG B 273 -10.23 7.28 -21.58
C ARG B 273 -8.73 7.52 -21.48
N THR B 274 -7.96 6.58 -22.02
CA THR B 274 -6.52 6.70 -22.13
C THR B 274 -6.15 6.91 -23.59
N PHE B 275 -5.27 7.87 -23.84
CA PHE B 275 -4.93 8.30 -25.19
C PHE B 275 -3.42 8.39 -25.36
N LEU B 276 -3.00 8.31 -26.62
CA LEU B 276 -1.61 8.54 -27.00
C LEU B 276 -1.59 9.73 -27.95
N LEU B 277 -0.66 10.66 -27.73
CA LEU B 277 -0.62 11.92 -28.47
C LEU B 277 0.75 12.09 -29.11
N LYS B 278 0.78 12.71 -30.28
CA LYS B 278 2.01 12.95 -31.01
C LYS B 278 2.29 14.45 -31.07
N TYR B 279 3.30 14.90 -30.33
CA TYR B 279 3.73 16.30 -30.36
C TYR B 279 4.77 16.47 -31.45
N ASN B 280 4.57 17.49 -32.30
CA ASN B 280 5.48 17.74 -33.40
C ASN B 280 6.70 18.52 -32.91
N GLU B 281 7.49 19.03 -33.85
CA GLU B 281 8.67 19.82 -33.51
C GLU B 281 8.30 21.10 -32.81
N ASN B 282 7.23 21.77 -33.23
CA ASN B 282 6.82 23.04 -32.66
C ASN B 282 5.97 22.87 -31.41
N GLY B 283 5.71 21.64 -30.99
CA GLY B 283 4.91 21.43 -29.81
C GLY B 283 3.42 21.40 -30.05
N THR B 284 3.00 21.13 -31.27
CA THR B 284 1.58 21.07 -31.62
C THR B 284 1.16 19.62 -31.78
N ILE B 285 0.06 19.25 -31.14
CA ILE B 285 -0.48 17.90 -31.26
C ILE B 285 -0.97 17.71 -32.69
N THR B 286 -0.32 16.79 -33.41
CA THR B 286 -0.68 16.54 -34.80
C THR B 286 -1.57 15.32 -35.00
N ASP B 287 -1.50 14.33 -34.11
CA ASP B 287 -2.37 13.17 -34.24
C ASP B 287 -2.46 12.46 -32.90
N ALA B 288 -3.50 11.64 -32.76
CA ALA B 288 -3.75 10.94 -31.51
C ALA B 288 -4.29 9.55 -31.81
N VAL B 289 -4.19 8.68 -30.80
CA VAL B 289 -4.66 7.30 -30.88
C VAL B 289 -5.44 7.00 -29.61
N ASP B 290 -6.66 6.48 -29.79
CA ASP B 290 -7.48 6.00 -28.68
C ASP B 290 -7.06 4.58 -28.37
N CYS B 291 -6.81 4.30 -27.10
CA CYS B 291 -6.32 2.98 -26.71
C CYS B 291 -7.40 1.91 -26.78
N ALA B 292 -8.59 2.20 -26.27
CA ALA B 292 -9.63 1.19 -26.07
C ALA B 292 -10.63 1.16 -27.22
N LEU B 293 -10.18 1.50 -28.42
CA LEU B 293 -11.06 1.45 -29.58
C LEU B 293 -11.08 0.10 -30.28
N ASP B 294 -9.91 -0.51 -30.48
CA ASP B 294 -9.82 -1.76 -31.22
C ASP B 294 -8.51 -2.45 -30.82
N PRO B 295 -8.38 -3.75 -31.11
CA PRO B 295 -7.14 -4.46 -30.74
C PRO B 295 -5.89 -3.81 -31.31
N LEU B 296 -5.96 -3.34 -32.55
CA LEU B 296 -4.81 -2.70 -33.17
C LEU B 296 -4.43 -1.45 -32.38
N SER B 297 -5.44 -0.72 -31.93
CA SER B 297 -5.20 0.48 -31.14
C SER B 297 -4.55 0.14 -29.80
N GLU B 298 -5.00 -0.93 -29.15
CA GLU B 298 -4.36 -1.35 -27.92
C GLU B 298 -2.90 -1.73 -28.17
N THR B 299 -2.64 -2.42 -29.27
CA THR B 299 -1.26 -2.78 -29.60
C THR B 299 -0.42 -1.54 -29.77
N LYS B 300 -0.95 -0.53 -30.47
CA LYS B 300 -0.22 0.71 -30.66
C LYS B 300 0.07 1.38 -29.32
N CYS B 301 -0.93 1.41 -28.43
CA CYS B 301 -0.72 2.03 -27.13
C CYS B 301 0.33 1.30 -26.32
N THR B 302 0.38 -0.03 -26.44
CA THR B 302 1.36 -0.81 -25.67
C THR B 302 2.79 -0.48 -26.09
N LEU B 303 3.02 -0.38 -27.39
CA LEU B 303 4.37 -0.20 -27.91
C LEU B 303 4.81 1.26 -27.94
N LYS B 304 3.91 2.20 -27.63
CA LYS B 304 4.21 3.63 -27.67
C LYS B 304 4.74 4.03 -29.04
N SER B 305 4.12 3.48 -30.08
CA SER B 305 4.53 3.79 -31.45
C SER B 305 3.30 3.80 -32.34
N PHE B 306 3.39 4.56 -33.43
CA PHE B 306 2.33 4.60 -34.42
C PHE B 306 2.52 3.60 -35.53
N THR B 307 3.67 2.93 -35.57
CA THR B 307 3.96 1.90 -36.56
C THR B 307 4.23 0.60 -35.82
N VAL B 308 3.53 -0.46 -36.22
CA VAL B 308 3.62 -1.75 -35.56
C VAL B 308 4.21 -2.74 -36.54
N GLU B 309 5.24 -3.46 -36.11
CA GLU B 309 5.90 -4.43 -36.97
C GLU B 309 5.14 -5.75 -36.93
N LYS B 310 5.30 -6.51 -38.01
CA LYS B 310 4.64 -7.81 -38.13
C LYS B 310 5.00 -8.72 -36.97
N GLY B 311 4.01 -9.38 -36.41
CA GLY B 311 4.24 -10.34 -35.35
C GLY B 311 3.03 -10.47 -34.44
N ILE B 312 3.30 -11.01 -33.26
CA ILE B 312 2.28 -11.26 -32.24
C ILE B 312 2.71 -10.56 -30.96
N TYR B 313 1.77 -9.87 -30.32
CA TYR B 313 2.05 -9.09 -29.13
C TYR B 313 1.03 -9.42 -28.06
N GLN B 314 1.34 -9.09 -26.81
CA GLN B 314 0.44 -9.30 -25.69
C GLN B 314 -0.05 -7.96 -25.17
N THR B 315 -1.36 -7.81 -25.05
CA THR B 315 -1.94 -6.53 -24.68
C THR B 315 -2.62 -6.52 -23.32
N SER B 316 -3.60 -7.39 -23.09
CA SER B 316 -4.41 -7.28 -21.88
C SER B 316 -4.74 -8.68 -21.39
N ASN B 317 -5.58 -8.76 -20.37
CA ASN B 317 -5.96 -10.02 -19.76
C ASN B 317 -7.46 -10.20 -19.89
N PHE B 318 -7.86 -11.34 -20.44
CA PHE B 318 -9.28 -11.67 -20.54
C PHE B 318 -9.77 -12.23 -19.22
N ARG B 319 -10.98 -11.82 -18.84
CA ARG B 319 -11.56 -12.26 -17.57
C ARG B 319 -13.01 -12.67 -17.84
N VAL B 320 -13.75 -12.93 -16.76
CA VAL B 320 -15.19 -13.15 -16.83
C VAL B 320 -15.76 -12.75 -15.50
N GLN B 321 -17.07 -12.51 -15.45
CA GLN B 321 -17.58 -11.77 -14.31
C GLN B 321 -18.43 -12.64 -13.38
N PRO B 322 -18.45 -12.30 -12.09
CA PRO B 322 -19.34 -12.97 -11.14
C PRO B 322 -20.79 -12.49 -11.25
N THR B 323 -21.57 -13.16 -12.10
CA THR B 323 -22.94 -12.77 -12.42
C THR B 323 -23.75 -12.29 -11.21
N GLU B 324 -23.77 -13.04 -10.12
CA GLU B 324 -24.53 -12.61 -8.95
C GLU B 324 -24.00 -13.17 -7.64
N SER B 325 -24.59 -12.74 -6.53
CA SER B 325 -24.18 -13.15 -5.19
C SER B 325 -25.09 -14.28 -4.74
N ILE B 326 -24.65 -15.00 -3.71
CA ILE B 326 -25.39 -16.16 -3.21
C ILE B 326 -24.90 -16.53 -1.82
N VAL B 327 -25.81 -16.90 -0.92
CA VAL B 327 -25.47 -17.21 0.45
C VAL B 327 -26.30 -18.39 0.94
N ARG B 328 -25.64 -19.38 1.55
CA ARG B 328 -26.32 -20.56 2.09
C ARG B 328 -25.92 -20.77 3.54
N PHE B 329 -26.91 -20.92 4.40
CA PHE B 329 -26.74 -21.24 5.80
C PHE B 329 -27.74 -22.35 6.17
N PRO B 330 -27.42 -23.23 7.13
CA PRO B 330 -28.15 -24.50 7.24
C PRO B 330 -29.65 -24.40 7.48
N ASN B 331 -30.07 -23.83 8.61
CA ASN B 331 -31.49 -23.65 8.95
C ASN B 331 -31.71 -22.78 10.19
N ILE B 332 -32.95 -22.32 10.35
CA ILE B 332 -33.39 -21.62 11.55
C ILE B 332 -33.76 -22.67 12.58
N THR B 333 -33.11 -22.62 13.74
CA THR B 333 -33.45 -23.53 14.83
C THR B 333 -33.53 -22.75 16.14
N ASN B 334 -33.86 -23.46 17.23
CA ASN B 334 -33.86 -22.95 18.61
C ASN B 334 -34.24 -21.49 18.70
N LEU B 335 -35.41 -21.13 18.21
CA LEU B 335 -35.91 -19.76 18.31
C LEU B 335 -36.04 -19.41 19.78
N CYS B 336 -35.51 -18.26 20.17
CA CYS B 336 -35.55 -17.84 21.57
C CYS B 336 -36.99 -17.56 21.97
N PRO B 337 -37.51 -18.21 22.99
CA PRO B 337 -38.94 -18.09 23.30
C PRO B 337 -39.31 -16.74 23.90
N PHE B 338 -39.39 -15.72 23.05
CA PHE B 338 -39.85 -14.41 23.51
C PHE B 338 -41.35 -14.37 23.72
N GLY B 339 -42.10 -15.29 23.13
CA GLY B 339 -43.54 -15.32 23.31
C GLY B 339 -43.95 -15.56 24.75
N GLU B 340 -43.19 -16.39 25.47
CA GLU B 340 -43.52 -16.70 26.86
C GLU B 340 -43.48 -15.46 27.73
N VAL B 341 -42.60 -14.51 27.46
CA VAL B 341 -42.54 -13.28 28.22
C VAL B 341 -43.52 -12.24 27.67
N PHE B 342 -43.52 -12.05 26.35
CA PHE B 342 -44.38 -11.03 25.75
C PHE B 342 -45.85 -11.45 25.72
N ASN B 343 -46.14 -12.74 25.81
CA ASN B 343 -47.51 -13.22 25.86
C ASN B 343 -47.81 -13.99 27.15
N ALA B 344 -47.21 -13.57 28.27
CA ALA B 344 -47.46 -14.23 29.53
C ALA B 344 -48.85 -13.88 30.06
N THR B 345 -49.46 -14.83 30.77
CA THR B 345 -50.76 -14.59 31.38
C THR B 345 -50.70 -13.44 32.37
N ARG B 346 -49.74 -13.47 33.28
CA ARG B 346 -49.61 -12.47 34.33
C ARG B 346 -48.16 -12.03 34.44
N PHE B 347 -47.95 -10.73 34.60
CA PHE B 347 -46.61 -10.20 34.78
C PHE B 347 -46.29 -10.10 36.26
N ALA B 348 -45.02 -9.84 36.55
CA ALA B 348 -44.57 -9.68 37.92
C ALA B 348 -44.77 -8.24 38.38
N SER B 349 -44.85 -8.07 39.71
CA SER B 349 -44.87 -6.73 40.27
C SER B 349 -43.56 -6.03 39.97
N VAL B 350 -43.61 -4.69 39.91
CA VAL B 350 -42.40 -3.95 39.56
C VAL B 350 -41.34 -4.08 40.65
N TYR B 351 -41.77 -4.14 41.92
CA TYR B 351 -40.80 -4.33 43.00
C TYR B 351 -40.20 -5.73 42.96
N ALA B 352 -40.90 -6.69 42.36
CA ALA B 352 -40.43 -8.05 42.20
C ALA B 352 -40.37 -8.43 40.73
N TRP B 353 -39.79 -7.53 39.92
CA TRP B 353 -39.76 -7.70 38.47
C TRP B 353 -39.19 -9.04 38.07
N ASN B 354 -39.85 -9.72 37.14
CA ASN B 354 -39.43 -11.05 36.71
C ASN B 354 -38.23 -10.95 35.78
N ARG B 355 -37.19 -11.72 36.08
CA ARG B 355 -35.99 -11.75 35.26
C ARG B 355 -35.90 -13.12 34.60
N LYS B 356 -35.74 -13.13 33.28
CA LYS B 356 -35.63 -14.36 32.50
C LYS B 356 -34.32 -14.30 31.72
N ARG B 357 -33.53 -15.37 31.79
CA ARG B 357 -32.26 -15.43 31.08
C ARG B 357 -32.43 -16.21 29.79
N ILE B 358 -31.88 -15.69 28.70
CA ILE B 358 -31.99 -16.28 27.38
C ILE B 358 -30.61 -16.51 26.82
N SER B 359 -30.32 -17.74 26.41
CA SER B 359 -29.02 -18.09 25.87
C SER B 359 -29.14 -19.30 24.97
N ASN B 360 -28.12 -19.49 24.15
CA ASN B 360 -27.98 -20.69 23.30
C ASN B 360 -29.20 -20.88 22.40
N CYS B 361 -29.61 -19.78 21.77
CA CYS B 361 -30.76 -19.84 20.88
C CYS B 361 -30.65 -18.70 19.87
N VAL B 362 -31.61 -18.66 18.94
CA VAL B 362 -31.67 -17.65 17.89
C VAL B 362 -32.89 -16.78 18.16
N ALA B 363 -32.66 -15.48 18.34
CA ALA B 363 -33.72 -14.53 18.62
C ALA B 363 -33.87 -13.57 17.45
N ASP B 364 -35.09 -13.49 16.91
CA ASP B 364 -35.34 -12.65 15.74
C ASP B 364 -35.85 -11.28 16.20
N TYR B 365 -34.89 -10.40 16.46
CA TYR B 365 -35.22 -9.07 16.97
C TYR B 365 -35.92 -8.23 15.92
N SER B 366 -35.70 -8.53 14.64
CA SER B 366 -36.31 -7.75 13.57
C SER B 366 -37.83 -7.86 13.60
N VAL B 367 -38.36 -9.06 13.87
CA VAL B 367 -39.81 -9.24 13.90
C VAL B 367 -40.43 -8.37 14.98
N LEU B 368 -39.86 -8.40 16.18
CA LEU B 368 -40.39 -7.58 17.27
C LEU B 368 -40.22 -6.09 16.95
N TYR B 369 -39.09 -5.72 16.34
CA TYR B 369 -38.90 -4.34 15.93
C TYR B 369 -39.77 -3.95 14.75
N ASN B 370 -40.35 -4.93 14.04
CA ASN B 370 -41.22 -4.68 12.90
C ASN B 370 -42.57 -5.35 13.11
N SER B 371 -43.10 -5.22 14.33
CA SER B 371 -44.41 -5.76 14.67
C SER B 371 -45.45 -4.71 14.99
N ALA B 372 -45.06 -3.55 15.51
CA ALA B 372 -45.96 -2.42 15.76
C ALA B 372 -47.11 -2.80 16.68
N SER B 373 -46.77 -3.16 17.92
CA SER B 373 -47.76 -3.49 18.93
C SER B 373 -47.45 -2.92 20.30
N PHE B 374 -46.43 -2.09 20.44
CA PHE B 374 -46.00 -1.57 21.74
C PHE B 374 -46.06 -0.05 21.76
N SER B 375 -46.39 0.48 22.93
CA SER B 375 -46.47 1.93 23.11
C SER B 375 -45.11 2.62 23.02
N THR B 376 -44.08 2.05 23.65
CA THR B 376 -42.76 2.66 23.70
C THR B 376 -41.71 1.60 23.35
N PHE B 377 -40.74 1.99 22.53
CA PHE B 377 -39.64 1.10 22.18
C PHE B 377 -38.33 1.89 22.14
N LYS B 378 -37.62 1.94 23.26
CA LYS B 378 -36.43 2.78 23.37
C LYS B 378 -35.20 1.91 23.56
N CYS B 379 -34.22 2.06 22.67
CA CYS B 379 -33.00 1.29 22.78
C CYS B 379 -31.78 2.19 23.00
N GLY B 381 -27.84 1.82 24.54
CA GLY B 381 -27.35 2.58 23.40
C GLY B 381 -27.33 1.79 22.11
N VAL B 382 -27.88 0.58 22.17
CA VAL B 382 -27.94 -0.31 21.01
C VAL B 382 -28.86 0.31 19.96
N SER B 383 -28.55 0.08 18.69
CA SER B 383 -29.37 0.57 17.59
C SER B 383 -30.48 -0.43 17.31
N PRO B 384 -31.75 -0.05 17.49
CA PRO B 384 -32.84 -0.99 17.19
C PRO B 384 -32.94 -1.35 15.73
N THR B 385 -32.30 -0.58 14.86
CA THR B 385 -32.44 -0.75 13.41
C THR B 385 -31.73 -2.00 12.93
N LYS B 386 -32.42 -3.14 13.04
CA LYS B 386 -31.94 -4.41 12.51
C LYS B 386 -30.55 -4.75 13.01
N LEU B 387 -30.40 -4.94 14.31
CA LEU B 387 -29.14 -5.35 14.90
C LEU B 387 -29.20 -6.79 15.43
N ASN B 388 -29.91 -7.67 14.74
CA ASN B 388 -29.95 -9.07 15.10
C ASN B 388 -28.77 -9.79 14.46
N ASP B 389 -27.95 -9.05 13.73
CA ASP B 389 -26.74 -9.58 13.12
C ASP B 389 -25.55 -9.48 14.07
N LEU B 390 -25.83 -9.43 15.37
CA LEU B 390 -24.82 -9.32 16.40
C LEU B 390 -25.09 -10.34 17.50
N CYS B 391 -24.04 -10.73 18.20
CA CYS B 391 -24.09 -11.80 19.18
C CYS B 391 -23.98 -11.24 20.58
N PHE B 392 -24.61 -11.93 21.54
CA PHE B 392 -24.52 -11.55 22.94
C PHE B 392 -24.38 -12.80 23.80
N THR B 393 -23.80 -12.63 24.99
CA THR B 393 -23.71 -13.72 25.94
C THR B 393 -25.08 -14.18 26.40
N ASN B 394 -25.93 -13.23 26.81
CA ASN B 394 -27.23 -13.55 27.36
C ASN B 394 -28.20 -12.41 27.08
N VAL B 395 -29.49 -12.73 27.15
CA VAL B 395 -30.55 -11.73 27.04
C VAL B 395 -31.39 -11.82 28.31
N TYR B 396 -31.38 -10.75 29.10
CA TYR B 396 -32.11 -10.69 30.35
C TYR B 396 -33.37 -9.88 30.16
N ALA B 397 -34.51 -10.55 30.26
CA ALA B 397 -35.82 -9.92 30.13
C ALA B 397 -36.34 -9.62 31.52
N ASP B 398 -36.42 -8.34 31.86
CA ASP B 398 -37.00 -7.88 33.11
C ASP B 398 -38.39 -7.34 32.84
N SER B 399 -39.40 -8.11 33.25
CA SER B 399 -40.78 -7.82 32.90
C SER B 399 -41.56 -7.46 34.16
N PHE B 400 -42.44 -6.47 34.02
CA PHE B 400 -43.31 -6.03 35.10
C PHE B 400 -44.43 -5.21 34.50
N VAL B 401 -45.29 -4.66 35.37
CA VAL B 401 -46.38 -3.79 34.96
C VAL B 401 -46.34 -2.52 35.80
N ILE B 402 -46.37 -1.37 35.13
CA ILE B 402 -46.35 -0.07 35.81
C ILE B 402 -47.39 0.83 35.16
N ARG B 403 -47.75 1.89 35.87
CA ARG B 403 -48.58 2.92 35.28
C ARG B 403 -47.83 3.61 34.15
N GLY B 404 -48.58 4.07 33.15
CA GLY B 404 -47.95 4.64 31.96
C GLY B 404 -47.03 5.80 32.28
N ASP B 405 -47.45 6.68 33.20
CA ASP B 405 -46.63 7.83 33.56
C ASP B 405 -45.28 7.43 34.12
N GLU B 406 -45.18 6.27 34.76
CA GLU B 406 -43.92 5.80 35.30
C GLU B 406 -43.07 5.05 34.28
N VAL B 407 -43.58 4.86 33.06
CA VAL B 407 -42.80 4.19 32.02
C VAL B 407 -41.52 4.98 31.73
N ARG B 408 -41.57 6.30 31.86
CA ARG B 408 -40.38 7.12 31.69
C ARG B 408 -39.28 6.76 32.69
N GLN B 409 -39.65 6.29 33.88
CA GLN B 409 -38.65 5.99 34.91
C GLN B 409 -37.74 4.84 34.53
N ILE B 410 -38.13 3.99 33.59
CA ILE B 410 -37.32 2.85 33.18
C ILE B 410 -36.40 3.35 32.08
N ALA B 411 -35.31 4.00 32.49
CA ALA B 411 -34.36 4.60 31.57
C ALA B 411 -33.13 5.02 32.37
N PRO B 412 -31.95 5.02 31.75
CA PRO B 412 -30.75 5.47 32.46
C PRO B 412 -30.88 6.92 32.91
N GLY B 413 -30.34 7.21 34.08
CA GLY B 413 -30.43 8.56 34.64
C GLY B 413 -31.83 8.97 35.00
N GLN B 414 -32.62 8.07 35.56
CA GLN B 414 -33.98 8.36 35.99
C GLN B 414 -34.13 8.09 37.49
N THR B 415 -34.92 8.94 38.14
CA THR B 415 -35.20 8.82 39.56
C THR B 415 -36.71 8.71 39.78
N GLY B 416 -37.07 8.40 41.03
CA GLY B 416 -38.46 8.23 41.39
C GLY B 416 -38.67 7.05 42.31
N LYS B 417 -39.94 6.79 42.68
CA LYS B 417 -40.22 5.64 43.52
C LYS B 417 -39.85 4.33 42.83
N ILE B 418 -40.21 4.20 41.55
CA ILE B 418 -39.91 2.98 40.82
C ILE B 418 -38.40 2.86 40.55
N ALA B 419 -37.79 3.97 40.12
CA ALA B 419 -36.37 3.94 39.79
C ALA B 419 -35.50 3.65 41.01
N ASP B 420 -35.84 4.23 42.16
CA ASP B 420 -35.00 4.10 43.33
C ASP B 420 -35.40 2.93 44.23
N TYR B 421 -36.62 2.42 44.08
CA TYR B 421 -37.11 1.40 44.99
C TYR B 421 -37.55 0.11 44.31
N ASN B 422 -37.88 0.14 43.02
CA ASN B 422 -38.46 -1.01 42.35
C ASN B 422 -37.56 -1.59 41.27
N TYR B 423 -37.12 -0.77 40.32
CA TYR B 423 -36.24 -1.24 39.25
C TYR B 423 -35.35 -0.08 38.81
N LYS B 424 -34.05 -0.33 38.72
CA LYS B 424 -33.08 0.68 38.34
C LYS B 424 -32.23 0.16 37.20
N LEU B 425 -32.04 0.98 36.18
CA LEU B 425 -31.13 0.75 35.07
C LEU B 425 -29.86 1.60 35.25
N PRO B 426 -28.70 1.03 34.95
CA PRO B 426 -27.46 1.80 35.06
C PRO B 426 -27.44 2.95 34.05
N ASP B 427 -26.70 4.00 34.41
CA ASP B 427 -26.59 5.15 33.53
C ASP B 427 -25.97 4.79 32.19
N ASP B 428 -25.12 3.77 32.17
CA ASP B 428 -24.53 3.25 30.94
C ASP B 428 -25.23 1.98 30.46
N PHE B 429 -26.54 1.90 30.65
CA PHE B 429 -27.29 0.70 30.28
C PHE B 429 -27.25 0.48 28.77
N THR B 430 -27.01 -0.77 28.37
CA THR B 430 -27.09 -1.18 26.98
C THR B 430 -28.25 -2.16 26.84
N GLY B 431 -29.15 -1.89 25.90
CA GLY B 431 -30.30 -2.72 25.73
C GLY B 431 -31.51 -1.89 25.32
N CYS B 432 -32.68 -2.50 25.48
CA CYS B 432 -33.93 -1.88 25.06
C CYS B 432 -34.98 -1.99 26.15
N VAL B 433 -35.93 -1.07 26.11
CA VAL B 433 -37.10 -1.06 26.97
C VAL B 433 -38.33 -0.99 26.08
N ILE B 434 -39.25 -1.93 26.27
CA ILE B 434 -40.44 -2.06 25.45
C ILE B 434 -41.66 -2.02 26.37
N ALA B 435 -42.61 -1.15 26.04
CA ALA B 435 -43.80 -0.99 26.87
C ALA B 435 -45.03 -0.98 25.98
N TRP B 436 -46.07 -1.69 26.43
CA TRP B 436 -47.34 -1.70 25.73
C TRP B 436 -48.47 -1.71 26.74
N ASN B 437 -49.54 -0.99 26.40
CA ASN B 437 -50.66 -0.81 27.30
C ASN B 437 -51.33 -2.14 27.63
N SER B 438 -51.77 -2.28 28.88
CA SER B 438 -52.46 -3.47 29.34
C SER B 438 -53.78 -3.13 30.04
N ASN B 439 -54.40 -2.01 29.64
CA ASN B 439 -55.70 -1.66 30.20
C ASN B 439 -56.76 -2.70 29.81
N ASN B 440 -56.53 -3.43 28.72
CA ASN B 440 -57.39 -4.56 28.42
C ASN B 440 -57.07 -5.76 29.31
N LEU B 441 -55.81 -5.90 29.71
CA LEU B 441 -55.34 -7.07 30.44
C LEU B 441 -55.27 -6.86 31.94
N ASP B 442 -54.53 -5.86 32.40
CA ASP B 442 -54.23 -5.69 33.82
C ASP B 442 -55.20 -4.73 34.51
N SER B 443 -56.17 -4.18 33.79
CA SER B 443 -57.25 -3.42 34.42
C SER B 443 -58.40 -4.36 34.76
N LYS B 444 -59.18 -3.96 35.76
CA LYS B 444 -60.26 -4.80 36.24
C LYS B 444 -61.32 -3.93 36.88
N VAL B 445 -62.59 -4.35 36.73
CA VAL B 445 -63.68 -3.65 37.41
C VAL B 445 -63.49 -3.80 38.92
N GLY B 446 -63.53 -2.66 39.62
CA GLY B 446 -63.29 -2.63 41.04
C GLY B 446 -61.84 -2.45 41.44
N GLY B 447 -60.92 -2.50 40.48
CA GLY B 447 -59.52 -2.27 40.77
C GLY B 447 -58.67 -3.52 40.83
N ASN B 448 -57.61 -3.57 40.03
CA ASN B 448 -56.67 -4.68 40.05
C ASN B 448 -55.53 -4.33 40.99
N TYR B 449 -55.45 -5.05 42.12
CA TYR B 449 -54.48 -4.76 43.17
C TYR B 449 -53.43 -5.85 43.31
N ASN B 450 -53.33 -6.75 42.34
CA ASN B 450 -52.29 -7.78 42.40
C ASN B 450 -50.89 -7.17 42.30
N TYR B 451 -50.71 -6.19 41.41
CA TYR B 451 -49.41 -5.58 41.18
C TYR B 451 -49.10 -4.59 42.31
N LEU B 452 -47.87 -4.62 42.78
CA LEU B 452 -47.40 -3.77 43.87
C LEU B 452 -46.20 -2.96 43.41
N TYR B 453 -45.88 -1.92 44.18
CA TYR B 453 -44.67 -1.14 43.94
C TYR B 453 -44.08 -0.72 45.27
N ARG B 454 -42.76 -0.80 45.37
CA ARG B 454 -42.07 -0.38 46.58
C ARG B 454 -42.14 1.13 46.70
N LEU B 455 -42.98 1.61 47.61
CA LEU B 455 -43.14 3.05 47.82
C LEU B 455 -42.18 3.58 48.88
N PHE B 456 -41.80 2.76 49.86
CA PHE B 456 -40.95 3.20 50.95
C PHE B 456 -39.71 2.32 51.04
N ARG B 457 -38.56 2.98 51.16
CA ARG B 457 -37.28 2.30 51.32
C ARG B 457 -36.30 3.29 51.93
N LYS B 458 -35.28 2.76 52.60
CA LYS B 458 -34.33 3.62 53.28
C LYS B 458 -33.32 4.24 52.32
N SER B 459 -33.14 3.64 51.14
CA SER B 459 -32.16 4.15 50.18
C SER B 459 -32.61 3.79 48.77
N ASN B 460 -31.84 4.26 47.79
CA ASN B 460 -32.12 3.99 46.39
C ASN B 460 -31.67 2.58 46.01
N LEU B 461 -32.24 2.08 44.92
CA LEU B 461 -31.86 0.78 44.40
C LEU B 461 -30.63 0.90 43.51
N LYS B 462 -29.77 -0.12 43.59
CA LYS B 462 -28.67 -0.24 42.64
C LYS B 462 -29.21 -0.65 41.28
N PRO B 463 -28.46 -0.39 40.22
CA PRO B 463 -28.91 -0.82 38.88
C PRO B 463 -29.13 -2.33 38.84
N PHE B 464 -30.20 -2.73 38.16
CA PHE B 464 -30.59 -4.13 38.02
C PHE B 464 -30.78 -4.83 39.37
N GLU B 465 -31.42 -4.16 40.33
CA GLU B 465 -31.66 -4.74 41.63
C GLU B 465 -33.15 -4.98 41.86
N ARG B 466 -33.44 -6.02 42.65
CA ARG B 466 -34.81 -6.34 43.04
C ARG B 466 -34.88 -6.43 44.55
N ASP B 467 -35.71 -5.60 45.17
CA ASP B 467 -35.92 -5.60 46.61
C ASP B 467 -37.34 -6.11 46.87
N ILE B 468 -37.42 -7.27 47.52
CA ILE B 468 -38.72 -7.89 47.83
C ILE B 468 -38.97 -7.90 49.34
N SER B 469 -38.16 -7.19 50.11
CA SER B 469 -38.33 -7.15 51.55
C SER B 469 -39.64 -6.44 51.91
N THR B 470 -40.26 -6.92 53.00
CA THR B 470 -41.52 -6.36 53.48
C THR B 470 -41.34 -5.67 54.83
N GLU B 471 -40.15 -5.14 55.11
CA GLU B 471 -39.90 -4.48 56.38
C GLU B 471 -40.68 -3.18 56.48
N ILE B 472 -41.38 -3.00 57.60
CA ILE B 472 -42.17 -1.79 57.79
C ILE B 472 -41.22 -0.59 57.87
N TYR B 473 -41.52 0.46 57.11
CA TYR B 473 -40.64 1.61 57.00
C TYR B 473 -40.81 2.50 58.22
N GLN B 474 -39.76 2.60 59.02
CA GLN B 474 -39.75 3.46 60.21
C GLN B 474 -39.43 4.88 59.78
N ALA B 475 -40.46 5.71 59.66
CA ALA B 475 -40.29 7.10 59.23
C ALA B 475 -39.73 7.98 60.34
N GLY B 476 -40.07 7.71 61.59
CA GLY B 476 -39.63 8.49 62.73
C GLY B 476 -38.52 7.78 63.50
N SER B 477 -38.68 7.75 64.82
CA SER B 477 -37.72 7.09 65.69
C SER B 477 -38.33 5.99 66.54
N THR B 478 -39.64 5.77 66.45
CA THR B 478 -40.29 4.71 67.22
C THR B 478 -40.19 3.38 66.49
N PRO B 479 -39.67 2.33 67.13
CA PRO B 479 -39.58 1.03 66.46
C PRO B 479 -40.95 0.52 66.04
N CYS B 480 -40.98 -0.12 64.87
CA CYS B 480 -42.25 -0.57 64.29
C CYS B 480 -42.78 -1.85 64.93
N ASN B 481 -41.93 -2.61 65.61
CA ASN B 481 -42.31 -3.85 66.28
C ASN B 481 -42.91 -4.87 65.31
N GLY B 482 -42.55 -4.77 64.02
CA GLY B 482 -43.09 -5.68 63.03
C GLY B 482 -44.50 -5.40 62.60
N VAL B 483 -45.09 -4.28 63.05
CA VAL B 483 -46.45 -3.90 62.70
C VAL B 483 -46.46 -2.45 62.26
N GLU B 484 -47.16 -2.19 61.16
CA GLU B 484 -47.30 -0.84 60.63
C GLU B 484 -48.16 0.00 61.55
N GLY B 485 -47.76 1.26 61.72
CA GLY B 485 -48.47 2.18 62.59
C GLY B 485 -47.97 3.60 62.51
N PHE B 486 -47.88 4.28 63.65
CA PHE B 486 -47.39 5.65 63.66
C PHE B 486 -45.91 5.66 63.30
N ASN B 487 -45.56 6.51 62.33
CA ASN B 487 -44.21 6.57 61.76
C ASN B 487 -43.76 5.20 61.26
N CYS B 488 -44.70 4.36 60.84
CA CYS B 488 -44.41 2.99 60.39
C CYS B 488 -45.38 2.65 59.28
N TYR B 489 -44.89 2.64 58.04
CA TYR B 489 -45.72 2.40 56.87
C TYR B 489 -45.21 1.18 56.12
N PHE B 490 -46.13 0.46 55.48
CA PHE B 490 -45.75 -0.69 54.69
C PHE B 490 -44.94 -0.24 53.48
N PRO B 491 -43.77 -0.83 53.21
CA PRO B 491 -42.93 -0.36 52.11
C PRO B 491 -43.57 -0.56 50.74
N LEU B 492 -44.55 -1.44 50.61
CA LEU B 492 -45.15 -1.76 49.33
C LEU B 492 -46.58 -1.21 49.27
N GLN B 493 -46.88 -0.52 48.18
CA GLN B 493 -48.23 -0.03 47.93
C GLN B 493 -48.81 -0.75 46.72
N SER B 494 -50.07 -1.16 46.86
CA SER B 494 -50.74 -1.94 45.83
C SER B 494 -51.28 -1.03 44.75
N TYR B 495 -51.01 -1.38 43.49
CA TYR B 495 -51.50 -0.61 42.36
C TYR B 495 -53.01 -0.67 42.28
N GLY B 496 -53.61 0.44 41.82
CA GLY B 496 -55.01 0.45 41.49
C GLY B 496 -55.23 0.52 39.99
N PHE B 497 -55.62 -0.60 39.38
CA PHE B 497 -55.80 -0.66 37.93
C PHE B 497 -57.27 -0.91 37.64
N GLN B 498 -57.90 0.06 36.98
CA GLN B 498 -59.30 0.00 36.59
CA GLN B 498 -59.31 0.02 36.59
C GLN B 498 -59.47 0.43 35.13
N PRO B 499 -60.50 -0.05 34.44
CA PRO B 499 -60.70 0.35 33.05
C PRO B 499 -60.92 1.86 32.89
N THR B 500 -61.43 2.54 33.91
CA THR B 500 -61.68 3.97 33.85
C THR B 500 -60.47 4.80 34.27
N ASN B 501 -59.36 4.15 34.61
CA ASN B 501 -58.15 4.88 34.97
C ASN B 501 -57.60 5.64 33.76
N GLY B 502 -56.93 6.76 34.04
CA GLY B 502 -56.32 7.53 32.99
C GLY B 502 -55.15 6.81 32.35
N VAL B 503 -54.79 7.28 31.16
CA VAL B 503 -53.73 6.63 30.39
C VAL B 503 -52.44 6.56 31.19
N GLY B 504 -52.10 7.64 31.89
CA GLY B 504 -50.96 7.62 32.78
C GLY B 504 -51.07 6.58 33.88
N TYR B 505 -52.25 6.44 34.50
CA TYR B 505 -52.48 5.46 35.54
C TYR B 505 -52.89 4.10 35.00
N GLN B 506 -53.19 4.00 33.71
CA GLN B 506 -53.53 2.70 33.14
C GLN B 506 -52.33 1.78 33.19
N PRO B 507 -52.55 0.48 33.41
CA PRO B 507 -51.43 -0.46 33.48
C PRO B 507 -50.75 -0.63 32.13
N TYR B 508 -49.44 -0.84 32.17
CA TYR B 508 -48.62 -1.05 31.00
C TYR B 508 -47.64 -2.16 31.31
N ARG B 509 -47.58 -3.17 30.43
CA ARG B 509 -46.58 -4.22 30.54
C ARG B 509 -45.28 -3.72 29.92
N VAL B 510 -44.21 -3.76 30.73
CA VAL B 510 -42.91 -3.27 30.33
C VAL B 510 -41.90 -4.41 30.49
N VAL B 511 -41.16 -4.67 29.41
CA VAL B 511 -40.09 -5.66 29.39
C VAL B 511 -38.81 -4.95 28.96
N VAL B 512 -37.76 -5.13 29.74
CA VAL B 512 -36.45 -4.56 29.45
C VAL B 512 -35.53 -5.70 29.04
N LEU B 513 -35.01 -5.61 27.82
CA LEU B 513 -34.07 -6.60 27.31
C LEU B 513 -32.66 -6.05 27.47
N SER B 514 -31.90 -6.69 28.34
CA SER B 514 -30.50 -6.33 28.58
C SER B 514 -29.60 -7.36 27.91
N PHE B 515 -28.62 -6.89 27.17
CA PHE B 515 -27.76 -7.74 26.36
C PHE B 515 -26.40 -7.87 27.02
N GLU B 516 -25.96 -9.10 27.24
CA GLU B 516 -24.70 -9.40 27.90
C GLU B 516 -23.60 -9.63 26.87
N LEU B 517 -22.49 -8.91 27.02
CA LEU B 517 -21.34 -9.05 26.15
C LEU B 517 -20.09 -9.03 27.03
N LEU B 518 -19.69 -10.20 27.51
CA LEU B 518 -18.51 -10.34 28.34
C LEU B 518 -17.51 -11.26 27.66
N HIS B 519 -16.44 -11.59 28.39
CA HIS B 519 -15.44 -12.55 27.91
C HIS B 519 -16.09 -13.93 27.92
N ALA B 520 -16.93 -14.17 26.92
CA ALA B 520 -17.79 -15.33 26.86
C ALA B 520 -18.06 -15.71 25.41
N PRO B 521 -18.53 -16.93 25.14
CA PRO B 521 -18.77 -17.35 23.75
C PRO B 521 -19.82 -16.52 23.01
N ALA B 522 -20.70 -15.83 23.73
CA ALA B 522 -21.74 -15.01 23.12
C ALA B 522 -22.64 -15.84 22.20
N THR B 523 -23.42 -16.74 22.79
CA THR B 523 -24.10 -17.80 22.07
C THR B 523 -25.34 -17.37 21.30
N VAL B 524 -25.96 -16.24 21.62
CA VAL B 524 -27.20 -15.81 20.97
C VAL B 524 -26.85 -14.68 20.02
N CYS B 525 -27.12 -14.88 18.73
CA CYS B 525 -26.88 -13.87 17.71
C CYS B 525 -28.19 -13.50 17.02
N GLY B 526 -28.90 -14.50 16.50
CA GLY B 526 -30.13 -14.31 15.77
C GLY B 526 -30.04 -13.62 14.41
N PRO B 527 -29.05 -13.98 13.56
CA PRO B 527 -29.06 -13.46 12.20
C PRO B 527 -29.57 -14.50 11.22
N LYS B 528 -28.63 -15.20 10.56
CA LYS B 528 -28.91 -16.45 9.85
C LYS B 528 -29.92 -16.26 8.72
N LYS B 529 -29.52 -15.50 7.70
CA LYS B 529 -30.31 -15.35 6.49
C LYS B 529 -29.64 -16.09 5.34
N SER B 530 -30.44 -16.78 4.53
CA SER B 530 -29.91 -17.67 3.50
C SER B 530 -30.63 -17.37 2.18
N THR B 531 -30.07 -17.90 1.10
CA THR B 531 -30.65 -17.74 -0.23
C THR B 531 -30.74 -19.12 -0.88
N ASN B 532 -31.19 -19.14 -2.13
CA ASN B 532 -31.23 -20.36 -2.92
C ASN B 532 -29.85 -20.65 -3.49
N LEU B 533 -29.76 -21.68 -4.35
CA LEU B 533 -28.48 -22.14 -4.88
C LEU B 533 -28.52 -22.13 -6.39
N VAL B 534 -27.38 -21.81 -7.00
CA VAL B 534 -27.21 -21.74 -8.44
C VAL B 534 -26.00 -22.58 -8.82
N LYS B 535 -26.12 -23.36 -9.89
CA LYS B 535 -25.04 -24.23 -10.34
C LYS B 535 -24.58 -23.85 -11.75
N ASN B 536 -23.31 -24.16 -12.02
CA ASN B 536 -22.74 -24.05 -13.36
C ASN B 536 -22.77 -22.61 -13.88
N LYS B 537 -22.18 -21.68 -13.13
CA LYS B 537 -22.12 -20.29 -13.53
C LYS B 537 -21.17 -19.53 -12.62
N CYS B 538 -20.36 -18.67 -13.23
CA CYS B 538 -19.40 -17.86 -12.47
C CYS B 538 -20.16 -16.90 -11.57
N VAL B 539 -20.16 -17.20 -10.27
CA VAL B 539 -20.91 -16.43 -9.29
C VAL B 539 -20.01 -16.12 -8.10
N ASN B 540 -20.55 -15.32 -7.18
CA ASN B 540 -19.88 -14.98 -5.93
C ASN B 540 -20.63 -15.71 -4.81
N PHE B 541 -19.92 -16.52 -4.05
CA PHE B 541 -20.54 -17.41 -3.08
C PHE B 541 -19.99 -17.20 -1.68
N ASN B 542 -20.82 -17.56 -0.71
CA ASN B 542 -20.47 -17.51 0.72
C ASN B 542 -21.07 -18.76 1.36
N PHE B 543 -20.20 -19.61 1.91
CA PHE B 543 -20.61 -20.81 2.63
C PHE B 543 -20.08 -20.70 4.06
N ASN B 544 -21.00 -20.48 5.00
CA ASN B 544 -20.66 -20.45 6.43
C ASN B 544 -19.52 -19.49 6.71
N GLY B 545 -19.55 -18.33 6.06
CA GLY B 545 -18.54 -17.31 6.24
C GLY B 545 -17.37 -17.39 5.30
N LEU B 546 -17.16 -18.52 4.63
CA LEU B 546 -16.11 -18.65 3.63
C LEU B 546 -16.59 -18.03 2.32
N THR B 547 -15.93 -16.96 1.90
CA THR B 547 -16.30 -16.24 0.70
C THR B 547 -15.41 -16.65 -0.47
N GLY B 548 -15.95 -16.55 -1.66
CA GLY B 548 -15.18 -16.88 -2.84
C GLY B 548 -15.97 -16.56 -4.10
N THR B 549 -15.34 -16.85 -5.23
CA THR B 549 -15.92 -16.62 -6.55
C THR B 549 -15.54 -17.76 -7.47
N GLY B 550 -16.53 -18.35 -8.13
CA GLY B 550 -16.24 -19.45 -9.02
C GLY B 550 -17.50 -20.10 -9.55
N VAL B 551 -17.33 -21.33 -10.00
CA VAL B 551 -18.40 -22.11 -10.60
C VAL B 551 -18.66 -23.34 -9.74
N LEU B 552 -19.92 -23.52 -9.33
CA LEU B 552 -20.32 -24.59 -8.44
C LEU B 552 -20.88 -25.74 -9.26
N THR B 553 -20.27 -26.91 -9.14
CA THR B 553 -20.72 -28.10 -9.84
C THR B 553 -20.87 -29.24 -8.85
N GLU B 554 -21.71 -30.21 -9.21
CA GLU B 554 -21.85 -31.40 -8.38
C GLU B 554 -20.58 -32.21 -8.40
N SER B 555 -20.23 -32.80 -7.26
CA SER B 555 -19.01 -33.56 -7.11
C SER B 555 -19.31 -34.87 -6.41
N ASN B 556 -18.46 -35.86 -6.65
CA ASN B 556 -18.61 -37.20 -6.12
C ASN B 556 -17.63 -37.48 -4.98
N LYS B 557 -17.03 -36.43 -4.42
CA LYS B 557 -16.09 -36.56 -3.32
C LYS B 557 -16.82 -37.09 -2.10
N LYS B 558 -16.12 -37.88 -1.29
CA LYS B 558 -16.71 -38.52 -0.10
C LYS B 558 -16.13 -37.87 1.14
N PHE B 559 -16.79 -36.83 1.64
CA PHE B 559 -16.40 -36.27 2.93
C PHE B 559 -16.79 -37.21 4.06
N LEU B 560 -16.08 -37.11 5.16
CA LEU B 560 -16.54 -37.71 6.39
C LEU B 560 -17.60 -36.81 7.04
N PRO B 561 -18.52 -37.39 7.81
CA PRO B 561 -19.66 -36.61 8.32
C PRO B 561 -19.29 -35.34 9.06
N PHE B 562 -18.23 -35.39 9.85
CA PHE B 562 -17.80 -34.20 10.59
C PHE B 562 -17.04 -33.21 9.72
N GLN B 563 -16.50 -33.65 8.58
CA GLN B 563 -15.68 -32.79 7.74
C GLN B 563 -16.56 -31.80 6.99
N GLN B 564 -16.05 -30.60 6.77
CA GLN B 564 -16.82 -29.53 6.16
C GLN B 564 -16.25 -29.03 4.84
N PHE B 565 -15.00 -28.57 4.81
CA PHE B 565 -14.39 -28.04 3.60
C PHE B 565 -13.60 -29.14 2.91
N GLY B 566 -12.94 -28.75 1.82
CA GLY B 566 -11.96 -29.59 1.16
C GLY B 566 -10.82 -28.76 0.62
N ARG B 567 -9.58 -29.21 0.79
CA ARG B 567 -8.44 -28.44 0.33
C ARG B 567 -7.51 -29.29 -0.50
N ASP B 568 -6.73 -28.62 -1.34
CA ASP B 568 -5.72 -29.27 -2.17
C ASP B 568 -4.33 -29.05 -1.57
N ILE B 569 -3.31 -29.43 -2.35
CA ILE B 569 -1.93 -29.31 -1.88
C ILE B 569 -1.62 -27.87 -1.52
N ALA B 570 -1.98 -26.93 -2.38
CA ALA B 570 -1.68 -25.52 -2.16
C ALA B 570 -2.62 -24.85 -1.16
N ASP B 571 -3.39 -25.64 -0.42
CA ASP B 571 -4.34 -25.16 0.59
C ASP B 571 -5.52 -24.43 -0.01
N THR B 572 -5.65 -24.42 -1.32
CA THR B 572 -6.79 -23.77 -1.96
C THR B 572 -8.07 -24.54 -1.67
N THR B 573 -9.13 -23.80 -1.38
CA THR B 573 -10.44 -24.41 -1.16
C THR B 573 -10.96 -25.02 -2.44
N ASP B 574 -10.95 -26.34 -2.52
CA ASP B 574 -11.30 -27.05 -3.74
C ASP B 574 -12.72 -27.59 -3.73
N ALA B 575 -13.27 -27.89 -2.56
CA ALA B 575 -14.61 -28.45 -2.49
C ALA B 575 -15.28 -28.00 -1.21
N VAL B 576 -16.60 -28.00 -1.22
CA VAL B 576 -17.40 -27.60 -0.07
C VAL B 576 -18.61 -28.52 0.03
N ARG B 577 -19.34 -28.39 1.13
CA ARG B 577 -20.56 -29.13 1.36
C ARG B 577 -21.69 -28.13 1.65
N ASP B 578 -22.85 -28.37 1.05
CA ASP B 578 -23.98 -27.48 1.23
C ASP B 578 -24.44 -27.50 2.68
N PRO B 579 -24.56 -26.36 3.35
CA PRO B 579 -25.03 -26.37 4.74
C PRO B 579 -26.44 -26.89 4.91
N GLN B 580 -27.33 -26.67 3.95
CA GLN B 580 -28.72 -27.05 4.10
C GLN B 580 -28.98 -28.49 3.70
N THR B 581 -28.45 -28.93 2.58
CA THR B 581 -28.60 -30.31 2.11
C THR B 581 -27.22 -30.94 2.05
N LEU B 582 -27.16 -32.26 2.24
CA LEU B 582 -25.88 -32.97 2.32
C LEU B 582 -25.45 -33.40 0.92
N GLU B 583 -24.74 -32.51 0.26
CA GLU B 583 -24.11 -32.80 -1.02
C GLU B 583 -22.80 -32.04 -1.12
N ILE B 584 -21.94 -32.50 -2.02
CA ILE B 584 -20.59 -31.97 -2.14
C ILE B 584 -20.46 -31.24 -3.47
N LEU B 585 -20.01 -30.00 -3.43
CA LEU B 585 -19.89 -29.16 -4.60
C LEU B 585 -18.44 -28.73 -4.79
N ASP B 586 -17.96 -28.84 -6.01
CA ASP B 586 -16.60 -28.42 -6.33
C ASP B 586 -16.52 -26.91 -6.47
N ILE B 587 -15.31 -26.40 -6.53
CA ILE B 587 -15.07 -25.00 -6.82
C ILE B 587 -14.20 -24.91 -8.06
N THR B 588 -14.65 -24.12 -9.01
CA THR B 588 -13.89 -23.98 -10.25
C THR B 588 -13.60 -22.50 -10.51
N PRO B 589 -12.35 -22.11 -10.59
CA PRO B 589 -12.02 -20.70 -10.84
C PRO B 589 -12.58 -20.23 -12.17
N CYS B 590 -13.06 -18.99 -12.22
CA CYS B 590 -13.58 -18.42 -13.45
C CYS B 590 -12.44 -18.15 -14.42
N SER B 591 -12.69 -18.44 -15.70
CA SER B 591 -11.65 -18.42 -16.72
C SER B 591 -10.98 -17.06 -16.84
N PHE B 592 -9.65 -17.05 -16.91
CA PHE B 592 -8.90 -15.81 -16.84
C PHE B 592 -7.70 -15.79 -17.79
N GLY B 593 -7.86 -16.30 -19.00
CA GLY B 593 -6.76 -16.37 -19.93
C GLY B 593 -6.27 -15.00 -20.36
N GLY B 594 -5.04 -14.98 -20.86
CA GLY B 594 -4.49 -13.75 -21.40
C GLY B 594 -4.99 -13.49 -22.81
N VAL B 595 -4.55 -12.37 -23.38
CA VAL B 595 -4.99 -11.94 -24.71
C VAL B 595 -3.76 -11.58 -25.52
N SER B 596 -3.76 -11.95 -26.80
CA SER B 596 -2.70 -11.58 -27.71
C SER B 596 -3.26 -11.13 -29.04
N VAL B 597 -2.52 -10.27 -29.73
CA VAL B 597 -2.93 -9.72 -31.01
C VAL B 597 -1.91 -10.15 -32.05
N ILE B 598 -2.39 -10.71 -33.15
CA ILE B 598 -1.56 -11.17 -34.26
C ILE B 598 -1.80 -10.25 -35.44
N THR B 599 -0.74 -9.72 -36.02
CA THR B 599 -0.93 -8.80 -37.13
C THR B 599 0.27 -8.76 -38.06
N PRO B 600 0.03 -8.59 -39.36
CA PRO B 600 1.10 -8.14 -40.24
C PRO B 600 1.44 -6.70 -39.90
N GLY B 601 2.61 -6.26 -40.37
CA GLY B 601 3.04 -4.92 -40.08
C GLY B 601 2.04 -3.89 -40.59
N THR B 602 1.94 -2.78 -39.85
CA THR B 602 1.03 -1.72 -40.26
C THR B 602 1.33 -1.20 -41.65
N ASN B 603 2.58 -1.33 -42.10
CA ASN B 603 2.94 -0.99 -43.48
C ASN B 603 2.16 -1.82 -44.50
N THR B 604 1.63 -2.97 -44.10
CA THR B 604 0.92 -3.85 -45.01
C THR B 604 -0.59 -3.68 -44.93
N SER B 605 -1.18 -3.86 -43.76
CA SER B 605 -2.63 -3.82 -43.65
C SER B 605 -3.01 -3.36 -42.26
N ASN B 606 -4.32 -3.22 -42.06
CA ASN B 606 -4.89 -2.89 -40.76
C ASN B 606 -5.78 -3.99 -40.22
N GLN B 607 -5.66 -5.20 -40.76
CA GLN B 607 -6.47 -6.32 -40.30
C GLN B 607 -5.68 -7.16 -39.32
N VAL B 608 -6.34 -7.56 -38.22
CA VAL B 608 -5.68 -8.26 -37.14
C VAL B 608 -6.50 -9.47 -36.73
N ALA B 609 -5.88 -10.31 -35.92
CA ALA B 609 -6.56 -11.45 -35.30
C ALA B 609 -6.28 -11.44 -33.81
N VAL B 610 -7.15 -12.06 -33.04
CA VAL B 610 -7.07 -12.04 -31.59
C VAL B 610 -7.02 -13.48 -31.07
N LEU B 611 -6.10 -13.75 -30.16
CA LEU B 611 -5.96 -15.05 -29.54
C LEU B 611 -6.26 -14.93 -28.05
N TYR B 612 -7.29 -15.63 -27.60
CA TYR B 612 -7.61 -15.74 -26.18
C TYR B 612 -6.95 -17.02 -25.67
N GLN B 613 -5.98 -16.86 -24.78
CA GLN B 613 -5.12 -17.98 -24.43
C GLN B 613 -5.82 -18.94 -23.48
N ASP B 614 -5.97 -20.18 -23.92
CA ASP B 614 -6.42 -21.29 -23.08
C ASP B 614 -7.80 -21.02 -22.48
N VAL B 615 -8.77 -20.74 -23.35
CA VAL B 615 -10.17 -20.67 -22.97
C VAL B 615 -10.97 -21.44 -24.01
N ASN B 616 -12.18 -21.82 -23.64
CA ASN B 616 -13.06 -22.52 -24.56
C ASN B 616 -13.80 -21.52 -25.43
N CYS B 617 -14.04 -21.90 -26.69
CA CYS B 617 -14.67 -21.01 -27.65
C CYS B 617 -16.19 -20.97 -27.44
N THR B 618 -16.58 -20.72 -26.20
CA THR B 618 -17.97 -20.53 -25.85
C THR B 618 -18.14 -19.28 -25.00
N GLU B 619 -17.16 -19.00 -24.16
CA GLU B 619 -17.29 -17.87 -23.23
C GLU B 619 -16.72 -16.59 -23.80
N VAL B 620 -16.32 -16.60 -25.07
CA VAL B 620 -15.78 -15.40 -25.68
C VAL B 620 -16.90 -14.48 -26.13
N ASN B 641 -16.45 -17.64 -37.97
CA ASN B 641 -15.00 -17.52 -38.17
C ASN B 641 -14.26 -17.59 -36.84
N VAL B 642 -14.35 -18.74 -36.17
CA VAL B 642 -13.73 -18.98 -34.88
C VAL B 642 -13.03 -20.32 -34.94
N PHE B 643 -11.84 -20.39 -34.34
CA PHE B 643 -11.03 -21.60 -34.37
C PHE B 643 -10.62 -21.95 -32.95
N GLN B 644 -10.51 -23.25 -32.66
CA GLN B 644 -10.06 -23.72 -31.36
C GLN B 644 -8.79 -24.54 -31.54
N THR B 645 -7.75 -24.20 -30.80
CA THR B 645 -6.50 -24.94 -30.79
C THR B 645 -6.07 -25.17 -29.35
N ARG B 646 -5.08 -26.03 -29.18
CA ARG B 646 -4.56 -26.28 -27.85
C ARG B 646 -3.89 -25.06 -27.23
N ALA B 647 -3.60 -24.04 -28.02
CA ALA B 647 -3.15 -22.77 -27.50
C ALA B 647 -4.29 -21.92 -26.95
N GLY B 648 -5.48 -22.03 -27.52
CA GLY B 648 -6.61 -21.25 -27.08
C GLY B 648 -7.59 -21.02 -28.20
N CYS B 649 -8.38 -19.96 -28.07
CA CYS B 649 -9.44 -19.65 -29.02
C CYS B 649 -8.98 -18.50 -29.90
N LEU B 650 -9.03 -18.72 -31.21
CA LEU B 650 -8.50 -17.76 -32.18
C LEU B 650 -9.66 -17.19 -32.99
N ILE B 651 -9.67 -15.87 -33.15
CA ILE B 651 -10.73 -15.18 -33.87
C ILE B 651 -10.09 -14.24 -34.88
N GLY B 652 -10.59 -14.27 -36.11
CA GLY B 652 -10.16 -13.37 -37.15
C GLY B 652 -9.35 -14.02 -38.25
N ALA B 653 -9.03 -15.29 -38.12
CA ALA B 653 -8.23 -16.00 -39.11
C ALA B 653 -8.96 -17.24 -39.58
N GLU B 654 -8.62 -17.72 -40.77
CA GLU B 654 -9.25 -18.89 -41.34
C GLU B 654 -8.32 -20.08 -41.27
N HIS B 655 -8.83 -21.20 -40.77
CA HIS B 655 -8.07 -22.45 -40.72
C HIS B 655 -7.86 -22.96 -42.14
N VAL B 656 -6.66 -23.44 -42.44
CA VAL B 656 -6.29 -23.86 -43.78
C VAL B 656 -5.71 -25.27 -43.70
N ASN B 657 -6.15 -26.13 -44.63
CA ASN B 657 -5.66 -27.50 -44.65
C ASN B 657 -4.21 -27.58 -45.11
N ASN B 658 -3.77 -26.63 -45.91
CA ASN B 658 -2.41 -26.68 -46.45
C ASN B 658 -1.38 -26.33 -45.37
N SER B 659 -0.12 -26.62 -45.64
CA SER B 659 0.96 -26.30 -44.72
C SER B 659 2.04 -25.49 -45.44
N TYR B 660 2.67 -24.59 -44.68
CA TYR B 660 3.75 -23.76 -45.19
C TYR B 660 4.73 -23.51 -44.07
N GLU B 661 5.78 -22.75 -44.37
CA GLU B 661 6.74 -22.38 -43.33
C GLU B 661 6.08 -21.51 -42.28
N CYS B 662 6.55 -21.62 -41.05
CA CYS B 662 6.01 -20.81 -39.98
C CYS B 662 6.42 -19.36 -40.17
N ASP B 663 5.44 -18.46 -40.08
CA ASP B 663 5.68 -17.05 -40.33
C ASP B 663 5.57 -16.28 -39.01
N ILE B 664 4.43 -16.40 -38.34
CA ILE B 664 4.22 -15.85 -37.01
C ILE B 664 3.83 -17.01 -36.10
N PRO B 665 4.72 -17.48 -35.23
CA PRO B 665 4.42 -18.67 -34.46
C PRO B 665 3.35 -18.40 -33.41
N ILE B 666 2.25 -19.12 -33.51
CA ILE B 666 1.16 -19.06 -32.54
C ILE B 666 1.39 -20.04 -31.39
N GLY B 667 1.65 -21.29 -31.72
CA GLY B 667 1.97 -22.28 -30.70
C GLY B 667 1.37 -23.63 -30.99
N ALA B 668 1.93 -24.65 -30.34
CA ALA B 668 1.48 -26.04 -30.50
C ALA B 668 1.51 -26.46 -31.97
N GLY B 669 2.49 -25.97 -32.71
CA GLY B 669 2.62 -26.29 -34.11
C GLY B 669 1.76 -25.45 -35.03
N ILE B 670 1.04 -24.47 -34.50
CA ILE B 670 0.15 -23.64 -35.30
C ILE B 670 0.83 -22.31 -35.56
N CYS B 671 0.84 -21.90 -36.83
CA CYS B 671 1.45 -20.63 -37.24
C CYS B 671 0.51 -19.90 -38.19
N ALA B 672 0.64 -18.57 -38.20
CA ALA B 672 -0.25 -17.71 -38.97
C ALA B 672 0.54 -16.89 -39.96
N SER B 673 -0.13 -16.49 -41.04
CA SER B 673 0.50 -15.67 -42.08
C SER B 673 -0.58 -14.96 -42.87
N TYR B 674 -0.17 -13.89 -43.55
CA TYR B 674 -1.08 -13.02 -44.30
C TYR B 674 -0.92 -13.30 -45.79
N GLN B 675 -1.92 -13.94 -46.40
CA GLN B 675 -1.85 -14.32 -47.81
C GLN B 675 -3.24 -14.25 -48.40
N THR B 676 -3.30 -14.20 -49.73
CA THR B 676 -4.57 -14.15 -50.46
C THR B 676 -5.46 -15.34 -50.13
N SER B 689 -8.54 -9.39 -51.21
CA SER B 689 -8.46 -10.83 -51.39
C SER B 689 -7.53 -11.46 -50.37
N GLN B 690 -6.63 -10.66 -49.81
CA GLN B 690 -5.69 -11.12 -48.81
C GLN B 690 -6.34 -11.18 -47.44
N SER B 691 -5.89 -12.13 -46.63
CA SER B 691 -6.46 -12.34 -45.31
C SER B 691 -5.45 -13.10 -44.46
N ILE B 692 -5.74 -13.17 -43.16
CA ILE B 692 -4.89 -13.88 -42.22
C ILE B 692 -5.35 -15.33 -42.12
N ILE B 693 -4.41 -16.25 -42.24
CA ILE B 693 -4.71 -17.68 -42.19
C ILE B 693 -3.80 -18.33 -41.17
N ALA B 694 -4.32 -19.38 -40.55
CA ALA B 694 -3.58 -20.18 -39.57
C ALA B 694 -3.52 -21.61 -40.06
N TYR B 695 -2.40 -22.28 -39.78
CA TYR B 695 -2.20 -23.61 -40.33
C TYR B 695 -1.17 -24.35 -39.50
N THR B 696 -0.99 -25.62 -39.84
CA THR B 696 0.07 -26.43 -39.24
C THR B 696 1.38 -26.11 -39.93
N MET B 697 2.36 -25.68 -39.15
CA MET B 697 3.62 -25.25 -39.72
C MET B 697 4.34 -26.41 -40.39
N SER B 698 4.84 -26.14 -41.59
CA SER B 698 5.60 -27.15 -42.32
C SER B 698 6.95 -27.35 -41.66
N LEU B 699 7.47 -28.58 -41.80
CA LEU B 699 8.69 -28.97 -41.10
C LEU B 699 9.87 -29.13 -42.06
N GLY B 700 9.71 -28.70 -43.30
CA GLY B 700 10.72 -28.86 -44.31
C GLY B 700 10.18 -29.60 -45.53
N ALA B 701 11.08 -29.85 -46.47
CA ALA B 701 10.75 -30.53 -47.71
C ALA B 701 11.25 -31.97 -47.67
N GLU B 702 10.40 -32.90 -48.10
CA GLU B 702 10.77 -34.30 -48.14
C GLU B 702 11.89 -34.53 -49.15
N ASN B 703 12.94 -35.20 -48.70
CA ASN B 703 14.10 -35.44 -49.53
C ASN B 703 14.70 -36.83 -49.33
N SER B 704 13.86 -37.86 -49.34
CA SER B 704 14.35 -39.22 -49.17
C SER B 704 15.46 -39.54 -50.16
N VAL B 705 16.64 -39.91 -49.67
CA VAL B 705 17.76 -40.18 -50.56
C VAL B 705 17.75 -41.65 -50.95
N ALA B 706 18.21 -41.93 -52.17
CA ALA B 706 18.14 -43.28 -52.73
C ALA B 706 19.33 -44.10 -52.24
N TYR B 707 19.16 -44.68 -51.05
CA TYR B 707 20.17 -45.56 -50.49
C TYR B 707 20.18 -46.89 -51.23
N SER B 708 21.36 -47.49 -51.33
CA SER B 708 21.51 -48.84 -51.82
C SER B 708 22.84 -49.36 -51.30
N ASN B 709 23.02 -50.68 -51.32
CA ASN B 709 24.23 -51.27 -50.75
C ASN B 709 25.38 -51.29 -51.73
N ASN B 710 25.20 -50.74 -52.94
CA ASN B 710 26.35 -50.36 -53.75
C ASN B 710 26.00 -49.16 -54.63
N SER B 711 26.21 -47.95 -54.10
CA SER B 711 26.05 -46.72 -54.86
C SER B 711 26.60 -45.57 -54.05
N ILE B 712 27.45 -44.73 -54.66
CA ILE B 712 27.92 -43.53 -53.99
C ILE B 712 27.76 -42.35 -54.93
N ALA B 713 27.37 -41.22 -54.38
CA ALA B 713 27.27 -39.97 -55.13
C ALA B 713 28.48 -39.11 -54.82
N ILE B 714 29.30 -38.85 -55.83
CA ILE B 714 30.51 -38.04 -55.69
C ILE B 714 30.29 -36.73 -56.41
N PRO B 715 30.68 -35.60 -55.83
CA PRO B 715 30.55 -34.33 -56.54
C PRO B 715 31.63 -34.16 -57.59
N THR B 716 31.32 -33.32 -58.57
CA THR B 716 32.20 -33.02 -59.69
C THR B 716 32.54 -31.53 -59.78
N ASN B 717 31.85 -30.69 -59.02
CA ASN B 717 32.05 -29.26 -59.08
C ASN B 717 31.66 -28.68 -57.74
N PHE B 718 32.29 -27.58 -57.37
CA PHE B 718 32.14 -27.04 -56.03
C PHE B 718 31.69 -25.58 -56.10
N THR B 719 31.71 -24.94 -54.93
CA THR B 719 31.44 -23.52 -54.84
C THR B 719 32.09 -22.97 -53.59
N ILE B 720 32.44 -21.69 -53.64
CA ILE B 720 33.00 -20.97 -52.50
C ILE B 720 31.92 -20.04 -51.99
N SER B 721 31.65 -20.08 -50.69
CA SER B 721 30.62 -19.26 -50.10
C SER B 721 31.19 -18.45 -48.95
N VAL B 722 30.56 -17.32 -48.68
CA VAL B 722 30.94 -16.45 -47.58
C VAL B 722 29.70 -16.19 -46.73
N THR B 723 29.80 -16.47 -45.45
CA THR B 723 28.70 -16.25 -44.52
C THR B 723 29.12 -15.25 -43.46
N THR B 724 28.13 -14.64 -42.82
CA THR B 724 28.37 -13.57 -41.86
C THR B 724 27.88 -14.01 -40.49
N GLU B 725 28.72 -13.84 -39.48
CA GLU B 725 28.34 -14.10 -38.10
C GLU B 725 28.59 -12.84 -37.29
N ILE B 726 27.71 -12.54 -36.35
CA ILE B 726 27.76 -11.29 -35.61
C ILE B 726 27.68 -11.61 -34.12
N LEU B 727 28.62 -11.06 -33.34
CA LEU B 727 28.65 -11.36 -31.93
C LEU B 727 28.81 -10.10 -31.09
N PRO B 728 28.00 -9.94 -30.05
CA PRO B 728 28.26 -8.87 -29.08
C PRO B 728 29.55 -9.13 -28.34
N VAL B 729 30.20 -8.06 -27.89
CA VAL B 729 31.44 -8.16 -27.16
C VAL B 729 31.38 -7.42 -25.83
N SER B 730 31.00 -6.15 -25.84
CA SER B 730 30.98 -5.36 -24.62
C SER B 730 29.68 -4.57 -24.56
N MET B 731 29.48 -3.91 -23.44
CA MET B 731 28.28 -3.11 -23.21
C MET B 731 28.68 -1.81 -22.55
N THR B 732 27.72 -0.88 -22.48
CA THR B 732 28.02 0.46 -22.01
C THR B 732 28.47 0.45 -20.56
N LYS B 733 29.56 1.18 -20.28
CA LYS B 733 30.11 1.30 -18.93
C LYS B 733 29.38 2.44 -18.24
N THR B 734 28.52 2.08 -17.29
CA THR B 734 27.79 3.09 -16.55
C THR B 734 28.25 3.16 -15.10
N SER B 735 27.88 4.25 -14.43
CA SER B 735 28.16 4.40 -13.02
C SER B 735 27.07 5.27 -12.41
N VAL B 736 26.76 5.02 -11.14
CA VAL B 736 25.67 5.70 -10.44
C VAL B 736 26.18 6.18 -9.09
N ASP B 737 25.93 7.45 -8.78
CA ASP B 737 26.21 7.97 -7.46
C ASP B 737 24.97 7.73 -6.60
N CYS B 738 25.02 6.70 -5.77
CA CYS B 738 23.87 6.33 -4.96
C CYS B 738 23.35 7.48 -4.11
N THR B 739 24.25 8.19 -3.43
CA THR B 739 23.81 9.31 -2.62
C THR B 739 23.16 10.39 -3.46
N MET B 740 23.78 10.71 -4.61
CA MET B 740 23.21 11.72 -5.50
C MET B 740 21.85 11.30 -6.02
N TYR B 741 21.70 10.05 -6.43
CA TYR B 741 20.43 9.59 -6.98
C TYR B 741 19.33 9.63 -5.92
N ILE B 742 19.56 8.98 -4.78
CA ILE B 742 18.50 8.86 -3.80
C ILE B 742 18.20 10.20 -3.14
N CYS B 743 19.25 10.95 -2.80
CA CYS B 743 19.07 12.14 -1.97
C CYS B 743 19.67 13.37 -2.63
N GLY B 744 19.31 13.62 -3.89
CA GLY B 744 19.89 14.72 -4.61
C GLY B 744 19.74 16.06 -3.91
N ASP B 745 20.84 16.54 -3.35
CA ASP B 745 20.91 17.87 -2.74
C ASP B 745 19.93 18.02 -1.59
N SER B 746 20.11 17.21 -0.55
CA SER B 746 19.35 17.32 0.69
C SER B 746 20.14 16.71 1.82
N THR B 747 20.37 17.48 2.87
CA THR B 747 21.13 16.97 4.01
C THR B 747 20.30 15.98 4.81
N GLU B 748 19.01 16.25 4.98
CA GLU B 748 18.16 15.39 5.78
C GLU B 748 18.07 14.00 5.18
N CYS B 749 17.93 13.92 3.85
CA CYS B 749 17.88 12.62 3.20
C CYS B 749 19.19 11.87 3.39
N SER B 750 20.31 12.56 3.30
CA SER B 750 21.59 11.91 3.53
C SER B 750 21.71 11.37 4.95
N ASN B 751 21.29 12.17 5.94
CA ASN B 751 21.34 11.73 7.32
C ASN B 751 20.46 10.50 7.53
N LEU B 752 19.26 10.50 6.97
CA LEU B 752 18.41 9.32 7.10
C LEU B 752 19.03 8.11 6.42
N LEU B 753 19.61 8.31 5.24
CA LEU B 753 20.22 7.21 4.52
C LEU B 753 21.39 6.62 5.29
N LEU B 754 22.04 7.45 6.12
CA LEU B 754 23.17 6.95 6.91
C LEU B 754 22.78 5.80 7.83
N GLN B 755 21.49 5.67 8.16
CA GLN B 755 21.05 4.59 9.03
C GLN B 755 21.03 3.23 8.35
N TYR B 756 21.15 3.18 7.03
CA TYR B 756 21.14 1.93 6.31
C TYR B 756 22.54 1.34 6.14
N GLY B 757 23.55 2.00 6.68
CA GLY B 757 24.88 1.42 6.62
C GLY B 757 25.47 1.51 5.23
N SER B 758 26.14 0.44 4.82
CA SER B 758 26.96 0.44 3.62
C SER B 758 26.21 -0.01 2.38
N PHE B 759 24.90 0.19 2.31
CA PHE B 759 24.17 -0.16 1.10
C PHE B 759 24.59 0.70 -0.08
N CYS B 760 25.26 1.82 0.19
CA CYS B 760 25.56 2.77 -0.86
C CYS B 760 26.86 2.37 -1.57
N THR B 761 27.85 1.89 -0.81
CA THR B 761 29.15 1.58 -1.39
C THR B 761 29.14 0.33 -2.24
N GLN B 762 28.52 -0.75 -1.77
CA GLN B 762 28.62 -2.02 -2.47
C GLN B 762 27.99 -1.97 -3.86
N LEU B 763 26.98 -1.13 -4.06
CA LEU B 763 26.47 -0.94 -5.41
C LEU B 763 27.55 -0.37 -6.32
N ASN B 764 28.28 0.61 -5.82
CA ASN B 764 29.38 1.17 -6.60
C ASN B 764 30.44 0.12 -6.86
N ARG B 765 30.71 -0.74 -5.88
CA ARG B 765 31.69 -1.79 -6.09
C ARG B 765 31.26 -2.73 -7.22
N ALA B 766 29.99 -3.14 -7.21
CA ALA B 766 29.50 -4.03 -8.25
C ALA B 766 29.58 -3.38 -9.62
N LEU B 767 29.15 -2.12 -9.72
CA LEU B 767 29.21 -1.45 -11.01
C LEU B 767 30.64 -1.27 -11.48
N THR B 768 31.57 -0.99 -10.57
CA THR B 768 32.98 -0.89 -10.96
C THR B 768 33.50 -2.22 -11.48
N GLY B 769 33.11 -3.32 -10.83
CA GLY B 769 33.51 -4.62 -11.34
C GLY B 769 33.01 -4.86 -12.76
N ILE B 770 31.75 -4.51 -13.01
CA ILE B 770 31.21 -4.66 -14.36
C ILE B 770 32.01 -3.82 -15.35
N ALA B 771 32.28 -2.57 -14.97
CA ALA B 771 32.98 -1.67 -15.88
C ALA B 771 34.36 -2.20 -16.22
N VAL B 772 35.08 -2.73 -15.22
CA VAL B 772 36.40 -3.27 -15.47
C VAL B 772 36.32 -4.48 -16.40
N GLU B 773 35.38 -5.39 -16.13
CA GLU B 773 35.34 -6.57 -16.97
C GLU B 773 34.92 -6.26 -18.40
N GLN B 774 34.26 -5.12 -18.63
CA GLN B 774 34.02 -4.73 -20.01
C GLN B 774 35.31 -4.55 -20.79
N ASP B 775 36.23 -3.74 -20.27
CA ASP B 775 37.50 -3.53 -20.92
C ASP B 775 38.31 -4.81 -20.97
N LYS B 776 38.17 -5.66 -19.95
CA LYS B 776 38.84 -6.96 -20.01
C LYS B 776 38.32 -7.78 -21.19
N ASN B 777 37.01 -7.77 -21.42
CA ASN B 777 36.43 -8.47 -22.55
C ASN B 777 37.02 -7.97 -23.85
N THR B 778 37.02 -6.66 -24.06
CA THR B 778 37.53 -6.11 -25.31
C THR B 778 38.99 -6.47 -25.50
N GLN B 779 39.79 -6.34 -24.44
CA GLN B 779 41.21 -6.66 -24.52
C GLN B 779 41.42 -8.11 -24.92
N GLU B 780 40.67 -9.01 -24.30
CA GLU B 780 40.83 -10.44 -24.61
C GLU B 780 40.42 -10.74 -26.04
N VAL B 781 39.35 -10.13 -26.52
CA VAL B 781 38.89 -10.46 -27.87
C VAL B 781 39.85 -9.94 -28.92
N PHE B 782 40.29 -8.70 -28.80
CA PHE B 782 41.03 -8.09 -29.90
C PHE B 782 42.54 -8.13 -29.72
N ALA B 783 43.06 -7.81 -28.55
CA ALA B 783 44.50 -7.67 -28.35
C ALA B 783 45.16 -9.05 -28.25
N GLN B 784 45.02 -9.83 -29.31
CA GLN B 784 45.65 -11.14 -29.38
C GLN B 784 46.92 -11.14 -30.20
N VAL B 785 47.34 -10.00 -30.73
CA VAL B 785 48.50 -9.91 -31.58
C VAL B 785 49.52 -9.02 -30.90
N LYS B 786 50.80 -9.42 -30.98
CA LYS B 786 51.84 -8.72 -30.25
C LYS B 786 52.46 -7.58 -31.04
N GLN B 787 52.48 -7.67 -32.37
CA GLN B 787 53.10 -6.65 -33.20
C GLN B 787 52.13 -6.23 -34.29
N ILE B 788 52.22 -4.97 -34.68
CA ILE B 788 51.32 -4.39 -35.68
C ILE B 788 51.92 -4.64 -37.06
N TYR B 789 51.16 -5.32 -37.91
CA TYR B 789 51.55 -5.58 -39.28
C TYR B 789 50.85 -4.60 -40.19
N LYS B 790 51.34 -4.50 -41.43
CA LYS B 790 50.74 -3.61 -42.41
C LYS B 790 50.94 -4.19 -43.80
N THR B 791 49.91 -4.05 -44.63
CA THR B 791 49.94 -4.61 -45.96
C THR B 791 50.91 -3.85 -46.86
N PRO B 792 51.55 -4.54 -47.79
CA PRO B 792 52.45 -3.86 -48.73
C PRO B 792 51.66 -3.01 -49.71
N PRO B 793 52.31 -2.03 -50.34
CA PRO B 793 51.57 -1.15 -51.26
C PRO B 793 51.08 -1.84 -52.53
N ILE B 794 51.62 -3.00 -52.89
CA ILE B 794 51.29 -3.68 -54.13
C ILE B 794 50.28 -4.77 -53.83
N LYS B 795 49.09 -4.66 -54.40
CA LYS B 795 48.00 -5.60 -54.15
C LYS B 795 47.93 -6.66 -55.26
N ASP B 796 49.03 -7.39 -55.42
CA ASP B 796 49.12 -8.45 -56.43
C ASP B 796 48.90 -9.81 -55.78
N PHE B 797 47.64 -10.06 -55.40
CA PHE B 797 47.27 -11.28 -54.69
C PHE B 797 46.75 -12.36 -55.62
N GLY B 798 47.27 -12.44 -56.84
CA GLY B 798 46.89 -13.50 -57.74
C GLY B 798 45.44 -13.48 -58.16
N GLY B 799 44.80 -12.31 -58.16
CA GLY B 799 43.42 -12.19 -58.56
C GLY B 799 42.43 -12.01 -57.45
N PHE B 800 42.80 -12.31 -56.22
CA PHE B 800 41.90 -12.10 -55.09
C PHE B 800 41.86 -10.61 -54.78
N ASN B 801 40.66 -10.07 -54.62
CA ASN B 801 40.46 -8.64 -54.44
C ASN B 801 39.94 -8.40 -53.03
N PHE B 802 40.78 -7.82 -52.19
CA PHE B 802 40.45 -7.58 -50.80
C PHE B 802 40.03 -6.13 -50.52
N SER B 803 39.79 -5.35 -51.56
CA SER B 803 39.57 -3.92 -51.36
C SER B 803 38.42 -3.63 -50.41
N GLN B 804 37.43 -4.51 -50.35
CA GLN B 804 36.25 -4.26 -49.53
C GLN B 804 36.50 -4.43 -48.05
N ILE B 805 37.63 -4.99 -47.65
CA ILE B 805 37.92 -5.22 -46.24
C ILE B 805 39.18 -4.51 -45.77
N LEU B 806 40.07 -4.11 -46.66
CA LEU B 806 41.24 -3.38 -46.21
C LEU B 806 40.90 -1.92 -45.91
N PRO B 807 41.69 -1.27 -45.06
CA PRO B 807 41.38 0.13 -44.72
C PRO B 807 41.44 1.03 -45.95
N ASP B 808 40.56 2.03 -45.96
CA ASP B 808 40.54 3.04 -47.00
C ASP B 808 41.29 4.26 -46.53
N PRO B 809 42.41 4.63 -47.15
CA PRO B 809 43.12 5.85 -46.74
C PRO B 809 42.30 7.11 -46.92
N SER B 810 41.32 7.12 -47.81
CA SER B 810 40.52 8.30 -48.11
C SER B 810 39.71 8.79 -46.92
N LYS B 811 39.09 7.90 -46.17
CA LYS B 811 38.29 8.31 -45.03
C LYS B 811 39.17 8.89 -43.94
N PRO B 812 38.66 9.84 -43.16
CA PRO B 812 39.42 10.36 -42.02
C PRO B 812 39.81 9.28 -41.03
N SER B 813 38.93 8.30 -40.78
CA SER B 813 39.28 7.12 -40.01
C SER B 813 39.44 5.98 -40.99
N LYS B 814 40.61 5.36 -41.01
CA LYS B 814 40.94 4.37 -42.03
C LYS B 814 40.17 3.09 -41.75
N ARG B 815 38.86 3.17 -41.96
CA ARG B 815 37.97 2.04 -41.79
C ARG B 815 37.63 1.44 -43.15
N SER B 816 37.49 0.12 -43.17
CA SER B 816 37.13 -0.56 -44.40
C SER B 816 35.71 -0.18 -44.81
N PHE B 817 35.39 -0.47 -46.07
CA PHE B 817 34.08 -0.10 -46.59
C PHE B 817 32.96 -0.81 -45.85
N ILE B 818 33.14 -2.11 -45.60
CA ILE B 818 32.13 -2.87 -44.88
C ILE B 818 31.96 -2.31 -43.47
N GLU B 819 33.06 -1.92 -42.84
CA GLU B 819 32.97 -1.31 -41.52
C GLU B 819 32.18 -0.01 -41.58
N ASP B 820 32.37 0.78 -42.64
CA ASP B 820 31.59 2.00 -42.79
C ASP B 820 30.10 1.69 -42.93
N LEU B 821 29.77 0.66 -43.70
CA LEU B 821 28.36 0.26 -43.79
C LEU B 821 27.83 -0.14 -42.42
N LEU B 822 28.64 -0.86 -41.64
CA LEU B 822 28.19 -1.30 -40.33
C LEU B 822 27.96 -0.12 -39.39
N PHE B 823 28.85 0.86 -39.41
CA PHE B 823 28.75 1.95 -38.45
C PHE B 823 27.55 2.83 -38.71
N ASN B 824 27.02 2.82 -39.93
CA ASN B 824 25.85 3.62 -40.25
C ASN B 824 24.54 2.88 -40.06
N LYS B 825 24.59 1.57 -39.82
CA LYS B 825 23.41 0.77 -39.58
C LYS B 825 23.02 0.68 -38.11
N VAL B 826 23.95 0.94 -37.20
CA VAL B 826 23.66 0.88 -35.78
C VAL B 826 23.42 2.31 -35.28
N THR B 827 22.28 2.51 -34.63
CA THR B 827 21.89 3.82 -34.14
C THR B 827 21.74 3.84 -32.64
N LYS B 854 20.99 10.65 -16.50
CA LYS B 854 21.54 11.66 -17.40
C LYS B 854 22.11 12.82 -16.61
N PHE B 855 21.39 13.21 -15.57
CA PHE B 855 21.76 14.36 -14.74
C PHE B 855 21.52 14.09 -13.27
N ASN B 856 21.30 12.83 -12.90
CA ASN B 856 21.00 12.45 -11.53
C ASN B 856 22.03 11.48 -10.96
N GLY B 857 23.31 11.73 -11.18
CA GLY B 857 24.33 10.80 -10.78
C GLY B 857 24.57 9.67 -11.75
N LEU B 858 23.91 9.69 -12.90
CA LEU B 858 24.11 8.68 -13.93
C LEU B 858 25.20 9.14 -14.87
N THR B 859 26.33 8.45 -14.86
CA THR B 859 27.46 8.82 -15.69
C THR B 859 27.83 7.66 -16.59
N VAL B 860 28.41 7.97 -17.74
CA VAL B 860 28.86 6.98 -18.70
C VAL B 860 30.36 7.10 -18.85
N LEU B 861 31.04 6.10 -18.49
CA LEU B 861 32.49 6.15 -18.59
C LEU B 861 32.95 5.69 -19.96
N PRO B 862 33.85 6.43 -20.60
CA PRO B 862 34.30 6.07 -21.93
C PRO B 862 35.10 4.77 -21.91
N PRO B 863 35.07 4.02 -23.01
CA PRO B 863 35.85 2.79 -23.06
C PRO B 863 37.34 3.08 -23.12
N LEU B 864 38.14 2.11 -22.67
CA LEU B 864 39.58 2.31 -22.63
C LEU B 864 40.17 2.41 -24.04
N LEU B 865 39.74 1.55 -24.95
CA LEU B 865 40.27 1.52 -26.30
C LEU B 865 39.37 2.32 -27.23
N THR B 866 39.95 3.31 -27.90
CA THR B 866 39.19 4.09 -28.85
C THR B 866 38.85 3.24 -30.08
N ASP B 867 37.91 3.74 -30.88
CA ASP B 867 37.50 3.02 -32.06
C ASP B 867 38.64 2.87 -33.05
N GLU B 868 39.48 3.90 -33.17
CA GLU B 868 40.61 3.82 -34.07
C GLU B 868 41.58 2.72 -33.66
N MET B 869 41.77 2.54 -32.36
CA MET B 869 42.63 1.45 -31.89
C MET B 869 42.06 0.09 -32.26
N ILE B 870 40.75 -0.07 -32.12
CA ILE B 870 40.10 -1.31 -32.54
C ILE B 870 40.33 -1.53 -34.03
N ALA B 871 40.21 -0.47 -34.82
CA ALA B 871 40.46 -0.58 -36.25
C ALA B 871 41.89 -1.01 -36.52
N GLN B 872 42.85 -0.49 -35.75
CA GLN B 872 44.23 -0.87 -35.96
C GLN B 872 44.47 -2.34 -35.64
N TYR B 873 43.91 -2.83 -34.54
CA TYR B 873 43.96 -4.27 -34.29
C TYR B 873 43.36 -5.08 -35.43
N THR B 874 42.18 -4.71 -35.91
CA THR B 874 41.59 -5.47 -36.99
C THR B 874 42.46 -5.44 -38.23
N SER B 875 43.03 -4.28 -38.55
CA SER B 875 43.90 -4.18 -39.71
C SER B 875 45.15 -5.05 -39.55
N ALA B 876 45.72 -5.07 -38.36
CA ALA B 876 46.91 -5.88 -38.13
C ALA B 876 46.59 -7.37 -38.27
N LEU B 877 45.47 -7.81 -37.70
CA LEU B 877 45.08 -9.20 -37.85
C LEU B 877 44.87 -9.55 -39.32
N LEU B 878 44.18 -8.68 -40.04
CA LEU B 878 43.89 -8.96 -41.44
C LEU B 878 45.17 -9.02 -42.27
N ALA B 879 46.09 -8.09 -42.04
CA ALA B 879 47.34 -8.09 -42.80
C ALA B 879 48.19 -9.31 -42.48
N GLY B 880 48.26 -9.69 -41.20
CA GLY B 880 48.98 -10.90 -40.86
C GLY B 880 48.39 -12.12 -41.51
N THR B 881 47.06 -12.21 -41.52
CA THR B 881 46.40 -13.35 -42.17
C THR B 881 46.71 -13.38 -43.64
N ILE B 882 46.68 -12.22 -44.30
CA ILE B 882 46.89 -12.19 -45.74
C ILE B 882 48.31 -12.57 -46.10
N THR B 883 49.30 -12.02 -45.39
CA THR B 883 50.67 -12.16 -45.84
C THR B 883 51.49 -13.16 -45.04
N SER B 884 50.89 -13.92 -44.12
CA SER B 884 51.67 -14.85 -43.32
C SER B 884 50.95 -16.16 -43.04
N GLY B 885 49.76 -16.36 -43.58
CA GLY B 885 49.03 -17.58 -43.28
C GLY B 885 48.65 -17.62 -41.81
N TRP B 886 48.73 -18.80 -41.21
CA TRP B 886 48.45 -18.96 -39.80
C TRP B 886 49.70 -18.86 -38.94
N THR B 887 50.86 -18.66 -39.54
CA THR B 887 52.11 -18.77 -38.81
C THR B 887 52.25 -17.69 -37.75
N PHE B 888 51.72 -16.48 -38.01
CA PHE B 888 51.96 -15.39 -37.08
C PHE B 888 51.28 -15.61 -35.74
N GLY B 889 50.38 -16.58 -35.64
CA GLY B 889 49.78 -16.88 -34.35
C GLY B 889 50.69 -17.75 -33.49
N ALA B 890 51.56 -18.52 -34.12
CA ALA B 890 52.42 -19.43 -33.36
C ALA B 890 53.71 -18.76 -32.93
N GLY B 891 54.52 -18.30 -33.88
CA GLY B 891 55.79 -17.69 -33.54
C GLY B 891 56.13 -16.52 -34.42
N ALA B 892 57.35 -16.50 -34.94
CA ALA B 892 57.76 -15.45 -35.86
C ALA B 892 56.98 -15.57 -37.16
N ALA B 893 56.44 -14.44 -37.62
CA ALA B 893 55.60 -14.41 -38.81
C ALA B 893 56.45 -14.73 -40.04
N LEU B 894 55.93 -15.58 -40.90
CA LEU B 894 56.64 -16.03 -42.10
C LEU B 894 55.79 -15.70 -43.31
N GLN B 895 56.41 -15.16 -44.36
CA GLN B 895 55.63 -14.78 -45.53
C GLN B 895 55.54 -15.94 -46.52
N ILE B 896 54.49 -15.92 -47.33
CA ILE B 896 54.19 -16.99 -48.28
C ILE B 896 53.15 -16.48 -49.27
N PRO B 897 53.30 -16.76 -50.56
CA PRO B 897 52.32 -16.26 -51.54
C PRO B 897 50.93 -16.78 -51.27
N PHE B 898 49.92 -15.94 -51.52
CA PHE B 898 48.55 -16.24 -51.11
C PHE B 898 48.03 -17.49 -51.80
N ALA B 899 48.33 -17.67 -53.08
CA ALA B 899 47.88 -18.87 -53.77
C ALA B 899 48.36 -20.12 -53.05
N MET B 900 49.60 -20.10 -52.58
CA MET B 900 50.11 -21.25 -51.84
C MET B 900 49.38 -21.42 -50.51
N GLN B 901 48.97 -20.31 -49.90
CA GLN B 901 48.20 -20.41 -48.67
C GLN B 901 46.88 -21.12 -48.92
N MET B 902 46.20 -20.76 -49.99
CA MET B 902 44.97 -21.49 -50.31
C MET B 902 45.26 -22.94 -50.67
N ALA B 903 46.43 -23.22 -51.24
CA ALA B 903 46.78 -24.62 -51.47
C ALA B 903 46.84 -25.38 -50.17
N TYR B 904 47.46 -24.80 -49.14
CA TYR B 904 47.47 -25.44 -47.83
C TYR B 904 46.07 -25.61 -47.28
N ARG B 905 45.24 -24.56 -47.38
CA ARG B 905 43.88 -24.65 -46.86
C ARG B 905 43.11 -25.78 -47.55
N PHE B 906 43.29 -25.92 -48.86
CA PHE B 906 42.65 -27.01 -49.59
C PHE B 906 43.15 -28.37 -49.09
N ASN B 907 44.46 -28.49 -48.86
CA ASN B 907 44.95 -29.72 -48.24
C ASN B 907 44.30 -29.96 -46.90
N GLY B 908 43.92 -28.89 -46.20
CA GLY B 908 43.35 -29.03 -44.88
C GLY B 908 42.02 -29.73 -44.83
N ILE B 909 41.33 -29.86 -45.96
CA ILE B 909 40.01 -30.49 -46.00
C ILE B 909 39.98 -31.66 -46.97
N GLY B 910 41.10 -32.32 -47.19
CA GLY B 910 41.13 -33.47 -48.07
C GLY B 910 40.85 -33.19 -49.52
N VAL B 911 41.35 -32.07 -50.05
CA VAL B 911 41.30 -31.78 -51.47
C VAL B 911 42.71 -31.48 -51.93
N THR B 912 43.15 -32.18 -52.97
CA THR B 912 44.51 -32.02 -53.45
C THR B 912 44.72 -30.63 -54.03
N GLN B 913 45.93 -30.11 -53.87
CA GLN B 913 46.24 -28.75 -54.29
C GLN B 913 46.14 -28.55 -55.79
N ASN B 914 46.34 -29.61 -56.57
CA ASN B 914 46.20 -29.49 -58.02
C ASN B 914 44.84 -28.93 -58.40
N VAL B 915 43.81 -29.25 -57.62
CA VAL B 915 42.49 -28.68 -57.87
C VAL B 915 42.55 -27.17 -57.83
N LEU B 916 43.17 -26.60 -56.80
CA LEU B 916 43.26 -25.15 -56.70
C LEU B 916 44.08 -24.58 -57.84
N TYR B 917 45.26 -25.15 -58.09
CA TYR B 917 46.14 -24.55 -59.08
C TYR B 917 45.55 -24.63 -60.48
N GLU B 918 44.71 -25.63 -60.74
CA GLU B 918 44.13 -25.76 -62.07
C GLU B 918 42.90 -24.89 -62.24
N ASN B 919 42.38 -24.33 -61.15
CA ASN B 919 41.15 -23.54 -61.22
C ASN B 919 41.29 -22.21 -60.50
N GLN B 920 42.41 -21.52 -60.67
CA GLN B 920 42.67 -20.33 -59.87
C GLN B 920 41.71 -19.20 -60.22
N LYS B 921 41.52 -18.94 -61.52
CA LYS B 921 40.71 -17.80 -61.92
C LYS B 921 39.26 -17.94 -61.49
N LEU B 922 38.68 -19.13 -61.69
CA LEU B 922 37.29 -19.34 -61.30
C LEU B 922 37.10 -19.14 -59.81
N ILE B 923 38.02 -19.68 -59.00
CA ILE B 923 37.91 -19.54 -57.56
C ILE B 923 38.01 -18.07 -57.16
N ALA B 924 38.95 -17.35 -57.78
CA ALA B 924 39.08 -15.94 -57.47
C ALA B 924 37.81 -15.18 -57.79
N ASN B 925 37.21 -15.46 -58.95
CA ASN B 925 35.99 -14.76 -59.32
C ASN B 925 34.85 -15.08 -58.37
N GLN B 926 34.71 -16.34 -57.98
CA GLN B 926 33.67 -16.68 -57.01
C GLN B 926 33.88 -15.95 -55.70
N PHE B 927 35.13 -15.88 -55.25
CA PHE B 927 35.43 -15.19 -53.99
C PHE B 927 35.04 -13.72 -54.08
N ASN B 928 35.42 -13.06 -55.17
CA ASN B 928 35.10 -11.64 -55.32
C ASN B 928 33.60 -11.41 -55.37
N SER B 929 32.89 -12.25 -56.12
CA SER B 929 31.44 -12.10 -56.21
C SER B 929 30.77 -12.32 -54.86
N ALA B 930 31.26 -13.29 -54.09
CA ALA B 930 30.73 -13.49 -52.76
C ALA B 930 30.92 -12.26 -51.89
N ILE B 931 32.09 -11.64 -51.98
CA ILE B 931 32.32 -10.42 -51.21
C ILE B 931 31.33 -9.33 -51.61
N GLY B 932 31.12 -9.15 -52.92
CA GLY B 932 30.17 -8.16 -53.37
C GLY B 932 28.76 -8.42 -52.85
N LYS B 933 28.33 -9.67 -52.92
CA LYS B 933 27.00 -10.01 -52.40
C LYS B 933 26.93 -9.77 -50.90
N ILE B 934 28.01 -9.98 -50.16
CA ILE B 934 28.00 -9.69 -48.74
C ILE B 934 27.73 -8.20 -48.52
N GLN B 935 28.44 -7.36 -49.25
CA GLN B 935 28.19 -5.92 -49.11
C GLN B 935 26.73 -5.59 -49.40
N ASP B 936 26.20 -6.13 -50.50
CA ASP B 936 24.82 -5.81 -50.86
C ASP B 936 23.83 -6.31 -49.81
N SER B 937 24.03 -7.52 -49.31
CA SER B 937 23.13 -8.08 -48.31
C SER B 937 23.14 -7.24 -47.04
N LEU B 938 24.32 -6.81 -46.60
CA LEU B 938 24.37 -5.93 -45.44
C LEU B 938 23.67 -4.61 -45.72
N SER B 939 23.88 -4.03 -46.90
CA SER B 939 23.24 -2.77 -47.23
C SER B 939 21.74 -2.88 -47.46
N SER B 940 21.21 -4.10 -47.61
CA SER B 940 19.81 -4.30 -47.95
C SER B 940 18.90 -4.50 -46.74
N THR B 941 19.30 -5.28 -45.76
CA THR B 941 18.44 -5.62 -44.63
C THR B 941 19.14 -5.23 -43.33
N ALA B 942 18.49 -4.35 -42.55
CA ALA B 942 19.08 -3.90 -41.31
C ALA B 942 18.93 -4.94 -40.20
N SER B 943 17.87 -5.73 -40.24
CA SER B 943 17.56 -6.65 -39.15
C SER B 943 18.68 -7.65 -38.88
N ALA B 944 19.57 -7.88 -39.84
CA ALA B 944 20.71 -8.76 -39.61
C ALA B 944 21.53 -8.33 -38.41
N LEU B 945 21.62 -7.01 -38.16
CA LEU B 945 22.42 -6.50 -37.05
C LEU B 945 21.65 -6.49 -35.74
N GLY B 946 20.45 -7.06 -35.73
CA GLY B 946 19.61 -6.99 -34.56
C GLY B 946 20.31 -7.42 -33.29
N LYS B 947 21.13 -8.47 -33.38
CA LYS B 947 21.85 -8.95 -32.20
C LYS B 947 22.57 -7.82 -31.49
N LEU B 948 23.31 -7.00 -32.22
CA LEU B 948 23.90 -5.82 -31.60
C LEU B 948 22.85 -4.79 -31.22
N GLN B 949 21.96 -4.45 -32.15
CA GLN B 949 21.04 -3.34 -31.91
C GLN B 949 20.22 -3.57 -30.66
N ASP B 950 19.63 -4.75 -30.54
CA ASP B 950 18.86 -5.08 -29.35
C ASP B 950 19.64 -4.79 -28.08
N VAL B 951 20.89 -5.26 -28.02
CA VAL B 951 21.72 -5.00 -26.85
C VAL B 951 21.64 -3.52 -26.47
N VAL B 952 21.97 -2.64 -27.42
CA VAL B 952 21.98 -1.22 -27.11
C VAL B 952 20.63 -0.81 -26.56
N ASN B 953 19.55 -1.17 -27.27
CA ASN B 953 18.22 -0.79 -26.83
C ASN B 953 18.00 -1.19 -25.38
N GLN B 954 18.33 -2.44 -25.05
CA GLN B 954 18.10 -2.92 -23.69
C GLN B 954 18.71 -1.97 -22.68
N ASN B 955 19.99 -1.63 -22.86
CA ASN B 955 20.61 -0.73 -21.90
C ASN B 955 19.85 0.56 -21.79
N ALA B 956 19.58 1.22 -22.93
CA ALA B 956 18.82 2.45 -22.89
C ALA B 956 17.49 2.20 -22.17
N GLN B 957 16.79 1.15 -22.57
CA GLN B 957 15.55 0.77 -21.90
C GLN B 957 15.72 0.84 -20.39
N ALA B 958 16.67 0.07 -19.85
CA ALA B 958 16.85 0.02 -18.41
C ALA B 958 16.97 1.41 -17.83
N LEU B 959 17.86 2.22 -18.41
CA LEU B 959 18.10 3.54 -17.85
C LEU B 959 16.81 4.34 -17.76
N ASN B 960 16.04 4.36 -18.86
CA ASN B 960 14.82 5.12 -18.83
C ASN B 960 13.92 4.66 -17.71
N THR B 961 13.73 3.36 -17.57
CA THR B 961 12.92 2.86 -16.47
C THR B 961 13.43 3.40 -15.16
N LEU B 962 14.73 3.26 -14.92
CA LEU B 962 15.31 3.75 -13.68
C LEU B 962 14.94 5.21 -13.45
N VAL B 963 15.09 6.04 -14.48
CA VAL B 963 14.83 7.46 -14.30
C VAL B 963 13.37 7.70 -13.93
N LYS B 964 12.45 7.00 -14.59
CA LYS B 964 11.04 7.23 -14.28
C LYS B 964 10.71 6.84 -12.87
N GLN B 965 11.52 5.98 -12.26
CA GLN B 965 11.26 5.61 -10.87
C GLN B 965 11.33 6.81 -9.95
N LEU B 966 11.98 7.90 -10.38
CA LEU B 966 12.03 9.09 -9.56
C LEU B 966 10.68 9.78 -9.46
N SER B 967 9.75 9.50 -10.36
CA SER B 967 8.47 10.18 -10.34
C SER B 967 7.40 9.43 -9.58
N SER B 968 7.72 8.30 -8.97
CA SER B 968 6.73 7.53 -8.25
C SER B 968 6.63 7.98 -6.81
N ASN B 969 5.51 7.67 -6.18
CA ASN B 969 5.26 8.09 -4.81
C ASN B 969 5.58 7.02 -3.78
N PHE B 970 5.42 5.76 -4.13
CA PHE B 970 5.64 4.65 -3.20
C PHE B 970 4.83 4.82 -1.93
N GLY B 971 3.67 5.47 -2.04
CA GLY B 971 2.85 5.76 -0.89
C GLY B 971 3.12 7.10 -0.25
N ALA B 972 4.16 7.80 -0.66
CA ALA B 972 4.43 9.12 -0.11
C ALA B 972 3.45 10.14 -0.70
N ILE B 973 3.31 11.26 0.00
CA ILE B 973 2.37 12.29 -0.42
C ILE B 973 2.78 12.93 -1.74
N SER B 974 4.07 12.91 -2.07
CA SER B 974 4.53 13.54 -3.31
C SER B 974 5.85 12.90 -3.70
N SER B 975 6.21 13.04 -4.98
CA SER B 975 7.48 12.49 -5.45
C SER B 975 8.60 13.51 -5.41
N VAL B 976 8.32 14.74 -5.04
CA VAL B 976 9.35 15.77 -4.94
C VAL B 976 9.79 15.88 -3.49
N LEU B 977 11.09 15.65 -3.26
CA LEU B 977 11.61 15.68 -1.91
C LEU B 977 11.45 17.06 -1.27
N ASN B 978 11.75 18.11 -2.04
CA ASN B 978 11.69 19.46 -1.50
C ASN B 978 10.28 19.83 -1.08
N ASP B 979 9.27 19.46 -1.86
CA ASP B 979 7.89 19.79 -1.50
C ASP B 979 7.50 19.14 -0.17
N ILE B 980 7.86 17.89 0.02
CA ILE B 980 7.60 17.24 1.31
C ILE B 980 8.33 17.99 2.42
N LEU B 981 9.59 18.34 2.18
CA LEU B 981 10.35 19.09 3.18
C LEU B 981 9.72 20.43 3.48
N SER B 982 9.05 21.04 2.50
CA SER B 982 8.61 22.42 2.63
C SER B 982 7.16 22.56 3.09
N ARG B 983 6.51 21.47 3.50
CA ARG B 983 5.11 21.56 3.88
C ARG B 983 4.78 20.91 5.21
N LEU B 984 5.65 20.07 5.75
CA LEU B 984 5.32 19.29 6.94
C LEU B 984 6.42 19.40 7.98
N ASP B 985 6.09 18.98 9.20
CA ASP B 985 7.06 19.00 10.28
C ASP B 985 8.11 17.91 10.10
N PRO B 986 9.28 18.08 10.71
CA PRO B 986 10.33 17.06 10.58
C PRO B 986 9.86 15.68 11.01
N PRO B 987 9.07 15.54 12.08
CA PRO B 987 8.62 14.17 12.45
C PRO B 987 7.88 13.45 11.34
N GLU B 988 7.01 14.13 10.59
CA GLU B 988 6.29 13.53 9.49
C GLU B 988 7.11 13.42 8.21
N ALA B 989 7.91 14.44 7.93
CA ALA B 989 8.84 14.37 6.82
C ALA B 989 9.75 13.17 6.96
N GLU B 990 10.09 12.80 8.19
CA GLU B 990 10.93 11.62 8.37
C GLU B 990 10.26 10.37 7.81
N VAL B 991 8.98 10.15 8.13
CA VAL B 991 8.29 8.97 7.63
C VAL B 991 8.17 9.02 6.12
N GLN B 992 7.77 10.18 5.59
CA GLN B 992 7.60 10.27 4.14
C GLN B 992 8.90 10.01 3.40
N ILE B 993 9.98 10.65 3.84
CA ILE B 993 11.27 10.46 3.20
C ILE B 993 11.76 9.05 3.39
N ASP B 994 11.40 8.41 4.51
CA ASP B 994 11.76 7.01 4.69
C ASP B 994 11.11 6.14 3.63
N ARG B 995 9.82 6.36 3.36
CA ARG B 995 9.18 5.59 2.29
C ARG B 995 9.85 5.83 0.95
N LEU B 996 10.13 7.09 0.64
CA LEU B 996 10.77 7.38 -0.65
C LEU B 996 12.13 6.72 -0.76
N ILE B 997 12.92 6.78 0.31
CA ILE B 997 14.26 6.19 0.28
C ILE B 997 14.16 4.69 0.08
N THR B 998 13.25 4.04 0.80
CA THR B 998 13.09 2.60 0.65
C THR B 998 12.78 2.25 -0.79
N GLY B 999 11.78 2.93 -1.36
CA GLY B 999 11.41 2.64 -2.74
C GLY B 999 12.57 2.84 -3.71
N ARG B 1000 13.26 3.97 -3.59
CA ARG B 1000 14.31 4.27 -4.54
C ARG B 1000 15.49 3.31 -4.44
N LEU B 1001 15.93 2.97 -3.23
CA LEU B 1001 17.06 2.05 -3.13
C LEU B 1001 16.65 0.65 -3.56
N GLN B 1002 15.38 0.27 -3.35
CA GLN B 1002 14.93 -0.99 -3.89
C GLN B 1002 15.01 -0.99 -5.42
N SER B 1003 14.63 0.12 -6.03
CA SER B 1003 14.76 0.23 -7.48
C SER B 1003 16.21 0.11 -7.92
N LEU B 1004 17.12 0.76 -7.19
CA LEU B 1004 18.53 0.65 -7.53
C LEU B 1004 19.02 -0.79 -7.45
N GLN B 1005 18.63 -1.51 -6.41
CA GLN B 1005 19.07 -2.90 -6.29
C GLN B 1005 18.54 -3.73 -7.44
N THR B 1006 17.29 -3.52 -7.83
CA THR B 1006 16.74 -4.24 -8.97
C THR B 1006 17.56 -3.97 -10.22
N TYR B 1007 17.88 -2.70 -10.46
CA TYR B 1007 18.64 -2.35 -11.64
C TYR B 1007 20.02 -3.01 -11.62
N VAL B 1008 20.67 -3.00 -10.46
CA VAL B 1008 22.02 -3.56 -10.37
C VAL B 1008 22.00 -5.06 -10.61
N THR B 1009 21.00 -5.75 -10.06
CA THR B 1009 20.91 -7.19 -10.29
C THR B 1009 20.70 -7.50 -11.77
N GLN B 1010 19.81 -6.75 -12.43
CA GLN B 1010 19.62 -6.95 -13.85
C GLN B 1010 20.93 -6.74 -14.60
N GLN B 1011 21.66 -5.69 -14.25
CA GLN B 1011 22.93 -5.43 -14.93
C GLN B 1011 23.91 -6.57 -14.71
N LEU B 1012 23.96 -7.13 -13.49
CA LEU B 1012 24.88 -8.23 -13.24
C LEU B 1012 24.56 -9.42 -14.12
N ILE B 1013 23.28 -9.78 -14.22
CA ILE B 1013 22.91 -10.94 -15.04
C ILE B 1013 23.24 -10.68 -16.50
N ARG B 1014 22.89 -9.50 -17.00
CA ARG B 1014 23.17 -9.19 -18.40
C ARG B 1014 24.67 -9.17 -18.67
N ALA B 1015 25.45 -8.72 -17.70
CA ALA B 1015 26.90 -8.71 -17.86
C ALA B 1015 27.44 -10.13 -17.92
N ALA B 1016 26.88 -11.04 -17.13
CA ALA B 1016 27.30 -12.43 -17.23
C ALA B 1016 27.02 -12.98 -18.62
N GLU B 1017 25.84 -12.67 -19.16
CA GLU B 1017 25.53 -13.11 -20.51
C GLU B 1017 26.54 -12.56 -21.53
N ILE B 1018 26.84 -11.26 -21.43
CA ILE B 1018 27.78 -10.66 -22.36
C ILE B 1018 29.16 -11.29 -22.22
N ARG B 1019 29.56 -11.62 -20.99
CA ARG B 1019 30.85 -12.25 -20.81
C ARG B 1019 30.90 -13.61 -21.49
N ALA B 1020 29.83 -14.39 -21.39
CA ALA B 1020 29.79 -15.65 -22.11
C ALA B 1020 29.94 -15.42 -23.60
N SER B 1021 29.22 -14.43 -24.14
CA SER B 1021 29.32 -14.14 -25.56
C SER B 1021 30.73 -13.73 -25.95
N ALA B 1022 31.38 -12.91 -25.13
CA ALA B 1022 32.72 -12.45 -25.44
C ALA B 1022 33.72 -13.59 -25.41
N ASN B 1023 33.57 -14.51 -24.46
CA ASN B 1023 34.44 -15.67 -24.44
C ASN B 1023 34.27 -16.50 -25.70
N LEU B 1024 33.04 -16.68 -26.16
CA LEU B 1024 32.84 -17.40 -27.41
C LEU B 1024 33.49 -16.66 -28.57
N ALA B 1025 33.37 -15.34 -28.60
CA ALA B 1025 33.97 -14.57 -29.69
C ALA B 1025 35.49 -14.71 -29.68
N ALA B 1026 36.10 -14.65 -28.49
CA ALA B 1026 37.54 -14.80 -28.41
C ALA B 1026 37.98 -16.17 -28.88
N THR B 1027 37.22 -17.20 -28.51
CA THR B 1027 37.55 -18.54 -28.96
C THR B 1027 37.47 -18.64 -30.48
N LYS B 1028 36.44 -18.05 -31.08
CA LYS B 1028 36.32 -18.06 -32.53
C LYS B 1028 37.50 -17.32 -33.17
N MET B 1029 37.88 -16.18 -32.62
CA MET B 1029 39.01 -15.43 -33.15
C MET B 1029 40.28 -16.27 -33.10
N SER B 1030 40.50 -16.97 -31.99
CA SER B 1030 41.73 -17.72 -31.84
C SER B 1030 41.76 -18.93 -32.75
N GLU B 1031 40.67 -19.71 -32.77
CA GLU B 1031 40.67 -21.01 -33.44
C GLU B 1031 40.24 -20.93 -34.90
N CYS B 1032 39.80 -19.76 -35.36
CA CYS B 1032 39.09 -19.77 -36.63
C CYS B 1032 39.68 -18.71 -37.55
N VAL B 1033 40.29 -17.68 -36.97
CA VAL B 1033 40.99 -16.68 -37.76
C VAL B 1033 42.47 -16.99 -37.80
N LEU B 1034 43.05 -17.34 -36.65
CA LEU B 1034 44.48 -17.60 -36.57
C LEU B 1034 44.84 -19.00 -37.01
N GLY B 1035 43.87 -19.82 -37.37
CA GLY B 1035 44.09 -21.16 -37.88
C GLY B 1035 42.90 -21.62 -38.69
N GLN B 1036 42.96 -22.90 -39.07
CA GLN B 1036 41.86 -23.51 -39.80
C GLN B 1036 41.24 -24.59 -38.93
N SER B 1037 39.94 -24.50 -38.71
CA SER B 1037 39.27 -25.34 -37.72
C SER B 1037 38.64 -26.55 -38.38
N LYS B 1038 38.73 -27.69 -37.69
CA LYS B 1038 38.10 -28.93 -38.13
C LYS B 1038 36.75 -29.18 -37.48
N ARG B 1039 36.36 -28.36 -36.51
CA ARG B 1039 35.09 -28.55 -35.83
C ARG B 1039 33.95 -28.26 -36.80
N VAL B 1040 32.92 -29.10 -36.78
CA VAL B 1040 31.84 -28.96 -37.74
C VAL B 1040 30.94 -27.80 -37.34
N ASP B 1041 30.62 -26.95 -38.32
CA ASP B 1041 29.68 -25.84 -38.16
C ASP B 1041 30.11 -24.84 -37.10
N PHE B 1042 31.35 -24.94 -36.61
CA PHE B 1042 31.83 -23.93 -35.68
C PHE B 1042 32.18 -22.64 -36.40
N CYS B 1043 32.53 -22.73 -37.68
CA CYS B 1043 32.95 -21.55 -38.42
C CYS B 1043 32.16 -21.42 -39.72
N GLY B 1044 30.84 -21.51 -39.63
CA GLY B 1044 30.00 -21.43 -40.81
C GLY B 1044 29.71 -22.78 -41.41
N LYS B 1045 28.58 -22.87 -42.10
CA LYS B 1045 28.15 -24.13 -42.66
C LYS B 1045 29.00 -24.49 -43.87
N GLY B 1046 29.53 -25.70 -43.87
CA GLY B 1046 30.43 -26.17 -44.90
C GLY B 1046 31.84 -26.33 -44.35
N TYR B 1047 32.70 -26.90 -45.20
CA TYR B 1047 34.10 -27.10 -44.84
C TYR B 1047 34.76 -25.74 -44.75
N HIS B 1048 35.46 -25.50 -43.64
CA HIS B 1048 36.00 -24.17 -43.37
C HIS B 1048 37.29 -23.95 -44.14
N LEU B 1049 37.42 -22.77 -44.73
CA LEU B 1049 38.66 -22.35 -45.38
C LEU B 1049 39.34 -21.25 -44.58
N MET B 1050 38.65 -20.14 -44.32
CA MET B 1050 39.29 -19.07 -43.56
C MET B 1050 38.25 -18.11 -43.03
N SER B 1051 38.71 -17.05 -42.38
CA SER B 1051 37.80 -16.10 -41.76
C SER B 1051 38.47 -14.74 -41.69
N PHE B 1052 37.64 -13.71 -41.65
CA PHE B 1052 38.10 -12.33 -41.55
C PHE B 1052 37.31 -11.59 -40.48
N PRO B 1053 37.96 -10.83 -39.62
CA PRO B 1053 37.24 -10.06 -38.62
C PRO B 1053 36.96 -8.64 -39.08
N GLN B 1054 35.87 -8.07 -38.56
CA GLN B 1054 35.54 -6.68 -38.75
C GLN B 1054 34.95 -6.14 -37.47
N SER B 1055 35.35 -4.93 -37.09
CA SER B 1055 34.81 -4.34 -35.88
C SER B 1055 33.40 -3.82 -36.11
N ALA B 1056 32.68 -3.60 -35.02
CA ALA B 1056 31.36 -3.01 -35.08
C ALA B 1056 31.05 -2.44 -33.71
N PRO B 1057 30.12 -1.48 -33.61
CA PRO B 1057 29.84 -0.88 -32.32
C PRO B 1057 29.52 -1.91 -31.25
N HIS B 1058 30.41 -2.04 -30.28
CA HIS B 1058 30.27 -3.00 -29.19
C HIS B 1058 30.10 -4.43 -29.71
N GLY B 1059 30.86 -4.81 -30.73
CA GLY B 1059 30.74 -6.17 -31.22
C GLY B 1059 31.69 -6.42 -32.37
N VAL B 1060 31.67 -7.67 -32.82
CA VAL B 1060 32.55 -8.11 -33.90
C VAL B 1060 31.73 -8.85 -34.94
N VAL B 1061 32.21 -8.86 -36.17
CA VAL B 1061 31.56 -9.54 -37.28
C VAL B 1061 32.60 -10.39 -37.99
N PHE B 1062 32.31 -11.68 -38.14
CA PHE B 1062 33.19 -12.60 -38.81
C PHE B 1062 32.64 -12.91 -40.19
N LEU B 1063 33.50 -12.83 -41.20
CA LEU B 1063 33.20 -13.31 -42.54
C LEU B 1063 33.88 -14.66 -42.70
N HIS B 1064 33.09 -15.72 -42.75
CA HIS B 1064 33.61 -17.07 -42.88
C HIS B 1064 33.60 -17.46 -44.34
N VAL B 1065 34.75 -17.83 -44.88
CA VAL B 1065 34.90 -18.31 -46.24
C VAL B 1065 34.99 -19.82 -46.20
N THR B 1066 34.01 -20.49 -46.80
CA THR B 1066 33.86 -21.93 -46.70
C THR B 1066 33.65 -22.55 -48.09
N TYR B 1067 33.76 -23.86 -48.14
CA TYR B 1067 33.73 -24.64 -49.37
C TYR B 1067 32.51 -25.55 -49.34
N VAL B 1068 31.82 -25.68 -50.47
CA VAL B 1068 30.60 -26.47 -50.53
C VAL B 1068 30.58 -27.28 -51.82
N PRO B 1069 30.39 -28.60 -51.77
CA PRO B 1069 30.18 -29.36 -53.02
C PRO B 1069 28.90 -28.92 -53.70
N ALA B 1070 28.90 -28.94 -55.03
CA ALA B 1070 27.81 -28.37 -55.80
C ALA B 1070 27.02 -29.37 -56.63
N GLN B 1071 27.66 -30.08 -57.56
CA GLN B 1071 26.98 -30.97 -58.47
C GLN B 1071 27.49 -32.38 -58.21
N GLU B 1072 26.61 -33.37 -58.26
CA GLU B 1072 27.01 -34.72 -57.89
C GLU B 1072 26.48 -35.73 -58.89
N LYS B 1073 27.18 -36.86 -58.98
CA LYS B 1073 26.81 -37.96 -59.86
C LYS B 1073 26.94 -39.28 -59.11
N ASN B 1074 26.04 -40.21 -59.41
CA ASN B 1074 26.01 -41.49 -58.72
C ASN B 1074 26.85 -42.50 -59.50
N PHE B 1075 27.44 -43.45 -58.79
CA PHE B 1075 28.28 -44.48 -59.36
C PHE B 1075 28.14 -45.77 -58.57
N THR B 1076 28.53 -46.87 -59.19
CA THR B 1076 28.62 -48.15 -58.52
C THR B 1076 29.97 -48.27 -57.83
N THR B 1077 29.94 -48.77 -56.59
CA THR B 1077 31.13 -48.84 -55.76
C THR B 1077 31.31 -50.25 -55.22
N ALA B 1078 32.55 -50.59 -54.88
CA ALA B 1078 32.88 -51.88 -54.31
C ALA B 1078 33.97 -51.68 -53.28
N PRO B 1079 34.03 -52.51 -52.23
CA PRO B 1079 34.98 -52.23 -51.14
C PRO B 1079 36.42 -52.62 -51.44
N ALA B 1080 36.67 -53.50 -52.40
CA ALA B 1080 38.03 -53.94 -52.65
C ALA B 1080 38.11 -54.56 -54.04
N ILE B 1081 39.30 -55.05 -54.38
CA ILE B 1081 39.58 -55.60 -55.70
C ILE B 1081 40.35 -56.91 -55.53
N CYS B 1082 39.95 -57.93 -56.29
CA CYS B 1082 40.74 -59.15 -56.39
C CYS B 1082 41.53 -59.15 -57.69
N HIS B 1083 42.84 -59.29 -57.58
CA HIS B 1083 43.66 -59.34 -58.79
C HIS B 1083 44.30 -60.71 -58.97
N ASP B 1084 44.99 -61.20 -57.94
CA ASP B 1084 45.64 -62.50 -57.97
C ASP B 1084 45.27 -63.35 -56.77
N GLY B 1085 44.02 -63.27 -56.33
CA GLY B 1085 43.60 -63.88 -55.09
C GLY B 1085 43.81 -63.00 -53.88
N LYS B 1086 44.55 -61.91 -54.04
CA LYS B 1086 44.78 -60.98 -52.94
C LYS B 1086 43.84 -59.80 -53.06
N ALA B 1087 43.34 -59.33 -51.92
CA ALA B 1087 42.47 -58.17 -51.88
C ALA B 1087 43.31 -56.93 -52.09
N HIS B 1088 42.67 -55.83 -52.48
CA HIS B 1088 43.32 -54.54 -52.60
C HIS B 1088 42.42 -53.45 -52.02
N PHE B 1089 43.02 -52.56 -51.24
CA PHE B 1089 42.28 -51.46 -50.65
C PHE B 1089 42.97 -50.15 -51.00
N PRO B 1090 42.20 -49.10 -51.28
CA PRO B 1090 42.82 -47.83 -51.67
C PRO B 1090 43.62 -47.24 -50.52
N ARG B 1091 44.75 -46.61 -50.87
CA ARG B 1091 45.46 -45.84 -49.85
C ARG B 1091 44.63 -44.68 -49.37
N GLU B 1092 44.05 -43.92 -50.30
CA GLU B 1092 43.06 -42.92 -49.98
C GLU B 1092 42.17 -42.73 -51.21
N GLY B 1093 40.89 -42.55 -50.97
CA GLY B 1093 39.93 -42.55 -52.04
C GLY B 1093 39.14 -43.83 -52.07
N VAL B 1094 38.20 -43.89 -53.02
CA VAL B 1094 37.30 -45.01 -53.15
C VAL B 1094 37.31 -45.51 -54.59
N PHE B 1095 36.85 -46.75 -54.74
CA PHE B 1095 36.69 -47.38 -56.04
C PHE B 1095 35.31 -47.07 -56.59
N VAL B 1096 35.27 -46.43 -57.74
CA VAL B 1096 34.04 -46.13 -58.43
C VAL B 1096 34.09 -46.83 -59.77
N SER B 1097 32.93 -47.02 -60.39
CA SER B 1097 32.88 -47.60 -61.72
C SER B 1097 31.89 -46.82 -62.56
N ASN B 1098 32.31 -46.46 -63.77
CA ASN B 1098 31.32 -46.18 -64.80
C ASN B 1098 30.98 -47.48 -65.47
N GLY B 1099 29.93 -47.48 -66.28
CA GLY B 1099 29.29 -48.70 -66.70
C GLY B 1099 30.21 -49.82 -67.16
N THR B 1100 31.45 -49.49 -67.52
CA THR B 1100 32.37 -50.49 -68.05
C THR B 1100 33.71 -50.54 -67.30
N HIS B 1101 34.10 -49.43 -66.66
CA HIS B 1101 35.45 -49.32 -66.14
C HIS B 1101 35.46 -48.97 -64.66
N TRP B 1102 36.54 -49.37 -63.99
CA TRP B 1102 36.74 -49.05 -62.59
C TRP B 1102 37.89 -48.05 -62.44
N PHE B 1103 37.75 -47.16 -61.47
CA PHE B 1103 38.76 -46.15 -61.17
C PHE B 1103 38.81 -45.94 -59.66
N VAL B 1104 39.91 -45.37 -59.21
CA VAL B 1104 40.07 -44.93 -57.83
C VAL B 1104 40.11 -43.41 -57.83
N THR B 1105 39.38 -42.80 -56.90
CA THR B 1105 39.30 -41.35 -56.89
C THR B 1105 39.30 -40.84 -55.47
N GLN B 1106 39.64 -39.55 -55.31
CA GLN B 1106 39.54 -38.92 -54.02
C GLN B 1106 38.08 -38.72 -53.65
N ARG B 1107 37.82 -38.53 -52.36
CA ARG B 1107 36.45 -38.63 -51.87
C ARG B 1107 35.62 -37.42 -52.25
N ASN B 1108 36.17 -36.23 -52.12
CA ASN B 1108 35.36 -35.00 -52.16
C ASN B 1108 35.38 -34.31 -53.51
N PHE B 1109 35.96 -34.92 -54.54
CA PHE B 1109 36.01 -34.28 -55.85
C PHE B 1109 36.25 -35.33 -56.92
N TYR B 1110 35.34 -35.44 -57.87
CA TYR B 1110 35.46 -36.48 -58.88
C TYR B 1110 36.72 -36.29 -59.70
N GLU B 1111 37.61 -37.29 -59.67
CA GLU B 1111 38.83 -37.27 -60.47
C GLU B 1111 39.31 -38.70 -60.63
N PRO B 1112 38.85 -39.40 -61.66
CA PRO B 1112 39.17 -40.81 -61.80
C PRO B 1112 40.65 -41.03 -62.07
N GLN B 1113 41.13 -42.21 -61.71
CA GLN B 1113 42.52 -42.58 -61.91
C GLN B 1113 42.61 -44.05 -62.25
N ILE B 1114 43.72 -44.44 -62.88
CA ILE B 1114 43.93 -45.84 -63.19
C ILE B 1114 44.47 -46.57 -61.97
N ILE B 1115 43.92 -47.73 -61.69
CA ILE B 1115 44.27 -48.47 -60.48
C ILE B 1115 45.63 -49.12 -60.67
N THR B 1116 46.63 -48.63 -59.93
CA THR B 1116 47.96 -49.23 -59.91
C THR B 1116 48.34 -49.52 -58.47
N THR B 1117 49.46 -50.20 -58.30
CA THR B 1117 49.92 -50.56 -56.96
C THR B 1117 50.27 -49.35 -56.11
N ASP B 1118 50.63 -48.23 -56.74
CA ASP B 1118 50.86 -46.99 -56.00
C ASP B 1118 49.59 -46.45 -55.37
N ASN B 1119 48.43 -46.88 -55.84
CA ASN B 1119 47.16 -46.44 -55.29
C ASN B 1119 46.65 -47.32 -54.17
N THR B 1120 47.02 -48.60 -54.17
CA THR B 1120 46.39 -49.58 -53.32
C THR B 1120 47.41 -50.29 -52.46
N PHE B 1121 46.92 -51.02 -51.47
CA PHE B 1121 47.73 -51.91 -50.66
C PHE B 1121 46.98 -53.21 -50.42
N VAL B 1122 47.75 -54.27 -50.17
CA VAL B 1122 47.24 -55.63 -50.15
C VAL B 1122 47.12 -56.10 -48.71
N SER B 1123 46.02 -56.80 -48.41
CA SER B 1123 45.80 -57.34 -47.07
C SER B 1123 44.88 -58.54 -47.17
N GLY B 1124 45.42 -59.72 -46.87
CA GLY B 1124 44.60 -60.91 -46.89
C GLY B 1124 44.37 -61.45 -48.29
N ASN B 1125 43.37 -62.32 -48.40
CA ASN B 1125 42.99 -62.91 -49.68
C ASN B 1125 41.51 -62.68 -49.90
N CYS B 1126 40.98 -63.28 -50.97
CA CYS B 1126 39.65 -62.93 -51.46
C CYS B 1126 38.53 -63.68 -50.78
N ASP B 1127 38.80 -64.45 -49.72
CA ASP B 1127 37.80 -65.34 -49.17
C ASP B 1127 36.95 -64.71 -48.08
N VAL B 1128 37.29 -63.52 -47.60
CA VAL B 1128 36.64 -62.94 -46.43
C VAL B 1128 35.84 -61.69 -46.78
N VAL B 1129 36.37 -60.83 -47.62
CA VAL B 1129 35.74 -59.54 -47.89
C VAL B 1129 34.39 -59.77 -48.55
N ILE B 1130 33.35 -59.16 -47.99
CA ILE B 1130 32.00 -59.28 -48.53
C ILE B 1130 31.80 -58.21 -49.58
N GLY B 1131 31.33 -58.61 -50.75
CA GLY B 1131 31.05 -57.66 -51.81
C GLY B 1131 32.24 -57.25 -52.63
N ILE B 1132 33.37 -57.93 -52.49
CA ILE B 1132 34.53 -57.62 -53.30
C ILE B 1132 34.22 -57.86 -54.77
N VAL B 1133 34.77 -57.01 -55.64
CA VAL B 1133 34.57 -57.15 -57.07
C VAL B 1133 35.87 -57.69 -57.64
N ASN B 1134 35.88 -58.05 -58.92
CA ASN B 1134 36.88 -58.98 -59.40
C ASN B 1134 37.51 -58.43 -60.68
N ASN B 1135 38.66 -57.77 -60.55
CA ASN B 1135 39.19 -56.96 -61.64
C ASN B 1135 40.70 -57.08 -61.78
N THR B 1136 41.33 -56.16 -62.51
CA THR B 1136 42.77 -56.20 -62.75
C THR B 1136 43.40 -54.92 -62.25
N VAL B 1137 44.61 -55.06 -61.70
CA VAL B 1137 45.40 -53.93 -61.22
C VAL B 1137 46.66 -53.85 -62.06
N TYR B 1138 46.86 -52.70 -62.70
CA TYR B 1138 48.03 -52.49 -63.55
C TYR B 1138 49.27 -52.29 -62.68
N ASP B 1139 50.42 -52.63 -63.25
CA ASP B 1139 51.70 -52.46 -62.56
C ASP B 1139 52.59 -51.49 -63.34
N PRO B 1140 53.00 -50.38 -62.75
CA PRO B 1140 53.90 -49.46 -63.47
C PRO B 1140 55.22 -50.08 -63.86
N LEU B 1141 55.76 -50.99 -63.05
CA LEU B 1141 57.10 -51.50 -63.29
C LEU B 1141 57.19 -52.38 -64.53
N GLN B 1142 56.18 -53.18 -64.79
CA GLN B 1142 56.24 -54.24 -65.79
C GLN B 1142 56.63 -53.76 -67.18
N PRO B 1143 56.02 -52.71 -67.73
CA PRO B 1143 56.46 -52.22 -69.05
C PRO B 1143 57.91 -51.76 -69.07
N GLU B 1144 58.40 -51.21 -67.95
CA GLU B 1144 59.78 -50.74 -67.91
C GLU B 1144 60.77 -51.87 -68.04
N LEU B 1145 60.59 -52.96 -67.29
CA LEU B 1145 61.45 -54.12 -67.43
C LEU B 1145 61.22 -54.83 -68.76
N ASP B 1146 60.00 -54.79 -69.29
CA ASP B 1146 59.73 -55.36 -70.60
C ASP B 1146 60.50 -54.63 -71.69
N SER B 1147 60.54 -53.30 -71.60
CA SER B 1147 61.26 -52.49 -72.58
C SER B 1147 62.76 -52.66 -72.45
N ALA C 27 1.53 -47.83 39.61
CA ALA C 27 1.58 -48.53 38.34
C ALA C 27 1.80 -47.56 37.19
N TYR C 28 2.50 -48.04 36.16
CA TYR C 28 2.76 -47.26 34.96
C TYR C 28 2.72 -48.18 33.75
N THR C 29 2.54 -47.58 32.57
CA THR C 29 2.57 -48.35 31.34
C THR C 29 2.91 -47.44 30.16
N ASN C 30 3.06 -48.06 29.00
CA ASN C 30 3.56 -47.38 27.80
C ASN C 30 2.38 -46.81 27.02
N SER C 31 2.56 -45.59 26.49
CA SER C 31 1.52 -44.96 25.69
C SER C 31 1.55 -45.42 24.23
N PHE C 32 2.70 -45.83 23.72
CA PHE C 32 2.84 -46.32 22.35
C PHE C 32 2.47 -45.26 21.34
N THR C 33 1.51 -45.57 20.45
CA THR C 33 1.12 -44.66 19.37
C THR C 33 -0.33 -44.23 19.47
N ARG C 34 -0.96 -44.38 20.63
CA ARG C 34 -2.34 -43.98 20.78
C ARG C 34 -2.43 -42.46 20.93
N GLY C 35 -3.64 -41.95 20.73
CA GLY C 35 -3.93 -40.55 20.96
C GLY C 35 -3.78 -39.62 19.78
N VAL C 36 -4.38 -39.96 18.64
CA VAL C 36 -4.34 -39.11 17.45
C VAL C 36 -5.77 -38.74 17.09
N TYR C 37 -6.02 -37.45 16.88
CA TYR C 37 -7.35 -36.95 16.62
C TYR C 37 -7.31 -35.95 15.46
N TYR C 38 -8.43 -35.84 14.76
CA TYR C 38 -8.53 -34.89 13.67
C TYR C 38 -8.54 -33.48 14.23
N PRO C 39 -7.57 -32.63 13.88
CA PRO C 39 -7.50 -31.30 14.50
C PRO C 39 -8.60 -30.35 14.05
N ASP C 40 -9.22 -30.59 12.90
CA ASP C 40 -10.20 -29.67 12.34
C ASP C 40 -11.21 -30.45 11.51
N LYS C 41 -11.95 -29.75 10.67
CA LYS C 41 -12.98 -30.36 9.84
C LYS C 41 -12.66 -30.24 8.35
N VAL C 42 -11.38 -30.08 8.01
CA VAL C 42 -10.94 -29.95 6.63
C VAL C 42 -10.76 -31.34 6.04
N PHE C 43 -11.33 -31.56 4.86
CA PHE C 43 -11.13 -32.81 4.16
C PHE C 43 -9.87 -32.74 3.30
N ARG C 44 -8.99 -33.72 3.45
CA ARG C 44 -7.81 -33.85 2.60
C ARG C 44 -7.73 -35.30 2.15
N SER C 45 -7.12 -35.51 0.99
CA SER C 45 -7.09 -36.85 0.43
C SER C 45 -5.69 -37.16 -0.09
N SER C 46 -5.14 -38.28 0.38
CA SER C 46 -3.86 -38.80 -0.09
C SER C 46 -2.77 -37.75 -0.01
N VAL C 47 -2.47 -37.31 1.21
CA VAL C 47 -1.53 -36.21 1.40
C VAL C 47 -0.95 -36.28 2.81
N LEU C 48 0.29 -35.83 2.94
CA LEU C 48 0.96 -35.72 4.23
C LEU C 48 0.90 -34.26 4.65
N HIS C 49 0.39 -34.00 5.85
CA HIS C 49 0.21 -32.65 6.35
C HIS C 49 0.86 -32.50 7.71
N SER C 50 1.64 -31.42 7.88
CA SER C 50 2.31 -31.14 9.14
C SER C 50 1.46 -30.19 9.95
N THR C 51 1.46 -30.35 11.27
CA THR C 51 0.70 -29.48 12.14
C THR C 51 1.26 -29.52 13.55
N GLN C 52 1.19 -28.38 14.24
CA GLN C 52 1.65 -28.27 15.62
C GLN C 52 0.44 -28.08 16.51
N ASP C 53 0.33 -28.90 17.55
CA ASP C 53 -0.82 -28.85 18.44
C ASP C 53 -0.51 -29.67 19.68
N LEU C 54 -1.48 -29.74 20.59
CA LEU C 54 -1.33 -30.50 21.83
C LEU C 54 -1.66 -31.95 21.53
N PHE C 55 -0.66 -32.82 21.73
CA PHE C 55 -0.81 -34.25 21.48
C PHE C 55 -0.19 -35.03 22.63
N LEU C 56 -0.47 -36.32 22.62
CA LEU C 56 0.20 -37.24 23.53
C LEU C 56 1.47 -37.75 22.89
N PRO C 57 2.65 -37.41 23.41
CA PRO C 57 3.89 -37.84 22.77
C PRO C 57 3.99 -39.36 22.76
N PHE C 58 4.57 -39.89 21.69
CA PHE C 58 4.67 -41.32 21.52
C PHE C 58 5.48 -41.96 22.63
N PHE C 59 5.06 -43.16 23.04
CA PHE C 59 5.81 -44.01 23.95
C PHE C 59 6.08 -43.35 25.30
N SER C 60 5.17 -42.50 25.78
CA SER C 60 5.35 -41.89 27.08
C SER C 60 4.75 -42.77 28.18
N ASN C 61 5.19 -42.53 29.41
CA ASN C 61 4.62 -43.23 30.55
C ASN C 61 3.26 -42.66 30.89
N VAL C 62 2.27 -43.53 31.02
CA VAL C 62 0.91 -43.16 31.38
C VAL C 62 0.48 -43.97 32.59
N THR C 63 -0.48 -43.45 33.33
CA THR C 63 -0.81 -44.03 34.62
C THR C 63 -1.99 -45.00 34.47
N TRP C 64 -1.96 -46.08 35.25
CA TRP C 64 -2.90 -47.17 35.13
C TRP C 64 -3.65 -47.32 36.44
N PHE C 65 -4.97 -47.53 36.36
CA PHE C 65 -5.80 -47.69 37.54
C PHE C 65 -6.73 -48.88 37.38
N HIS C 66 -7.02 -49.54 38.50
CA HIS C 66 -7.89 -50.70 38.54
C HIS C 66 -9.14 -50.39 39.34
N ALA C 67 -10.08 -51.33 39.34
CA ALA C 67 -11.34 -51.19 40.05
C ALA C 67 -11.69 -52.49 40.78
N ILE C 68 -10.71 -53.05 41.47
CA ILE C 68 -10.89 -54.30 42.20
C ILE C 68 -10.33 -54.18 43.60
N HIS C 69 -11.06 -54.74 44.55
CA HIS C 69 -10.64 -54.85 45.96
C HIS C 69 -10.22 -53.52 46.57
N ASP C 80 -10.97 -46.56 43.82
CA ASP C 80 -9.79 -46.12 43.07
C ASP C 80 -10.12 -45.01 42.09
N ASN C 81 -10.69 -43.93 42.60
CA ASN C 81 -11.02 -42.75 41.79
C ASN C 81 -10.54 -41.48 42.48
N PRO C 82 -9.23 -41.26 42.54
CA PRO C 82 -8.73 -40.03 43.15
C PRO C 82 -8.89 -38.85 42.21
N VAL C 83 -8.61 -37.66 42.75
CA VAL C 83 -8.66 -36.42 41.99
C VAL C 83 -7.34 -36.27 41.24
N LEU C 84 -7.43 -36.01 39.93
CA LEU C 84 -6.24 -35.87 39.10
C LEU C 84 -6.19 -34.48 38.48
N PRO C 85 -4.99 -33.89 38.40
CA PRO C 85 -4.87 -32.59 37.74
C PRO C 85 -5.19 -32.69 36.25
N PHE C 86 -5.72 -31.60 35.70
CA PHE C 86 -6.07 -31.54 34.29
C PHE C 86 -4.92 -31.08 33.41
N ASN C 87 -3.97 -30.34 33.97
CA ASN C 87 -2.85 -29.77 33.22
C ASN C 87 -3.37 -29.00 32.01
N ASP C 88 -2.97 -29.41 30.80
CA ASP C 88 -3.36 -28.72 29.59
C ASP C 88 -4.38 -29.51 28.77
N GLY C 89 -4.92 -30.59 29.31
CA GLY C 89 -5.80 -31.47 28.58
C GLY C 89 -5.51 -32.86 29.08
N VAL C 90 -6.41 -33.79 28.79
CA VAL C 90 -6.30 -35.16 29.30
C VAL C 90 -6.66 -36.15 28.21
N TYR C 91 -5.88 -37.21 28.10
CA TYR C 91 -6.24 -38.37 27.30
C TYR C 91 -6.66 -39.49 28.24
N PHE C 92 -7.87 -40.01 28.03
CA PHE C 92 -8.43 -41.04 28.89
C PHE C 92 -8.73 -42.27 28.04
N ALA C 93 -8.47 -43.45 28.59
CA ALA C 93 -8.82 -44.66 27.88
C ALA C 93 -9.43 -45.66 28.86
N SER C 94 -10.49 -46.33 28.44
CA SER C 94 -11.18 -47.25 29.31
C SER C 94 -11.39 -48.58 28.61
N THR C 95 -10.98 -49.65 29.27
CA THR C 95 -11.26 -51.01 28.84
C THR C 95 -12.35 -51.57 29.73
N GLU C 96 -13.41 -52.08 29.11
CA GLU C 96 -14.62 -52.45 29.83
C GLU C 96 -15.12 -53.80 29.37
N LYS C 97 -15.88 -54.44 30.24
CA LYS C 97 -16.71 -55.58 29.87
C LYS C 97 -18.12 -55.51 30.45
N SER C 98 -18.40 -54.62 31.40
CA SER C 98 -19.72 -54.55 32.01
C SER C 98 -20.16 -53.12 32.31
N ASN C 99 -19.56 -52.13 31.66
CA ASN C 99 -19.97 -50.72 31.81
C ASN C 99 -19.89 -50.26 33.27
N ILE C 100 -18.67 -50.25 33.81
CA ILE C 100 -18.48 -49.75 35.17
C ILE C 100 -18.17 -48.25 35.15
N ILE C 101 -17.19 -47.85 34.36
CA ILE C 101 -16.86 -46.44 34.21
C ILE C 101 -18.02 -45.75 33.50
N ARG C 102 -18.60 -44.75 34.15
CA ARG C 102 -19.81 -44.12 33.64
C ARG C 102 -19.86 -42.61 33.76
N GLY C 103 -18.86 -41.97 34.37
CA GLY C 103 -19.01 -40.54 34.53
C GLY C 103 -17.69 -39.81 34.68
N TRP C 104 -17.75 -38.50 34.44
CA TRP C 104 -16.63 -37.59 34.59
C TRP C 104 -17.06 -36.36 35.37
N ILE C 105 -16.13 -35.81 36.14
CA ILE C 105 -16.32 -34.56 36.86
C ILE C 105 -15.12 -33.68 36.61
N PHE C 106 -15.35 -32.41 36.31
CA PHE C 106 -14.29 -31.45 36.02
C PHE C 106 -14.54 -30.16 36.79
N GLY C 107 -13.46 -29.44 37.11
CA GLY C 107 -13.61 -28.16 37.75
C GLY C 107 -12.31 -27.71 38.39
N THR C 108 -12.45 -26.96 39.49
CA THR C 108 -11.32 -26.57 40.32
C THR C 108 -11.52 -26.89 41.78
N THR C 109 -12.75 -26.74 42.29
CA THR C 109 -13.06 -27.03 43.68
C THR C 109 -13.92 -28.26 43.86
N LEU C 110 -14.94 -28.45 43.02
CA LEU C 110 -15.75 -29.68 43.01
C LEU C 110 -16.45 -29.89 44.36
N ASP C 111 -16.93 -28.80 44.95
CA ASP C 111 -17.59 -28.87 46.24
C ASP C 111 -18.82 -27.97 46.30
N SER C 112 -19.49 -27.76 45.17
CA SER C 112 -20.69 -26.95 45.00
C SER C 112 -20.42 -25.46 45.17
N LYS C 113 -19.20 -25.05 45.51
CA LYS C 113 -18.89 -23.63 45.64
C LYS C 113 -18.83 -22.91 44.30
N THR C 114 -18.32 -23.57 43.25
CA THR C 114 -18.27 -22.99 41.92
C THR C 114 -18.76 -24.03 40.92
N GLN C 115 -18.97 -23.57 39.69
CA GLN C 115 -19.51 -24.43 38.64
C GLN C 115 -18.51 -25.52 38.28
N SER C 116 -19.00 -26.76 38.25
CA SER C 116 -18.18 -27.92 37.92
C SER C 116 -18.93 -28.75 36.88
N LEU C 117 -18.24 -29.13 35.82
CA LEU C 117 -18.88 -29.88 34.76
C LEU C 117 -19.06 -31.33 35.19
N LEU C 118 -20.20 -31.92 34.82
CA LEU C 118 -20.54 -33.28 35.19
C LEU C 118 -21.10 -34.00 33.97
N ILE C 119 -20.59 -35.20 33.70
CA ILE C 119 -21.11 -36.07 32.65
C ILE C 119 -21.41 -37.41 33.27
N VAL C 120 -22.61 -37.94 33.02
CA VAL C 120 -23.06 -39.21 33.59
C VAL C 120 -23.77 -40.01 32.50
N ASN C 121 -23.58 -41.33 32.53
CA ASN C 121 -24.35 -42.23 31.67
C ASN C 121 -25.09 -43.20 32.58
N ASN C 122 -26.42 -43.28 32.44
CA ASN C 122 -27.25 -44.18 33.23
C ASN C 122 -28.20 -44.93 32.30
N ALA C 123 -28.05 -46.24 32.22
CA ALA C 123 -28.88 -47.10 31.38
C ALA C 123 -28.80 -46.68 29.91
N THR C 124 -29.82 -45.98 29.43
CA THR C 124 -29.86 -45.50 28.06
C THR C 124 -29.93 -43.97 27.98
N ASN C 125 -29.52 -43.27 29.04
CA ASN C 125 -29.62 -41.82 29.13
C ASN C 125 -28.24 -41.23 29.36
N VAL C 126 -27.96 -40.12 28.68
CA VAL C 126 -26.73 -39.37 28.90
C VAL C 126 -27.09 -38.01 29.46
N VAL C 127 -26.45 -37.64 30.57
CA VAL C 127 -26.77 -36.41 31.29
C VAL C 127 -25.51 -35.56 31.36
N ILE C 128 -25.62 -34.30 30.94
CA ILE C 128 -24.53 -33.34 30.99
C ILE C 128 -25.03 -32.11 31.72
N LYS C 129 -24.27 -31.68 32.73
CA LYS C 129 -24.67 -30.53 33.54
C LYS C 129 -23.45 -29.71 33.90
N VAL C 130 -23.68 -28.44 34.24
CA VAL C 130 -22.61 -27.56 34.68
C VAL C 130 -22.97 -27.01 36.05
N CYS C 131 -23.90 -27.68 36.72
CA CYS C 131 -24.43 -27.20 37.99
C CYS C 131 -23.38 -27.33 39.09
N GLU C 132 -23.55 -26.51 40.13
CA GLU C 132 -22.69 -26.54 41.31
C GLU C 132 -23.21 -27.59 42.28
N PHE C 133 -23.21 -28.84 41.81
CA PHE C 133 -23.66 -29.95 42.64
C PHE C 133 -22.72 -30.12 43.83
N GLN C 134 -23.30 -30.50 44.97
CA GLN C 134 -22.51 -30.82 46.15
C GLN C 134 -22.00 -32.25 46.01
N PHE C 135 -20.77 -32.38 45.52
CA PHE C 135 -20.17 -33.68 45.29
C PHE C 135 -19.86 -34.35 46.63
N CYS C 136 -19.84 -35.68 46.61
CA CYS C 136 -19.50 -36.44 47.80
C CYS C 136 -18.00 -36.42 48.03
N ASN C 137 -17.58 -36.96 49.19
CA ASN C 137 -16.16 -37.15 49.42
C ASN C 137 -15.56 -38.11 48.39
N ASP C 138 -16.21 -39.24 48.16
CA ASP C 138 -15.79 -40.19 47.14
C ASP C 138 -17.04 -40.57 46.34
N PRO C 139 -17.51 -39.69 45.47
CA PRO C 139 -18.77 -39.94 44.75
C PRO C 139 -18.66 -41.17 43.86
N PHE C 140 -19.77 -41.89 43.73
CA PHE C 140 -19.84 -43.03 42.83
C PHE C 140 -21.31 -43.32 42.53
N LEU C 141 -21.54 -44.40 41.81
CA LEU C 141 -22.86 -44.80 41.37
C LEU C 141 -23.18 -46.20 41.88
N GLY C 142 -24.40 -46.38 42.39
CA GLY C 142 -24.83 -47.68 42.87
C GLY C 142 -25.30 -48.58 41.74
N VAL C 143 -25.84 -49.73 42.13
CA VAL C 143 -26.37 -50.69 41.18
C VAL C 143 -27.82 -51.03 41.53
N ASN C 165 -26.97 -22.67 40.21
CA ASN C 165 -26.56 -21.67 39.23
C ASN C 165 -26.14 -22.33 37.92
N CYS C 166 -26.97 -23.26 37.45
CA CYS C 166 -26.69 -24.00 36.23
C CYS C 166 -26.75 -23.06 35.03
N THR C 167 -25.77 -23.20 34.14
CA THR C 167 -25.71 -22.40 32.92
C THR C 167 -25.87 -23.23 31.66
N PHE C 168 -26.09 -24.54 31.79
CA PHE C 168 -26.25 -25.42 30.64
C PHE C 168 -26.69 -26.79 31.15
N GLU C 169 -27.44 -27.51 30.33
CA GLU C 169 -27.84 -28.86 30.66
C GLU C 169 -28.31 -29.56 29.40
N TYR C 170 -27.92 -30.82 29.25
CA TYR C 170 -28.33 -31.62 28.10
C TYR C 170 -28.70 -33.02 28.56
N VAL C 171 -29.78 -33.55 27.99
CA VAL C 171 -30.25 -34.91 28.25
C VAL C 171 -30.70 -35.51 26.93
N SER C 172 -30.43 -36.79 26.74
CA SER C 172 -30.91 -37.49 25.56
C SER C 172 -32.16 -38.30 25.87
N PHE C 186 -11.44 -57.74 29.33
CA PHE C 186 -12.26 -56.63 28.87
C PHE C 186 -12.69 -56.82 27.43
N LYS C 187 -13.71 -56.08 27.00
CA LYS C 187 -14.28 -56.28 25.67
C LYS C 187 -14.37 -55.03 24.82
N ASN C 188 -14.63 -53.87 25.41
CA ASN C 188 -14.77 -52.62 24.67
C ASN C 188 -13.71 -51.64 25.12
N LEU C 189 -12.98 -51.07 24.18
CA LEU C 189 -12.03 -50.01 24.46
C LEU C 189 -12.61 -48.69 23.95
N ARG C 190 -12.73 -47.72 24.85
CA ARG C 190 -13.24 -46.40 24.49
C ARG C 190 -12.19 -45.37 24.86
N GLU C 191 -11.76 -44.60 23.87
CA GLU C 191 -10.76 -43.56 24.07
C GLU C 191 -11.42 -42.20 23.96
N PHE C 192 -11.01 -41.29 24.84
CA PHE C 192 -11.55 -39.94 24.88
C PHE C 192 -10.41 -38.95 25.05
N VAL C 193 -10.60 -37.76 24.51
CA VAL C 193 -9.66 -36.65 24.67
C VAL C 193 -10.46 -35.43 25.08
N PHE C 194 -10.00 -34.77 26.15
CA PHE C 194 -10.68 -33.59 26.68
C PHE C 194 -9.69 -32.43 26.70
N LYS C 195 -10.11 -31.28 26.18
CA LYS C 195 -9.27 -30.09 26.29
C LYS C 195 -10.10 -28.81 26.21
N ASN C 196 -9.66 -27.80 26.95
CA ASN C 196 -10.32 -26.50 27.00
C ASN C 196 -9.50 -25.50 26.20
N ILE C 197 -10.14 -24.83 25.26
CA ILE C 197 -9.52 -23.78 24.46
C ILE C 197 -10.51 -22.64 24.30
N ASP C 198 -10.16 -21.46 24.82
CA ASP C 198 -10.93 -20.24 24.61
C ASP C 198 -12.38 -20.40 25.04
N GLY C 199 -12.58 -21.06 26.17
CA GLY C 199 -13.91 -21.27 26.70
C GLY C 199 -14.67 -22.40 26.06
N TYR C 200 -14.08 -23.12 25.12
CA TYR C 200 -14.72 -24.25 24.48
C TYR C 200 -14.12 -25.53 25.04
N PHE C 201 -14.96 -26.38 25.61
CA PHE C 201 -14.58 -27.70 26.07
C PHE C 201 -14.77 -28.66 24.90
N LYS C 202 -13.67 -29.22 24.41
CA LYS C 202 -13.69 -30.11 23.27
C LYS C 202 -13.51 -31.54 23.74
N ILE C 203 -14.42 -32.41 23.30
CA ILE C 203 -14.43 -33.83 23.65
C ILE C 203 -14.41 -34.62 22.36
N TYR C 204 -13.37 -35.44 22.20
CA TYR C 204 -13.18 -36.28 21.04
C TYR C 204 -13.20 -37.73 21.53
N SER C 205 -13.66 -38.66 20.69
CA SER C 205 -13.76 -40.02 21.21
C SER C 205 -13.68 -41.03 20.07
N LYS C 206 -13.53 -42.29 20.47
CA LYS C 206 -13.48 -43.41 19.53
C LYS C 206 -13.73 -44.72 20.28
N HIS C 207 -14.60 -45.55 19.74
CA HIS C 207 -14.92 -46.86 20.30
C HIS C 207 -14.24 -47.94 19.48
N THR C 208 -14.01 -49.10 20.10
CA THR C 208 -13.51 -50.26 19.39
C THR C 208 -13.72 -51.52 20.20
N PRO C 209 -13.84 -52.68 19.55
CA PRO C 209 -13.89 -53.95 20.31
C PRO C 209 -12.49 -54.49 20.55
N ILE C 210 -12.30 -55.07 21.73
CA ILE C 210 -11.01 -55.64 22.12
C ILE C 210 -11.24 -56.99 22.79
N ASN C 211 -10.19 -57.84 22.74
CA ASN C 211 -10.16 -59.11 23.44
C ASN C 211 -8.83 -59.21 24.18
N LEU C 212 -8.79 -58.63 25.38
CA LEU C 212 -7.55 -58.56 26.15
C LEU C 212 -7.89 -58.04 27.54
N VAL C 213 -7.02 -58.34 28.50
CA VAL C 213 -7.22 -57.90 29.88
C VAL C 213 -5.95 -57.26 30.46
N ARG C 214 -4.82 -57.41 29.78
CA ARG C 214 -3.56 -57.01 30.38
C ARG C 214 -3.32 -55.52 30.30
N ASP C 215 -3.19 -54.98 29.09
CA ASP C 215 -2.74 -53.60 28.94
C ASP C 215 -3.36 -53.02 27.67
N LEU C 216 -2.96 -51.78 27.36
CA LEU C 216 -3.48 -51.10 26.19
C LEU C 216 -2.97 -51.79 24.93
N PRO C 217 -3.85 -52.25 24.04
CA PRO C 217 -3.38 -52.87 22.80
C PRO C 217 -2.57 -51.88 21.98
N GLN C 218 -1.53 -52.39 21.34
CA GLN C 218 -0.63 -51.54 20.58
C GLN C 218 -1.07 -51.48 19.12
N GLY C 219 -1.51 -50.30 18.71
CA GLY C 219 -2.01 -50.11 17.37
C GLY C 219 -2.33 -48.65 17.14
N PHE C 220 -2.83 -48.37 15.94
CA PHE C 220 -3.09 -47.00 15.52
C PHE C 220 -4.59 -46.79 15.34
N SER C 221 -5.10 -45.67 15.85
CA SER C 221 -6.51 -45.34 15.73
C SER C 221 -6.67 -43.83 15.81
N ALA C 222 -7.39 -43.26 14.86
CA ALA C 222 -7.66 -41.83 14.83
C ALA C 222 -8.95 -41.51 15.56
N LEU C 223 -9.04 -40.30 16.09
CA LEU C 223 -10.18 -39.87 16.87
C LEU C 223 -10.87 -38.70 16.17
N GLU C 224 -12.18 -38.79 16.02
CA GLU C 224 -12.91 -37.69 15.40
C GLU C 224 -13.73 -36.94 16.45
N PRO C 225 -13.96 -35.65 16.22
CA PRO C 225 -14.62 -34.84 17.25
C PRO C 225 -16.07 -35.23 17.45
N LEU C 226 -16.54 -35.06 18.68
CA LEU C 226 -17.97 -35.16 18.98
C LEU C 226 -18.55 -33.90 19.59
N VAL C 227 -17.93 -33.34 20.62
CA VAL C 227 -18.64 -32.37 21.44
C VAL C 227 -17.82 -31.10 21.61
N ASP C 228 -18.47 -29.95 21.44
CA ASP C 228 -17.90 -28.65 21.78
C ASP C 228 -18.91 -27.95 22.68
N LEU C 229 -18.53 -27.70 23.92
CA LEU C 229 -19.39 -26.99 24.85
C LEU C 229 -18.82 -25.62 25.15
N PRO C 230 -19.50 -24.55 24.79
CA PRO C 230 -18.98 -23.19 25.05
C PRO C 230 -19.29 -22.70 26.47
N ILE C 231 -18.56 -23.26 27.44
CA ILE C 231 -18.87 -22.94 28.83
C ILE C 231 -17.95 -21.86 29.39
N GLY C 232 -16.66 -21.90 29.08
CA GLY C 232 -15.74 -20.92 29.61
C GLY C 232 -15.35 -21.13 31.06
N ILE C 233 -15.56 -22.33 31.59
CA ILE C 233 -15.23 -22.64 32.98
C ILE C 233 -13.73 -22.87 33.09
N ASN C 234 -13.09 -22.15 34.00
CA ASN C 234 -11.68 -22.38 34.31
C ASN C 234 -11.58 -23.69 35.07
N ILE C 235 -10.84 -24.65 34.52
CA ILE C 235 -10.77 -26.00 35.06
C ILE C 235 -9.31 -26.33 35.34
N THR C 236 -9.05 -26.95 36.50
CA THR C 236 -7.71 -27.41 36.85
C THR C 236 -7.65 -28.87 37.25
N ARG C 237 -8.74 -29.46 37.72
CA ARG C 237 -8.74 -30.82 38.23
C ARG C 237 -9.97 -31.56 37.75
N PHE C 238 -9.92 -32.88 37.86
CA PHE C 238 -11.03 -33.72 37.43
C PHE C 238 -10.98 -35.05 38.18
N GLN C 239 -11.99 -35.88 37.92
CA GLN C 239 -12.13 -37.16 38.59
C GLN C 239 -13.12 -38.02 37.82
N THR C 240 -13.02 -39.33 38.00
CA THR C 240 -13.87 -40.27 37.29
C THR C 240 -14.97 -40.78 38.20
N LEU C 241 -15.94 -41.48 37.58
CA LEU C 241 -17.11 -42.00 38.27
C LEU C 241 -17.39 -43.39 37.76
N LEU C 242 -17.27 -44.38 38.63
CA LEU C 242 -17.41 -45.79 38.30
C LEU C 242 -18.77 -46.29 38.75
N ALA C 243 -19.00 -47.59 38.55
CA ALA C 243 -20.20 -48.26 39.04
C ALA C 243 -19.78 -49.29 40.08
N LEU C 244 -20.25 -49.12 41.32
CA LEU C 244 -19.89 -49.99 42.42
C LEU C 244 -21.09 -50.78 42.90
N HIS C 245 -20.95 -52.10 42.92
CA HIS C 245 -22.02 -52.99 43.33
C HIS C 245 -22.22 -52.95 44.84
N ALA C 263 -12.27 -53.41 36.22
CA ALA C 263 -12.49 -52.28 35.33
C ALA C 263 -11.31 -51.32 35.36
N ALA C 264 -10.33 -51.58 34.50
CA ALA C 264 -9.13 -50.75 34.46
C ALA C 264 -9.34 -49.54 33.56
N TYR C 265 -8.49 -48.53 33.75
CA TYR C 265 -8.45 -47.40 32.83
C TYR C 265 -7.08 -46.75 32.91
N TYR C 266 -6.81 -45.87 31.94
CA TYR C 266 -5.50 -45.29 31.76
C TYR C 266 -5.62 -43.79 31.52
N VAL C 267 -4.63 -43.05 32.03
CA VAL C 267 -4.62 -41.60 31.98
C VAL C 267 -3.29 -41.12 31.41
N GLY C 268 -3.34 -40.13 30.51
CA GLY C 268 -2.16 -39.48 29.99
C GLY C 268 -2.40 -37.99 29.78
N TYR C 269 -1.30 -37.28 29.55
CA TYR C 269 -1.33 -35.82 29.47
C TYR C 269 -0.72 -35.35 28.16
N LEU C 270 -1.20 -34.20 27.69
CA LEU C 270 -0.83 -33.68 26.39
C LEU C 270 0.27 -32.62 26.50
N GLN C 271 0.96 -32.40 25.40
CA GLN C 271 2.05 -31.44 25.28
C GLN C 271 2.03 -30.80 23.91
N PRO C 272 2.60 -29.59 23.77
CA PRO C 272 2.63 -28.93 22.46
C PRO C 272 3.67 -29.51 21.51
N ARG C 273 3.30 -30.54 20.77
CA ARG C 273 4.21 -31.20 19.86
C ARG C 273 3.84 -30.92 18.40
N THR C 274 4.78 -31.18 17.51
CA THR C 274 4.56 -31.07 16.08
C THR C 274 4.50 -32.47 15.49
N PHE C 275 3.48 -32.71 14.67
CA PHE C 275 3.19 -34.02 14.13
C PHE C 275 3.08 -33.94 12.62
N LEU C 276 3.29 -35.08 11.96
CA LEU C 276 2.98 -35.24 10.55
C LEU C 276 1.87 -36.29 10.46
N LEU C 277 0.83 -35.99 9.68
CA LEU C 277 -0.34 -36.84 9.57
C LEU C 277 -0.50 -37.29 8.13
N LYS C 278 -1.02 -38.50 7.94
CA LYS C 278 -1.23 -39.04 6.60
C LYS C 278 -2.73 -39.19 6.36
N TYR C 279 -3.22 -38.57 5.29
CA TYR C 279 -4.61 -38.68 4.89
C TYR C 279 -4.70 -39.59 3.68
N ASN C 280 -5.53 -40.63 3.78
CA ASN C 280 -5.71 -41.55 2.66
C ASN C 280 -6.74 -40.97 1.68
N GLU C 281 -7.17 -41.79 0.74
CA GLU C 281 -8.09 -41.33 -0.30
C GLU C 281 -9.45 -40.94 0.26
N ASN C 282 -9.96 -41.69 1.23
CA ASN C 282 -11.27 -41.42 1.81
C ASN C 282 -11.23 -40.33 2.86
N GLY C 283 -10.09 -39.67 3.04
CA GLY C 283 -9.98 -38.62 4.03
C GLY C 283 -9.75 -39.09 5.44
N THR C 284 -9.28 -40.31 5.62
CA THR C 284 -9.09 -40.89 6.94
C THR C 284 -7.61 -40.90 7.30
N ILE C 285 -7.29 -40.45 8.52
CA ILE C 285 -5.92 -40.48 9.00
C ILE C 285 -5.53 -41.94 9.23
N THR C 286 -4.48 -42.38 8.54
CA THR C 286 -4.02 -43.76 8.66
C THR C 286 -2.71 -43.90 9.41
N ASP C 287 -1.91 -42.85 9.50
CA ASP C 287 -0.64 -42.93 10.20
C ASP C 287 -0.17 -41.52 10.57
N ALA C 288 0.76 -41.47 11.51
CA ALA C 288 1.28 -40.22 12.02
C ALA C 288 2.72 -40.40 12.46
N VAL C 289 3.46 -39.30 12.54
CA VAL C 289 4.84 -39.30 12.99
C VAL C 289 5.04 -38.14 13.96
N ASP C 290 5.58 -38.46 15.14
CA ASP C 290 6.06 -37.44 16.08
C ASP C 290 7.38 -36.89 15.55
N CYS C 291 7.43 -35.58 15.40
CA CYS C 291 8.63 -34.95 14.88
C CYS C 291 9.81 -35.06 15.86
N ALA C 292 9.59 -34.70 17.11
CA ALA C 292 10.67 -34.66 18.09
C ALA C 292 10.64 -35.91 18.95
N LEU C 293 11.11 -37.03 18.40
CA LEU C 293 11.23 -38.25 19.17
C LEU C 293 12.62 -38.86 19.04
N ASP C 294 13.18 -38.78 17.84
CA ASP C 294 14.46 -39.39 17.53
C ASP C 294 14.94 -38.85 16.18
N PRO C 295 16.22 -39.03 15.85
CA PRO C 295 16.73 -38.45 14.60
C PRO C 295 15.96 -38.87 13.37
N LEU C 296 15.56 -40.14 13.29
CA LEU C 296 14.86 -40.61 12.10
C LEU C 296 13.55 -39.87 11.92
N SER C 297 12.84 -39.63 13.02
CA SER C 297 11.57 -38.90 12.94
C SER C 297 11.79 -37.47 12.48
N GLU C 298 12.83 -36.81 12.98
CA GLU C 298 13.12 -35.45 12.53
C GLU C 298 13.44 -35.43 11.04
N THR C 299 14.20 -36.43 10.58
CA THR C 299 14.49 -36.52 9.16
C THR C 299 13.21 -36.67 8.35
N LYS C 300 12.30 -37.54 8.81
CA LYS C 300 11.04 -37.70 8.11
C LYS C 300 10.25 -36.40 8.07
N CYS C 301 10.21 -35.69 9.19
CA CYS C 301 9.48 -34.43 9.23
C CYS C 301 10.07 -33.40 8.28
N THR C 302 11.40 -33.36 8.19
CA THR C 302 12.04 -32.36 7.33
C THR C 302 11.70 -32.60 5.86
N LEU C 303 11.70 -33.86 5.43
CA LEU C 303 11.51 -34.18 4.02
C LEU C 303 10.04 -34.31 3.62
N LYS C 304 9.12 -34.25 4.58
CA LYS C 304 7.69 -34.43 4.30
C LYS C 304 7.44 -35.75 3.59
N SER C 305 7.96 -36.84 4.17
CA SER C 305 7.80 -38.15 3.59
C SER C 305 7.86 -39.22 4.66
N PHE C 306 7.30 -40.38 4.35
CA PHE C 306 7.41 -41.55 5.21
C PHE C 306 8.53 -42.49 4.77
N THR C 307 9.14 -42.24 3.63
CA THR C 307 10.23 -43.06 3.13
C THR C 307 11.43 -42.16 2.85
N VAL C 308 12.55 -42.47 3.48
CA VAL C 308 13.75 -41.66 3.38
C VAL C 308 14.81 -42.46 2.62
N GLU C 309 15.35 -41.85 1.57
CA GLU C 309 16.38 -42.53 0.79
C GLU C 309 17.73 -42.43 1.49
N LYS C 310 18.62 -43.33 1.10
CA LYS C 310 19.98 -43.32 1.63
C LYS C 310 20.66 -41.98 1.38
N GLY C 311 21.30 -41.45 2.40
CA GLY C 311 22.01 -40.20 2.26
C GLY C 311 22.22 -39.57 3.63
N ILE C 312 22.57 -38.29 3.59
CA ILE C 312 22.79 -37.48 4.78
C ILE C 312 21.99 -36.20 4.64
N TYR C 313 21.30 -35.80 5.71
CA TYR C 313 20.43 -34.64 5.68
C TYR C 313 20.69 -33.77 6.90
N GLN C 314 20.46 -32.47 6.75
CA GLN C 314 20.63 -31.52 7.84
C GLN C 314 19.27 -31.24 8.47
N THR C 315 19.19 -31.31 9.79
CA THR C 315 17.92 -31.16 10.48
C THR C 315 17.83 -29.93 11.35
N SER C 316 18.73 -29.76 12.32
CA SER C 316 18.51 -28.73 13.34
C SER C 316 19.85 -28.27 13.88
N ASN C 317 19.80 -27.54 15.00
CA ASN C 317 20.99 -26.94 15.59
C ASN C 317 21.06 -27.29 17.06
N PHE C 318 22.27 -27.48 17.55
CA PHE C 318 22.50 -27.87 18.93
C PHE C 318 23.11 -26.71 19.70
N ARG C 319 22.47 -26.32 20.80
CA ARG C 319 22.97 -25.23 21.63
C ARG C 319 23.01 -25.67 23.08
N VAL C 320 24.07 -25.28 23.77
CA VAL C 320 24.17 -25.58 25.20
C VAL C 320 23.36 -24.57 25.98
N GLN C 321 22.48 -25.05 26.80
CA GLN C 321 21.62 -24.11 27.51
C GLN C 321 22.34 -23.45 28.68
N PRO C 322 21.93 -22.25 29.05
CA PRO C 322 22.51 -21.60 30.22
C PRO C 322 22.19 -22.37 31.50
N THR C 323 23.15 -22.39 32.41
CA THR C 323 22.99 -23.11 33.66
C THR C 323 22.37 -22.26 34.75
N GLU C 324 22.76 -20.99 34.87
CA GLU C 324 22.25 -20.12 35.92
C GLU C 324 22.42 -18.67 35.47
N SER C 325 21.87 -17.76 36.28
CA SER C 325 21.94 -16.33 35.99
C SER C 325 22.87 -15.63 36.98
N ILE C 326 23.74 -14.79 36.43
CA ILE C 326 24.68 -14.01 37.23
C ILE C 326 24.29 -12.55 37.10
N VAL C 327 23.94 -11.92 38.21
CA VAL C 327 23.60 -10.51 38.26
C VAL C 327 24.67 -9.80 39.06
N ARG C 328 25.29 -8.79 38.46
CA ARG C 328 26.42 -8.10 39.07
C ARG C 328 26.19 -6.60 39.00
N PHE C 329 26.35 -5.92 40.12
CA PHE C 329 26.11 -4.49 40.23
C PHE C 329 27.13 -3.88 41.19
N PRO C 330 27.39 -2.58 41.07
CA PRO C 330 28.27 -1.92 42.05
C PRO C 330 27.61 -1.80 43.41
N ASN C 331 28.40 -1.63 44.46
CA ASN C 331 27.89 -1.56 45.82
C ASN C 331 27.66 -0.10 46.20
N ILE C 332 26.42 0.23 46.54
CA ILE C 332 26.05 1.57 46.95
C ILE C 332 24.70 1.51 47.66
N THR C 333 24.46 2.46 48.57
CA THR C 333 23.26 2.41 49.41
C THR C 333 22.50 3.73 49.40
N ASN C 334 23.10 4.78 48.84
CA ASN C 334 22.48 6.10 48.84
C ASN C 334 21.15 6.07 48.09
N LEU C 335 20.17 6.80 48.59
CA LEU C 335 18.87 6.91 47.92
C LEU C 335 18.77 8.25 47.22
N CYS C 336 18.26 8.23 46.00
CA CYS C 336 18.21 9.44 45.18
C CYS C 336 17.22 10.43 45.78
N PRO C 337 17.62 11.67 46.01
CA PRO C 337 16.76 12.61 46.73
C PRO C 337 15.58 13.10 45.89
N PHE C 338 14.69 12.18 45.52
CA PHE C 338 13.52 12.57 44.75
C PHE C 338 12.48 13.28 45.60
N GLY C 339 12.50 13.07 46.91
CA GLY C 339 11.64 13.86 47.78
C GLY C 339 11.93 15.34 47.69
N GLU C 340 13.20 15.70 47.50
CA GLU C 340 13.54 17.09 47.27
C GLU C 340 12.84 17.65 46.04
N VAL C 341 12.85 16.90 44.94
CA VAL C 341 12.26 17.39 43.69
C VAL C 341 10.75 17.27 43.69
N PHE C 342 10.23 16.09 44.06
CA PHE C 342 8.81 15.86 43.98
C PHE C 342 8.04 16.58 45.08
N ASN C 343 8.67 16.84 46.22
CA ASN C 343 8.03 17.56 47.31
C ASN C 343 8.62 18.94 47.53
N ALA C 344 9.18 19.55 46.48
CA ALA C 344 9.70 20.89 46.59
C ALA C 344 8.57 21.89 46.84
N THR C 345 8.82 22.83 47.75
CA THR C 345 7.78 23.79 48.12
C THR C 345 7.53 24.78 46.99
N ARG C 346 8.59 25.33 46.40
CA ARG C 346 8.47 26.36 45.38
C ARG C 346 9.00 25.83 44.06
N PHE C 347 8.24 26.07 43.00
CA PHE C 347 8.62 25.64 41.66
C PHE C 347 8.98 26.85 40.80
N ALA C 348 9.94 26.65 39.89
CA ALA C 348 10.40 27.73 39.05
C ALA C 348 9.44 27.98 37.89
N SER C 349 9.62 29.13 37.24
CA SER C 349 8.80 29.46 36.08
C SER C 349 9.23 28.62 34.88
N VAL C 350 8.37 28.58 33.86
CA VAL C 350 8.64 27.74 32.71
C VAL C 350 9.82 28.29 31.90
N TYR C 351 9.90 29.60 31.73
CA TYR C 351 11.01 30.17 30.98
C TYR C 351 12.32 30.05 31.76
N ALA C 352 12.23 29.90 33.07
CA ALA C 352 13.38 29.69 33.94
C ALA C 352 13.31 28.31 34.59
N TRP C 353 12.97 27.30 33.78
CA TRP C 353 12.76 25.95 34.29
C TRP C 353 13.96 25.46 35.06
N ASN C 354 13.70 24.86 36.22
CA ASN C 354 14.78 24.42 37.10
C ASN C 354 15.35 23.10 36.62
N ARG C 355 16.67 22.98 36.67
CA ARG C 355 17.36 21.75 36.32
C ARG C 355 18.19 21.29 37.51
N LYS C 356 18.12 20.00 37.82
CA LYS C 356 18.92 19.39 38.86
C LYS C 356 19.53 18.11 38.30
N ARG C 357 20.74 17.78 38.72
CA ARG C 357 21.39 16.56 38.29
C ARG C 357 21.52 15.58 39.45
N ILE C 358 21.17 14.33 39.20
CA ILE C 358 21.17 13.29 40.21
C ILE C 358 22.10 12.17 39.77
N SER C 359 22.98 11.76 40.68
CA SER C 359 23.91 10.67 40.44
C SER C 359 24.32 10.08 41.79
N ASN C 360 24.91 8.89 41.74
CA ASN C 360 25.47 8.23 42.91
C ASN C 360 24.41 8.00 43.99
N CYS C 361 23.40 7.22 43.63
CA CYS C 361 22.35 6.85 44.58
C CYS C 361 21.61 5.64 44.03
N VAL C 362 20.58 5.21 44.75
CA VAL C 362 19.73 4.10 44.34
C VAL C 362 18.29 4.59 44.40
N ALA C 363 17.54 4.35 43.34
CA ALA C 363 16.19 4.88 43.21
C ALA C 363 15.21 3.75 42.92
N ASP C 364 14.06 3.78 43.58
CA ASP C 364 12.97 2.86 43.26
C ASP C 364 11.90 3.61 42.46
N TYR C 365 12.11 3.62 41.14
CA TYR C 365 11.22 4.35 40.25
C TYR C 365 9.80 3.78 40.30
N SER C 366 9.67 2.51 40.65
CA SER C 366 8.34 1.90 40.75
C SER C 366 7.50 2.58 41.82
N VAL C 367 8.15 3.01 42.91
CA VAL C 367 7.44 3.74 43.95
C VAL C 367 6.83 5.00 43.39
N LEU C 368 7.62 5.80 42.68
CA LEU C 368 7.11 7.03 42.07
C LEU C 368 6.02 6.71 41.06
N TYR C 369 6.22 5.66 40.28
CA TYR C 369 5.17 5.18 39.38
C TYR C 369 3.93 4.73 40.12
N ASN C 370 4.09 4.03 41.25
CA ASN C 370 2.97 3.45 41.98
C ASN C 370 2.54 4.37 43.10
N SER C 371 2.63 5.68 42.85
CA SER C 371 2.19 6.69 43.80
C SER C 371 0.72 7.07 43.64
N ALA C 372 0.12 6.82 42.47
CA ALA C 372 -1.27 7.15 42.20
C ALA C 372 -1.56 8.63 42.49
N SER C 373 -0.54 9.45 42.23
CA SER C 373 -0.62 10.88 42.51
C SER C 373 -0.37 11.77 41.31
N PHE C 374 -0.11 11.21 40.13
CA PHE C 374 0.26 12.00 38.97
C PHE C 374 -0.80 11.87 37.88
N SER C 375 -1.20 13.02 37.34
CA SER C 375 -2.17 13.07 36.26
C SER C 375 -1.64 12.48 34.96
N THR C 376 -0.40 12.79 34.60
CA THR C 376 0.20 12.33 33.35
C THR C 376 1.53 11.67 33.65
N PHE C 377 1.76 10.50 33.06
CA PHE C 377 2.98 9.74 33.31
C PHE C 377 3.37 8.96 32.07
N LYS C 378 4.23 9.54 31.23
CA LYS C 378 4.53 8.97 29.92
C LYS C 378 6.04 8.82 29.74
N CYS C 379 6.47 7.63 29.37
CA CYS C 379 7.89 7.35 29.19
C CYS C 379 8.17 6.95 27.75
N TYR C 380 9.20 7.56 27.17
CA TYR C 380 9.61 7.36 25.80
C TYR C 380 10.98 6.70 25.79
N GLY C 381 11.12 5.62 25.03
CA GLY C 381 12.38 4.90 24.95
C GLY C 381 12.48 3.83 26.02
N VAL C 382 11.58 3.90 27.01
CA VAL C 382 11.59 2.96 28.11
C VAL C 382 10.17 2.80 28.64
N SER C 383 9.87 1.65 29.22
CA SER C 383 8.58 1.38 29.81
C SER C 383 8.70 1.46 31.33
N PRO C 384 7.98 2.37 31.98
CA PRO C 384 8.18 2.56 33.43
C PRO C 384 7.87 1.31 34.25
N THR C 385 6.99 0.46 33.75
CA THR C 385 6.57 -0.71 34.50
C THR C 385 7.72 -1.68 34.71
N LYS C 386 8.29 -1.65 35.92
CA LYS C 386 9.38 -2.51 36.33
C LYS C 386 10.45 -2.68 35.26
N LEU C 387 10.97 -1.57 34.74
CA LEU C 387 12.22 -1.57 33.99
C LEU C 387 13.25 -0.66 34.63
N ASN C 388 13.30 -0.63 35.96
CA ASN C 388 14.31 0.10 36.71
C ASN C 388 15.51 -0.81 36.96
N ASP C 389 15.69 -1.81 36.10
CA ASP C 389 16.73 -2.80 36.28
C ASP C 389 17.94 -2.50 35.41
N LEU C 390 18.24 -1.22 35.23
CA LEU C 390 19.32 -0.77 34.37
C LEU C 390 20.11 0.33 35.07
N CYS C 391 21.35 0.50 34.66
CA CYS C 391 22.24 1.51 35.20
C CYS C 391 22.31 2.70 34.26
N PHE C 392 22.20 3.90 34.82
CA PHE C 392 22.13 5.13 34.05
C PHE C 392 23.34 5.99 34.36
N THR C 393 23.83 6.71 33.36
CA THR C 393 24.95 7.61 33.58
C THR C 393 24.58 8.72 34.57
N ASN C 394 23.47 9.42 34.30
CA ASN C 394 23.02 10.51 35.15
C ASN C 394 21.53 10.69 34.97
N VAL C 395 20.91 11.46 35.85
CA VAL C 395 19.50 11.80 35.72
C VAL C 395 19.35 13.31 35.77
N TYR C 396 18.76 13.89 34.74
CA TYR C 396 18.42 15.30 34.78
C TYR C 396 16.94 15.45 35.10
N ALA C 397 16.65 16.07 36.24
CA ALA C 397 15.30 16.35 36.67
C ALA C 397 15.02 17.82 36.39
N ASP C 398 14.09 18.08 35.49
CA ASP C 398 13.70 19.44 35.14
C ASP C 398 12.30 19.70 35.66
N SER C 399 12.14 20.77 36.43
CA SER C 399 10.90 21.05 37.11
C SER C 399 10.39 22.42 36.72
N PHE C 400 9.08 22.51 36.53
CA PHE C 400 8.41 23.80 36.34
C PHE C 400 6.92 23.61 36.61
N VAL C 401 6.16 24.68 36.39
CA VAL C 401 4.72 24.67 36.58
C VAL C 401 4.07 25.45 35.44
N ILE C 402 3.05 24.85 34.84
CA ILE C 402 2.30 25.48 33.74
C ILE C 402 0.84 25.08 33.85
N ARG C 403 0.00 25.76 33.10
CA ARG C 403 -1.42 25.44 33.08
C ARG C 403 -1.63 24.07 32.44
N GLY C 404 -2.69 23.39 32.87
CA GLY C 404 -2.92 22.02 32.41
C GLY C 404 -3.13 21.93 30.91
N ASP C 405 -3.73 22.96 30.31
CA ASP C 405 -4.04 22.93 28.89
C ASP C 405 -2.81 22.71 28.03
N GLU C 406 -1.63 23.06 28.52
CA GLU C 406 -0.40 22.95 27.75
C GLU C 406 0.37 21.66 28.05
N VAL C 407 -0.15 20.79 28.90
CA VAL C 407 0.57 19.58 29.29
C VAL C 407 0.89 18.72 28.08
N ARG C 408 -0.04 18.63 27.13
CA ARG C 408 0.19 17.83 25.93
C ARG C 408 1.39 18.33 25.13
N GLN C 409 1.78 19.59 25.29
CA GLN C 409 2.86 20.16 24.49
C GLN C 409 4.24 19.61 24.84
N ILE C 410 4.37 18.88 25.95
CA ILE C 410 5.67 18.41 26.41
C ILE C 410 5.84 16.98 25.89
N ALA C 411 6.44 16.86 24.71
CA ALA C 411 6.68 15.59 24.06
C ALA C 411 7.59 15.84 22.86
N PRO C 412 8.26 14.80 22.36
CA PRO C 412 9.06 14.98 21.14
C PRO C 412 8.19 15.41 19.97
N GLY C 413 8.73 16.29 19.14
CA GLY C 413 8.03 16.73 17.95
C GLY C 413 6.73 17.45 18.21
N GLN C 414 6.72 18.38 19.15
CA GLN C 414 5.53 19.15 19.49
C GLN C 414 5.69 20.59 19.04
N THR C 415 4.56 21.29 18.97
CA THR C 415 4.51 22.70 18.61
C THR C 415 3.72 23.48 19.63
N GLY C 416 3.98 24.78 19.71
CA GLY C 416 3.28 25.64 20.64
C GLY C 416 4.16 26.70 21.25
N LYS C 417 3.56 27.63 22.00
CA LYS C 417 4.34 28.67 22.66
C LYS C 417 5.34 28.06 23.63
N ILE C 418 4.90 27.07 24.41
CA ILE C 418 5.82 26.38 25.31
C ILE C 418 6.90 25.65 24.52
N ALA C 419 6.50 24.98 23.44
CA ALA C 419 7.44 24.15 22.69
C ALA C 419 8.46 24.97 21.93
N ASP C 420 8.17 26.24 21.66
CA ASP C 420 9.06 27.03 20.81
C ASP C 420 9.80 28.12 21.56
N TYR C 421 9.14 28.74 22.55
CA TYR C 421 9.73 29.86 23.27
C TYR C 421 10.02 29.57 24.74
N ASN C 422 9.64 28.42 25.26
CA ASN C 422 9.76 28.15 26.68
C ASN C 422 10.62 26.94 26.99
N TYR C 423 10.32 25.78 26.40
CA TYR C 423 11.03 24.55 26.72
C TYR C 423 10.94 23.62 25.53
N LYS C 424 12.09 23.28 24.94
CA LYS C 424 12.14 22.49 23.72
C LYS C 424 12.76 21.14 24.03
N LEU C 425 12.09 20.09 23.62
CA LEU C 425 12.62 18.74 23.76
C LEU C 425 13.14 18.22 22.42
N PRO C 426 14.19 17.41 22.45
CA PRO C 426 14.68 16.80 21.21
C PRO C 426 13.73 15.74 20.70
N ASP C 427 13.80 15.48 19.40
CA ASP C 427 12.95 14.47 18.80
C ASP C 427 13.29 13.08 19.31
N ASP C 428 14.58 12.80 19.53
CA ASP C 428 15.03 11.50 20.01
C ASP C 428 15.12 11.47 21.54
N PHE C 429 14.29 12.24 22.22
CA PHE C 429 14.30 12.27 23.67
C PHE C 429 14.04 10.89 24.25
N THR C 430 14.80 10.52 25.27
CA THR C 430 14.59 9.29 26.01
C THR C 430 14.42 9.65 27.47
N GLY C 431 13.40 9.07 28.11
CA GLY C 431 13.13 9.40 29.49
C GLY C 431 11.65 9.55 29.73
N CYS C 432 11.31 10.08 30.91
CA CYS C 432 9.93 10.12 31.34
C CYS C 432 9.47 11.54 31.61
N VAL C 433 8.16 11.75 31.46
CA VAL C 433 7.50 13.02 31.72
C VAL C 433 6.37 12.76 32.71
N ILE C 434 6.32 13.55 33.78
CA ILE C 434 5.36 13.40 34.85
C ILE C 434 4.73 14.75 35.11
N ALA C 435 3.41 14.76 35.34
CA ALA C 435 2.71 16.00 35.61
C ALA C 435 1.53 15.73 36.53
N TRP C 436 1.30 16.65 37.46
CA TRP C 436 0.14 16.54 38.34
C TRP C 436 -0.33 17.93 38.72
N ASN C 437 -1.65 18.07 38.87
CA ASN C 437 -2.23 19.37 39.18
C ASN C 437 -1.76 19.85 40.54
N SER C 438 -1.57 21.17 40.66
CA SER C 438 -1.21 21.81 41.91
C SER C 438 -2.04 23.06 42.15
N ASN C 439 -3.35 22.97 41.89
CA ASN C 439 -4.23 24.11 42.12
C ASN C 439 -4.30 24.47 43.60
N ASN C 440 -4.27 23.48 44.48
CA ASN C 440 -4.29 23.78 45.91
C ASN C 440 -2.99 24.43 46.35
N LEU C 441 -1.94 24.35 45.53
CA LEU C 441 -0.62 24.83 45.91
C LEU C 441 -0.13 26.00 45.07
N ASP C 442 -0.18 25.90 43.75
CA ASP C 442 0.36 26.94 42.88
C ASP C 442 -0.67 28.00 42.48
N SER C 443 -1.89 27.92 43.00
CA SER C 443 -2.88 28.95 42.79
C SER C 443 -2.94 29.87 44.01
N LYS C 444 -3.51 31.05 43.80
CA LYS C 444 -3.71 32.01 44.87
C LYS C 444 -4.92 32.86 44.52
N VAL C 445 -5.73 33.17 45.54
CA VAL C 445 -6.85 34.07 45.33
C VAL C 445 -6.32 35.42 44.84
N GLY C 446 -6.87 35.89 43.72
CA GLY C 446 -6.32 37.03 43.03
C GLY C 446 -5.29 36.68 41.98
N GLY C 447 -4.88 35.42 41.91
CA GLY C 447 -3.95 34.98 40.89
C GLY C 447 -2.51 35.04 41.32
N ASN C 448 -1.83 33.90 41.31
CA ASN C 448 -0.41 33.83 41.63
C ASN C 448 0.37 34.24 40.39
N TYR C 449 0.94 35.44 40.43
CA TYR C 449 1.59 36.04 39.27
C TYR C 449 3.08 35.76 39.24
N ASN C 450 3.58 34.92 40.15
CA ASN C 450 4.98 34.55 40.12
C ASN C 450 5.36 33.81 38.84
N TYR C 451 4.51 32.89 38.39
CA TYR C 451 4.79 32.07 37.23
C TYR C 451 4.53 32.86 35.95
N LEU C 452 5.57 33.02 35.14
CA LEU C 452 5.51 33.74 33.88
C LEU C 452 5.78 32.79 32.73
N TYR C 453 5.83 33.36 31.53
CA TYR C 453 6.22 32.61 30.34
C TYR C 453 6.62 33.58 29.25
N ARG C 454 7.64 33.20 28.49
CA ARG C 454 8.05 33.98 27.33
C ARG C 454 6.93 33.93 26.29
N LEU C 455 6.65 35.08 25.68
CA LEU C 455 5.57 35.14 24.70
C LEU C 455 6.07 35.34 23.28
N PHE C 456 7.17 36.04 23.10
CA PHE C 456 7.73 36.27 21.77
C PHE C 456 9.23 35.99 21.79
N ARG C 457 9.73 35.52 20.65
CA ARG C 457 11.15 35.29 20.47
C ARG C 457 11.48 35.39 18.99
N LYS C 458 12.75 35.66 18.71
CA LYS C 458 13.19 35.80 17.32
C LYS C 458 13.18 34.47 16.59
N SER C 459 13.40 33.37 17.32
CA SER C 459 13.49 32.05 16.71
C SER C 459 13.08 31.01 17.73
N ASN C 460 12.74 29.81 17.25
CA ASN C 460 12.33 28.74 18.12
C ASN C 460 13.51 28.24 18.96
N LEU C 461 13.19 27.79 20.16
CA LEU C 461 14.19 27.33 21.10
C LEU C 461 14.84 26.05 20.62
N LYS C 462 16.15 25.92 20.84
CA LYS C 462 16.83 24.67 20.61
C LYS C 462 16.54 23.71 21.77
N PRO C 463 16.67 22.40 21.53
CA PRO C 463 16.36 21.43 22.59
C PRO C 463 17.23 21.64 23.82
N PHE C 464 16.61 21.49 24.99
CA PHE C 464 17.27 21.59 26.30
C PHE C 464 17.97 22.93 26.49
N GLU C 465 17.54 23.96 25.77
CA GLU C 465 18.08 25.30 25.98
C GLU C 465 17.17 26.09 26.91
N ARG C 466 17.74 27.13 27.51
CA ARG C 466 16.98 28.04 28.35
C ARG C 466 17.28 29.47 27.94
N ASP C 467 16.23 30.27 27.83
CA ASP C 467 16.34 31.69 27.50
C ASP C 467 15.75 32.49 28.66
N ILE C 468 16.58 33.34 29.27
CA ILE C 468 16.15 34.17 30.38
C ILE C 468 16.35 35.66 30.08
N SER C 469 16.68 35.98 28.83
CA SER C 469 16.87 37.38 28.46
C SER C 469 15.55 38.14 28.58
N THR C 470 15.64 39.36 29.13
CA THR C 470 14.46 40.19 29.35
C THR C 470 14.41 41.38 28.39
N GLU C 471 15.15 41.31 27.29
CA GLU C 471 15.15 42.39 26.31
C GLU C 471 13.73 42.59 25.76
N ILE C 472 13.33 43.85 25.63
CA ILE C 472 12.03 44.16 25.06
C ILE C 472 11.98 43.65 23.63
N TYR C 473 10.93 42.89 23.32
CA TYR C 473 10.82 42.29 22.00
C TYR C 473 10.45 43.34 20.98
N GLN C 474 11.28 43.49 19.95
CA GLN C 474 11.05 44.46 18.89
C GLN C 474 10.21 43.80 17.81
N ALA C 475 8.88 43.98 17.90
CA ALA C 475 7.97 43.36 16.96
C ALA C 475 8.01 44.01 15.58
N GLY C 476 8.69 45.13 15.44
CA GLY C 476 8.79 45.83 14.18
C GLY C 476 10.22 46.20 13.83
N SER C 477 10.38 47.32 13.12
CA SER C 477 11.69 47.77 12.66
C SER C 477 12.25 48.90 13.50
N THR C 478 11.43 49.60 14.26
CA THR C 478 11.92 50.70 15.09
C THR C 478 12.56 50.15 16.36
N PRO C 479 13.80 50.51 16.66
CA PRO C 479 14.43 50.04 17.90
C PRO C 479 13.65 50.48 19.12
N CYS C 480 13.58 49.60 20.11
CA CYS C 480 12.75 49.83 21.29
C CYS C 480 13.33 50.90 22.22
N ASN C 481 14.62 51.20 22.10
CA ASN C 481 15.30 52.16 22.98
C ASN C 481 15.21 51.75 24.44
N GLY C 482 15.18 50.45 24.71
CA GLY C 482 15.08 49.97 26.07
C GLY C 482 13.71 50.10 26.70
N VAL C 483 12.70 50.50 25.93
CA VAL C 483 11.35 50.68 26.43
C VAL C 483 10.36 50.09 25.44
N GLU C 484 9.33 49.45 25.99
CA GLU C 484 8.26 48.88 25.18
C GLU C 484 7.41 49.99 24.58
N GLY C 485 6.69 49.66 23.51
CA GLY C 485 5.83 50.61 22.86
C GLY C 485 5.23 50.04 21.59
N PHE C 486 5.16 50.86 20.54
CA PHE C 486 4.70 50.35 19.26
C PHE C 486 5.70 49.37 18.70
N ASN C 487 5.24 48.14 18.42
CA ASN C 487 6.09 47.05 17.95
C ASN C 487 7.21 46.74 18.93
N CYS C 488 7.01 47.03 20.21
CA CYS C 488 8.01 46.80 21.25
C CYS C 488 7.29 46.39 22.52
N TYR C 489 7.53 45.16 22.97
CA TYR C 489 6.82 44.57 24.10
C TYR C 489 7.77 43.74 24.95
N PHE C 490 7.49 43.68 26.24
CA PHE C 490 8.28 42.82 27.12
C PHE C 490 7.96 41.37 26.80
N PRO C 491 8.97 40.51 26.62
CA PRO C 491 8.70 39.14 26.13
C PRO C 491 7.98 38.25 27.12
N LEU C 492 7.95 38.61 28.41
CA LEU C 492 7.33 37.77 29.42
C LEU C 492 5.91 38.21 29.69
N GLN C 493 5.03 37.24 29.85
CA GLN C 493 3.65 37.45 30.27
C GLN C 493 3.37 36.60 31.50
N SER C 494 2.62 37.16 32.44
CA SER C 494 2.38 36.51 33.72
C SER C 494 1.14 35.63 33.65
N TYR C 495 1.13 34.58 34.47
CA TYR C 495 -0.05 33.77 34.67
C TYR C 495 -0.80 34.24 35.90
N GLY C 496 -2.13 34.28 35.81
CA GLY C 496 -2.94 34.49 36.99
C GLY C 496 -3.54 33.18 37.46
N PHE C 497 -2.92 32.57 38.47
CA PHE C 497 -3.34 31.25 38.93
C PHE C 497 -4.21 31.42 40.17
N GLN C 498 -5.48 31.06 40.04
CA GLN C 498 -6.46 31.21 41.09
CA GLN C 498 -6.51 31.22 41.05
C GLN C 498 -7.17 29.89 41.37
N PRO C 499 -7.66 29.69 42.59
CA PRO C 499 -8.44 28.48 42.87
C PRO C 499 -9.72 28.40 42.07
N THR C 500 -10.20 29.52 41.54
CA THR C 500 -11.43 29.58 40.77
C THR C 500 -11.20 29.35 39.28
N ASN C 501 -9.95 29.21 38.85
CA ASN C 501 -9.66 29.01 37.44
C ASN C 501 -10.12 27.64 36.97
N GLY C 502 -10.35 27.54 35.66
CA GLY C 502 -10.71 26.27 35.08
C GLY C 502 -9.57 25.27 35.16
N VAL C 503 -9.95 23.99 35.18
CA VAL C 503 -8.97 22.92 35.34
C VAL C 503 -7.92 23.00 34.24
N GLY C 504 -8.34 23.28 33.01
CA GLY C 504 -7.40 23.47 31.92
C GLY C 504 -6.42 24.59 32.17
N TYR C 505 -6.87 25.69 32.78
CA TYR C 505 -5.98 26.78 33.15
C TYR C 505 -5.40 26.61 34.55
N GLN C 506 -5.84 25.61 35.31
CA GLN C 506 -5.31 25.37 36.63
C GLN C 506 -3.84 24.98 36.56
N PRO C 507 -3.05 25.39 37.54
CA PRO C 507 -1.61 25.09 37.51
C PRO C 507 -1.33 23.61 37.69
N TYR C 508 -0.21 23.18 37.13
CA TYR C 508 0.26 21.80 37.18
C TYR C 508 1.77 21.84 37.38
N ARG C 509 2.26 21.00 38.30
CA ARG C 509 3.68 20.78 38.47
C ARG C 509 4.12 19.68 37.52
N VAL C 510 5.19 19.97 36.76
CA VAL C 510 5.69 19.08 35.72
C VAL C 510 7.17 18.81 36.00
N VAL C 511 7.54 17.53 35.98
CA VAL C 511 8.91 17.07 36.16
C VAL C 511 9.27 16.16 35.00
N VAL C 512 10.40 16.45 34.37
CA VAL C 512 10.91 15.66 33.26
C VAL C 512 12.20 15.00 33.71
N LEU C 513 12.25 13.68 33.61
CA LEU C 513 13.47 12.93 33.90
C LEU C 513 14.11 12.51 32.60
N SER C 514 15.28 13.08 32.32
CA SER C 514 16.10 12.68 31.18
C SER C 514 17.21 11.78 31.65
N PHE C 515 17.21 10.55 31.14
CA PHE C 515 18.20 9.54 31.49
C PHE C 515 19.41 9.72 30.58
N GLU C 516 20.59 9.82 31.19
CA GLU C 516 21.82 9.90 30.43
C GLU C 516 22.35 8.49 30.23
N LEU C 517 22.53 8.12 28.96
CA LEU C 517 23.03 6.79 28.62
C LEU C 517 24.32 6.96 27.83
N LEU C 518 25.44 6.74 28.49
CA LEU C 518 26.76 6.90 27.88
C LEU C 518 27.64 5.70 28.20
N HIS C 519 28.84 5.71 27.61
CA HIS C 519 29.85 4.69 27.89
C HIS C 519 30.54 5.02 29.20
N ALA C 520 29.79 4.85 30.28
CA ALA C 520 30.23 5.32 31.59
C ALA C 520 29.92 4.29 32.66
N PRO C 521 30.58 4.36 33.83
CA PRO C 521 30.25 3.44 34.93
C PRO C 521 28.80 3.52 35.38
N ALA C 522 28.10 4.60 34.99
CA ALA C 522 26.67 4.71 35.22
C ALA C 522 26.32 4.60 36.69
N THR C 523 26.74 5.59 37.47
CA THR C 523 26.61 5.56 38.92
C THR C 523 25.17 5.42 39.40
N VAL C 524 24.19 5.78 38.59
CA VAL C 524 22.78 5.61 38.93
C VAL C 524 22.37 4.22 38.50
N CYS C 525 21.91 3.40 39.44
CA CYS C 525 21.45 2.06 39.15
C CYS C 525 20.18 1.76 39.96
N GLY C 526 19.37 0.85 39.43
CA GLY C 526 18.20 0.42 40.13
C GLY C 526 18.56 -0.40 41.35
N PRO C 527 17.58 -0.60 42.24
CA PRO C 527 17.89 -1.27 43.51
C PRO C 527 18.45 -2.66 43.31
N LYS C 528 17.65 -3.55 42.73
CA LYS C 528 18.07 -4.89 42.36
C LYS C 528 18.78 -5.60 43.51
N LYS C 529 19.56 -6.64 43.20
CA LYS C 529 20.45 -7.30 44.15
C LYS C 529 21.77 -7.59 43.45
N SER C 530 22.60 -8.43 44.05
CA SER C 530 23.83 -8.89 43.43
C SER C 530 23.95 -10.39 43.68
N THR C 531 24.82 -11.03 42.89
CA THR C 531 25.00 -12.47 43.03
C THR C 531 26.49 -12.78 42.92
N ASN C 532 26.84 -14.02 43.23
CA ASN C 532 28.22 -14.45 43.12
C ASN C 532 28.61 -14.60 41.66
N LEU C 533 29.92 -14.73 41.43
CA LEU C 533 30.47 -14.86 40.09
C LEU C 533 30.81 -16.32 39.83
N VAL C 534 30.57 -16.78 38.59
CA VAL C 534 30.81 -18.15 38.19
C VAL C 534 31.63 -18.13 36.92
N LYS C 535 32.63 -19.01 36.84
CA LYS C 535 33.53 -19.07 35.69
C LYS C 535 33.44 -20.43 35.01
N ASN C 536 33.85 -20.46 33.74
CA ASN C 536 33.97 -21.69 32.96
C ASN C 536 32.66 -22.47 32.90
N LYS C 537 31.56 -21.78 32.63
CA LYS C 537 30.26 -22.42 32.55
C LYS C 537 29.30 -21.54 31.77
N CYS C 538 28.54 -22.17 30.87
CA CYS C 538 27.58 -21.44 30.06
C CYS C 538 26.45 -20.94 30.96
N VAL C 539 26.49 -19.65 31.30
CA VAL C 539 25.53 -19.05 32.21
C VAL C 539 25.01 -17.76 31.61
N ASN C 540 23.90 -17.28 32.17
CA ASN C 540 23.37 -15.97 31.87
C ASN C 540 24.16 -14.97 32.71
N PHE C 541 24.36 -13.78 32.19
CA PHE C 541 25.05 -12.72 32.92
C PHE C 541 24.43 -11.36 32.63
N ASN C 542 24.61 -10.46 33.59
CA ASN C 542 24.07 -9.10 33.54
C ASN C 542 25.02 -8.19 34.29
N PHE C 543 25.77 -7.37 33.57
CA PHE C 543 26.70 -6.41 34.16
C PHE C 543 26.16 -5.00 33.93
N ASN C 544 25.63 -4.40 34.99
CA ASN C 544 25.18 -3.00 34.95
C ASN C 544 24.11 -2.79 33.87
N GLY C 545 23.32 -3.82 33.62
CA GLY C 545 22.30 -3.78 32.60
C GLY C 545 22.70 -4.37 31.27
N LEU C 546 23.99 -4.53 31.00
CA LEU C 546 24.46 -5.23 29.82
C LEU C 546 24.22 -6.72 30.01
N THR C 547 23.26 -7.26 29.28
CA THR C 547 22.86 -8.66 29.45
C THR C 547 23.55 -9.53 28.42
N GLY C 548 23.53 -10.82 28.66
CA GLY C 548 24.04 -11.77 27.69
C GLY C 548 24.06 -13.17 28.24
N THR C 549 24.50 -14.09 27.39
CA THR C 549 24.65 -15.50 27.74
C THR C 549 25.98 -15.99 27.20
N GLY C 550 26.76 -16.66 28.05
CA GLY C 550 28.04 -17.15 27.59
C GLY C 550 28.85 -17.71 28.73
N VAL C 551 30.14 -17.84 28.47
CA VAL C 551 31.10 -18.36 29.43
C VAL C 551 32.06 -17.24 29.80
N LEU C 552 32.17 -16.99 31.10
CA LEU C 552 33.04 -15.93 31.62
C LEU C 552 34.33 -16.57 32.08
N THR C 553 35.45 -16.12 31.53
CA THR C 553 36.75 -16.67 31.87
C THR C 553 37.69 -15.54 32.26
N GLU C 554 38.74 -15.89 33.00
CA GLU C 554 39.78 -14.93 33.32
C GLU C 554 40.52 -14.53 32.05
N SER C 555 40.85 -13.24 31.96
CA SER C 555 41.44 -12.69 30.76
C SER C 555 42.74 -11.99 31.09
N ASN C 556 43.61 -11.92 30.09
CA ASN C 556 44.90 -11.25 30.21
C ASN C 556 44.93 -9.95 29.41
N LYS C 557 43.78 -9.49 28.94
CA LYS C 557 43.69 -8.23 28.22
C LYS C 557 44.04 -7.10 29.18
N LYS C 558 44.82 -6.13 28.68
CA LYS C 558 45.28 -5.02 29.50
C LYS C 558 44.35 -3.83 29.30
N PHE C 559 43.27 -3.79 30.08
CA PHE C 559 42.47 -2.58 30.11
C PHE C 559 43.24 -1.46 30.81
N LEU C 560 43.10 -0.27 30.28
CA LEU C 560 43.57 0.90 30.98
C LEU C 560 42.53 1.32 32.02
N PRO C 561 42.96 2.03 33.08
CA PRO C 561 42.06 2.27 34.22
C PRO C 561 40.74 2.91 33.84
N PHE C 562 40.76 3.82 32.89
CA PHE C 562 39.53 4.46 32.43
C PHE C 562 38.68 3.56 31.54
N GLN C 563 39.27 2.54 30.93
CA GLN C 563 38.55 1.66 30.02
C GLN C 563 37.58 0.79 30.79
N GLN C 564 36.41 0.53 30.20
CA GLN C 564 35.36 -0.23 30.86
C GLN C 564 34.93 -1.48 30.10
N PHE C 565 34.78 -1.39 28.78
CA PHE C 565 34.35 -2.53 27.98
C PHE C 565 35.40 -2.86 26.94
N GLY C 566 35.26 -4.04 26.35
CA GLY C 566 36.03 -4.41 25.18
C GLY C 566 35.09 -4.84 24.07
N ARG C 567 35.34 -4.39 22.85
CA ARG C 567 34.46 -4.72 21.74
C ARG C 567 35.25 -5.44 20.65
N ASP C 568 34.54 -6.24 19.87
CA ASP C 568 35.13 -6.99 18.78
C ASP C 568 34.81 -6.32 17.45
N ILE C 569 35.19 -7.00 16.37
CA ILE C 569 35.00 -6.45 15.02
C ILE C 569 33.53 -6.19 14.76
N ALA C 570 32.66 -7.09 15.20
CA ALA C 570 31.24 -7.00 14.94
C ALA C 570 30.51 -6.06 15.89
N ASP C 571 31.23 -5.20 16.61
CA ASP C 571 30.68 -4.30 17.61
C ASP C 571 30.03 -5.05 18.77
N THR C 572 30.41 -6.30 18.99
CA THR C 572 29.88 -7.07 20.10
C THR C 572 30.80 -7.00 21.30
N THR C 573 30.19 -7.10 22.49
CA THR C 573 30.97 -7.13 23.71
C THR C 573 31.81 -8.39 23.76
N ASP C 574 33.08 -8.25 24.13
CA ASP C 574 34.01 -9.36 24.16
C ASP C 574 34.71 -9.51 25.51
N ALA C 575 35.05 -8.40 26.16
CA ALA C 575 35.64 -8.45 27.49
C ALA C 575 35.00 -7.37 28.33
N VAL C 576 34.86 -7.67 29.62
CA VAL C 576 34.24 -6.73 30.56
C VAL C 576 35.07 -6.66 31.83
N ARG C 577 34.69 -5.74 32.70
CA ARG C 577 35.31 -5.60 34.01
C ARG C 577 34.22 -5.56 35.06
N ASP C 578 34.34 -6.41 36.06
CA ASP C 578 33.34 -6.51 37.11
C ASP C 578 33.29 -5.21 37.90
N PRO C 579 32.11 -4.64 38.12
CA PRO C 579 32.03 -3.39 38.90
C PRO C 579 32.54 -3.52 40.32
N GLN C 580 32.32 -4.65 40.98
CA GLN C 580 32.71 -4.80 42.38
C GLN C 580 34.17 -5.17 42.55
N THR C 581 34.66 -6.17 41.84
CA THR C 581 36.07 -6.52 41.85
C THR C 581 36.66 -6.14 40.50
N LEU C 582 37.76 -5.37 40.53
CA LEU C 582 38.31 -4.79 39.31
C LEU C 582 39.20 -5.82 38.61
N GLU C 583 38.54 -6.72 37.90
CA GLU C 583 39.20 -7.77 37.15
C GLU C 583 38.57 -7.87 35.77
N ILE C 584 39.34 -8.41 34.83
CA ILE C 584 38.98 -8.40 33.42
C ILE C 584 38.56 -9.80 33.02
N LEU C 585 37.38 -9.92 32.42
CA LEU C 585 36.79 -11.20 32.05
C LEU C 585 36.53 -11.26 30.56
N ASP C 586 36.90 -12.38 29.94
CA ASP C 586 36.50 -12.66 28.57
C ASP C 586 35.13 -13.33 28.55
N ILE C 587 34.36 -13.02 27.52
CA ILE C 587 33.07 -13.65 27.28
C ILE C 587 33.22 -14.50 26.03
N THR C 588 32.81 -15.77 26.12
CA THR C 588 32.85 -16.67 24.98
C THR C 588 31.45 -17.22 24.73
N PRO C 589 30.94 -17.21 23.51
CA PRO C 589 29.60 -17.74 23.27
C PRO C 589 29.51 -19.21 23.62
N CYS C 590 28.35 -19.62 24.11
CA CYS C 590 28.14 -21.03 24.43
C CYS C 590 28.21 -21.86 23.17
N SER C 591 28.82 -23.04 23.29
CA SER C 591 29.11 -23.87 22.12
C SER C 591 27.84 -24.25 21.38
N PHE C 592 27.88 -24.15 20.06
CA PHE C 592 26.74 -24.51 19.24
C PHE C 592 27.22 -24.91 17.85
N GLY C 593 26.35 -25.59 17.12
CA GLY C 593 26.67 -26.06 15.79
C GLY C 593 25.45 -26.69 15.17
N GLY C 594 25.65 -27.23 13.97
CA GLY C 594 24.58 -27.91 13.29
C GLY C 594 24.55 -29.40 13.58
N VAL C 595 23.44 -30.04 13.25
CA VAL C 595 23.26 -31.46 13.45
C VAL C 595 22.82 -32.08 12.13
N SER C 596 23.43 -33.19 11.76
CA SER C 596 23.08 -33.91 10.54
C SER C 596 22.80 -35.37 10.88
N VAL C 597 21.94 -35.99 10.10
CA VAL C 597 21.52 -37.37 10.31
C VAL C 597 22.02 -38.20 9.13
N ILE C 598 22.73 -39.28 9.43
CA ILE C 598 23.27 -40.18 8.43
C ILE C 598 22.49 -41.48 8.51
N THR C 599 21.83 -41.85 7.43
CA THR C 599 21.04 -43.06 7.42
C THR C 599 21.16 -43.80 6.09
N PRO C 600 21.10 -45.13 6.14
CA PRO C 600 20.74 -45.88 4.93
C PRO C 600 19.26 -45.69 4.67
N GLY C 601 18.85 -46.05 3.45
CA GLY C 601 17.45 -45.91 3.10
C GLY C 601 16.55 -46.68 4.04
N THR C 602 15.37 -46.10 4.31
CA THR C 602 14.40 -46.79 5.17
C THR C 602 13.99 -48.14 4.61
N ASN C 603 14.13 -48.34 3.30
CA ASN C 603 13.93 -49.64 2.69
C ASN C 603 14.89 -50.70 3.22
N THR C 604 16.03 -50.29 3.75
CA THR C 604 17.03 -51.24 4.23
C THR C 604 16.98 -51.43 5.74
N SER C 605 17.02 -50.35 6.50
CA SER C 605 17.03 -50.46 7.95
C SER C 605 16.47 -49.19 8.56
N ASN C 606 16.45 -49.17 9.89
CA ASN C 606 16.01 -48.00 10.65
C ASN C 606 17.05 -47.55 11.64
N GLN C 607 18.32 -47.90 11.43
CA GLN C 607 19.38 -47.54 12.34
C GLN C 607 20.20 -46.41 11.76
N VAL C 608 20.40 -45.35 12.55
CA VAL C 608 20.96 -44.11 12.04
C VAL C 608 22.17 -43.70 12.88
N ALA C 609 22.89 -42.71 12.38
CA ALA C 609 24.00 -42.09 13.09
C ALA C 609 23.83 -40.58 13.04
N VAL C 610 24.45 -39.89 13.99
CA VAL C 610 24.28 -38.45 14.15
C VAL C 610 25.64 -37.78 14.10
N LEU C 611 25.75 -36.71 13.33
CA LEU C 611 26.96 -35.92 13.24
C LEU C 611 26.69 -34.53 13.81
N TYR C 612 27.42 -34.18 14.87
CA TYR C 612 27.40 -32.83 15.42
C TYR C 612 28.54 -32.07 14.76
N GLN C 613 28.21 -31.07 13.95
CA GLN C 613 29.21 -30.43 13.12
C GLN C 613 30.06 -29.47 13.93
N ASP C 614 31.37 -29.64 13.84
CA ASP C 614 32.33 -28.65 14.28
C ASP C 614 32.23 -28.36 15.78
N VAL C 615 31.99 -29.41 16.57
CA VAL C 615 32.04 -29.28 18.03
C VAL C 615 32.97 -30.33 18.57
N ASN C 616 33.28 -30.25 19.86
CA ASN C 616 34.19 -31.19 20.51
C ASN C 616 33.35 -32.21 21.25
N CYS C 617 33.74 -33.49 21.17
CA CYS C 617 32.92 -34.57 21.67
C CYS C 617 32.66 -34.48 23.17
N THR C 618 33.49 -33.72 23.88
CA THR C 618 33.33 -33.56 25.32
C THR C 618 32.00 -32.87 25.65
N GLU C 619 31.64 -31.86 24.88
CA GLU C 619 30.48 -31.04 25.23
C GLU C 619 29.17 -31.76 24.91
N VAL C 620 29.22 -32.85 24.17
CA VAL C 620 28.01 -33.57 23.80
C VAL C 620 27.44 -34.31 25.00
N ASN C 641 32.17 -45.79 21.28
CA ASN C 641 31.24 -45.71 20.17
C ASN C 641 31.08 -44.27 19.70
N VAL C 642 32.10 -43.45 19.95
CA VAL C 642 32.10 -42.04 19.58
C VAL C 642 33.38 -41.77 18.81
N PHE C 643 33.25 -41.11 17.66
CA PHE C 643 34.38 -40.87 16.78
C PHE C 643 34.56 -39.36 16.64
N GLN C 644 35.81 -38.92 16.52
CA GLN C 644 36.11 -37.51 16.37
C GLN C 644 36.80 -37.28 15.02
N THR C 645 36.22 -36.40 14.20
CA THR C 645 36.77 -36.08 12.89
C THR C 645 36.83 -34.58 12.75
N ARG C 646 37.55 -34.12 11.73
CA ARG C 646 37.63 -32.70 11.46
C ARG C 646 36.29 -32.10 11.06
N ALA C 647 35.30 -32.92 10.73
CA ALA C 647 33.96 -32.44 10.51
C ALA C 647 33.19 -32.21 11.80
N GLY C 648 33.58 -32.87 12.89
CA GLY C 648 32.94 -32.71 14.16
C GLY C 648 32.97 -33.98 14.96
N CYS C 649 31.86 -34.30 15.61
CA CYS C 649 31.74 -35.46 16.47
C CYS C 649 30.68 -36.39 15.89
N LEU C 650 31.05 -37.64 15.65
CA LEU C 650 30.16 -38.61 15.03
C LEU C 650 29.77 -39.66 16.06
N ILE C 651 28.49 -39.99 16.12
CA ILE C 651 27.96 -40.92 17.10
C ILE C 651 27.07 -41.93 16.39
N GLY C 652 27.19 -43.19 16.75
CA GLY C 652 26.39 -44.25 16.19
C GLY C 652 27.09 -45.09 15.15
N ALA C 653 28.28 -44.68 14.72
CA ALA C 653 29.05 -45.42 13.73
C ALA C 653 30.38 -45.86 14.33
N GLU C 654 30.96 -46.91 13.77
CA GLU C 654 32.19 -47.46 14.31
C GLU C 654 33.33 -47.29 13.30
N HIS C 655 34.47 -46.82 13.78
CA HIS C 655 35.62 -46.56 12.92
C HIS C 655 36.22 -47.87 12.44
N VAL C 656 36.68 -47.89 11.20
CA VAL C 656 37.21 -49.10 10.57
C VAL C 656 38.54 -48.77 9.93
N ASN C 657 39.51 -49.67 10.06
CA ASN C 657 40.82 -49.47 9.45
C ASN C 657 40.79 -49.62 7.94
N ASN C 658 39.96 -50.52 7.43
CA ASN C 658 39.92 -50.79 6.00
C ASN C 658 39.35 -49.59 5.25
N SER C 659 39.75 -49.44 4.00
CA SER C 659 39.23 -48.38 3.16
C SER C 659 38.37 -48.94 2.04
N TYR C 660 37.32 -48.20 1.70
CA TYR C 660 36.40 -48.60 0.64
C TYR C 660 36.07 -47.36 -0.19
N GLU C 661 35.25 -47.56 -1.21
CA GLU C 661 34.77 -46.43 -1.98
C GLU C 661 33.84 -45.58 -1.16
N CYS C 662 33.83 -44.28 -1.44
CA CYS C 662 32.96 -43.39 -0.68
C CYS C 662 31.50 -43.65 -1.02
N ASP C 663 30.68 -43.80 0.01
CA ASP C 663 29.29 -44.16 -0.17
C ASP C 663 28.38 -43.02 0.24
N ILE C 664 28.51 -42.57 1.49
CA ILE C 664 27.82 -41.38 1.98
C ILE C 664 28.91 -40.40 2.43
N PRO C 665 29.20 -39.37 1.66
CA PRO C 665 30.31 -38.47 2.02
C PRO C 665 30.01 -37.68 3.27
N ILE C 666 30.78 -37.96 4.32
CA ILE C 666 30.70 -37.22 5.57
C ILE C 666 31.54 -35.95 5.51
N GLY C 667 32.80 -36.07 5.14
CA GLY C 667 33.63 -34.90 4.93
C GLY C 667 35.05 -35.11 5.43
N ALA C 668 35.95 -34.23 4.96
CA ALA C 668 37.36 -34.29 5.30
C ALA C 668 37.95 -35.65 4.98
N GLY C 669 37.45 -36.28 3.93
CA GLY C 669 37.90 -37.58 3.51
C GLY C 669 37.24 -38.75 4.20
N ILE C 670 36.36 -38.51 5.14
CA ILE C 670 35.68 -39.58 5.87
C ILE C 670 34.34 -39.87 5.20
N CYS C 671 34.09 -41.15 4.93
CA CYS C 671 32.85 -41.60 4.31
C CYS C 671 32.30 -42.79 5.10
N ALA C 672 30.98 -42.94 5.06
CA ALA C 672 30.28 -43.93 5.86
C ALA C 672 29.50 -44.88 4.96
N SER C 673 29.19 -46.06 5.51
CA SER C 673 28.41 -47.05 4.78
C SER C 673 27.83 -48.07 5.75
N TYR C 674 26.82 -48.79 5.27
CA TYR C 674 26.09 -49.78 6.05
C TYR C 674 26.53 -51.17 5.60
N GLN C 675 27.23 -51.89 6.48
CA GLN C 675 27.78 -53.19 6.14
C GLN C 675 27.82 -54.06 7.39
N THR C 676 28.01 -55.35 7.19
CA THR C 676 28.08 -56.31 8.29
C THR C 676 29.16 -55.95 9.29
N SER C 689 24.05 -57.89 13.20
CA SER C 689 25.23 -58.18 12.38
C SER C 689 25.68 -56.95 11.61
N GLN C 690 24.78 -56.40 10.80
CA GLN C 690 25.08 -55.21 10.02
C GLN C 690 24.93 -53.95 10.84
N SER C 691 25.69 -52.93 10.48
CA SER C 691 25.69 -51.66 11.20
C SER C 691 26.35 -50.61 10.33
N ILE C 692 26.45 -49.41 10.89
CA ILE C 692 27.01 -48.27 10.19
C ILE C 692 28.47 -48.11 10.55
N ILE C 693 29.33 -47.93 9.55
CA ILE C 693 30.76 -47.78 9.75
C ILE C 693 31.24 -46.54 9.03
N ALA C 694 32.31 -45.95 9.56
CA ALA C 694 32.95 -44.79 8.98
C ALA C 694 34.41 -45.10 8.74
N TYR C 695 34.96 -44.53 7.67
CA TYR C 695 36.30 -44.91 7.26
C TYR C 695 36.89 -43.82 6.38
N THR C 696 38.16 -43.98 6.05
CA THR C 696 38.80 -43.11 5.09
C THR C 696 38.53 -43.60 3.69
N MET C 697 37.99 -42.73 2.84
CA MET C 697 37.58 -43.15 1.52
C MET C 697 38.77 -43.58 0.69
N SER C 698 38.57 -44.62 -0.11
CA SER C 698 39.58 -45.09 -1.03
C SER C 698 39.56 -44.25 -2.29
N LEU C 699 40.76 -43.95 -2.81
CA LEU C 699 40.88 -43.12 -4.00
C LEU C 699 40.85 -43.93 -5.28
N GLY C 700 40.24 -45.11 -5.24
CA GLY C 700 40.33 -46.05 -6.34
C GLY C 700 41.37 -47.12 -6.07
N ALA C 701 41.51 -48.02 -7.03
CA ALA C 701 42.41 -49.15 -6.86
C ALA C 701 43.85 -48.71 -6.98
N GLU C 702 44.77 -49.67 -7.04
CA GLU C 702 46.19 -49.37 -7.17
C GLU C 702 46.74 -50.14 -8.36
N ASN C 703 47.51 -49.44 -9.20
CA ASN C 703 48.05 -50.06 -10.40
C ASN C 703 49.29 -49.35 -10.91
N SER C 704 50.45 -49.98 -10.77
CA SER C 704 51.66 -49.42 -11.33
C SER C 704 52.00 -50.11 -12.65
N VAL C 705 52.26 -49.30 -13.68
CA VAL C 705 52.55 -49.87 -14.99
C VAL C 705 54.04 -50.18 -15.11
N ALA C 706 54.34 -51.23 -15.86
CA ALA C 706 55.70 -51.74 -15.99
C ALA C 706 56.46 -50.95 -17.05
N TYR C 707 56.92 -49.76 -16.65
CA TYR C 707 57.72 -48.94 -17.54
C TYR C 707 59.12 -49.51 -17.69
N SER C 708 59.67 -49.37 -18.88
CA SER C 708 61.09 -49.62 -19.13
C SER C 708 61.51 -48.65 -20.22
N ASN C 709 62.77 -48.73 -20.64
CA ASN C 709 63.26 -47.87 -21.71
C ASN C 709 63.21 -48.57 -23.06
N ASN C 710 62.83 -49.84 -23.10
CA ASN C 710 62.46 -50.48 -24.36
C ASN C 710 61.41 -51.56 -24.13
N SER C 711 60.14 -51.19 -24.18
CA SER C 711 59.05 -52.13 -24.09
C SER C 711 57.77 -51.40 -24.45
N ILE C 712 56.97 -51.94 -25.34
CA ILE C 712 55.67 -51.36 -25.65
C ILE C 712 54.62 -52.46 -25.56
N ALA C 713 53.44 -52.09 -25.10
CA ALA C 713 52.30 -52.98 -25.06
C ALA C 713 51.33 -52.57 -26.15
N ILE C 714 51.04 -53.49 -27.06
CA ILE C 714 50.18 -53.23 -28.21
C ILE C 714 48.93 -54.07 -28.07
N PRO C 715 47.74 -53.52 -28.32
CA PRO C 715 46.53 -54.34 -28.27
C PRO C 715 46.37 -55.21 -29.51
N THR C 716 45.72 -56.34 -29.32
CA THR C 716 45.48 -57.33 -30.35
C THR C 716 44.00 -57.50 -30.65
N ASN C 717 43.12 -56.98 -29.80
CA ASN C 717 41.69 -57.17 -29.94
C ASN C 717 41.01 -55.95 -29.34
N PHE C 718 39.83 -55.65 -29.83
CA PHE C 718 39.15 -54.41 -29.47
C PHE C 718 37.74 -54.72 -29.00
N THR C 719 36.97 -53.66 -28.80
CA THR C 719 35.56 -53.77 -28.45
C THR C 719 34.87 -52.49 -28.84
N ILE C 720 33.58 -52.61 -29.15
CA ILE C 720 32.73 -51.49 -29.52
C ILE C 720 31.76 -51.25 -28.38
N SER C 721 31.78 -50.05 -27.81
CA SER C 721 30.94 -49.76 -26.67
C SER C 721 29.99 -48.63 -27.00
N VAL C 722 28.84 -48.62 -26.33
CA VAL C 722 27.84 -47.58 -26.48
C VAL C 722 27.55 -47.00 -25.11
N THR C 723 27.72 -45.70 -24.98
CA THR C 723 27.43 -45.02 -23.72
C THR C 723 26.33 -44.00 -23.94
N THR C 724 25.73 -43.56 -22.84
CA THR C 724 24.56 -42.70 -22.87
C THR C 724 24.88 -41.40 -22.18
N GLU C 725 24.51 -40.29 -22.80
CA GLU C 725 24.73 -38.96 -22.24
C GLU C 725 23.42 -38.18 -22.30
N ILE C 726 23.01 -37.61 -21.17
CA ILE C 726 21.69 -37.00 -21.05
C ILE C 726 21.85 -35.52 -20.74
N LEU C 727 21.16 -34.68 -21.50
CA LEU C 727 21.29 -33.24 -21.30
C LEU C 727 19.93 -32.56 -21.28
N PRO C 728 19.71 -31.66 -20.32
CA PRO C 728 18.52 -30.82 -20.38
C PRO C 728 18.64 -29.81 -21.51
N VAL C 729 17.49 -29.39 -22.04
CA VAL C 729 17.45 -28.43 -23.13
C VAL C 729 16.59 -27.22 -22.80
N SER C 730 15.42 -27.42 -22.21
CA SER C 730 14.51 -26.33 -21.94
C SER C 730 13.70 -26.64 -20.69
N MET C 731 13.14 -25.59 -20.09
CA MET C 731 12.27 -25.72 -18.95
C MET C 731 10.85 -25.36 -19.37
N THR C 732 9.96 -25.32 -18.38
CA THR C 732 8.55 -25.09 -18.67
C THR C 732 8.28 -23.60 -18.80
N LYS C 733 7.59 -23.22 -19.87
CA LYS C 733 7.25 -21.82 -20.14
C LYS C 733 6.12 -21.41 -19.21
N THR C 734 6.48 -20.70 -18.15
CA THR C 734 5.45 -20.21 -17.25
C THR C 734 5.27 -18.71 -17.41
N SER C 735 4.12 -18.23 -16.93
CA SER C 735 3.82 -16.80 -16.96
C SER C 735 2.97 -16.48 -15.74
N VAL C 736 3.17 -15.29 -15.19
CA VAL C 736 2.48 -14.85 -13.98
C VAL C 736 1.90 -13.47 -14.23
N ASP C 737 0.64 -13.29 -13.88
CA ASP C 737 0.00 -11.98 -13.98
C ASP C 737 0.21 -11.27 -12.65
N CYS C 738 1.22 -10.40 -12.61
CA CYS C 738 1.59 -9.72 -11.37
C CYS C 738 0.42 -9.02 -10.71
N THR C 739 -0.35 -8.25 -11.46
CA THR C 739 -1.49 -7.55 -10.86
C THR C 739 -2.50 -8.53 -10.31
N MET C 740 -2.80 -9.59 -11.06
CA MET C 740 -3.73 -10.60 -10.58
C MET C 740 -3.21 -11.29 -9.34
N TYR C 741 -1.91 -11.61 -9.30
CA TYR C 741 -1.36 -12.32 -8.16
C TYR C 741 -1.40 -11.48 -6.90
N ILE C 742 -0.90 -10.24 -6.98
CA ILE C 742 -0.81 -9.41 -5.79
C ILE C 742 -2.18 -8.99 -5.30
N CYS C 743 -3.04 -8.56 -6.23
CA CYS C 743 -4.30 -7.92 -5.86
C CYS C 743 -5.49 -8.62 -6.50
N GLY C 744 -5.57 -9.93 -6.32
CA GLY C 744 -6.61 -10.70 -6.99
C GLY C 744 -8.01 -10.20 -6.76
N ASP C 745 -8.56 -9.55 -7.79
CA ASP C 745 -9.95 -9.13 -7.82
C ASP C 745 -10.28 -8.15 -6.69
N SER C 746 -9.57 -7.03 -6.67
CA SER C 746 -9.80 -5.96 -5.70
C SER C 746 -9.35 -4.65 -6.30
N THR C 747 -10.24 -3.67 -6.33
CA THR C 747 -9.90 -2.38 -6.92
C THR C 747 -8.96 -1.58 -6.03
N GLU C 748 -9.18 -1.65 -4.71
CA GLU C 748 -8.37 -0.87 -3.79
C GLU C 748 -6.90 -1.28 -3.87
N CYS C 749 -6.64 -2.60 -3.91
CA CYS C 749 -5.27 -3.06 -4.00
C CYS C 749 -4.63 -2.63 -5.30
N SER C 750 -5.38 -2.67 -6.39
CA SER C 750 -4.84 -2.22 -7.67
C SER C 750 -4.49 -0.74 -7.61
N ASN C 751 -5.38 0.07 -7.02
CA ASN C 751 -5.12 1.50 -6.92
C ASN C 751 -3.88 1.77 -6.09
N LEU C 752 -3.72 1.07 -4.97
CA LEU C 752 -2.51 1.24 -4.17
C LEU C 752 -1.27 0.82 -4.94
N LEU C 753 -1.35 -0.30 -5.67
CA LEU C 753 -0.20 -0.79 -6.42
C LEU C 753 0.19 0.20 -7.52
N LEU C 754 -0.78 0.98 -8.01
CA LEU C 754 -0.49 1.92 -9.08
C LEU C 754 0.59 2.92 -8.70
N GLN C 755 0.83 3.13 -7.40
CA GLN C 755 1.81 4.12 -6.98
C GLN C 755 3.23 3.61 -7.03
N TYR C 756 3.46 2.33 -7.31
CA TYR C 756 4.79 1.75 -7.31
C TYR C 756 5.45 1.81 -8.67
N GLY C 757 4.85 2.48 -9.64
CA GLY C 757 5.52 2.63 -10.91
C GLY C 757 5.39 1.39 -11.76
N SER C 758 6.48 1.03 -12.42
CA SER C 758 6.47 -0.02 -13.42
C SER C 758 7.04 -1.34 -12.94
N PHE C 759 6.93 -1.65 -11.64
CA PHE C 759 7.41 -2.94 -11.17
C PHE C 759 6.65 -4.08 -11.79
N CYS C 760 5.33 -3.93 -11.92
CA CYS C 760 4.49 -5.03 -12.37
C CYS C 760 4.84 -5.42 -13.81
N THR C 761 5.04 -4.41 -14.67
CA THR C 761 5.30 -4.69 -16.09
C THR C 761 6.63 -5.39 -16.32
N GLN C 762 7.72 -4.88 -15.73
CA GLN C 762 9.04 -5.40 -16.02
C GLN C 762 9.19 -6.86 -15.62
N LEU C 763 8.50 -7.31 -14.58
CA LEU C 763 8.51 -8.74 -14.27
C LEU C 763 7.92 -9.55 -15.41
N ASN C 764 6.81 -9.08 -15.97
CA ASN C 764 6.21 -9.76 -17.10
C ASN C 764 7.16 -9.76 -18.30
N ARG C 765 7.86 -8.65 -18.50
CA ARG C 765 8.84 -8.59 -19.59
C ARG C 765 9.93 -9.63 -19.40
N ALA C 766 10.46 -9.75 -18.19
CA ALA C 766 11.51 -10.74 -17.94
C ALA C 766 11.02 -12.14 -18.18
N LEU C 767 9.82 -12.47 -17.68
CA LEU C 767 9.30 -13.81 -17.89
C LEU C 767 9.04 -14.08 -19.36
N THR C 768 8.58 -13.09 -20.11
CA THR C 768 8.39 -13.27 -21.54
C THR C 768 9.71 -13.55 -22.24
N GLY C 769 10.76 -12.83 -21.85
CA GLY C 769 12.07 -13.11 -22.43
C GLY C 769 12.51 -14.53 -22.16
N ILE C 770 12.31 -15.01 -20.93
CA ILE C 770 12.65 -16.40 -20.61
C ILE C 770 11.88 -17.36 -21.50
N ALA C 771 10.57 -17.13 -21.63
CA ALA C 771 9.73 -18.03 -22.41
C ALA C 771 10.18 -18.08 -23.86
N VAL C 772 10.53 -16.93 -24.43
CA VAL C 772 10.97 -16.90 -25.82
C VAL C 772 12.28 -17.65 -25.97
N GLU C 773 13.23 -17.43 -25.07
CA GLU C 773 14.51 -18.10 -25.23
C GLU C 773 14.38 -19.61 -25.04
N GLN C 774 13.35 -20.08 -24.35
CA GLN C 774 13.12 -21.53 -24.30
C GLN C 774 12.92 -22.11 -25.69
N ASP C 775 11.98 -21.55 -26.45
CA ASP C 775 11.75 -22.02 -27.81
C ASP C 775 12.98 -21.81 -28.68
N LYS C 776 13.71 -20.72 -28.47
CA LYS C 776 14.94 -20.54 -29.22
C LYS C 776 15.94 -21.66 -28.94
N ASN C 777 16.05 -22.06 -27.67
CA ASN C 777 16.94 -23.17 -27.32
C ASN C 777 16.55 -24.44 -28.06
N THR C 778 15.27 -24.80 -28.00
CA THR C 778 14.84 -26.03 -28.66
C THR C 778 15.09 -25.97 -30.16
N GLN C 779 14.78 -24.82 -30.78
CA GLN C 779 15.01 -24.67 -32.21
C GLN C 779 16.48 -24.82 -32.54
N GLU C 780 17.36 -24.20 -31.76
CA GLU C 780 18.79 -24.29 -32.02
C GLU C 780 19.29 -25.70 -31.89
N VAL C 781 18.83 -26.44 -30.89
CA VAL C 781 19.33 -27.79 -30.69
C VAL C 781 18.87 -28.72 -31.80
N PHE C 782 17.58 -28.69 -32.14
CA PHE C 782 17.06 -29.72 -33.03
C PHE C 782 17.00 -29.31 -34.49
N ALA C 783 16.56 -28.09 -34.79
CA ALA C 783 16.30 -27.69 -36.17
C ALA C 783 17.60 -27.32 -36.90
N GLN C 784 18.50 -28.28 -36.95
CA GLN C 784 19.79 -28.11 -37.62
C GLN C 784 19.82 -28.70 -39.01
N VAL C 785 18.69 -29.19 -39.51
CA VAL C 785 18.63 -29.83 -40.82
C VAL C 785 17.61 -29.09 -41.66
N LYS C 786 17.96 -28.85 -42.93
CA LYS C 786 17.09 -28.09 -43.81
C LYS C 786 15.92 -28.92 -44.33
N GLN C 787 16.10 -30.22 -44.55
CA GLN C 787 15.11 -31.05 -45.20
C GLN C 787 14.83 -32.27 -44.34
N ILE C 788 13.68 -32.90 -44.60
CA ILE C 788 13.26 -34.06 -43.85
C ILE C 788 13.55 -35.30 -44.68
N TYR C 789 14.59 -36.03 -44.31
CA TYR C 789 14.92 -37.29 -44.94
C TYR C 789 14.07 -38.39 -44.34
N LYS C 790 14.11 -39.56 -44.96
CA LYS C 790 13.49 -40.74 -44.37
C LYS C 790 14.17 -41.99 -44.90
N THR C 791 14.20 -43.01 -44.04
CA THR C 791 14.93 -44.22 -44.32
C THR C 791 14.25 -45.02 -45.43
N PRO C 792 15.02 -45.77 -46.21
CA PRO C 792 14.43 -46.62 -47.24
C PRO C 792 13.65 -47.77 -46.61
N PRO C 793 12.70 -48.34 -47.35
CA PRO C 793 11.85 -49.39 -46.76
C PRO C 793 12.59 -50.68 -46.41
N ILE C 794 13.76 -50.93 -46.99
CA ILE C 794 14.47 -52.19 -46.80
C ILE C 794 15.74 -51.92 -46.00
N LYS C 795 15.89 -52.64 -44.90
CA LYS C 795 17.00 -52.41 -43.96
C LYS C 795 18.13 -53.41 -44.19
N ASP C 796 18.79 -53.29 -45.33
CA ASP C 796 19.91 -54.17 -45.67
C ASP C 796 21.23 -53.45 -45.38
N PHE C 797 21.48 -53.21 -44.10
CA PHE C 797 22.64 -52.45 -43.67
C PHE C 797 23.83 -53.34 -43.32
N GLY C 798 23.95 -54.49 -43.96
CA GLY C 798 25.10 -55.34 -43.74
C GLY C 798 25.24 -55.87 -42.34
N GLY C 799 24.13 -56.19 -41.68
CA GLY C 799 24.16 -56.83 -40.38
C GLY C 799 23.76 -55.94 -39.22
N PHE C 800 23.92 -54.63 -39.34
CA PHE C 800 23.54 -53.75 -38.26
C PHE C 800 22.01 -53.66 -38.17
N ASN C 801 21.49 -53.77 -36.95
CA ASN C 801 20.05 -53.94 -36.81
C ASN C 801 19.30 -52.62 -36.88
N PHE C 802 19.59 -51.68 -35.98
CA PHE C 802 19.05 -50.33 -35.91
C PHE C 802 17.60 -50.28 -35.48
N SER C 803 16.94 -51.42 -35.29
CA SER C 803 15.50 -51.42 -35.07
C SER C 803 15.13 -50.65 -33.82
N GLN C 804 15.99 -50.69 -32.81
CA GLN C 804 15.69 -50.07 -31.53
C GLN C 804 15.74 -48.56 -31.57
N ILE C 805 16.26 -47.96 -32.64
CA ILE C 805 16.33 -46.51 -32.73
C ILE C 805 15.51 -45.93 -33.87
N LEU C 806 15.20 -46.68 -34.90
CA LEU C 806 14.35 -46.13 -35.95
C LEU C 806 12.89 -46.13 -35.51
N PRO C 807 12.09 -45.23 -36.07
CA PRO C 807 10.68 -45.15 -35.66
C PRO C 807 9.93 -46.43 -35.95
N ASP C 808 8.96 -46.73 -35.08
CA ASP C 808 8.11 -47.91 -35.25
C ASP C 808 6.78 -47.47 -35.82
N PRO C 809 6.38 -47.96 -37.00
CA PRO C 809 5.06 -47.59 -37.53
C PRO C 809 3.91 -48.07 -36.68
N SER C 810 4.10 -49.09 -35.85
CA SER C 810 3.03 -49.66 -35.05
C SER C 810 2.44 -48.69 -34.04
N LYS C 811 3.25 -47.91 -33.38
CA LYS C 811 2.74 -47.01 -32.35
C LYS C 811 1.91 -45.89 -32.97
N PRO C 812 0.90 -45.41 -32.26
CA PRO C 812 0.18 -44.21 -32.71
C PRO C 812 1.08 -43.00 -32.86
N SER C 813 2.04 -42.82 -31.95
CA SER C 813 3.06 -41.80 -32.08
C SER C 813 4.31 -42.47 -32.60
N LYS C 814 4.79 -42.04 -33.77
CA LYS C 814 5.86 -42.75 -34.46
C LYS C 814 7.19 -42.50 -33.74
N ARG C 815 7.30 -43.12 -32.58
CA ARG C 815 8.50 -43.03 -31.76
C ARG C 815 9.18 -44.39 -31.69
N SER C 816 10.50 -44.37 -31.66
CA SER C 816 11.25 -45.60 -31.55
C SER C 816 11.09 -46.21 -30.17
N PHE C 817 11.61 -47.42 -30.02
CA PHE C 817 11.41 -48.17 -28.78
C PHE C 817 12.08 -47.49 -27.60
N ILE C 818 13.34 -47.09 -27.76
CA ILE C 818 14.06 -46.45 -26.67
C ILE C 818 13.39 -45.14 -26.29
N GLU C 819 12.86 -44.42 -27.28
CA GLU C 819 12.12 -43.20 -26.97
C GLU C 819 10.91 -43.51 -26.11
N ASP C 820 10.20 -44.60 -26.40
CA ASP C 820 9.06 -44.97 -25.58
C ASP C 820 9.49 -45.33 -24.17
N LEU C 821 10.63 -46.03 -24.02
CA LEU C 821 11.13 -46.31 -22.68
C LEU C 821 11.44 -45.02 -21.94
N LEU C 822 12.03 -44.05 -22.62
CA LEU C 822 12.36 -42.78 -21.98
C LEU C 822 11.10 -42.03 -21.56
N PHE C 823 10.08 -42.02 -22.42
CA PHE C 823 8.89 -41.23 -22.11
C PHE C 823 8.05 -41.84 -21.01
N ASN C 824 8.31 -43.09 -20.63
CA ASN C 824 7.59 -43.72 -19.54
C ASN C 824 8.34 -43.65 -18.21
N LYS C 825 9.51 -43.00 -18.19
CA LYS C 825 10.28 -42.86 -16.97
C LYS C 825 10.10 -41.53 -16.28
N VAL C 826 9.84 -40.47 -17.03
CA VAL C 826 9.66 -39.14 -16.47
C VAL C 826 8.19 -38.94 -16.11
N THR C 827 7.93 -38.48 -14.90
CA THR C 827 6.57 -38.27 -14.44
C THR C 827 6.36 -36.83 -13.98
N LYS C 854 -1.42 -22.39 -9.05
CA LYS C 854 -1.94 -23.15 -10.17
C LYS C 854 -3.06 -22.39 -10.85
N PHE C 855 -3.81 -21.62 -10.07
CA PHE C 855 -4.97 -20.89 -10.55
C PHE C 855 -5.09 -19.50 -9.92
N ASN C 856 -3.99 -18.78 -9.83
CA ASN C 856 -3.97 -17.42 -9.31
C ASN C 856 -3.21 -16.46 -10.21
N GLY C 857 -3.50 -16.47 -11.50
CA GLY C 857 -2.68 -15.75 -12.45
C GLY C 857 -1.48 -16.52 -12.94
N LEU C 858 -1.39 -17.80 -12.62
CA LEU C 858 -0.27 -18.63 -13.00
C LEU C 858 -0.68 -19.46 -14.21
N THR C 859 0.01 -19.27 -15.32
CA THR C 859 -0.31 -19.98 -16.55
C THR C 859 0.94 -20.66 -17.09
N VAL C 860 0.74 -21.70 -17.88
CA VAL C 860 1.81 -22.39 -18.57
C VAL C 860 1.51 -22.37 -20.06
N LEU C 861 2.43 -21.98 -20.80
CA LEU C 861 2.24 -21.89 -22.24
C LEU C 861 2.79 -23.13 -22.91
N PRO C 862 2.12 -23.61 -23.96
CA PRO C 862 2.59 -24.80 -24.65
C PRO C 862 3.87 -24.52 -25.40
N PRO C 863 4.76 -25.49 -25.52
CA PRO C 863 5.94 -25.32 -26.36
C PRO C 863 5.54 -25.16 -27.81
N LEU C 864 6.37 -24.42 -28.55
CA LEU C 864 6.05 -24.14 -29.95
C LEU C 864 6.00 -25.41 -30.78
N LEU C 865 6.97 -26.31 -30.58
CA LEU C 865 7.06 -27.54 -31.34
C LEU C 865 6.48 -28.68 -30.53
N THR C 866 5.45 -29.33 -31.07
CA THR C 866 4.89 -30.48 -30.38
C THR C 866 5.88 -31.64 -30.40
N ASP C 867 5.62 -32.63 -29.55
CA ASP C 867 6.55 -33.74 -29.42
C ASP C 867 6.70 -34.51 -30.73
N GLU C 868 5.64 -34.58 -31.52
CA GLU C 868 5.71 -35.32 -32.76
C GLU C 868 6.68 -34.68 -33.74
N MET C 869 6.71 -33.35 -33.79
CA MET C 869 7.67 -32.70 -34.68
C MET C 869 9.10 -32.86 -34.18
N ILE C 870 9.30 -32.88 -32.86
CA ILE C 870 10.62 -33.20 -32.33
C ILE C 870 11.03 -34.59 -32.77
N ALA C 871 10.11 -35.54 -32.71
CA ALA C 871 10.41 -36.89 -33.16
C ALA C 871 10.74 -36.91 -34.64
N GLN C 872 10.06 -36.10 -35.43
CA GLN C 872 10.35 -36.06 -36.86
C GLN C 872 11.74 -35.50 -37.13
N TYR C 873 12.13 -34.45 -36.42
CA TYR C 873 13.51 -33.97 -36.53
C TYR C 873 14.51 -35.05 -36.17
N THR C 874 14.29 -35.74 -35.05
CA THR C 874 15.23 -36.78 -34.69
C THR C 874 15.30 -37.88 -35.75
N SER C 875 14.14 -38.25 -36.31
CA SER C 875 14.11 -39.27 -37.34
C SER C 875 14.87 -38.81 -38.58
N ALA C 876 14.69 -37.55 -38.97
CA ALA C 876 15.39 -37.03 -40.13
C ALA C 876 16.90 -37.05 -39.92
N LEU C 877 17.34 -36.58 -38.75
CA LEU C 877 18.77 -36.61 -38.45
C LEU C 877 19.31 -38.03 -38.50
N LEU C 878 18.58 -38.96 -37.90
CA LEU C 878 19.05 -40.33 -37.86
C LEU C 878 19.12 -40.96 -39.24
N ALA C 879 18.12 -40.71 -40.09
CA ALA C 879 18.12 -41.27 -41.43
C ALA C 879 19.24 -40.68 -42.27
N GLY C 880 19.45 -39.37 -42.16
CA GLY C 880 20.55 -38.75 -42.89
C GLY C 880 21.89 -39.32 -42.47
N THR C 881 22.08 -39.50 -41.17
CA THR C 881 23.32 -40.10 -40.69
C THR C 881 23.49 -41.51 -41.23
N ILE C 882 22.42 -42.29 -41.23
CA ILE C 882 22.53 -43.68 -41.65
C ILE C 882 22.88 -43.77 -43.13
N THR C 883 22.23 -42.98 -43.97
CA THR C 883 22.37 -43.20 -45.41
C THR C 883 23.25 -42.17 -46.12
N SER C 884 23.89 -41.25 -45.41
CA SER C 884 24.70 -40.25 -46.08
C SER C 884 26.01 -39.93 -45.36
N GLY C 885 26.26 -40.51 -44.20
CA GLY C 885 27.48 -40.20 -43.49
C GLY C 885 27.42 -38.79 -42.92
N TRP C 886 28.56 -38.10 -42.93
CA TRP C 886 28.61 -36.73 -42.46
C TRP C 886 28.37 -35.72 -43.57
N THR C 887 28.19 -36.18 -44.81
CA THR C 887 28.15 -35.29 -45.96
C THR C 887 26.97 -34.33 -45.89
N PHE C 888 25.82 -34.79 -45.38
CA PHE C 888 24.65 -33.93 -45.37
C PHE C 888 24.81 -32.76 -44.42
N GLY C 889 25.83 -32.79 -43.55
CA GLY C 889 26.08 -31.64 -42.70
C GLY C 889 26.56 -30.44 -43.48
N ALA C 890 27.41 -30.67 -44.48
CA ALA C 890 28.00 -29.54 -45.21
C ALA C 890 27.07 -29.04 -46.30
N GLY C 891 26.79 -29.85 -47.31
CA GLY C 891 26.00 -29.39 -48.44
C GLY C 891 24.99 -30.39 -48.93
N ALA C 892 25.02 -30.70 -50.22
CA ALA C 892 24.14 -31.69 -50.79
C ALA C 892 24.43 -33.07 -50.19
N ALA C 893 23.37 -33.76 -49.78
CA ALA C 893 23.51 -35.07 -49.13
C ALA C 893 23.85 -36.11 -50.18
N LEU C 894 24.83 -36.95 -49.88
CA LEU C 894 25.33 -37.95 -50.81
C LEU C 894 25.20 -39.32 -50.16
N GLN C 895 24.72 -40.31 -50.91
CA GLN C 895 24.54 -41.63 -50.34
C GLN C 895 25.84 -42.43 -50.42
N ILE C 896 25.93 -43.46 -49.58
CA ILE C 896 27.11 -44.31 -49.49
C ILE C 896 26.75 -45.54 -48.66
N PRO C 897 27.18 -46.74 -49.04
CA PRO C 897 26.86 -47.93 -48.24
C PRO C 897 27.41 -47.80 -46.83
N PHE C 898 26.66 -48.34 -45.86
CA PHE C 898 27.00 -48.14 -44.45
C PHE C 898 28.35 -48.74 -44.11
N ALA C 899 28.66 -49.91 -44.66
CA ALA C 899 29.94 -50.54 -44.35
C ALA C 899 31.10 -49.63 -44.74
N MET C 900 31.01 -48.99 -45.90
CA MET C 900 32.07 -48.07 -46.30
C MET C 900 32.14 -46.86 -45.38
N GLN C 901 30.98 -46.41 -44.88
CA GLN C 901 30.99 -45.31 -43.93
C GLN C 901 31.75 -45.70 -42.67
N MET C 902 31.49 -46.90 -42.16
CA MET C 902 32.22 -47.35 -40.98
C MET C 902 33.71 -47.49 -41.27
N ALA C 903 34.06 -47.87 -42.49
CA ALA C 903 35.47 -47.92 -42.88
C ALA C 903 36.10 -46.54 -42.80
N TYR C 904 35.40 -45.52 -43.30
CA TYR C 904 35.88 -44.16 -43.11
C TYR C 904 36.07 -43.83 -41.63
N ARG C 905 35.12 -44.25 -40.80
CA ARG C 905 35.22 -43.92 -39.39
C ARG C 905 36.46 -44.55 -38.75
N PHE C 906 36.78 -45.79 -39.12
CA PHE C 906 38.04 -46.36 -38.65
C PHE C 906 39.24 -45.61 -39.19
N ASN C 907 39.21 -45.21 -40.45
CA ASN C 907 40.29 -44.35 -40.94
C ASN C 907 40.44 -43.11 -40.08
N GLY C 908 39.33 -42.62 -39.53
CA GLY C 908 39.37 -41.40 -38.75
C GLY C 908 40.13 -41.52 -37.44
N ILE C 909 40.41 -42.73 -36.97
CA ILE C 909 41.09 -42.91 -35.70
C ILE C 909 42.39 -43.69 -35.87
N GLY C 910 42.95 -43.72 -37.07
CA GLY C 910 44.23 -44.37 -37.27
C GLY C 910 44.19 -45.88 -37.29
N VAL C 911 43.13 -46.48 -37.80
CA VAL C 911 43.03 -47.92 -37.98
C VAL C 911 42.69 -48.19 -39.43
N THR C 912 43.46 -49.07 -40.06
CA THR C 912 43.28 -49.36 -41.47
C THR C 912 41.94 -50.07 -41.70
N GLN C 913 41.28 -49.69 -42.80
CA GLN C 913 39.93 -50.18 -43.07
C GLN C 913 39.89 -51.69 -43.28
N ASN C 914 40.99 -52.31 -43.68
CA ASN C 914 41.01 -53.76 -43.79
C ASN C 914 40.60 -54.42 -42.49
N VAL C 915 40.89 -53.79 -41.35
CA VAL C 915 40.45 -54.32 -40.07
C VAL C 915 38.93 -54.44 -40.04
N LEU C 916 38.22 -53.40 -40.47
CA LEU C 916 36.77 -53.47 -40.48
C LEU C 916 36.29 -54.53 -41.45
N TYR C 917 36.79 -54.50 -42.69
CA TYR C 917 36.25 -55.40 -43.69
C TYR C 917 36.51 -56.86 -43.36
N GLU C 918 37.62 -57.15 -42.69
CA GLU C 918 37.94 -58.53 -42.37
C GLU C 918 37.20 -59.01 -41.12
N ASN C 919 36.49 -58.12 -40.45
CA ASN C 919 35.81 -58.46 -39.20
C ASN C 919 34.40 -57.91 -39.14
N GLN C 920 33.66 -57.97 -40.25
CA GLN C 920 32.40 -57.25 -40.33
C GLN C 920 31.34 -57.87 -39.41
N LYS C 921 31.18 -59.19 -39.47
CA LYS C 921 30.12 -59.84 -38.69
C LYS C 921 30.34 -59.68 -37.19
N LEU C 922 31.58 -59.83 -36.75
CA LEU C 922 31.86 -59.68 -35.32
C LEU C 922 31.52 -58.29 -34.84
N ILE C 923 31.89 -57.27 -35.61
CA ILE C 923 31.60 -55.89 -35.22
C ILE C 923 30.10 -55.66 -35.20
N ALA C 924 29.39 -56.21 -36.19
CA ALA C 924 27.94 -56.05 -36.22
C ALA C 924 27.31 -56.67 -34.98
N ASN C 925 27.75 -57.86 -34.60
CA ASN C 925 27.19 -58.52 -33.42
C ASN C 925 27.49 -57.73 -32.16
N GLN C 926 28.70 -57.21 -32.02
CA GLN C 926 29.02 -56.41 -30.85
C GLN C 926 28.14 -55.17 -30.79
N PHE C 927 27.93 -54.52 -31.93
CA PHE C 927 27.08 -53.33 -31.96
C PHE C 927 25.66 -53.66 -31.52
N ASN C 928 25.10 -54.76 -32.05
CA ASN C 928 23.75 -55.13 -31.68
C ASN C 928 23.64 -55.46 -30.20
N SER C 929 24.62 -56.19 -29.66
CA SER C 929 24.60 -56.53 -28.25
C SER C 929 24.67 -55.27 -27.39
N ALA C 930 25.50 -54.30 -27.79
CA ALA C 930 25.58 -53.06 -27.04
C ALA C 930 24.25 -52.33 -27.05
N ILE C 931 23.57 -52.33 -28.18
CA ILE C 931 22.25 -51.70 -28.25
C ILE C 931 21.29 -52.38 -27.28
N GLY C 932 21.28 -53.71 -27.25
CA GLY C 932 20.40 -54.42 -26.34
C GLY C 932 20.72 -54.11 -24.88
N LYS C 933 22.00 -54.05 -24.54
CA LYS C 933 22.38 -53.70 -23.18
C LYS C 933 21.92 -52.31 -22.82
N ILE C 934 21.99 -51.36 -23.76
CA ILE C 934 21.48 -50.02 -23.49
C ILE C 934 20.00 -50.06 -23.17
N GLN C 935 19.24 -50.80 -23.98
CA GLN C 935 17.81 -50.91 -23.72
C GLN C 935 17.54 -51.45 -22.32
N ASP C 936 18.22 -52.53 -21.94
CA ASP C 936 17.99 -53.12 -20.63
C ASP C 936 18.41 -52.18 -19.51
N SER C 937 19.56 -51.53 -19.65
CA SER C 937 20.05 -50.63 -18.60
C SER C 937 19.08 -49.49 -18.38
N LEU C 938 18.56 -48.90 -19.45
CA LEU C 938 17.54 -47.88 -19.27
C LEU C 938 16.28 -48.46 -18.65
N SER C 939 15.87 -49.64 -19.08
CA SER C 939 14.68 -50.27 -18.54
C SER C 939 14.79 -50.65 -17.08
N SER C 940 16.01 -50.70 -16.53
CA SER C 940 16.22 -51.14 -15.16
C SER C 940 16.17 -50.02 -14.12
N THR C 941 17.05 -49.04 -14.20
CA THR C 941 17.22 -48.06 -13.13
C THR C 941 16.58 -46.75 -13.55
N ALA C 942 15.75 -46.18 -12.67
CA ALA C 942 15.12 -44.90 -12.95
C ALA C 942 16.09 -43.74 -12.75
N SER C 943 16.96 -43.82 -11.75
CA SER C 943 17.79 -42.69 -11.35
C SER C 943 18.70 -42.21 -12.48
N ALA C 944 18.93 -43.04 -13.51
CA ALA C 944 19.73 -42.60 -14.64
C ALA C 944 19.17 -41.35 -15.29
N LEU C 945 17.85 -41.17 -15.24
CA LEU C 945 17.20 -40.02 -15.87
C LEU C 945 17.16 -38.82 -14.94
N GLY C 946 17.73 -38.93 -13.74
CA GLY C 946 17.56 -37.92 -12.72
C GLY C 946 17.86 -36.52 -13.20
N LYS C 947 18.90 -36.37 -14.02
CA LYS C 947 19.27 -35.04 -14.51
C LYS C 947 18.09 -34.30 -15.09
N LEU C 948 17.30 -34.96 -15.93
CA LEU C 948 16.07 -34.34 -16.39
C LEU C 948 15.03 -34.23 -15.28
N GLN C 949 14.79 -35.33 -14.57
CA GLN C 949 13.73 -35.34 -13.56
C GLN C 949 13.93 -34.22 -12.55
N ASP C 950 15.16 -34.09 -12.03
CA ASP C 950 15.45 -33.06 -11.05
C ASP C 950 14.99 -31.70 -11.54
N VAL C 951 15.27 -31.37 -12.80
CA VAL C 951 14.89 -30.05 -13.30
C VAL C 951 13.42 -29.79 -13.04
N VAL C 952 12.57 -30.74 -13.44
CA VAL C 952 11.14 -30.55 -13.25
C VAL C 952 10.85 -30.27 -11.79
N ASN C 953 11.38 -31.10 -10.89
CA ASN C 953 11.13 -30.91 -9.47
C ASN C 953 11.44 -29.48 -9.07
N GLN C 954 12.63 -29.00 -9.43
CA GLN C 954 13.01 -27.65 -9.02
C GLN C 954 11.95 -26.65 -9.42
N ASN C 955 11.55 -26.67 -10.69
CA ASN C 955 10.54 -25.72 -11.13
C ASN C 955 9.28 -25.87 -10.30
N ALA C 956 8.77 -27.10 -10.19
CA ALA C 956 7.57 -27.31 -9.42
C ALA C 956 7.75 -26.78 -8.01
N GLN C 957 8.90 -27.09 -7.40
CA GLN C 957 9.15 -26.63 -6.05
C GLN C 957 8.92 -25.14 -5.93
N ALA C 958 9.54 -24.37 -6.82
CA ALA C 958 9.42 -22.91 -6.74
C ALA C 958 7.95 -22.51 -6.70
N LEU C 959 7.15 -23.05 -7.63
CA LEU C 959 5.76 -22.63 -7.69
C LEU C 959 5.07 -22.85 -6.37
N ASN C 960 5.25 -24.04 -5.77
CA ASN C 960 4.61 -24.29 -4.49
C ASN C 960 4.96 -23.21 -3.49
N THR C 961 6.26 -22.94 -3.33
CA THR C 961 6.67 -21.90 -2.40
C THR C 961 5.96 -20.61 -2.71
N LEU C 962 5.96 -20.20 -3.98
CA LEU C 962 5.30 -18.95 -4.32
C LEU C 962 3.85 -18.97 -3.88
N VAL C 963 3.12 -20.04 -4.20
CA VAL C 963 1.72 -20.09 -3.83
C VAL C 963 1.57 -20.08 -2.32
N LYS C 964 2.46 -20.78 -1.62
CA LYS C 964 2.37 -20.82 -0.17
C LYS C 964 2.56 -19.43 0.43
N GLN C 965 3.33 -18.58 -0.25
CA GLN C 965 3.55 -17.24 0.29
C GLN C 965 2.27 -16.44 0.34
N LEU C 966 1.23 -16.87 -0.37
CA LEU C 966 -0.04 -16.17 -0.30
C LEU C 966 -0.70 -16.30 1.07
N SER C 967 -0.24 -17.24 1.90
CA SER C 967 -0.91 -17.46 3.17
C SER C 967 -0.23 -16.75 4.34
N SER C 968 0.82 -15.97 4.10
CA SER C 968 1.52 -15.32 5.19
C SER C 968 0.92 -13.97 5.51
N ASN C 969 1.12 -13.53 6.75
CA ASN C 969 0.56 -12.27 7.21
C ASN C 969 1.50 -11.09 7.02
N PHE C 970 2.81 -11.32 7.05
CA PHE C 970 3.80 -10.26 6.92
C PHE C 970 3.58 -9.16 7.94
N GLY C 971 3.03 -9.51 9.09
CA GLY C 971 2.73 -8.55 10.13
C GLY C 971 1.36 -7.92 10.04
N ALA C 972 0.60 -8.23 9.00
CA ALA C 972 -0.76 -7.71 8.92
C ALA C 972 -1.67 -8.47 9.87
N ILE C 973 -2.94 -8.04 9.93
CA ILE C 973 -3.89 -8.69 10.81
C ILE C 973 -4.34 -10.04 10.27
N SER C 974 -4.27 -10.23 8.95
CA SER C 974 -4.71 -11.48 8.34
C SER C 974 -4.13 -11.58 6.94
N SER C 975 -4.14 -12.78 6.37
CA SER C 975 -3.68 -12.97 5.01
C SER C 975 -4.83 -12.98 4.01
N VAL C 976 -6.05 -12.69 4.45
CA VAL C 976 -7.20 -12.62 3.57
C VAL C 976 -7.48 -11.15 3.25
N LEU C 977 -7.36 -10.80 1.96
CA LEU C 977 -7.55 -9.40 1.58
C LEU C 977 -8.99 -8.96 1.83
N ASN C 978 -9.96 -9.81 1.51
CA ASN C 978 -11.36 -9.45 1.70
C ASN C 978 -11.68 -9.20 3.16
N ASP C 979 -11.16 -10.05 4.05
CA ASP C 979 -11.42 -9.88 5.48
C ASP C 979 -10.93 -8.52 5.97
N ILE C 980 -9.74 -8.11 5.56
CA ILE C 980 -9.25 -6.78 5.89
C ILE C 980 -10.16 -5.72 5.30
N LEU C 981 -10.57 -5.92 4.04
CA LEU C 981 -11.47 -4.97 3.40
C LEU C 981 -12.83 -4.93 4.08
N SER C 982 -13.18 -5.98 4.83
CA SER C 982 -14.52 -6.09 5.38
C SER C 982 -14.59 -5.85 6.89
N ARG C 983 -13.53 -5.33 7.50
CA ARG C 983 -13.54 -5.11 8.94
C ARG C 983 -12.85 -3.84 9.40
N LEU C 984 -12.37 -3.01 8.48
CA LEU C 984 -11.57 -1.85 8.85
C LEU C 984 -12.01 -0.61 8.07
N ASP C 985 -11.68 0.55 8.60
CA ASP C 985 -11.84 1.79 7.87
C ASP C 985 -10.82 1.85 6.74
N PRO C 986 -11.11 2.61 5.68
CA PRO C 986 -10.18 2.71 4.55
C PRO C 986 -8.79 3.16 4.97
N PRO C 987 -8.64 4.12 5.89
CA PRO C 987 -7.27 4.51 6.29
C PRO C 987 -6.43 3.38 6.85
N GLU C 988 -6.99 2.49 7.65
CA GLU C 988 -6.25 1.35 8.20
C GLU C 988 -6.12 0.20 7.23
N ALA C 989 -7.16 -0.05 6.43
CA ALA C 989 -7.04 -1.00 5.34
C ALA C 989 -5.89 -0.60 4.43
N GLU C 990 -5.65 0.70 4.28
CA GLU C 990 -4.49 1.14 3.50
C GLU C 990 -3.19 0.59 4.07
N VAL C 991 -3.00 0.71 5.39
CA VAL C 991 -1.75 0.24 5.99
C VAL C 991 -1.62 -1.27 5.85
N GLN C 992 -2.69 -1.99 6.15
CA GLN C 992 -2.62 -3.45 6.09
C GLN C 992 -2.34 -3.92 4.67
N ILE C 993 -3.05 -3.37 3.70
CA ILE C 993 -2.85 -3.75 2.31
C ILE C 993 -1.46 -3.36 1.85
N ASP C 994 -0.94 -2.25 2.37
CA ASP C 994 0.43 -1.88 2.04
C ASP C 994 1.43 -2.92 2.51
N ARG C 995 1.26 -3.43 3.73
CA ARG C 995 2.14 -4.49 4.19
C ARG C 995 2.03 -5.73 3.31
N LEU C 996 0.80 -6.13 2.98
CA LEU C 996 0.64 -7.32 2.15
C LEU C 996 1.25 -7.13 0.78
N ILE C 997 1.07 -5.94 0.19
CA ILE C 997 1.63 -5.65 -1.11
C ILE C 997 3.15 -5.74 -1.05
N THR C 998 3.76 -5.15 -0.02
CA THR C 998 5.20 -5.21 0.11
C THR C 998 5.68 -6.66 0.15
N GLY C 999 5.07 -7.47 1.02
CA GLY C 999 5.51 -8.85 1.14
C GLY C 999 5.38 -9.62 -0.15
N ARG C 1000 4.21 -9.54 -0.79
CA ARG C 1000 4.00 -10.31 -2.01
C ARG C 1000 4.89 -9.83 -3.15
N LEU C 1001 5.09 -8.52 -3.27
CA LEU C 1001 5.98 -8.02 -4.32
C LEU C 1001 7.41 -8.52 -4.11
N GLN C 1002 7.87 -8.52 -2.86
CA GLN C 1002 9.21 -9.05 -2.59
C GLN C 1002 9.29 -10.52 -2.96
N SER C 1003 8.25 -11.29 -2.64
CA SER C 1003 8.25 -12.70 -3.00
C SER C 1003 8.33 -12.89 -4.51
N LEU C 1004 7.57 -12.09 -5.26
CA LEU C 1004 7.64 -12.19 -6.72
C LEU C 1004 9.03 -11.89 -7.23
N GLN C 1005 9.67 -10.84 -6.70
CA GLN C 1005 11.00 -10.51 -7.16
C GLN C 1005 11.96 -11.66 -6.90
N THR C 1006 11.88 -12.27 -5.72
CA THR C 1006 12.75 -13.41 -5.41
C THR C 1006 12.54 -14.53 -6.41
N TYR C 1007 11.27 -14.86 -6.68
CA TYR C 1007 10.98 -15.95 -7.62
C TYR C 1007 11.54 -15.65 -9.01
N VAL C 1008 11.36 -14.40 -9.46
CA VAL C 1008 11.81 -14.05 -10.81
C VAL C 1008 13.32 -14.14 -10.91
N THR C 1009 14.04 -13.67 -9.88
CA THR C 1009 15.50 -13.76 -9.94
C THR C 1009 15.96 -15.21 -9.95
N GLN C 1010 15.34 -16.07 -9.14
CA GLN C 1010 15.67 -17.48 -9.18
C GLN C 1010 15.48 -18.05 -10.57
N GLN C 1011 14.35 -17.72 -11.20
CA GLN C 1011 14.07 -18.23 -12.53
C GLN C 1011 15.10 -17.73 -13.54
N LEU C 1012 15.51 -16.47 -13.44
CA LEU C 1012 16.49 -15.96 -14.38
C LEU C 1012 17.81 -16.72 -14.27
N ILE C 1013 18.27 -16.95 -13.05
CA ILE C 1013 19.53 -17.67 -12.89
C ILE C 1013 19.41 -19.10 -13.42
N ARG C 1014 18.30 -19.77 -13.10
CA ARG C 1014 18.13 -21.12 -13.59
C ARG C 1014 18.05 -21.16 -15.11
N ALA C 1015 17.44 -20.15 -15.71
CA ALA C 1015 17.37 -20.07 -17.16
C ALA C 1015 18.75 -19.89 -17.77
N ALA C 1016 19.60 -19.12 -17.10
CA ALA C 1016 20.98 -19.00 -17.58
C ALA C 1016 21.68 -20.35 -17.56
N GLU C 1017 21.49 -21.12 -16.50
CA GLU C 1017 22.08 -22.46 -16.45
C GLU C 1017 21.57 -23.32 -17.60
N ILE C 1018 20.26 -23.31 -17.83
CA ILE C 1018 19.69 -24.14 -18.88
C ILE C 1018 20.19 -23.70 -20.24
N ARG C 1019 20.37 -22.39 -20.44
CA ARG C 1019 20.88 -21.92 -21.72
C ARG C 1019 22.30 -22.40 -21.95
N ALA C 1020 23.13 -22.40 -20.90
CA ALA C 1020 24.47 -22.95 -21.05
C ALA C 1020 24.41 -24.42 -21.43
N SER C 1021 23.53 -25.18 -20.77
CA SER C 1021 23.40 -26.59 -21.10
C SER C 1021 22.93 -26.79 -22.53
N ALA C 1022 21.99 -25.97 -22.98
CA ALA C 1022 21.47 -26.11 -24.34
C ALA C 1022 22.53 -25.76 -25.37
N ASN C 1023 23.35 -24.76 -25.09
CA ASN C 1023 24.46 -24.46 -25.99
C ASN C 1023 25.41 -25.64 -26.08
N LEU C 1024 25.72 -26.26 -24.94
CA LEU C 1024 26.58 -27.43 -24.98
C LEU C 1024 25.94 -28.54 -25.80
N ALA C 1025 24.64 -28.75 -25.64
CA ALA C 1025 23.96 -29.80 -26.38
C ALA C 1025 23.99 -29.51 -27.89
N ALA C 1026 23.78 -28.25 -28.26
CA ALA C 1026 23.83 -27.90 -29.68
C ALA C 1026 25.22 -28.16 -30.25
N THR C 1027 26.25 -27.81 -29.48
CA THR C 1027 27.61 -28.06 -29.94
C THR C 1027 27.86 -29.56 -30.10
N LYS C 1028 27.37 -30.36 -29.15
CA LYS C 1028 27.55 -31.80 -29.25
C LYS C 1028 26.85 -32.35 -30.48
N MET C 1029 25.64 -31.88 -30.74
CA MET C 1029 24.92 -32.35 -31.93
C MET C 1029 25.65 -31.98 -33.19
N SER C 1030 26.19 -30.76 -33.24
CA SER C 1030 26.86 -30.32 -34.46
C SER C 1030 28.15 -31.07 -34.69
N GLU C 1031 28.98 -31.23 -33.66
CA GLU C 1031 30.32 -31.76 -33.82
C GLU C 1031 30.41 -33.26 -33.59
N CYS C 1032 29.31 -33.91 -33.22
CA CYS C 1032 29.44 -35.27 -32.73
C CYS C 1032 28.43 -36.17 -33.40
N VAL C 1033 27.37 -35.58 -33.97
CA VAL C 1033 26.42 -36.32 -34.77
C VAL C 1033 26.66 -36.08 -36.24
N LEU C 1034 26.85 -34.82 -36.63
CA LEU C 1034 27.02 -34.46 -38.02
C LEU C 1034 28.45 -34.65 -38.50
N GLY C 1035 29.34 -35.09 -37.62
CA GLY C 1035 30.72 -35.38 -37.97
C GLY C 1035 31.37 -36.24 -36.91
N GLN C 1036 32.63 -36.58 -37.14
CA GLN C 1036 33.39 -37.37 -36.18
C GLN C 1036 34.35 -36.47 -35.44
N SER C 1037 34.25 -36.45 -34.12
CA SER C 1037 34.99 -35.50 -33.30
C SER C 1037 36.34 -36.07 -32.88
N LYS C 1038 37.33 -35.20 -32.80
CA LYS C 1038 38.67 -35.58 -32.40
C LYS C 1038 38.98 -35.19 -30.95
N ARG C 1039 38.08 -34.46 -30.31
CA ARG C 1039 38.32 -33.98 -28.95
C ARG C 1039 38.19 -35.14 -27.98
N VAL C 1040 39.09 -35.22 -27.00
CA VAL C 1040 39.11 -36.35 -26.08
C VAL C 1040 37.97 -36.22 -25.08
N ASP C 1041 37.29 -37.32 -24.82
CA ASP C 1041 36.22 -37.42 -23.82
C ASP C 1041 35.08 -36.45 -24.09
N PHE C 1042 35.06 -35.81 -25.25
CA PHE C 1042 33.92 -34.96 -25.57
C PHE C 1042 32.72 -35.78 -25.99
N CYS C 1043 32.96 -36.91 -26.65
CA CYS C 1043 31.87 -37.74 -27.14
C CYS C 1043 31.93 -39.13 -26.53
N GLY C 1044 32.10 -39.19 -25.21
CA GLY C 1044 32.18 -40.45 -24.52
C GLY C 1044 33.60 -40.97 -24.42
N LYS C 1045 33.82 -41.82 -23.42
CA LYS C 1045 35.15 -42.37 -23.20
C LYS C 1045 35.55 -43.30 -24.33
N GLY C 1046 36.79 -43.18 -24.77
CA GLY C 1046 37.30 -43.95 -25.88
C GLY C 1046 37.34 -43.13 -27.15
N TYR C 1047 37.83 -43.78 -28.21
CA TYR C 1047 37.92 -43.14 -29.52
C TYR C 1047 36.54 -43.11 -30.14
N HIS C 1048 36.10 -41.92 -30.54
CA HIS C 1048 34.73 -41.72 -30.98
C HIS C 1048 34.55 -42.24 -32.40
N LEU C 1049 33.53 -43.09 -32.58
CA LEU C 1049 33.13 -43.53 -33.91
C LEU C 1049 31.92 -42.74 -34.40
N MET C 1050 30.83 -42.71 -33.63
CA MET C 1050 29.69 -41.89 -34.04
C MET C 1050 28.74 -41.68 -32.88
N SER C 1051 27.59 -41.10 -33.18
CA SER C 1051 26.60 -40.80 -32.16
C SER C 1051 25.22 -40.82 -32.76
N PHE C 1052 24.23 -41.04 -31.90
CA PHE C 1052 22.83 -41.04 -32.31
C PHE C 1052 22.01 -40.21 -31.33
N PRO C 1053 21.12 -39.36 -31.81
CA PRO C 1053 20.28 -38.58 -30.91
C PRO C 1053 18.95 -39.26 -30.65
N GLN C 1054 18.38 -38.98 -29.48
CA GLN C 1054 17.03 -39.41 -29.13
C GLN C 1054 16.39 -38.32 -28.30
N SER C 1055 15.11 -38.06 -28.55
CA SER C 1055 14.42 -37.02 -27.81
C SER C 1055 14.03 -37.51 -26.43
N ALA C 1056 13.75 -36.57 -25.54
CA ALA C 1056 13.25 -36.88 -24.22
C ALA C 1056 12.54 -35.65 -23.69
N PRO C 1057 11.62 -35.81 -22.75
CA PRO C 1057 10.89 -34.64 -22.24
C PRO C 1057 11.82 -33.54 -21.78
N HIS C 1058 11.80 -32.42 -22.50
CA HIS C 1058 12.65 -31.26 -22.19
C HIS C 1058 14.12 -31.63 -22.17
N GLY C 1059 14.56 -32.48 -23.10
CA GLY C 1059 15.96 -32.82 -23.10
C GLY C 1059 16.30 -33.76 -24.23
N VAL C 1060 17.59 -34.07 -24.34
CA VAL C 1060 18.10 -34.92 -25.41
C VAL C 1060 19.00 -35.97 -24.81
N VAL C 1061 19.11 -37.10 -25.49
CA VAL C 1061 19.96 -38.21 -25.08
C VAL C 1061 20.82 -38.62 -26.27
N PHE C 1062 22.12 -38.72 -26.05
CA PHE C 1062 23.06 -39.13 -27.07
C PHE C 1062 23.55 -40.53 -26.77
N LEU C 1063 23.53 -41.39 -27.77
CA LEU C 1063 24.16 -42.69 -27.72
C LEU C 1063 25.48 -42.58 -28.45
N HIS C 1064 26.58 -42.61 -27.71
CA HIS C 1064 27.91 -42.47 -28.29
C HIS C 1064 28.48 -43.86 -28.53
N VAL C 1065 28.82 -44.15 -29.79
CA VAL C 1065 29.42 -45.41 -30.18
C VAL C 1065 30.92 -45.17 -30.33
N THR C 1066 31.70 -45.85 -29.49
CA THR C 1066 33.14 -45.62 -29.38
C THR C 1066 33.89 -46.93 -29.45
N TYR C 1067 35.19 -46.82 -29.68
CA TYR C 1067 36.09 -47.95 -29.92
C TYR C 1067 37.09 -48.01 -28.78
N VAL C 1068 37.30 -49.20 -28.21
CA VAL C 1068 38.17 -49.36 -27.06
C VAL C 1068 39.08 -50.56 -27.27
N PRO C 1069 40.39 -50.42 -27.19
CA PRO C 1069 41.28 -51.59 -27.23
C PRO C 1069 41.05 -52.49 -26.04
N ALA C 1070 41.22 -53.80 -26.24
CA ALA C 1070 40.82 -54.77 -25.21
C ALA C 1070 41.97 -55.56 -24.61
N GLN C 1071 42.73 -56.30 -25.41
CA GLN C 1071 43.75 -57.20 -24.90
C GLN C 1071 45.09 -56.73 -25.44
N GLU C 1072 46.14 -56.85 -24.64
CA GLU C 1072 47.43 -56.30 -25.05
C GLU C 1072 48.55 -57.28 -24.77
N LYS C 1073 49.65 -57.10 -25.51
CA LYS C 1073 50.84 -57.92 -25.38
C LYS C 1073 52.08 -57.05 -25.32
N ASN C 1074 53.08 -57.56 -24.59
CA ASN C 1074 54.37 -56.89 -24.43
C ASN C 1074 55.24 -57.18 -25.64
N PHE C 1075 56.08 -56.23 -26.02
CA PHE C 1075 57.05 -56.40 -27.09
C PHE C 1075 58.24 -55.50 -26.85
N THR C 1076 59.34 -55.80 -27.54
CA THR C 1076 60.52 -54.97 -27.44
C THR C 1076 60.58 -54.01 -28.63
N THR C 1077 60.85 -52.74 -28.35
CA THR C 1077 60.80 -51.69 -29.36
C THR C 1077 62.19 -51.10 -29.55
N ALA C 1078 62.36 -50.39 -30.67
CA ALA C 1078 63.62 -49.74 -30.98
C ALA C 1078 63.35 -48.58 -31.92
N PRO C 1079 63.89 -47.40 -31.65
CA PRO C 1079 63.46 -46.21 -32.40
C PRO C 1079 63.81 -46.23 -33.87
N ALA C 1080 64.88 -46.90 -34.27
CA ALA C 1080 65.28 -46.90 -35.67
C ALA C 1080 66.12 -48.13 -35.94
N ILE C 1081 66.45 -48.35 -37.20
CA ILE C 1081 67.18 -49.53 -37.63
C ILE C 1081 68.26 -49.13 -38.62
N CYS C 1082 69.47 -49.62 -38.40
CA CYS C 1082 70.54 -49.47 -39.37
C CYS C 1082 70.61 -50.67 -40.29
N HIS C 1083 70.74 -50.41 -41.59
CA HIS C 1083 70.92 -51.53 -42.52
C HIS C 1083 72.25 -51.43 -43.24
N ASP C 1084 72.54 -50.26 -43.83
CA ASP C 1084 73.78 -50.04 -44.55
C ASP C 1084 74.48 -48.77 -44.08
N GLY C 1085 74.55 -48.55 -42.77
CA GLY C 1085 75.03 -47.31 -42.22
C GLY C 1085 73.98 -46.23 -42.17
N LYS C 1086 72.86 -46.42 -42.85
CA LYS C 1086 71.79 -45.44 -42.84
C LYS C 1086 70.73 -45.83 -41.83
N ALA C 1087 70.15 -44.84 -41.19
CA ALA C 1087 69.06 -45.06 -40.25
C ALA C 1087 67.77 -45.23 -41.04
N HIS C 1088 66.79 -45.89 -40.44
CA HIS C 1088 65.48 -46.05 -41.05
C HIS C 1088 64.40 -45.77 -40.01
N PHE C 1089 63.36 -45.07 -40.43
CA PHE C 1089 62.25 -44.75 -39.55
C PHE C 1089 60.95 -45.14 -40.21
N PRO C 1090 59.97 -45.62 -39.45
CA PRO C 1090 58.70 -46.01 -40.06
C PRO C 1090 57.94 -44.81 -40.57
N ARG C 1091 57.25 -44.99 -41.70
CA ARG C 1091 56.35 -43.93 -42.14
C ARG C 1091 55.20 -43.74 -41.15
N GLU C 1092 54.54 -44.83 -40.77
CA GLU C 1092 53.60 -44.82 -39.66
C GLU C 1092 53.62 -46.20 -39.01
N GLY C 1093 53.50 -46.21 -37.70
CA GLY C 1093 53.68 -47.43 -36.96
C GLY C 1093 55.03 -47.48 -36.29
N VAL C 1094 55.25 -48.56 -35.56
CA VAL C 1094 56.47 -48.73 -34.78
C VAL C 1094 57.09 -50.08 -35.08
N PHE C 1095 58.38 -50.18 -34.77
CA PHE C 1095 59.11 -51.43 -34.85
C PHE C 1095 58.88 -52.22 -33.57
N VAL C 1096 58.57 -53.50 -33.72
CA VAL C 1096 58.32 -54.37 -32.59
C VAL C 1096 59.12 -55.65 -32.79
N SER C 1097 59.40 -56.32 -31.68
CA SER C 1097 60.10 -57.60 -31.71
C SER C 1097 59.50 -58.49 -30.64
N ASN C 1098 59.21 -59.74 -31.02
CA ASN C 1098 58.76 -60.76 -30.08
C ASN C 1098 59.96 -61.51 -29.54
N GLY C 1099 61.15 -61.09 -29.95
CA GLY C 1099 62.37 -61.68 -29.43
C GLY C 1099 63.31 -62.15 -30.53
N THR C 1100 62.76 -62.65 -31.63
CA THR C 1100 63.56 -63.23 -32.69
C THR C 1100 63.53 -62.44 -33.99
N HIS C 1101 62.45 -61.72 -34.27
CA HIS C 1101 62.31 -61.00 -35.53
C HIS C 1101 61.77 -59.61 -35.27
N TRP C 1102 62.06 -58.70 -36.19
CA TRP C 1102 61.58 -57.33 -36.08
C TRP C 1102 60.56 -57.05 -37.17
N PHE C 1103 59.41 -56.52 -36.77
CA PHE C 1103 58.33 -56.16 -37.68
C PHE C 1103 57.97 -54.70 -37.49
N VAL C 1104 57.20 -54.18 -38.42
CA VAL C 1104 56.62 -52.85 -38.33
C VAL C 1104 55.11 -52.98 -38.29
N THR C 1105 54.47 -52.24 -37.39
CA THR C 1105 53.04 -52.40 -37.21
C THR C 1105 52.38 -51.06 -36.97
N GLN C 1106 51.07 -51.01 -37.19
CA GLN C 1106 50.30 -49.82 -36.85
C GLN C 1106 50.15 -49.72 -35.34
N ARG C 1107 49.82 -48.52 -34.87
CA ARG C 1107 49.95 -48.24 -33.45
C ARG C 1107 48.86 -48.91 -32.62
N ASN C 1108 47.62 -48.90 -33.10
CA ASN C 1108 46.48 -49.26 -32.26
C ASN C 1108 45.94 -50.66 -32.53
N PHE C 1109 46.67 -51.49 -33.27
CA PHE C 1109 46.18 -52.85 -33.54
C PHE C 1109 47.33 -53.73 -34.00
N TYR C 1110 47.60 -54.81 -33.28
CA TYR C 1110 48.75 -55.64 -33.60
C TYR C 1110 48.56 -56.32 -34.94
N GLU C 1111 49.34 -55.90 -35.93
CA GLU C 1111 49.37 -56.56 -37.24
C GLU C 1111 50.77 -56.39 -37.82
N PRO C 1112 51.66 -57.34 -37.56
CA PRO C 1112 53.05 -57.18 -38.01
C PRO C 1112 53.18 -57.28 -39.51
N GLN C 1113 54.21 -56.63 -40.05
CA GLN C 1113 54.56 -56.71 -41.45
C GLN C 1113 56.07 -56.79 -41.59
N ILE C 1114 56.52 -57.32 -42.72
CA ILE C 1114 57.95 -57.36 -43.02
C ILE C 1114 58.44 -55.95 -43.27
N ILE C 1115 59.67 -55.68 -42.86
CA ILE C 1115 60.25 -54.34 -43.01
C ILE C 1115 60.91 -54.23 -44.37
N THR C 1116 60.29 -53.48 -45.27
CA THR C 1116 60.86 -53.18 -46.58
C THR C 1116 60.96 -51.68 -46.73
N THR C 1117 61.55 -51.25 -47.85
CA THR C 1117 61.74 -49.83 -48.09
C THR C 1117 60.43 -49.07 -48.24
N ASP C 1118 59.37 -49.72 -48.73
CA ASP C 1118 58.06 -49.09 -48.80
C ASP C 1118 57.49 -48.75 -47.44
N ASN C 1119 57.99 -49.39 -46.38
CA ASN C 1119 57.52 -49.14 -45.03
C ASN C 1119 58.26 -48.00 -44.34
N THR C 1120 59.51 -47.75 -44.71
CA THR C 1120 60.40 -46.89 -43.96
C THR C 1120 61.00 -45.81 -44.86
N PHE C 1121 61.60 -44.82 -44.23
CA PHE C 1121 62.36 -43.80 -44.94
C PHE C 1121 63.66 -43.54 -44.20
N VAL C 1122 64.65 -43.06 -44.95
CA VAL C 1122 66.03 -42.96 -44.50
C VAL C 1122 66.32 -41.51 -44.13
N SER C 1123 67.09 -41.32 -43.05
CA SER C 1123 67.49 -39.98 -42.63
C SER C 1123 68.75 -40.07 -41.80
N GLY C 1124 69.89 -39.68 -42.38
CA GLY C 1124 71.12 -39.66 -41.63
C GLY C 1124 71.79 -41.03 -41.55
N ASN C 1125 72.79 -41.11 -40.68
CA ASN C 1125 73.57 -42.33 -40.52
C ASN C 1125 73.44 -42.81 -39.08
N CYS C 1126 74.24 -43.82 -38.74
CA CYS C 1126 74.03 -44.59 -37.52
C CYS C 1126 74.65 -43.95 -36.28
N ASP C 1127 75.31 -42.80 -36.40
CA ASP C 1127 76.15 -42.30 -35.32
C ASP C 1127 75.43 -41.35 -34.38
N VAL C 1128 74.14 -41.08 -34.58
CA VAL C 1128 73.45 -40.03 -33.85
C VAL C 1128 72.27 -40.57 -33.05
N VAL C 1129 71.70 -41.69 -33.46
CA VAL C 1129 70.50 -42.20 -32.82
C VAL C 1129 70.88 -42.98 -31.57
N ILE C 1130 70.12 -42.78 -30.50
CA ILE C 1130 70.33 -43.52 -29.27
C ILE C 1130 69.40 -44.72 -29.26
N GLY C 1131 69.97 -45.92 -29.11
CA GLY C 1131 69.17 -47.12 -29.05
C GLY C 1131 68.82 -47.75 -30.38
N ILE C 1132 69.49 -47.34 -31.46
CA ILE C 1132 69.24 -47.94 -32.76
C ILE C 1132 69.70 -49.39 -32.74
N VAL C 1133 69.04 -50.24 -33.54
CA VAL C 1133 69.41 -51.64 -33.60
C VAL C 1133 69.94 -51.97 -34.98
N ASN C 1134 70.39 -53.21 -35.16
CA ASN C 1134 71.24 -53.55 -36.29
C ASN C 1134 70.62 -54.72 -37.06
N ASN C 1135 69.71 -54.41 -37.99
CA ASN C 1135 68.94 -55.45 -38.65
C ASN C 1135 69.00 -55.32 -40.16
N THR C 1136 68.21 -56.10 -40.88
CA THR C 1136 68.18 -56.07 -42.34
C THR C 1136 66.82 -55.60 -42.81
N VAL C 1137 66.83 -54.85 -43.90
CA VAL C 1137 65.60 -54.35 -44.52
C VAL C 1137 65.49 -54.96 -45.91
N TYR C 1138 64.36 -55.62 -46.17
CA TYR C 1138 64.12 -56.26 -47.45
C TYR C 1138 64.02 -55.22 -48.56
N ASP C 1139 64.38 -55.62 -49.78
CA ASP C 1139 64.26 -54.77 -50.96
C ASP C 1139 63.29 -55.43 -51.93
N PRO C 1140 62.14 -54.81 -52.22
CA PRO C 1140 61.19 -55.42 -53.16
C PRO C 1140 61.74 -55.61 -54.55
N LEU C 1141 62.61 -54.71 -55.03
CA LEU C 1141 63.03 -54.74 -56.42
C LEU C 1141 63.98 -55.88 -56.74
N GLN C 1142 64.90 -56.20 -55.83
CA GLN C 1142 66.02 -57.09 -56.12
C GLN C 1142 65.61 -58.44 -56.72
N PRO C 1143 64.63 -59.15 -56.14
CA PRO C 1143 64.19 -60.41 -56.79
C PRO C 1143 63.65 -60.21 -58.18
N GLU C 1144 62.99 -59.07 -58.45
CA GLU C 1144 62.48 -58.83 -59.79
C GLU C 1144 63.58 -58.60 -60.79
N LEU C 1145 64.58 -57.77 -60.46
CA LEU C 1145 65.69 -57.54 -61.37
C LEU C 1145 66.53 -58.78 -61.57
N ASP C 1146 66.69 -59.59 -60.53
CA ASP C 1146 67.51 -60.80 -60.67
C ASP C 1146 66.88 -61.78 -61.65
N SER C 1147 65.56 -61.93 -61.62
CA SER C 1147 64.87 -62.83 -62.52
C SER C 1147 64.70 -62.21 -63.90
N GLN D 1 -31.17 60.11 -8.89
CA GLN D 1 -31.75 58.79 -9.10
C GLN D 1 -33.19 58.75 -8.60
N VAL D 2 -33.46 59.45 -7.51
CA VAL D 2 -34.82 59.53 -6.97
C VAL D 2 -35.57 60.65 -7.66
N GLN D 3 -36.88 60.67 -7.48
CA GLN D 3 -37.74 61.69 -8.07
C GLN D 3 -38.27 62.60 -6.98
N LEU D 4 -38.01 63.89 -7.12
CA LEU D 4 -38.49 64.92 -6.21
C LEU D 4 -39.28 65.94 -7.03
N VAL D 5 -40.55 66.13 -6.68
CA VAL D 5 -41.42 67.04 -7.40
C VAL D 5 -42.02 68.04 -6.41
N GLU D 6 -41.86 69.33 -6.69
CA GLU D 6 -42.38 70.38 -5.84
C GLU D 6 -43.63 70.98 -6.47
N SER D 7 -44.56 71.40 -5.60
CA SER D 7 -45.80 72.03 -6.06
C SER D 7 -46.33 72.93 -4.96
N GLY D 8 -47.35 73.71 -5.31
CA GLY D 8 -48.03 74.58 -4.35
C GLY D 8 -47.73 76.05 -4.49
N GLY D 9 -46.71 76.43 -5.26
CA GLY D 9 -46.40 77.84 -5.42
C GLY D 9 -47.42 78.56 -6.28
N GLY D 10 -47.39 79.88 -6.20
CA GLY D 10 -48.31 80.70 -6.97
C GLY D 10 -48.25 82.17 -6.65
N LEU D 11 -49.31 82.90 -6.98
CA LEU D 11 -49.40 84.33 -6.74
C LEU D 11 -50.47 84.56 -5.66
N VAL D 12 -50.07 85.20 -4.56
CA VAL D 12 -50.96 85.41 -3.42
C VAL D 12 -50.82 86.85 -2.93
N GLN D 13 -51.84 87.28 -2.18
CA GLN D 13 -51.88 88.60 -1.59
C GLN D 13 -50.86 88.71 -0.45
N PRO D 14 -50.28 89.89 -0.25
CA PRO D 14 -49.38 90.08 0.89
C PRO D 14 -50.10 89.82 2.21
N GLY D 15 -49.39 89.20 3.14
CA GLY D 15 -49.96 88.79 4.40
C GLY D 15 -50.73 87.49 4.35
N GLY D 16 -50.78 86.82 3.21
CA GLY D 16 -51.50 85.58 3.07
C GLY D 16 -50.68 84.39 3.52
N SER D 17 -51.21 83.20 3.22
CA SER D 17 -50.56 81.96 3.60
C SER D 17 -50.57 81.00 2.41
N LEU D 18 -49.58 80.11 2.39
CA LEU D 18 -49.46 79.12 1.33
C LEU D 18 -49.01 77.80 1.92
N ARG D 19 -49.15 76.73 1.13
CA ARG D 19 -48.75 75.39 1.55
C ARG D 19 -48.09 74.69 0.38
N LEU D 20 -46.78 74.59 0.40
CA LEU D 20 -46.03 73.91 -0.64
C LEU D 20 -45.80 72.45 -0.25
N SER D 21 -45.73 71.59 -1.27
CA SER D 21 -45.63 70.15 -1.08
C SER D 21 -44.47 69.60 -1.90
N CYS D 22 -43.75 68.65 -1.32
CA CYS D 22 -42.67 67.93 -1.98
C CYS D 22 -43.05 66.45 -2.02
N ALA D 23 -43.17 65.90 -3.21
CA ALA D 23 -43.42 64.48 -3.42
C ALA D 23 -42.10 63.79 -3.73
N ALA D 24 -41.75 62.80 -2.91
CA ALA D 24 -40.51 62.06 -3.03
C ALA D 24 -40.80 60.60 -3.36
N SER D 25 -40.09 60.08 -4.35
CA SER D 25 -40.27 58.69 -4.75
C SER D 25 -38.91 58.10 -5.13
N GLY D 26 -38.81 56.78 -5.04
CA GLY D 26 -37.58 56.08 -5.32
C GLY D 26 -36.73 55.75 -4.11
N PHE D 27 -37.12 56.21 -2.92
CA PHE D 27 -36.35 55.94 -1.72
C PHE D 27 -37.29 56.02 -0.51
N THR D 28 -36.84 55.41 0.59
CA THR D 28 -37.62 55.44 1.82
C THR D 28 -37.56 56.83 2.43
N PHE D 29 -38.73 57.42 2.67
CA PHE D 29 -38.79 58.81 3.10
C PHE D 29 -38.22 58.99 4.51
N SER D 30 -38.51 58.07 5.41
CA SER D 30 -38.16 58.19 6.82
C SER D 30 -36.66 58.27 7.08
N SER D 31 -35.84 57.64 6.25
CA SER D 31 -34.42 57.54 6.50
C SER D 31 -33.63 58.75 6.01
N TYR D 32 -34.27 59.67 5.29
CA TYR D 32 -33.59 60.82 4.73
C TYR D 32 -34.18 62.11 5.26
N ALA D 33 -33.34 63.13 5.39
CA ALA D 33 -33.75 64.43 5.88
C ALA D 33 -34.02 65.36 4.71
N MET D 34 -35.23 65.93 4.68
CA MET D 34 -35.63 66.84 3.62
C MET D 34 -35.21 68.27 3.95
N SER D 35 -35.20 69.12 2.93
CA SER D 35 -34.96 70.54 3.16
C SER D 35 -35.70 71.38 2.12
N TRP D 36 -36.17 72.54 2.56
CA TRP D 36 -36.79 73.55 1.70
C TRP D 36 -35.86 74.74 1.62
N VAL D 37 -35.42 75.09 0.41
CA VAL D 37 -34.49 76.18 0.20
C VAL D 37 -35.03 77.09 -0.89
N ARG D 38 -35.14 78.38 -0.61
CA ARG D 38 -35.62 79.34 -1.59
C ARG D 38 -34.45 80.08 -2.21
N GLN D 39 -34.58 80.36 -3.50
CA GLN D 39 -33.63 81.18 -4.24
C GLN D 39 -34.38 82.36 -4.83
N ALA D 40 -33.94 83.57 -4.50
CA ALA D 40 -34.60 84.76 -4.99
C ALA D 40 -34.36 84.94 -6.48
N PRO D 41 -35.25 85.64 -7.18
CA PRO D 41 -35.08 85.79 -8.63
C PRO D 41 -33.78 86.47 -9.02
N GLY D 42 -33.30 87.42 -8.22
CA GLY D 42 -32.07 88.12 -8.54
C GLY D 42 -30.95 87.87 -7.55
N LYS D 43 -31.10 86.85 -6.70
CA LYS D 43 -30.12 86.53 -5.67
C LYS D 43 -29.77 85.03 -5.75
N GLY D 44 -28.80 84.63 -4.94
CA GLY D 44 -28.36 83.25 -4.91
C GLY D 44 -29.19 82.39 -3.98
N LEU D 45 -28.64 81.23 -3.64
CA LEU D 45 -29.33 80.28 -2.78
C LEU D 45 -29.16 80.66 -1.32
N GLU D 46 -30.16 80.30 -0.51
CA GLU D 46 -30.06 80.43 0.94
C GLU D 46 -31.05 79.47 1.58
N TRP D 47 -30.58 78.70 2.56
CA TRP D 47 -31.42 77.68 3.18
C TRP D 47 -32.53 78.32 3.99
N VAL D 48 -33.70 77.67 4.00
CA VAL D 48 -34.87 78.16 4.70
C VAL D 48 -35.29 77.24 5.83
N SER D 49 -35.65 76.00 5.51
CA SER D 49 -36.20 75.10 6.52
C SER D 49 -35.67 73.70 6.29
N ALA D 50 -35.67 72.90 7.35
CA ALA D 50 -35.17 71.53 7.30
C ALA D 50 -35.92 70.68 8.31
N ILE D 51 -36.17 69.44 7.91
CA ILE D 51 -36.82 68.44 8.75
C ILE D 51 -35.88 67.25 8.87
N SER D 52 -36.09 66.44 9.91
CA SER D 52 -35.15 65.37 10.28
C SER D 52 -35.87 64.03 10.30
N GLY D 53 -35.98 63.41 9.13
CA GLY D 53 -36.36 62.01 8.97
C GLY D 53 -37.45 61.48 9.88
N SER D 54 -38.40 62.34 10.26
CA SER D 54 -39.43 62.00 11.22
C SER D 54 -40.36 63.19 11.46
N GLY D 55 -39.83 64.22 12.11
CA GLY D 55 -40.63 65.40 12.44
C GLY D 55 -40.34 65.90 13.84
N GLY D 56 -39.52 65.15 14.58
CA GLY D 56 -39.19 65.56 15.94
C GLY D 56 -38.37 66.84 15.98
N SER D 57 -37.43 66.97 15.06
CA SER D 57 -36.56 68.14 15.00
C SER D 57 -36.88 68.97 13.76
N THR D 58 -37.17 70.26 13.99
CA THR D 58 -37.46 71.20 12.92
C THR D 58 -36.45 72.34 13.00
N TYR D 59 -35.76 72.60 11.89
CA TYR D 59 -34.77 73.66 11.83
C TYR D 59 -35.25 74.73 10.86
N TYR D 60 -35.10 76.00 11.24
CA TYR D 60 -35.60 77.10 10.43
C TYR D 60 -34.52 78.17 10.32
N ALA D 61 -34.50 78.84 9.17
CA ALA D 61 -33.60 79.96 8.97
C ALA D 61 -34.03 81.14 9.84
N ASP D 62 -33.08 82.05 10.07
CA ASP D 62 -33.28 83.17 10.97
C ASP D 62 -34.22 84.23 10.40
N SER D 63 -34.51 84.17 9.10
CA SER D 63 -35.41 85.13 8.48
C SER D 63 -36.79 84.54 8.15
N VAL D 64 -37.03 83.27 8.47
CA VAL D 64 -38.30 82.63 8.16
C VAL D 64 -38.88 82.05 9.44
N LYS D 65 -38.09 82.06 10.51
CA LYS D 65 -38.52 81.47 11.77
C LYS D 65 -39.66 82.29 12.36
N GLY D 66 -40.63 81.60 12.97
CA GLY D 66 -41.79 82.22 13.55
C GLY D 66 -42.99 82.34 12.62
N ARG D 67 -42.79 82.07 11.33
CA ARG D 67 -43.87 82.13 10.36
C ARG D 67 -44.08 80.84 9.58
N PHE D 68 -43.03 80.06 9.36
CA PHE D 68 -43.12 78.86 8.53
C PHE D 68 -43.11 77.62 9.41
N THR D 69 -43.63 76.52 8.87
CA THR D 69 -43.72 75.26 9.58
C THR D 69 -43.44 74.12 8.60
N ILE D 70 -42.50 73.24 8.94
CA ILE D 70 -42.15 72.09 8.11
C ILE D 70 -42.68 70.83 8.78
N SER D 71 -43.30 69.96 7.99
CA SER D 71 -43.79 68.68 8.48
C SER D 71 -43.59 67.64 7.39
N ARG D 72 -43.51 66.38 7.79
CA ARG D 72 -43.33 65.31 6.82
C ARG D 72 -44.22 64.13 7.21
N ASP D 73 -44.59 63.33 6.22
CA ASP D 73 -45.31 62.10 6.46
C ASP D 73 -44.72 61.00 5.59
N ASN D 74 -44.41 59.87 6.21
CA ASN D 74 -43.92 58.69 5.49
C ASN D 74 -45.05 57.94 4.79
N SER D 75 -46.26 57.97 5.38
CA SER D 75 -47.37 57.22 4.83
C SER D 75 -47.69 57.65 3.41
N LYS D 76 -47.81 58.94 3.17
CA LYS D 76 -47.98 59.46 1.82
C LYS D 76 -46.64 59.78 1.16
N ASN D 77 -45.52 59.58 1.87
CA ASN D 77 -44.18 59.75 1.32
C ASN D 77 -43.99 61.17 0.78
N THR D 78 -44.24 62.16 1.63
CA THR D 78 -44.21 63.53 1.17
C THR D 78 -43.87 64.50 2.30
N LEU D 79 -43.57 65.73 1.89
CA LEU D 79 -43.16 66.83 2.74
C LEU D 79 -44.11 67.99 2.54
N TYR D 80 -44.43 68.70 3.61
CA TYR D 80 -45.27 69.90 3.54
C TYR D 80 -44.57 71.06 4.24
N LEU D 81 -44.66 72.23 3.63
CA LEU D 81 -44.14 73.47 4.21
C LEU D 81 -45.25 74.51 4.17
N GLN D 82 -45.69 74.95 5.34
CA GLN D 82 -46.73 75.94 5.48
C GLN D 82 -46.09 77.30 5.74
N MET D 83 -46.41 78.28 4.91
CA MET D 83 -45.86 79.63 5.00
C MET D 83 -46.96 80.58 5.43
N ASN D 84 -46.70 81.34 6.49
CA ASN D 84 -47.64 82.33 7.00
C ASN D 84 -47.01 83.72 6.92
N SER D 85 -47.89 84.72 6.83
CA SER D 85 -47.48 86.13 6.73
C SER D 85 -46.51 86.33 5.57
N LEU D 86 -46.89 85.81 4.41
CA LEU D 86 -46.06 85.97 3.22
C LEU D 86 -45.93 87.44 2.84
N ARG D 87 -44.70 87.84 2.55
CA ARG D 87 -44.38 89.22 2.20
C ARG D 87 -43.75 89.25 0.81
N ALA D 88 -43.47 90.47 0.34
CA ALA D 88 -42.89 90.64 -0.99
C ALA D 88 -41.51 90.00 -1.09
N GLU D 89 -40.84 89.81 0.05
CA GLU D 89 -39.51 89.19 0.05
C GLU D 89 -39.58 87.67 -0.03
N ASP D 90 -40.77 87.08 0.04
CA ASP D 90 -40.92 85.64 -0.08
C ASP D 90 -41.05 85.17 -1.53
N THR D 91 -41.06 86.10 -2.48
CA THR D 91 -41.12 85.73 -3.89
C THR D 91 -39.80 85.09 -4.30
N ALA D 92 -39.81 83.77 -4.48
CA ALA D 92 -38.59 83.04 -4.81
C ALA D 92 -38.97 81.66 -5.33
N VAL D 93 -37.98 80.98 -5.88
CA VAL D 93 -38.15 79.61 -6.34
C VAL D 93 -37.74 78.68 -5.21
N TYR D 94 -38.66 77.83 -4.77
CA TYR D 94 -38.45 76.91 -3.66
C TYR D 94 -38.04 75.56 -4.21
N TYR D 95 -36.98 74.99 -3.63
CA TYR D 95 -36.42 73.71 -4.03
C TYR D 95 -36.44 72.75 -2.86
N CYS D 96 -36.77 71.49 -3.16
CA CYS D 96 -36.82 70.41 -2.18
C CYS D 96 -35.53 69.59 -2.32
N ALA D 97 -34.66 69.68 -1.31
CA ALA D 97 -33.33 69.13 -1.39
C ALA D 97 -33.13 67.97 -0.43
N LYS D 98 -32.33 67.01 -0.88
CA LYS D 98 -32.04 65.78 -0.15
C LYS D 98 -30.59 65.38 -0.43
N ASP D 99 -29.98 64.73 0.56
CA ASP D 99 -28.59 64.29 0.46
C ASP D 99 -28.53 62.80 0.17
N HIS D 100 -27.50 62.40 -0.60
CA HIS D 100 -27.39 61.01 -1.04
C HIS D 100 -27.31 60.06 0.15
N LEU D 101 -26.54 60.40 1.17
CA LEU D 101 -26.37 59.51 2.31
C LEU D 101 -27.62 59.51 3.18
N ILE D 102 -27.80 58.43 3.91
CA ILE D 102 -28.95 58.24 4.80
C ILE D 102 -28.72 59.13 6.02
N THR D 103 -29.36 60.28 6.03
CA THR D 103 -29.24 61.25 7.13
C THR D 103 -30.61 61.39 7.80
N MET D 104 -30.62 61.29 9.13
CA MET D 104 -31.88 61.26 9.88
C MET D 104 -32.08 62.45 10.81
N VAL D 105 -31.01 63.14 11.20
CA VAL D 105 -31.14 64.24 12.15
C VAL D 105 -30.76 65.55 11.48
N GLN D 106 -29.81 65.48 10.54
CA GLN D 106 -29.25 66.68 9.93
C GLN D 106 -29.21 66.52 8.42
N PRO D 107 -29.44 67.59 7.67
CA PRO D 107 -29.36 67.50 6.20
C PRO D 107 -27.95 67.46 5.66
N GLU D 108 -27.07 68.29 6.24
CA GLU D 108 -25.74 68.56 5.70
C GLU D 108 -25.80 68.97 4.23
N TYR D 109 -25.31 68.11 3.35
CA TYR D 109 -25.19 68.40 1.94
C TYR D 109 -26.55 68.27 1.25
N PHE D 110 -26.63 68.76 0.01
CA PHE D 110 -27.87 68.75 -0.76
C PHE D 110 -27.52 68.29 -2.18
N HIS D 111 -27.53 66.97 -2.37
CA HIS D 111 -27.14 66.40 -3.65
C HIS D 111 -28.30 66.25 -4.61
N HIS D 112 -29.53 66.13 -4.09
CA HIS D 112 -30.72 65.99 -4.91
C HIS D 112 -31.46 67.32 -4.95
N TRP D 113 -31.82 67.76 -6.15
CA TRP D 113 -32.50 69.03 -6.34
C TRP D 113 -33.73 68.84 -7.22
N GLY D 114 -34.84 69.38 -6.75
CA GLY D 114 -36.08 69.36 -7.50
C GLY D 114 -36.17 70.53 -8.47
N GLN D 115 -37.30 70.58 -9.18
CA GLN D 115 -37.53 71.66 -10.13
C GLN D 115 -37.74 73.01 -9.44
N GLY D 116 -38.36 73.01 -8.27
CA GLY D 116 -38.63 74.24 -7.56
C GLY D 116 -39.84 74.96 -8.13
N THR D 117 -40.60 75.60 -7.25
CA THR D 117 -41.81 76.32 -7.64
C THR D 117 -41.67 77.79 -7.29
N LEU D 118 -42.17 78.66 -8.15
CA LEU D 118 -42.08 80.09 -7.92
C LEU D 118 -43.24 80.56 -7.06
N VAL D 119 -42.91 81.26 -5.97
CA VAL D 119 -43.91 81.85 -5.08
C VAL D 119 -43.76 83.37 -5.20
N THR D 120 -44.81 84.02 -5.65
CA THR D 120 -44.82 85.46 -5.89
C THR D 120 -45.87 86.12 -5.00
N VAL D 121 -45.47 87.16 -4.28
CA VAL D 121 -46.36 87.93 -3.41
C VAL D 121 -46.37 89.36 -3.92
N SER D 122 -47.56 89.87 -4.23
CA SER D 122 -47.71 91.24 -4.71
C SER D 122 -49.17 91.64 -4.60
N SER D 123 -49.40 92.95 -4.70
CA SER D 123 -50.74 93.51 -4.62
C SER D 123 -51.30 93.90 -5.99
N ALA D 124 -50.56 93.64 -7.07
CA ALA D 124 -50.99 94.02 -8.40
C ALA D 124 -51.96 92.99 -8.97
N SER D 125 -52.77 93.44 -9.92
CA SER D 125 -53.75 92.59 -10.59
C SER D 125 -53.40 92.44 -12.06
N THR D 126 -54.17 91.60 -12.75
CA THR D 126 -53.93 91.35 -14.16
C THR D 126 -54.18 92.62 -14.97
N LYS D 127 -53.23 92.95 -15.84
CA LYS D 127 -53.35 94.14 -16.67
C LYS D 127 -52.49 93.97 -17.92
N GLY D 128 -52.90 94.61 -19.00
CA GLY D 128 -52.17 94.56 -20.24
C GLY D 128 -50.96 95.47 -20.26
N PRO D 129 -50.04 95.22 -21.18
CA PRO D 129 -48.86 96.09 -21.30
C PRO D 129 -49.21 97.38 -22.02
N SER D 130 -48.37 98.39 -21.79
CA SER D 130 -48.46 99.66 -22.49
C SER D 130 -47.21 99.83 -23.32
N VAL D 131 -47.37 100.03 -24.62
CA VAL D 131 -46.26 100.07 -25.57
C VAL D 131 -46.04 101.51 -26.01
N PHE D 132 -44.77 101.91 -26.04
CA PHE D 132 -44.40 103.26 -26.42
C PHE D 132 -43.25 103.19 -27.42
N PRO D 133 -43.18 104.14 -28.36
CA PRO D 133 -42.08 104.14 -29.32
C PRO D 133 -40.85 104.85 -28.80
N LEU D 134 -39.70 104.46 -29.34
CA LEU D 134 -38.40 105.05 -29.00
C LEU D 134 -37.70 105.29 -30.33
N ALA D 135 -37.64 106.56 -30.75
CA ALA D 135 -37.16 106.91 -32.07
C ALA D 135 -35.67 106.56 -32.21
N PRO D 136 -35.25 106.17 -33.42
CA PRO D 136 -33.84 105.81 -33.63
C PRO D 136 -32.87 106.95 -33.33
N SER D 137 -33.04 108.07 -34.03
CA SER D 137 -32.13 109.20 -33.89
C SER D 137 -32.64 110.41 -34.66
N SER D 138 -31.88 111.51 -34.63
CA SER D 138 -32.17 112.69 -35.43
C SER D 138 -30.92 113.21 -36.13
N LYS D 139 -29.92 112.34 -36.32
CA LYS D 139 -28.65 112.76 -36.92
C LYS D 139 -28.00 111.54 -37.56
N SER D 140 -27.95 111.52 -38.89
CA SER D 140 -27.31 110.43 -39.63
C SER D 140 -25.89 110.84 -40.02
N THR D 141 -25.08 111.07 -39.00
CA THR D 141 -23.70 111.52 -39.22
C THR D 141 -22.74 110.75 -38.31
N SER D 142 -23.25 110.20 -37.21
CA SER D 142 -22.38 109.54 -36.23
C SER D 142 -21.66 108.36 -36.85
N GLY D 143 -22.40 107.33 -37.25
CA GLY D 143 -21.80 106.15 -37.84
C GLY D 143 -22.65 105.53 -38.93
N GLY D 144 -23.74 106.20 -39.32
CA GLY D 144 -24.64 105.67 -40.31
C GLY D 144 -25.60 104.63 -39.79
N THR D 145 -25.58 104.34 -38.49
CA THR D 145 -26.49 103.39 -37.88
C THR D 145 -27.10 104.02 -36.63
N ALA D 146 -28.39 103.78 -36.42
CA ALA D 146 -29.11 104.29 -35.27
C ALA D 146 -29.76 103.15 -34.50
N ALA D 147 -30.09 103.41 -33.24
CA ALA D 147 -30.75 102.43 -32.39
C ALA D 147 -32.13 102.95 -32.04
N LEU D 148 -33.15 102.13 -32.31
CA LEU D 148 -34.54 102.46 -32.03
C LEU D 148 -35.17 101.34 -31.23
N GLY D 149 -36.45 101.49 -30.93
CA GLY D 149 -37.12 100.37 -30.30
C GLY D 149 -38.46 100.73 -29.71
N CYS D 150 -38.91 99.88 -28.80
CA CYS D 150 -40.18 100.06 -28.11
C CYS D 150 -40.00 99.78 -26.62
N LEU D 151 -40.88 100.39 -25.83
CA LEU D 151 -40.85 100.27 -24.38
C LEU D 151 -42.18 99.70 -23.92
N VAL D 152 -42.12 98.63 -23.12
CA VAL D 152 -43.30 98.01 -22.53
C VAL D 152 -43.33 98.38 -21.06
N LYS D 153 -44.45 98.90 -20.59
CA LYS D 153 -44.54 99.41 -19.23
C LYS D 153 -45.89 99.05 -18.62
N ASP D 154 -45.89 98.85 -17.30
CA ASP D 154 -47.11 98.73 -16.51
C ASP D 154 -47.93 97.52 -16.96
N TYR D 155 -47.30 96.35 -16.87
CA TYR D 155 -47.94 95.09 -17.18
C TYR D 155 -47.75 94.13 -16.01
N PHE D 156 -48.82 93.37 -15.73
CA PHE D 156 -48.77 92.40 -14.65
C PHE D 156 -49.76 91.29 -14.93
N PRO D 157 -49.38 90.02 -14.75
CA PRO D 157 -48.01 89.64 -14.35
C PRO D 157 -47.12 89.34 -15.53
N GLU D 158 -45.95 88.76 -15.27
CA GLU D 158 -45.04 88.36 -16.33
C GLU D 158 -45.64 87.21 -17.15
N PRO D 159 -45.20 87.03 -18.40
CA PRO D 159 -44.28 87.87 -19.17
C PRO D 159 -44.93 88.60 -20.35
N VAL D 160 -44.12 89.38 -21.08
CA VAL D 160 -44.53 89.97 -22.35
C VAL D 160 -43.65 89.40 -23.45
N THR D 161 -44.18 89.41 -24.67
CA THR D 161 -43.49 88.87 -25.83
C THR D 161 -43.43 89.91 -26.93
N VAL D 162 -42.23 90.19 -27.42
CA VAL D 162 -42.03 91.16 -28.50
C VAL D 162 -41.56 90.41 -29.74
N SER D 163 -42.30 90.57 -30.84
CA SER D 163 -42.02 89.86 -32.08
C SER D 163 -41.19 90.65 -33.07
N TRP D 164 -41.31 91.98 -33.10
CA TRP D 164 -40.57 92.83 -34.02
C TRP D 164 -40.84 92.43 -35.48
N ASN D 165 -42.09 92.69 -35.89
CA ASN D 165 -42.59 92.34 -37.22
C ASN D 165 -42.68 90.83 -37.40
N SER D 166 -43.16 90.13 -36.37
CA SER D 166 -43.34 88.69 -36.38
C SER D 166 -42.03 87.97 -36.70
N GLY D 167 -40.93 88.46 -36.13
CA GLY D 167 -39.64 87.84 -36.34
C GLY D 167 -39.13 87.91 -37.76
N ALA D 168 -39.39 89.00 -38.48
CA ALA D 168 -38.90 89.18 -39.83
C ALA D 168 -37.66 90.07 -39.91
N LEU D 169 -37.40 90.87 -38.89
CA LEU D 169 -36.21 91.74 -38.83
C LEU D 169 -35.55 91.51 -37.48
N THR D 170 -34.65 90.53 -37.42
CA THR D 170 -33.91 90.20 -36.21
C THR D 170 -32.42 90.38 -36.52
N SER D 171 -31.93 91.61 -36.31
CA SER D 171 -30.52 91.92 -36.50
C SER D 171 -30.20 93.13 -35.63
N GLY D 172 -29.58 92.87 -34.48
CA GLY D 172 -29.34 93.90 -33.50
C GLY D 172 -30.42 94.05 -32.45
N VAL D 173 -31.41 93.16 -32.45
CA VAL D 173 -32.47 93.22 -31.44
C VAL D 173 -31.89 92.92 -30.07
N HIS D 174 -32.24 93.75 -29.09
CA HIS D 174 -31.75 93.60 -27.72
C HIS D 174 -32.92 93.79 -26.76
N THR D 175 -33.50 92.67 -26.32
CA THR D 175 -34.58 92.69 -25.34
C THR D 175 -34.00 92.37 -23.97
N PHE D 176 -33.89 93.38 -23.14
CA PHE D 176 -33.35 93.33 -21.79
C PHE D 176 -34.23 92.47 -20.90
N PRO D 177 -33.66 91.79 -19.90
CA PRO D 177 -34.47 91.02 -18.98
C PRO D 177 -35.49 91.90 -18.27
N ALA D 178 -36.68 91.35 -18.06
CA ALA D 178 -37.75 92.09 -17.42
C ALA D 178 -37.36 92.50 -16.00
N VAL D 179 -37.77 93.70 -15.61
CA VAL D 179 -37.42 94.25 -14.31
C VAL D 179 -38.70 94.68 -13.59
N LEU D 180 -38.65 94.61 -12.26
CA LEU D 180 -39.79 94.95 -11.41
C LEU D 180 -39.80 96.45 -11.16
N GLN D 181 -40.97 97.07 -11.27
CA GLN D 181 -41.11 98.48 -10.97
C GLN D 181 -41.31 98.66 -9.47
N SER D 182 -41.31 99.93 -9.05
CA SER D 182 -41.51 100.28 -7.65
C SER D 182 -42.98 100.25 -7.24
N SER D 183 -43.90 100.08 -8.20
CA SER D 183 -45.32 100.03 -7.91
C SER D 183 -45.94 98.65 -8.10
N GLY D 184 -45.12 97.60 -8.17
CA GLY D 184 -45.62 96.25 -8.37
C GLY D 184 -45.79 95.85 -9.81
N LEU D 185 -45.59 96.77 -10.75
CA LEU D 185 -45.69 96.48 -12.17
C LEU D 185 -44.30 96.19 -12.73
N TYR D 186 -44.20 96.10 -14.05
CA TYR D 186 -42.96 95.71 -14.70
C TYR D 186 -42.67 96.60 -15.89
N SER D 187 -41.46 96.46 -16.43
CA SER D 187 -41.00 97.25 -17.56
C SER D 187 -40.07 96.41 -18.42
N LEU D 188 -39.94 96.81 -19.68
CA LEU D 188 -39.14 96.10 -20.67
C LEU D 188 -38.75 97.07 -21.77
N SER D 189 -37.58 96.85 -22.34
CA SER D 189 -37.14 97.64 -23.49
C SER D 189 -36.66 96.71 -24.59
N SER D 190 -37.20 96.85 -25.79
CA SER D 190 -36.78 96.08 -26.95
C SER D 190 -36.17 97.03 -27.96
N VAL D 191 -34.85 96.98 -28.13
CA VAL D 191 -34.12 97.92 -28.96
C VAL D 191 -33.38 97.16 -30.04
N VAL D 192 -33.36 97.74 -31.24
CA VAL D 192 -32.69 97.17 -32.40
C VAL D 192 -31.93 98.28 -33.13
N THR D 193 -30.84 97.91 -33.78
CA THR D 193 -30.00 98.84 -34.51
C THR D 193 -30.24 98.66 -36.00
N VAL D 194 -30.59 99.75 -36.68
CA VAL D 194 -30.83 99.73 -38.12
C VAL D 194 -29.97 100.81 -38.77
N PRO D 195 -29.56 100.64 -40.03
CA PRO D 195 -28.79 101.70 -40.69
C PRO D 195 -29.59 103.00 -40.79
N SER D 196 -28.88 104.12 -40.63
CA SER D 196 -29.53 105.42 -40.69
C SER D 196 -30.08 105.76 -42.06
N SER D 197 -29.57 105.12 -43.13
CA SER D 197 -30.13 105.35 -44.45
C SER D 197 -31.55 104.83 -44.54
N SER D 198 -31.81 103.65 -43.98
CA SER D 198 -33.15 103.04 -44.04
C SER D 198 -33.88 103.30 -42.73
N LEU D 199 -34.20 104.57 -42.50
CA LEU D 199 -35.00 104.98 -41.34
C LEU D 199 -36.45 105.23 -41.73
N GLY D 200 -36.69 106.15 -42.66
CA GLY D 200 -38.01 106.43 -43.17
C GLY D 200 -38.41 105.66 -44.40
N THR D 201 -37.59 104.71 -44.84
CA THR D 201 -37.87 103.90 -46.02
C THR D 201 -38.52 102.57 -45.67
N GLN D 202 -37.86 101.76 -44.86
CA GLN D 202 -38.41 100.48 -44.45
C GLN D 202 -39.41 100.65 -43.32
N THR D 203 -40.44 99.80 -43.34
CA THR D 203 -41.54 99.87 -42.38
C THR D 203 -41.34 98.79 -41.33
N TYR D 204 -41.50 99.17 -40.05
CA TYR D 204 -41.28 98.29 -38.93
C TYR D 204 -42.34 98.51 -37.87
N ILE D 205 -42.75 97.43 -37.21
CA ILE D 205 -43.73 97.47 -36.14
C ILE D 205 -43.26 96.54 -35.02
N CYS D 206 -43.38 97.01 -33.78
CA CYS D 206 -43.13 96.20 -32.61
C CYS D 206 -44.46 95.64 -32.12
N ASN D 207 -44.55 94.32 -32.04
CA ASN D 207 -45.76 93.63 -31.61
C ASN D 207 -45.53 93.04 -30.23
N VAL D 208 -46.42 93.34 -29.30
CA VAL D 208 -46.31 92.89 -27.92
C VAL D 208 -47.56 92.10 -27.57
N ASN D 209 -47.37 90.87 -27.09
CA ASN D 209 -48.46 89.96 -26.78
C ASN D 209 -48.44 89.63 -25.30
N HIS D 210 -49.61 89.69 -24.66
CA HIS D 210 -49.76 89.35 -23.26
C HIS D 210 -50.85 88.30 -23.12
N LYS D 211 -50.48 87.13 -22.60
CA LYS D 211 -51.45 86.05 -22.44
C LYS D 211 -52.33 86.23 -21.21
N PRO D 212 -51.79 86.53 -20.01
CA PRO D 212 -52.69 86.72 -18.85
C PRO D 212 -53.73 87.81 -19.06
N SER D 213 -53.36 88.91 -19.71
CA SER D 213 -54.31 89.96 -20.02
C SER D 213 -54.90 89.84 -21.42
N ASN D 214 -54.37 88.94 -22.25
CA ASN D 214 -54.84 88.71 -23.61
C ASN D 214 -54.90 90.01 -24.40
N THR D 215 -53.73 90.61 -24.59
CA THR D 215 -53.60 91.87 -25.30
C THR D 215 -52.49 91.76 -26.33
N LYS D 216 -52.86 91.86 -27.60
CA LYS D 216 -51.90 91.87 -28.70
C LYS D 216 -51.91 93.26 -29.33
N VAL D 217 -50.82 94.01 -29.16
CA VAL D 217 -50.77 95.41 -29.55
C VAL D 217 -49.59 95.62 -30.48
N ASP D 218 -49.84 96.37 -31.56
CA ASP D 218 -48.83 96.72 -32.54
C ASP D 218 -48.54 98.22 -32.46
N LYS D 219 -47.26 98.58 -32.39
CA LYS D 219 -46.86 99.96 -32.24
C LYS D 219 -45.77 100.29 -33.26
N ARG D 220 -45.88 101.47 -33.87
CA ARG D 220 -44.90 101.93 -34.84
C ARG D 220 -44.03 103.03 -34.25
N VAL D 221 -42.81 103.12 -34.75
CA VAL D 221 -41.83 104.11 -34.30
C VAL D 221 -41.48 105.00 -35.49
N GLU D 222 -41.47 106.32 -35.24
CA GLU D 222 -41.13 107.27 -36.28
C GLU D 222 -40.21 108.32 -35.70
N PRO D 223 -39.08 108.61 -36.36
CA PRO D 223 -38.11 109.61 -35.88
C PRO D 223 -38.51 111.03 -36.26
N ASP E 1 -23.13 83.69 11.91
CA ASP E 1 -22.00 83.17 12.66
C ASP E 1 -20.98 82.54 11.73
N ILE E 2 -21.48 82.00 10.62
CA ILE E 2 -20.66 81.19 9.73
C ILE E 2 -20.76 81.75 8.32
N GLN E 3 -21.06 83.04 8.22
CA GLN E 3 -21.11 83.70 6.91
C GLN E 3 -19.77 83.56 6.21
N MET E 4 -19.82 83.15 4.94
CA MET E 4 -18.62 82.88 4.16
C MET E 4 -18.57 83.80 2.95
N THR E 5 -17.35 84.14 2.55
CA THR E 5 -17.09 85.00 1.42
C THR E 5 -16.53 84.17 0.28
N GLN E 6 -17.11 84.33 -0.90
CA GLN E 6 -16.66 83.68 -2.13
C GLN E 6 -16.09 84.71 -3.08
N SER E 7 -14.90 84.42 -3.60
CA SER E 7 -14.25 85.34 -4.57
C SER E 7 -13.68 84.52 -5.73
N PRO E 8 -13.42 85.13 -6.91
CA PRO E 8 -13.84 86.50 -7.23
C PRO E 8 -15.32 86.55 -7.63
N SER E 9 -15.95 87.73 -7.48
CA SER E 9 -17.39 87.88 -7.83
C SER E 9 -17.64 87.37 -9.25
N SER E 10 -17.07 88.04 -10.27
CA SER E 10 -17.28 87.63 -11.64
C SER E 10 -15.95 87.65 -12.39
N VAL E 11 -15.69 86.61 -13.16
CA VAL E 11 -14.45 86.46 -13.90
C VAL E 11 -14.75 86.04 -15.33
N SER E 12 -13.77 86.28 -16.20
CA SER E 12 -13.88 85.93 -17.61
C SER E 12 -12.60 85.20 -18.04
N ALA E 13 -12.78 84.09 -18.74
CA ALA E 13 -11.63 83.30 -19.19
C ALA E 13 -12.03 82.54 -20.45
N SER E 14 -11.02 82.08 -21.17
CA SER E 14 -11.20 81.41 -22.45
C SER E 14 -11.28 79.90 -22.27
N VAL E 15 -11.73 79.23 -23.32
CA VAL E 15 -11.86 77.78 -23.31
C VAL E 15 -10.49 77.13 -23.19
N GLY E 16 -10.35 76.19 -22.27
CA GLY E 16 -9.10 75.49 -22.05
C GLY E 16 -8.26 76.01 -20.91
N ASP E 17 -8.64 77.12 -20.31
CA ASP E 17 -7.87 77.71 -19.22
C ASP E 17 -8.24 77.04 -17.89
N SER E 18 -7.82 77.65 -16.79
CA SER E 18 -8.13 77.18 -15.44
C SER E 18 -8.74 78.31 -14.64
N VAL E 19 -9.77 77.97 -13.87
CA VAL E 19 -10.48 78.94 -13.03
C VAL E 19 -10.35 78.53 -11.57
N THR E 20 -9.92 79.48 -10.74
CA THR E 20 -9.77 79.28 -9.31
C THR E 20 -10.78 80.14 -8.56
N ILE E 21 -11.57 79.51 -7.69
CA ILE E 21 -12.56 80.21 -6.88
C ILE E 21 -12.26 79.90 -5.42
N THR E 22 -12.09 80.95 -4.62
CA THR E 22 -11.70 80.79 -3.23
C THR E 22 -12.83 81.19 -2.29
N CYS E 23 -13.17 80.29 -1.38
CA CYS E 23 -14.25 80.48 -0.42
C CYS E 23 -13.69 80.37 0.99
N ARG E 24 -13.99 81.37 1.82
CA ARG E 24 -13.52 81.39 3.20
C ARG E 24 -14.70 81.50 4.15
N ALA E 25 -14.73 80.61 5.13
CA ALA E 25 -15.74 80.63 6.17
C ALA E 25 -15.24 81.45 7.35
N SER E 26 -16.18 81.99 8.12
CA SER E 26 -15.80 82.80 9.28
C SER E 26 -15.04 81.97 10.31
N GLN E 27 -15.49 80.75 10.55
CA GLN E 27 -14.86 79.86 11.50
C GLN E 27 -14.39 78.60 10.78
N GLY E 28 -13.50 77.86 11.44
CA GLY E 28 -13.07 76.59 10.91
C GLY E 28 -14.22 75.60 10.82
N ILE E 29 -14.52 75.13 9.62
CA ILE E 29 -15.64 74.22 9.40
C ILE E 29 -15.17 72.81 9.09
N SER E 30 -13.96 72.46 9.51
CA SER E 30 -13.38 71.15 9.24
C SER E 30 -13.42 70.84 7.76
N ARG E 31 -14.23 69.86 7.38
CA ARG E 31 -14.43 69.44 5.99
C ARG E 31 -15.91 69.41 5.66
N TRP E 32 -16.67 70.37 6.21
CA TRP E 32 -18.11 70.45 5.98
C TRP E 32 -18.37 71.60 5.01
N LEU E 33 -18.35 71.28 3.72
CA LEU E 33 -18.52 72.29 2.69
C LEU E 33 -19.12 71.64 1.45
N ALA E 34 -19.72 72.47 0.59
CA ALA E 34 -20.24 72.01 -0.68
C ALA E 34 -20.11 73.12 -1.73
N TRP E 35 -19.46 72.77 -2.85
CA TRP E 35 -19.29 73.65 -4.00
C TRP E 35 -20.32 73.27 -5.06
N TYR E 36 -21.13 74.24 -5.46
CA TYR E 36 -22.21 74.05 -6.43
C TYR E 36 -21.97 74.89 -7.68
N GLN E 37 -22.49 74.39 -8.80
CA GLN E 37 -22.59 75.15 -10.03
C GLN E 37 -24.05 75.31 -10.39
N GLN E 38 -24.38 76.42 -11.06
CA GLN E 38 -25.74 76.67 -11.51
C GLN E 38 -25.70 77.60 -12.71
N ARG E 39 -26.26 77.14 -13.81
CA ARG E 39 -26.47 77.89 -15.03
C ARG E 39 -27.83 78.57 -15.00
N PRO E 40 -28.03 79.64 -15.76
CA PRO E 40 -29.35 80.28 -15.78
C PRO E 40 -30.42 79.33 -16.30
N GLY E 41 -31.60 79.41 -15.69
CA GLY E 41 -32.72 78.59 -16.12
C GLY E 41 -32.68 77.15 -15.71
N LYS E 42 -31.89 76.79 -14.69
CA LYS E 42 -31.80 75.41 -14.23
C LYS E 42 -31.50 75.39 -12.74
N ALA E 43 -31.84 74.26 -12.12
CA ALA E 43 -31.57 74.08 -10.71
C ALA E 43 -30.06 73.90 -10.48
N PRO E 44 -29.55 74.35 -9.34
CA PRO E 44 -28.12 74.17 -9.05
C PRO E 44 -27.76 72.70 -8.87
N LYS E 45 -26.54 72.37 -9.24
CA LYS E 45 -26.01 71.03 -9.11
C LYS E 45 -24.69 71.06 -8.34
N LEU E 46 -24.48 70.04 -7.51
CA LEU E 46 -23.27 69.96 -6.71
C LEU E 46 -22.07 69.56 -7.56
N LEU E 47 -20.97 70.29 -7.41
CA LEU E 47 -19.69 69.91 -8.00
C LEU E 47 -18.79 69.19 -7.01
N ILE E 48 -18.65 69.73 -5.80
CA ILE E 48 -17.78 69.16 -4.77
C ILE E 48 -18.58 69.06 -3.48
N TYR E 49 -18.38 67.97 -2.74
CA TYR E 49 -18.89 67.87 -1.39
C TYR E 49 -17.74 67.51 -0.47
N ALA E 50 -18.01 67.52 0.85
CA ALA E 50 -16.98 67.45 1.86
C ALA E 50 -15.98 68.58 1.67
N ALA E 51 -14.79 68.27 1.22
CA ALA E 51 -13.81 69.31 0.90
C ALA E 51 -13.32 69.24 -0.53
N GLY E 52 -13.05 68.04 -1.04
CA GLY E 52 -12.58 67.88 -2.39
C GLY E 52 -13.10 66.64 -3.08
N ASN E 53 -14.19 66.08 -2.55
CA ASN E 53 -14.75 64.85 -3.10
C ASN E 53 -15.73 65.19 -4.22
N LEU E 54 -15.47 64.64 -5.40
CA LEU E 54 -16.22 64.99 -6.61
C LEU E 54 -17.53 64.24 -6.70
N GLU E 55 -18.47 64.82 -7.43
CA GLU E 55 -19.72 64.14 -7.76
C GLU E 55 -19.47 63.09 -8.84
N THR E 56 -20.36 62.10 -8.87
CA THR E 56 -20.20 60.99 -9.81
C THR E 56 -20.33 61.45 -11.26
N GLY E 57 -21.29 62.32 -11.56
CA GLY E 57 -21.51 62.74 -12.93
C GLY E 57 -20.69 63.93 -13.37
N VAL E 58 -20.11 64.64 -12.41
CA VAL E 58 -19.31 65.83 -12.75
C VAL E 58 -18.00 65.39 -13.36
N PRO E 59 -17.53 66.02 -14.44
CA PRO E 59 -16.24 65.64 -15.02
C PRO E 59 -15.09 65.83 -14.05
N SER E 60 -14.08 65.00 -14.21
CA SER E 60 -12.91 64.94 -13.32
C SER E 60 -12.08 66.21 -13.32
N ARG E 61 -12.21 67.11 -14.29
CA ARG E 61 -11.39 68.32 -14.34
C ARG E 61 -11.78 69.33 -13.26
N PHE E 62 -12.87 69.10 -12.55
CA PHE E 62 -13.29 69.93 -11.43
C PHE E 62 -12.70 69.36 -10.15
N SER E 63 -12.00 70.19 -9.39
CA SER E 63 -11.32 69.73 -8.18
C SER E 63 -11.62 70.67 -7.02
N GLY E 64 -11.66 70.09 -5.82
CA GLY E 64 -11.82 70.86 -4.60
C GLY E 64 -10.65 70.66 -3.67
N SER E 65 -10.24 71.72 -2.97
CA SER E 65 -9.12 71.66 -2.05
C SER E 65 -9.38 72.61 -0.90
N GLY E 66 -8.54 72.52 0.12
CA GLY E 66 -8.65 73.34 1.30
C GLY E 66 -9.21 72.57 2.48
N SER E 67 -9.21 73.23 3.62
CA SER E 67 -9.62 72.57 4.85
C SER E 67 -9.81 73.61 5.96
N GLY E 68 -10.84 73.39 6.76
CA GLY E 68 -11.09 74.22 7.93
C GLY E 68 -11.77 75.53 7.61
N THR E 69 -11.02 76.48 7.06
CA THR E 69 -11.56 77.80 6.72
C THR E 69 -11.41 78.12 5.24
N ASP E 70 -10.22 77.96 4.68
CA ASP E 70 -9.99 78.26 3.27
C ASP E 70 -10.34 77.05 2.42
N PHE E 71 -10.92 77.32 1.25
CA PHE E 71 -11.24 76.28 0.28
C PHE E 71 -11.13 76.87 -1.12
N THR E 72 -10.85 75.98 -2.08
CA THR E 72 -10.56 76.39 -3.45
C THR E 72 -11.16 75.39 -4.43
N LEU E 73 -11.98 75.89 -5.35
CA LEU E 73 -12.47 75.11 -6.47
C LEU E 73 -11.66 75.46 -7.71
N THR E 74 -11.08 74.44 -8.34
CA THR E 74 -10.23 74.62 -9.51
C THR E 74 -10.84 73.88 -10.69
N ILE E 75 -10.99 74.59 -11.79
CA ILE E 75 -11.41 74.00 -13.06
C ILE E 75 -10.20 74.03 -13.98
N SER E 76 -9.66 72.84 -14.28
CA SER E 76 -8.41 72.75 -15.02
C SER E 76 -8.63 73.01 -16.51
N ASP E 77 -9.78 72.60 -17.04
CA ASP E 77 -10.09 72.75 -18.46
C ASP E 77 -11.45 73.44 -18.58
N LEU E 78 -11.44 74.65 -19.13
CA LEU E 78 -12.68 75.38 -19.36
C LEU E 78 -13.30 74.99 -20.68
N GLN E 79 -14.62 74.85 -20.70
CA GLN E 79 -15.39 74.55 -21.90
C GLN E 79 -16.51 75.57 -22.04
N ALA E 80 -17.22 75.49 -23.17
CA ALA E 80 -18.33 76.41 -23.42
C ALA E 80 -19.46 76.25 -22.41
N GLU E 81 -19.54 75.11 -21.74
CA GLU E 81 -20.56 74.85 -20.74
C GLU E 81 -20.09 75.13 -19.32
N ASP E 82 -18.88 75.67 -19.16
CA ASP E 82 -18.30 75.94 -17.85
C ASP E 82 -18.59 77.36 -17.36
N PHE E 83 -19.31 78.15 -18.15
CA PHE E 83 -19.63 79.53 -17.79
C PHE E 83 -20.96 79.54 -17.08
N ALA E 84 -20.91 79.65 -15.75
CA ALA E 84 -22.10 79.59 -14.91
C ALA E 84 -21.80 80.34 -13.62
N THR E 85 -22.66 80.16 -12.62
CA THR E 85 -22.49 80.79 -11.32
C THR E 85 -22.19 79.72 -10.27
N TYR E 86 -21.13 79.92 -9.51
CA TYR E 86 -20.64 78.93 -8.55
C TYR E 86 -20.85 79.43 -7.13
N TYR E 87 -21.18 78.50 -6.23
CA TYR E 87 -21.52 78.82 -4.86
C TYR E 87 -20.81 77.87 -3.90
N CYS E 88 -20.65 78.30 -2.65
CA CYS E 88 -20.16 77.46 -1.58
C CYS E 88 -21.10 77.55 -0.39
N GLN E 89 -21.45 76.41 0.21
CA GLN E 89 -22.26 76.37 1.42
C GLN E 89 -21.55 75.55 2.48
N GLN E 90 -21.87 75.83 3.74
CA GLN E 90 -21.37 75.01 4.84
C GLN E 90 -22.44 74.01 5.27
N ALA E 91 -21.98 72.93 5.90
CA ALA E 91 -22.88 71.86 6.34
C ALA E 91 -22.50 71.37 7.72
N ASP E 92 -22.08 72.29 8.60
CA ASP E 92 -21.73 71.92 9.96
C ASP E 92 -22.42 72.76 11.03
N SER E 93 -22.80 74.00 10.73
CA SER E 93 -23.44 74.85 11.71
C SER E 93 -24.80 75.32 11.17
N PHE E 94 -25.82 75.17 12.00
CA PHE E 94 -27.14 75.61 11.61
C PHE E 94 -27.39 77.04 12.08
N PRO E 95 -27.97 77.91 11.23
CA PRO E 95 -28.47 77.65 9.87
C PRO E 95 -27.36 77.49 8.85
N LEU E 96 -27.65 76.76 7.76
CA LEU E 96 -26.68 76.56 6.71
C LEU E 96 -26.60 77.80 5.81
N THR E 97 -25.38 78.27 5.60
CA THR E 97 -25.12 79.53 4.93
C THR E 97 -24.41 79.29 3.61
N PHE E 98 -24.84 80.04 2.59
CA PHE E 98 -24.26 79.99 1.26
C PHE E 98 -23.22 81.09 1.08
N GLY E 99 -22.47 80.99 -0.02
CA GLY E 99 -21.50 82.01 -0.35
C GLY E 99 -22.09 83.15 -1.17
N GLY E 100 -21.22 84.09 -1.53
CA GLY E 100 -21.66 85.22 -2.32
C GLY E 100 -22.08 84.83 -3.73
N GLY E 101 -21.33 83.95 -4.36
CA GLY E 101 -21.63 83.51 -5.72
C GLY E 101 -20.63 84.08 -6.71
N THR E 102 -20.07 83.21 -7.54
CA THR E 102 -19.07 83.59 -8.53
C THR E 102 -19.57 83.24 -9.92
N LYS E 103 -19.61 84.23 -10.80
CA LYS E 103 -20.04 84.05 -12.18
C LYS E 103 -18.81 84.02 -13.09
N VAL E 104 -18.77 83.05 -14.00
CA VAL E 104 -17.66 82.88 -14.93
C VAL E 104 -18.15 83.24 -16.32
N ASP E 105 -17.40 84.11 -16.99
CA ASP E 105 -17.74 84.57 -18.34
C ASP E 105 -16.60 84.24 -19.30
N ILE E 106 -16.74 84.73 -20.52
CA ILE E 106 -15.75 84.46 -21.57
C ILE E 106 -14.85 85.67 -21.74
N LYS E 107 -13.54 85.45 -21.73
CA LYS E 107 -12.56 86.51 -21.91
C LYS E 107 -12.51 86.93 -23.38
N ARG E 108 -12.52 88.24 -23.61
CA ARG E 108 -12.44 88.78 -24.96
C ARG E 108 -11.85 90.19 -24.86
N THR E 109 -11.64 90.79 -26.03
CA THR E 109 -11.09 92.14 -26.08
C THR E 109 -12.09 93.16 -25.55
N VAL E 110 -11.58 94.30 -25.11
CA VAL E 110 -12.42 95.36 -24.58
C VAL E 110 -12.98 96.20 -25.73
N ALA E 111 -14.31 96.33 -25.76
CA ALA E 111 -14.99 97.05 -26.83
C ALA E 111 -15.73 98.26 -26.26
N ALA E 112 -15.64 99.38 -26.96
CA ALA E 112 -16.28 100.62 -26.54
C ALA E 112 -17.80 100.48 -26.62
N PRO E 113 -18.52 101.04 -25.65
CA PRO E 113 -19.99 100.94 -25.68
C PRO E 113 -20.63 101.91 -26.67
N SER E 114 -21.48 101.38 -27.55
CA SER E 114 -22.31 102.23 -28.39
C SER E 114 -23.50 102.74 -27.58
N VAL E 115 -23.56 104.05 -27.37
CA VAL E 115 -24.51 104.65 -26.44
C VAL E 115 -25.51 105.47 -27.23
N PHE E 116 -26.80 105.24 -26.98
CA PHE E 116 -27.88 105.91 -27.66
C PHE E 116 -28.91 106.40 -26.65
N ILE E 117 -29.71 107.38 -27.07
CA ILE E 117 -30.63 108.08 -26.18
C ILE E 117 -32.06 107.87 -26.68
N PHE E 118 -32.99 107.78 -25.72
CA PHE E 118 -34.42 107.66 -26.00
C PHE E 118 -35.20 108.58 -25.08
N PRO E 119 -35.60 109.76 -25.55
CA PRO E 119 -36.50 110.60 -24.77
C PRO E 119 -37.90 110.01 -24.74
N PRO E 120 -38.71 110.36 -23.74
CA PRO E 120 -40.09 109.84 -23.71
C PRO E 120 -40.87 110.29 -24.93
N SER E 121 -41.70 109.39 -25.45
CA SER E 121 -42.46 109.69 -26.65
C SER E 121 -43.65 110.59 -26.33
N ASP E 122 -44.25 111.15 -27.39
CA ASP E 122 -45.44 111.98 -27.21
C ASP E 122 -46.60 111.15 -26.66
N GLU E 123 -46.67 109.88 -27.05
CA GLU E 123 -47.65 108.97 -26.46
C GLU E 123 -47.38 108.80 -24.97
N GLN E 124 -46.10 108.77 -24.58
CA GLN E 124 -45.76 108.66 -23.18
C GLN E 124 -46.00 109.97 -22.43
N LEU E 125 -46.08 111.09 -23.17
CA LEU E 125 -46.30 112.38 -22.53
C LEU E 125 -47.71 112.48 -21.95
N LYS E 126 -48.70 111.88 -22.61
CA LYS E 126 -50.07 111.97 -22.12
C LYS E 126 -50.28 111.12 -20.87
N SER E 127 -49.45 110.11 -20.67
CA SER E 127 -49.62 109.22 -19.52
C SER E 127 -49.39 109.96 -18.21
N GLY E 128 -48.40 110.86 -18.19
CA GLY E 128 -48.06 111.57 -16.97
C GLY E 128 -46.75 111.08 -16.39
N THR E 129 -46.11 110.14 -17.09
CA THR E 129 -44.84 109.59 -16.69
C THR E 129 -43.85 109.75 -17.85
N ALA E 130 -42.63 110.17 -17.52
CA ALA E 130 -41.56 110.31 -18.49
C ALA E 130 -40.47 109.30 -18.18
N SER E 131 -40.11 108.51 -19.19
CA SER E 131 -39.07 107.49 -19.06
C SER E 131 -37.99 107.80 -20.10
N VAL E 132 -36.83 108.23 -19.63
CA VAL E 132 -35.70 108.53 -20.51
C VAL E 132 -34.73 107.35 -20.45
N VAL E 133 -34.41 106.78 -21.60
CA VAL E 133 -33.66 105.53 -21.67
C VAL E 133 -32.28 105.80 -22.28
N CYS E 134 -31.24 105.41 -21.57
CA CYS E 134 -29.88 105.38 -22.10
C CYS E 134 -29.53 103.93 -22.42
N LEU E 135 -29.17 103.67 -23.67
CA LEU E 135 -28.91 102.32 -24.17
C LEU E 135 -27.43 102.17 -24.46
N LEU E 136 -26.83 101.14 -23.88
CA LEU E 136 -25.45 100.75 -24.18
C LEU E 136 -25.49 99.42 -24.92
N ASN E 137 -24.77 99.33 -26.01
CA ASN E 137 -24.74 98.12 -26.83
C ASN E 137 -23.31 97.77 -27.19
N ASN E 138 -23.00 96.48 -27.18
CA ASN E 138 -21.73 95.97 -27.70
C ASN E 138 -20.56 96.56 -26.91
N PHE E 139 -20.59 96.32 -25.60
CA PHE E 139 -19.53 96.73 -24.70
C PHE E 139 -19.05 95.51 -23.92
N TYR E 140 -17.80 95.57 -23.47
CA TYR E 140 -17.20 94.48 -22.73
C TYR E 140 -16.11 95.05 -21.85
N PRO E 141 -15.95 94.57 -20.62
CA PRO E 141 -16.80 93.55 -19.99
C PRO E 141 -18.11 94.10 -19.43
N ARG E 142 -18.71 93.34 -18.52
CA ARG E 142 -20.04 93.67 -18.01
C ARG E 142 -20.07 95.04 -17.32
N GLU E 143 -18.99 95.41 -16.65
CA GLU E 143 -18.97 96.64 -15.85
C GLU E 143 -19.13 97.86 -16.75
N ALA E 144 -20.20 98.61 -16.54
CA ALA E 144 -20.46 99.86 -17.27
C ALA E 144 -20.61 101.07 -16.36
N LYS E 145 -21.43 100.96 -15.31
CA LYS E 145 -21.65 102.02 -14.32
C LYS E 145 -22.17 103.29 -15.02
N VAL E 146 -23.40 103.18 -15.49
CA VAL E 146 -24.10 104.28 -16.15
C VAL E 146 -24.68 105.19 -15.08
N GLN E 147 -24.68 106.50 -15.35
CA GLN E 147 -25.27 107.48 -14.46
C GLN E 147 -26.10 108.48 -15.26
N TRP E 148 -27.04 109.13 -14.57
CA TRP E 148 -27.91 110.14 -15.17
C TRP E 148 -27.63 111.50 -14.54
N LYS E 149 -27.64 112.54 -15.36
CA LYS E 149 -27.53 113.92 -14.87
C LYS E 149 -28.67 114.73 -15.48
N VAL E 150 -29.23 115.63 -14.67
CA VAL E 150 -30.27 116.56 -15.11
C VAL E 150 -29.79 117.95 -14.72
N ASP E 151 -29.60 118.81 -15.72
CA ASP E 151 -29.00 120.12 -15.51
C ASP E 151 -27.67 120.02 -14.78
N ASN E 152 -26.86 119.02 -15.18
CA ASN E 152 -25.56 118.75 -14.58
C ASN E 152 -25.66 118.50 -13.08
N ALA E 153 -26.68 117.76 -12.66
CA ALA E 153 -26.89 117.41 -11.26
C ALA E 153 -27.05 115.89 -11.15
N LEU E 154 -26.40 115.31 -10.14
CA LEU E 154 -26.47 113.87 -9.95
C LEU E 154 -27.86 113.43 -9.53
N GLN E 155 -28.31 112.31 -10.10
CA GLN E 155 -29.60 111.72 -9.78
C GLN E 155 -29.40 110.33 -9.17
N SER E 156 -30.05 110.10 -8.04
CA SER E 156 -29.94 108.82 -7.32
C SER E 156 -31.33 108.35 -6.91
N GLY E 157 -31.54 107.04 -6.97
CA GLY E 157 -32.79 106.45 -6.57
C GLY E 157 -33.93 106.61 -7.56
N ASN E 158 -33.65 107.11 -8.75
CA ASN E 158 -34.67 107.34 -9.76
C ASN E 158 -34.46 106.53 -11.03
N SER E 159 -33.36 105.77 -11.13
CA SER E 159 -33.01 105.05 -12.34
C SER E 159 -33.03 103.55 -12.08
N GLN E 160 -33.38 102.80 -13.12
CA GLN E 160 -33.45 101.34 -13.07
C GLN E 160 -32.61 100.77 -14.21
N GLU E 161 -31.84 99.74 -13.88
CA GLU E 161 -30.90 99.15 -14.83
C GLU E 161 -31.32 97.72 -15.19
N SER E 162 -31.22 97.41 -16.47
CA SER E 162 -31.50 96.06 -16.95
C SER E 162 -30.45 95.68 -17.99
N VAL E 163 -29.72 94.60 -17.74
CA VAL E 163 -28.61 94.20 -18.59
C VAL E 163 -28.88 92.82 -19.16
N THR E 164 -28.68 92.69 -20.47
CA THR E 164 -28.77 91.42 -21.16
C THR E 164 -27.58 90.54 -20.77
N GLU E 165 -27.75 89.24 -20.99
CA GLU E 165 -26.68 88.30 -20.73
C GLU E 165 -25.57 88.46 -21.78
N GLN E 166 -24.47 87.77 -21.56
CA GLN E 166 -23.35 87.81 -22.49
C GLN E 166 -23.81 87.29 -23.85
N ASP E 167 -23.39 87.97 -24.92
CA ASP E 167 -23.85 87.62 -26.25
C ASP E 167 -23.27 86.28 -26.69
N SER E 168 -23.86 85.71 -27.74
CA SER E 168 -23.42 84.41 -28.24
C SER E 168 -22.57 84.50 -29.49
N LYS E 169 -22.61 85.62 -30.20
CA LYS E 169 -21.86 85.79 -31.45
C LYS E 169 -20.53 86.50 -31.22
N ASP E 170 -20.48 87.40 -30.25
CA ASP E 170 -19.25 88.12 -29.92
C ASP E 170 -19.04 88.27 -28.42
N SER E 171 -19.87 87.63 -27.60
CA SER E 171 -19.74 87.62 -26.14
C SER E 171 -19.67 89.04 -25.57
N THR E 172 -20.59 89.89 -26.02
CA THR E 172 -20.68 91.26 -25.56
C THR E 172 -21.94 91.45 -24.71
N TYR E 173 -22.17 92.69 -24.29
CA TYR E 173 -23.26 93.01 -23.38
C TYR E 173 -24.06 94.22 -23.86
N SER E 174 -25.28 94.30 -23.36
CA SER E 174 -26.15 95.45 -23.57
C SER E 174 -26.75 95.86 -22.24
N LEU E 175 -26.97 97.17 -22.09
CA LEU E 175 -27.45 97.76 -20.86
C LEU E 175 -28.55 98.77 -21.18
N SER E 176 -29.57 98.81 -20.33
CA SER E 176 -30.63 99.81 -20.42
C SER E 176 -30.76 100.50 -19.08
N SER E 177 -30.58 101.81 -19.06
CA SER E 177 -30.78 102.61 -17.86
C SER E 177 -31.98 103.53 -18.10
N THR E 178 -33.07 103.28 -17.37
CA THR E 178 -34.29 104.06 -17.53
C THR E 178 -34.46 104.99 -16.33
N LEU E 179 -34.66 106.27 -16.62
CA LEU E 179 -34.96 107.27 -15.61
C LEU E 179 -36.45 107.59 -15.72
N THR E 180 -37.21 107.19 -14.71
CA THR E 180 -38.66 107.36 -14.67
C THR E 180 -39.00 108.47 -13.69
N LEU E 181 -39.84 109.41 -14.13
CA LEU E 181 -40.22 110.53 -13.28
C LEU E 181 -41.60 111.02 -13.69
N SER E 182 -42.17 111.89 -12.86
CA SER E 182 -43.49 112.44 -13.12
C SER E 182 -43.43 113.49 -14.23
N LYS E 183 -44.57 113.67 -14.91
CA LYS E 183 -44.63 114.62 -16.00
C LYS E 183 -44.42 116.05 -15.51
N ALA E 184 -45.01 116.40 -14.36
CA ALA E 184 -44.79 117.73 -13.80
C ALA E 184 -43.33 117.95 -13.47
N ASP E 185 -42.69 116.95 -12.85
CA ASP E 185 -41.26 117.05 -12.58
C ASP E 185 -40.42 117.00 -13.84
N TYR E 186 -40.84 116.23 -14.85
CA TYR E 186 -40.10 116.18 -16.11
C TYR E 186 -40.15 117.53 -16.82
N GLU E 187 -41.24 118.27 -16.65
CA GLU E 187 -41.37 119.57 -17.29
C GLU E 187 -40.59 120.66 -16.58
N LYS E 188 -40.16 120.43 -15.33
CA LYS E 188 -39.37 121.44 -14.62
C LYS E 188 -38.03 121.67 -15.30
N HIS E 189 -37.37 120.59 -15.74
CA HIS E 189 -36.04 120.67 -16.30
C HIS E 189 -36.10 120.73 -17.82
N LYS E 190 -35.00 121.16 -18.43
CA LYS E 190 -34.94 121.38 -19.86
C LYS E 190 -34.00 120.40 -20.54
N VAL E 191 -32.90 120.06 -19.86
CA VAL E 191 -31.82 119.27 -20.44
C VAL E 191 -31.64 118.00 -19.61
N TYR E 192 -31.46 116.88 -20.29
CA TYR E 192 -31.15 115.61 -19.62
C TYR E 192 -29.93 115.00 -20.27
N ALA E 193 -29.23 114.14 -19.54
CA ALA E 193 -28.04 113.51 -20.10
C ALA E 193 -27.75 112.22 -19.35
N CYS E 194 -27.09 111.31 -20.04
CA CYS E 194 -26.58 110.08 -19.44
C CYS E 194 -25.10 109.95 -19.74
N GLU E 195 -24.33 109.54 -18.73
CA GLU E 195 -22.89 109.41 -18.84
C GLU E 195 -22.48 107.99 -18.51
N VAL E 196 -21.46 107.50 -19.23
CA VAL E 196 -20.91 106.17 -19.02
C VAL E 196 -19.39 106.28 -19.06
N THR E 197 -18.74 105.66 -18.08
CA THR E 197 -17.28 105.51 -18.08
C THR E 197 -16.97 104.05 -18.32
N HIS E 198 -16.26 103.75 -19.40
CA HIS E 198 -15.94 102.39 -19.76
C HIS E 198 -14.45 102.25 -19.96
N GLN E 199 -13.94 101.08 -19.58
CA GLN E 199 -12.53 100.77 -19.78
C GLN E 199 -12.18 100.70 -21.27
N GLY E 200 -13.18 100.52 -22.12
CA GLY E 200 -12.98 100.66 -23.56
C GLY E 200 -12.92 102.10 -24.02
N LEU E 201 -13.23 103.06 -23.15
CA LEU E 201 -13.20 104.48 -23.48
C LEU E 201 -12.08 105.16 -22.72
N SER E 202 -11.26 105.95 -23.44
CA SER E 202 -10.21 106.70 -22.78
C SER E 202 -10.81 107.76 -21.84
N SER E 203 -11.91 108.38 -22.25
CA SER E 203 -12.57 109.41 -21.49
C SER E 203 -14.04 109.06 -21.32
N PRO E 204 -14.70 109.56 -20.27
CA PRO E 204 -16.13 109.31 -20.10
C PRO E 204 -16.93 109.86 -21.26
N VAL E 205 -17.97 109.12 -21.65
CA VAL E 205 -18.86 109.51 -22.74
C VAL E 205 -20.17 110.00 -22.14
N THR E 206 -20.48 111.27 -22.36
CA THR E 206 -21.70 111.89 -21.88
C THR E 206 -22.54 112.31 -23.08
N LYS E 207 -23.80 111.90 -23.11
CA LYS E 207 -24.71 112.27 -24.18
C LYS E 207 -25.90 113.00 -23.59
N SER E 208 -26.22 114.16 -24.14
CA SER E 208 -27.25 115.04 -23.61
C SER E 208 -28.25 115.38 -24.71
N PHE E 209 -29.47 115.70 -24.26
CA PHE E 209 -30.52 116.16 -25.16
C PHE E 209 -31.37 117.18 -24.43
N ASN E 210 -32.15 117.93 -25.21
CA ASN E 210 -33.03 118.96 -24.70
C ASN E 210 -34.47 118.61 -25.05
N ARG E 211 -35.38 118.95 -24.15
CA ARG E 211 -36.80 118.68 -24.36
C ARG E 211 -37.33 119.58 -25.47
N GLY E 212 -37.96 118.96 -26.47
CA GLY E 212 -38.49 119.71 -27.60
C GLY E 212 -37.68 119.51 -28.86
N GLN F 1 -47.79 -28.87 44.63
CA GLN F 1 -46.46 -28.80 45.21
C GLN F 1 -46.52 -28.40 46.68
N VAL F 2 -47.67 -27.85 47.08
CA VAL F 2 -47.87 -27.45 48.46
C VAL F 2 -48.83 -28.40 49.15
N GLN F 3 -48.96 -28.24 50.46
CA GLN F 3 -49.87 -29.06 51.26
C GLN F 3 -50.81 -28.16 52.04
N LEU F 4 -52.10 -28.43 51.92
CA LEU F 4 -53.15 -27.70 52.62
C LEU F 4 -54.05 -28.70 53.33
N VAL F 5 -54.04 -28.66 54.66
CA VAL F 5 -54.78 -29.64 55.47
C VAL F 5 -55.83 -28.90 56.29
N GLU F 6 -57.09 -29.27 56.10
CA GLU F 6 -58.20 -28.65 56.82
C GLU F 6 -58.65 -29.56 57.94
N SER F 7 -59.01 -28.96 59.08
CA SER F 7 -59.51 -29.71 60.22
C SER F 7 -60.54 -28.86 60.95
N GLY F 8 -61.40 -29.53 61.72
CA GLY F 8 -62.42 -28.87 62.50
C GLY F 8 -63.84 -29.21 62.11
N GLY F 9 -64.04 -29.94 61.02
CA GLY F 9 -65.39 -30.33 60.64
C GLY F 9 -66.00 -31.30 61.63
N GLY F 10 -67.32 -31.26 61.73
CA GLY F 10 -68.03 -32.12 62.66
C GLY F 10 -69.53 -31.87 62.71
N LEU F 11 -70.17 -32.34 63.77
CA LEU F 11 -71.61 -32.20 63.96
C LEU F 11 -71.86 -31.31 65.18
N VAL F 12 -72.63 -30.23 64.98
CA VAL F 12 -72.92 -29.27 66.04
C VAL F 12 -74.39 -28.92 66.02
N GLN F 13 -74.86 -28.39 67.15
CA GLN F 13 -76.21 -27.89 67.28
C GLN F 13 -76.40 -26.64 66.43
N PRO F 14 -77.57 -26.47 65.81
CA PRO F 14 -77.83 -25.24 65.05
C PRO F 14 -77.73 -24.00 65.94
N GLY F 15 -77.15 -22.94 65.36
CA GLY F 15 -76.92 -21.72 66.10
C GLY F 15 -75.68 -21.70 66.95
N GLY F 16 -74.88 -22.77 66.92
CA GLY F 16 -73.68 -22.85 67.74
C GLY F 16 -72.49 -22.20 67.07
N SER F 17 -71.30 -22.65 67.47
CA SER F 17 -70.05 -22.13 66.94
C SER F 17 -69.14 -23.28 66.55
N LEU F 18 -68.33 -23.04 65.52
CA LEU F 18 -67.38 -24.03 65.05
C LEU F 18 -66.04 -23.35 64.75
N ARG F 19 -64.98 -24.15 64.82
CA ARG F 19 -63.62 -23.68 64.55
C ARG F 19 -63.01 -24.56 63.47
N LEU F 20 -62.47 -23.95 62.42
CA LEU F 20 -61.75 -24.66 61.39
C LEU F 20 -60.32 -24.13 61.26
N SER F 21 -59.36 -25.03 61.33
CA SER F 21 -57.95 -24.71 61.22
C SER F 21 -57.40 -25.30 59.93
N CYS F 22 -56.77 -24.46 59.13
CA CYS F 22 -56.22 -24.87 57.84
C CYS F 22 -54.72 -24.66 57.88
N ALA F 23 -53.98 -25.76 57.96
CA ALA F 23 -52.51 -25.73 58.00
C ALA F 23 -51.98 -25.71 56.59
N ALA F 24 -51.09 -24.75 56.32
CA ALA F 24 -50.49 -24.56 55.00
C ALA F 24 -48.99 -24.79 55.11
N SER F 25 -48.46 -25.61 54.20
CA SER F 25 -47.04 -25.92 54.19
C SER F 25 -46.57 -26.06 52.75
N GLY F 26 -45.25 -25.95 52.57
CA GLY F 26 -44.65 -26.06 51.25
C GLY F 26 -44.57 -24.77 50.45
N PHE F 27 -44.96 -23.64 51.03
CA PHE F 27 -44.90 -22.36 50.34
C PHE F 27 -44.82 -21.24 51.36
N THR F 28 -44.44 -20.07 50.87
CA THR F 28 -44.43 -18.86 51.72
C THR F 28 -45.86 -18.49 52.07
N PHE F 29 -46.26 -18.78 53.31
CA PHE F 29 -47.63 -18.48 53.72
C PHE F 29 -47.90 -16.99 53.78
N SER F 30 -46.85 -16.17 53.94
CA SER F 30 -47.01 -14.73 54.14
C SER F 30 -47.15 -13.96 52.83
N SER F 31 -47.12 -14.63 51.68
CA SER F 31 -47.17 -13.94 50.40
C SER F 31 -48.34 -14.39 49.51
N TYR F 32 -49.13 -15.38 49.94
CA TYR F 32 -50.24 -15.87 49.15
C TYR F 32 -51.55 -15.67 49.88
N ALA F 33 -52.61 -15.40 49.11
CA ALA F 33 -53.95 -15.23 49.65
C ALA F 33 -54.75 -16.50 49.44
N MET F 34 -55.34 -17.01 50.52
CA MET F 34 -56.09 -18.24 50.51
C MET F 34 -57.53 -18.01 50.96
N SER F 35 -58.41 -18.95 50.65
CA SER F 35 -59.83 -18.76 50.86
C SER F 35 -60.47 -20.03 51.40
N TRP F 36 -61.59 -19.83 52.11
CA TRP F 36 -62.46 -20.91 52.56
C TRP F 36 -63.68 -20.95 51.66
N VAL F 37 -63.93 -22.11 51.05
CA VAL F 37 -65.06 -22.29 50.14
C VAL F 37 -65.78 -23.58 50.50
N ARG F 38 -67.10 -23.49 50.71
CA ARG F 38 -67.91 -24.67 50.99
C ARG F 38 -68.58 -25.16 49.71
N GLN F 39 -68.66 -26.48 49.59
CA GLN F 39 -69.47 -27.12 48.56
C GLN F 39 -70.50 -27.99 49.24
N ALA F 40 -71.76 -27.81 48.87
CA ALA F 40 -72.83 -28.62 49.45
C ALA F 40 -72.70 -30.07 49.00
N PRO F 41 -73.18 -31.01 49.82
CA PRO F 41 -73.04 -32.43 49.43
C PRO F 41 -73.76 -32.78 48.14
N GLY F 42 -74.74 -31.99 47.73
CA GLY F 42 -75.47 -32.28 46.51
C GLY F 42 -75.61 -31.08 45.58
N LYS F 43 -74.81 -30.05 45.81
CA LYS F 43 -74.85 -28.83 45.00
C LYS F 43 -73.43 -28.49 44.54
N GLY F 44 -73.31 -27.34 43.87
CA GLY F 44 -72.03 -26.89 43.36
C GLY F 44 -71.23 -26.09 44.37
N LEU F 45 -70.22 -25.40 43.86
CA LEU F 45 -69.35 -24.59 44.70
C LEU F 45 -69.96 -23.23 44.97
N GLU F 46 -69.57 -22.64 46.11
CA GLU F 46 -69.92 -21.26 46.41
C GLU F 46 -68.81 -20.67 47.28
N TRP F 47 -68.21 -19.58 46.81
CA TRP F 47 -67.14 -18.94 47.57
C TRP F 47 -67.70 -18.28 48.81
N VAL F 48 -66.94 -18.33 49.90
CA VAL F 48 -67.41 -17.90 51.22
C VAL F 48 -66.52 -16.82 51.82
N SER F 49 -65.26 -17.15 52.11
CA SER F 49 -64.42 -16.21 52.83
C SER F 49 -63.01 -16.27 52.26
N ALA F 50 -62.23 -15.23 52.55
CA ALA F 50 -60.88 -15.14 52.02
C ALA F 50 -60.08 -14.13 52.83
N ILE F 51 -58.79 -14.45 53.01
CA ILE F 51 -57.82 -13.55 53.59
C ILE F 51 -56.89 -13.08 52.48
N SER F 52 -56.09 -12.04 52.77
CA SER F 52 -55.22 -11.45 51.76
C SER F 52 -53.79 -11.36 52.30
N GLY F 53 -53.07 -12.47 52.21
CA GLY F 53 -51.63 -12.56 52.42
C GLY F 53 -51.03 -11.66 53.49
N SER F 54 -51.75 -11.49 54.60
CA SER F 54 -51.35 -10.57 55.66
C SER F 54 -52.41 -10.55 56.76
N GLY F 55 -53.61 -10.10 56.42
CA GLY F 55 -54.69 -9.98 57.38
C GLY F 55 -55.33 -8.61 57.33
N GLY F 56 -54.77 -7.74 56.48
CA GLY F 56 -55.27 -6.38 56.38
C GLY F 56 -56.69 -6.31 55.83
N SER F 57 -56.98 -7.15 54.84
CA SER F 57 -58.28 -7.16 54.19
C SER F 57 -58.91 -8.54 54.27
N THR F 58 -60.19 -8.58 54.65
CA THR F 58 -60.95 -9.81 54.75
C THR F 58 -62.12 -9.73 53.79
N TYR F 59 -62.28 -10.75 52.94
CA TYR F 59 -63.38 -10.80 51.98
C TYR F 59 -64.35 -11.88 52.42
N TYR F 60 -65.64 -11.61 52.26
CA TYR F 60 -66.68 -12.54 52.66
C TYR F 60 -67.79 -12.57 51.63
N ALA F 61 -68.52 -13.68 51.60
CA ALA F 61 -69.71 -13.77 50.76
C ALA F 61 -70.87 -13.03 51.42
N ASP F 62 -72.00 -12.98 50.71
CA ASP F 62 -73.19 -12.30 51.22
C ASP F 62 -74.08 -13.21 52.06
N SER F 63 -73.72 -14.49 52.20
CA SER F 63 -74.50 -15.43 52.99
C SER F 63 -73.81 -15.85 54.29
N VAL F 64 -72.57 -15.43 54.52
CA VAL F 64 -71.83 -15.83 55.70
C VAL F 64 -71.33 -14.59 56.44
N LYS F 65 -71.39 -13.44 55.78
CA LYS F 65 -70.85 -12.21 56.35
C LYS F 65 -71.59 -11.85 57.62
N GLY F 66 -70.83 -11.48 58.66
CA GLY F 66 -71.37 -11.23 59.97
C GLY F 66 -71.34 -12.44 60.90
N ARG F 67 -71.20 -13.64 60.34
CA ARG F 67 -71.10 -14.86 61.12
C ARG F 67 -69.77 -15.57 60.99
N PHE F 68 -69.09 -15.44 59.86
CA PHE F 68 -67.83 -16.13 59.62
C PHE F 68 -66.68 -15.13 59.77
N THR F 69 -65.65 -15.55 60.51
CA THR F 69 -64.49 -14.71 60.76
C THR F 69 -63.25 -15.43 60.28
N ILE F 70 -62.50 -14.80 59.39
CA ILE F 70 -61.26 -15.36 58.86
C ILE F 70 -60.09 -14.59 59.43
N SER F 71 -59.05 -15.34 59.82
CA SER F 71 -57.82 -14.76 60.32
C SER F 71 -56.67 -15.66 59.91
N ARG F 72 -55.45 -15.12 59.96
CA ARG F 72 -54.29 -15.90 59.59
C ARG F 72 -53.19 -15.71 60.61
N ASP F 73 -52.33 -16.72 60.72
CA ASP F 73 -51.14 -16.67 61.56
C ASP F 73 -49.95 -17.02 60.69
N ASN F 74 -49.17 -16.02 60.32
CA ASN F 74 -47.96 -16.24 59.53
C ASN F 74 -46.87 -16.92 60.35
N SER F 75 -46.85 -16.68 61.66
CA SER F 75 -45.90 -17.37 62.53
C SER F 75 -46.16 -18.88 62.52
N LYS F 76 -47.42 -19.28 62.59
CA LYS F 76 -47.80 -20.68 62.59
C LYS F 76 -48.14 -21.21 61.20
N ASN F 77 -48.16 -20.34 60.19
CA ASN F 77 -48.52 -20.72 58.83
C ASN F 77 -49.89 -21.40 58.79
N THR F 78 -50.86 -20.81 59.49
CA THR F 78 -52.17 -21.43 59.60
C THR F 78 -53.26 -20.39 59.34
N LEU F 79 -54.46 -20.89 59.05
CA LEU F 79 -55.62 -20.04 58.84
C LEU F 79 -56.74 -20.47 59.77
N TYR F 80 -57.37 -19.50 60.41
CA TYR F 80 -58.42 -19.71 61.39
C TYR F 80 -59.75 -19.22 60.84
N LEU F 81 -60.76 -20.09 60.88
CA LEU F 81 -62.11 -19.73 60.47
C LEU F 81 -63.04 -20.01 61.64
N GLN F 82 -63.75 -18.97 62.09
CA GLN F 82 -64.72 -19.07 63.17
C GLN F 82 -66.12 -18.95 62.60
N MET F 83 -66.94 -19.98 62.80
CA MET F 83 -68.32 -20.00 62.34
C MET F 83 -69.23 -19.75 63.53
N ASN F 84 -70.13 -18.79 63.40
CA ASN F 84 -71.08 -18.45 64.45
C ASN F 84 -72.50 -18.47 63.90
N SER F 85 -73.46 -18.75 64.78
CA SER F 85 -74.87 -18.82 64.42
C SER F 85 -75.11 -19.78 63.27
N LEU F 86 -74.53 -20.96 63.38
CA LEU F 86 -74.61 -21.96 62.31
C LEU F 86 -76.05 -22.39 62.09
N ARG F 87 -76.42 -22.57 60.83
CA ARG F 87 -77.76 -22.97 60.43
C ARG F 87 -77.69 -24.29 59.65
N ALA F 88 -78.86 -24.86 59.39
CA ALA F 88 -78.91 -26.16 58.71
C ALA F 88 -78.39 -26.09 57.29
N GLU F 89 -78.28 -24.88 56.72
CA GLU F 89 -77.75 -24.72 55.37
C GLU F 89 -76.24 -24.67 55.34
N ASP F 90 -75.56 -24.74 56.49
CA ASP F 90 -74.11 -24.71 56.55
C ASP F 90 -73.47 -26.09 56.44
N THR F 91 -74.27 -27.14 56.31
CA THR F 91 -73.75 -28.50 56.14
C THR F 91 -73.12 -28.62 54.76
N ALA F 92 -71.79 -28.60 54.70
CA ALA F 92 -71.07 -28.68 53.43
C ALA F 92 -69.63 -29.07 53.71
N VAL F 93 -68.93 -29.44 52.65
CA VAL F 93 -67.50 -29.74 52.75
C VAL F 93 -66.73 -28.47 52.45
N TYR F 94 -65.95 -28.01 53.43
CA TYR F 94 -65.14 -26.81 53.32
C TYR F 94 -63.77 -27.17 52.76
N TYR F 95 -63.27 -26.33 51.85
CA TYR F 95 -62.00 -26.53 51.18
C TYR F 95 -61.19 -25.24 51.26
N CYS F 96 -59.86 -25.40 51.31
CA CYS F 96 -58.93 -24.29 51.32
C CYS F 96 -58.43 -24.07 49.90
N ALA F 97 -58.47 -22.83 49.44
CA ALA F 97 -58.14 -22.47 48.07
C ALA F 97 -56.93 -21.54 48.04
N LYS F 98 -55.97 -21.89 47.18
CA LYS F 98 -54.75 -21.10 47.05
C LYS F 98 -54.35 -21.05 45.58
N ASP F 99 -53.71 -19.96 45.19
CA ASP F 99 -53.29 -19.75 43.82
C ASP F 99 -51.76 -19.82 43.71
N HIS F 100 -51.29 -20.40 42.61
CA HIS F 100 -49.86 -20.62 42.43
C HIS F 100 -49.09 -19.31 42.43
N LEU F 101 -49.60 -18.31 41.72
CA LEU F 101 -48.88 -17.06 41.57
C LEU F 101 -48.98 -16.21 42.83
N ILE F 102 -48.15 -15.17 42.89
CA ILE F 102 -48.06 -14.31 44.07
C ILE F 102 -49.32 -13.44 44.10
N THR F 103 -50.13 -13.63 45.15
CA THR F 103 -51.34 -12.86 45.38
C THR F 103 -51.32 -12.37 46.82
N MET F 104 -51.50 -11.07 47.02
CA MET F 104 -51.41 -10.48 48.34
C MET F 104 -52.65 -9.69 48.76
N VAL F 105 -53.35 -9.07 47.81
CA VAL F 105 -54.54 -8.29 48.14
C VAL F 105 -55.79 -9.11 47.87
N GLN F 106 -55.75 -9.92 46.81
CA GLN F 106 -56.91 -10.69 46.39
C GLN F 106 -56.51 -12.14 46.13
N PRO F 107 -57.41 -13.09 46.39
CA PRO F 107 -57.10 -14.49 46.10
C PRO F 107 -57.09 -14.79 44.61
N GLU F 108 -57.96 -14.10 43.87
CA GLU F 108 -58.19 -14.35 42.44
C GLU F 108 -58.64 -15.80 42.21
N TYR F 109 -57.74 -16.63 41.69
CA TYR F 109 -58.09 -17.99 41.30
C TYR F 109 -57.84 -18.96 42.45
N PHE F 110 -58.45 -20.14 42.35
CA PHE F 110 -58.39 -21.17 43.37
C PHE F 110 -57.76 -22.41 42.76
N HIS F 111 -56.42 -22.47 42.78
CA HIS F 111 -55.71 -23.57 42.15
C HIS F 111 -55.46 -24.74 43.07
N HIS F 112 -54.95 -24.49 44.28
CA HIS F 112 -54.64 -25.55 45.23
C HIS F 112 -55.85 -25.78 46.14
N TRP F 113 -56.24 -27.04 46.27
CA TRP F 113 -57.41 -27.42 47.05
C TRP F 113 -57.05 -28.48 48.06
N GLY F 114 -57.48 -28.28 49.30
CA GLY F 114 -57.33 -29.27 50.34
C GLY F 114 -58.42 -30.31 50.29
N GLN F 115 -58.30 -31.30 51.18
CA GLN F 115 -59.28 -32.39 51.21
C GLN F 115 -60.65 -31.91 51.66
N GLY F 116 -60.71 -30.89 52.49
CA GLY F 116 -61.98 -30.35 52.94
C GLY F 116 -62.58 -31.15 54.08
N THR F 117 -63.25 -30.45 54.99
CA THR F 117 -63.90 -31.07 56.13
C THR F 117 -65.40 -30.92 55.99
N LEU F 118 -66.14 -32.00 56.26
CA LEU F 118 -67.59 -31.96 56.14
C LEU F 118 -68.21 -31.49 57.44
N VAL F 119 -68.86 -30.33 57.40
CA VAL F 119 -69.52 -29.73 58.55
C VAL F 119 -71.01 -30.03 58.42
N THR F 120 -71.56 -30.73 59.40
CA THR F 120 -72.98 -31.08 59.42
C THR F 120 -73.66 -30.38 60.59
N VAL F 121 -74.71 -29.64 60.29
CA VAL F 121 -75.49 -28.93 61.30
C VAL F 121 -76.85 -29.61 61.39
N SER F 122 -77.13 -30.22 62.55
CA SER F 122 -78.39 -30.91 62.75
C SER F 122 -78.62 -31.06 64.26
N SER F 123 -79.88 -31.24 64.62
CA SER F 123 -80.29 -31.41 66.01
C SER F 123 -80.53 -32.86 66.38
N ALA F 124 -80.27 -33.79 65.47
CA ALA F 124 -80.53 -35.20 65.72
C ALA F 124 -79.38 -35.85 66.49
N SER F 125 -79.68 -36.98 67.11
CA SER F 125 -78.74 -37.73 67.90
C SER F 125 -78.59 -39.14 67.35
N THR F 126 -77.57 -39.85 67.86
CA THR F 126 -77.31 -41.21 67.39
C THR F 126 -78.41 -42.15 67.84
N LYS F 127 -78.97 -42.91 66.89
CA LYS F 127 -80.05 -43.83 67.17
C LYS F 127 -80.11 -44.87 66.05
N GLY F 128 -80.53 -46.08 66.41
CA GLY F 128 -80.46 -47.22 65.51
C GLY F 128 -81.40 -47.14 64.32
N PRO F 129 -81.03 -47.81 63.24
CA PRO F 129 -81.88 -47.82 62.04
C PRO F 129 -83.03 -48.80 62.19
N SER F 130 -84.01 -48.64 61.29
CA SER F 130 -85.15 -49.55 61.21
C SER F 130 -85.18 -50.16 59.82
N VAL F 131 -85.31 -51.49 59.75
CA VAL F 131 -85.24 -52.24 58.50
C VAL F 131 -86.63 -52.78 58.18
N PHE F 132 -87.12 -52.49 56.98
CA PHE F 132 -88.44 -52.83 56.50
C PHE F 132 -88.34 -53.59 55.19
N PRO F 133 -89.22 -54.57 54.96
CA PRO F 133 -89.21 -55.29 53.70
C PRO F 133 -90.13 -54.66 52.65
N LEU F 134 -89.79 -54.90 51.39
CA LEU F 134 -90.60 -54.48 50.26
C LEU F 134 -90.71 -55.70 49.34
N ALA F 135 -91.90 -56.31 49.34
CA ALA F 135 -92.09 -57.58 48.65
C ALA F 135 -91.87 -57.42 47.14
N PRO F 136 -91.34 -58.46 46.49
CA PRO F 136 -91.04 -58.36 45.05
C PRO F 136 -92.27 -58.06 44.21
N SER F 137 -93.26 -58.94 44.25
CA SER F 137 -94.47 -58.80 43.46
C SER F 137 -95.48 -59.89 43.82
N SER F 138 -96.67 -59.83 43.22
CA SER F 138 -97.69 -60.85 43.42
C SER F 138 -98.12 -61.50 42.11
N LYS F 139 -97.29 -61.38 41.07
CA LYS F 139 -97.64 -61.94 39.76
C LYS F 139 -96.35 -62.26 39.01
N SER F 140 -96.16 -63.52 38.67
CA SER F 140 -95.03 -63.95 37.84
C SER F 140 -95.46 -64.03 36.38
N THR F 141 -95.93 -62.88 35.88
CA THR F 141 -96.51 -62.81 34.55
C THR F 141 -95.85 -61.73 33.70
N SER F 142 -95.34 -60.70 34.35
CA SER F 142 -94.78 -59.55 33.62
C SER F 142 -93.60 -59.97 32.74
N GLY F 143 -92.52 -60.44 33.36
CA GLY F 143 -91.35 -60.85 32.60
C GLY F 143 -90.63 -62.05 33.17
N GLY F 144 -91.24 -62.69 34.17
CA GLY F 144 -90.61 -63.82 34.82
C GLY F 144 -89.59 -63.46 35.87
N THR F 145 -89.33 -62.17 36.08
CA THR F 145 -88.41 -61.69 37.11
C THR F 145 -89.08 -60.55 37.86
N ALA F 146 -89.03 -60.61 39.19
CA ALA F 146 -89.58 -59.57 40.04
C ALA F 146 -88.43 -58.79 40.69
N ALA F 147 -88.77 -57.72 41.37
CA ALA F 147 -87.80 -56.89 42.08
C ALA F 147 -88.31 -56.62 43.48
N LEU F 148 -87.49 -56.92 44.49
CA LEU F 148 -87.83 -56.69 45.88
C LEU F 148 -86.83 -55.72 46.49
N GLY F 149 -87.03 -55.38 47.75
CA GLY F 149 -86.14 -54.39 48.35
C GLY F 149 -86.12 -54.44 49.85
N CYS F 150 -85.06 -53.86 50.41
CA CYS F 150 -84.91 -53.65 51.84
C CYS F 150 -84.74 -52.15 52.09
N LEU F 151 -85.58 -51.61 52.98
CA LEU F 151 -85.64 -50.19 53.23
C LEU F 151 -85.08 -49.91 54.62
N VAL F 152 -84.13 -48.99 54.71
CA VAL F 152 -83.53 -48.58 55.97
C VAL F 152 -84.00 -47.17 56.26
N LYS F 153 -84.62 -46.97 57.42
CA LYS F 153 -85.26 -45.70 57.72
C LYS F 153 -84.96 -45.28 59.15
N ASP F 154 -84.89 -43.97 59.37
CA ASP F 154 -84.81 -43.38 60.70
C ASP F 154 -83.55 -43.85 61.44
N TYR F 155 -82.41 -43.48 60.85
CA TYR F 155 -81.12 -43.73 61.46
C TYR F 155 -80.35 -42.42 61.51
N PHE F 156 -79.46 -42.32 62.49
CA PHE F 156 -78.64 -41.12 62.61
C PHE F 156 -77.40 -41.46 63.42
N PRO F 157 -76.20 -41.01 63.00
CA PRO F 157 -76.02 -40.33 61.73
C PRO F 157 -75.62 -41.27 60.61
N GLU F 158 -75.21 -40.72 59.46
CA GLU F 158 -74.73 -41.53 58.35
C GLU F 158 -73.40 -42.19 58.70
N PRO F 159 -73.07 -43.32 58.05
CA PRO F 159 -73.87 -44.07 57.08
C PRO F 159 -74.37 -45.41 57.58
N VAL F 160 -75.10 -46.12 56.73
CA VAL F 160 -75.49 -47.50 56.98
C VAL F 160 -75.01 -48.36 55.82
N THR F 161 -74.81 -49.65 56.09
CA THR F 161 -74.22 -50.57 55.13
C THR F 161 -75.13 -51.77 54.94
N VAL F 162 -75.39 -52.14 53.70
CA VAL F 162 -76.17 -53.32 53.35
C VAL F 162 -75.28 -54.27 52.56
N SER F 163 -75.19 -55.52 53.01
CA SER F 163 -74.36 -56.52 52.36
C SER F 163 -75.13 -57.52 51.52
N TRP F 164 -76.43 -57.71 51.78
CA TRP F 164 -77.29 -58.56 50.97
C TRP F 164 -76.76 -60.00 50.92
N ASN F 165 -76.85 -60.65 52.09
CA ASN F 165 -76.32 -62.01 52.30
C ASN F 165 -74.80 -62.02 52.33
N SER F 166 -74.21 -61.03 53.01
CA SER F 166 -72.75 -60.92 53.16
C SER F 166 -72.05 -60.87 51.81
N GLY F 167 -72.61 -60.09 50.88
CA GLY F 167 -72.03 -59.96 49.56
C GLY F 167 -72.02 -61.23 48.74
N ALA F 168 -73.03 -62.09 48.90
CA ALA F 168 -73.13 -63.31 48.12
C ALA F 168 -74.18 -63.25 47.02
N LEU F 169 -75.15 -62.35 47.12
CA LEU F 169 -76.18 -62.16 46.11
C LEU F 169 -76.08 -60.72 45.64
N THR F 170 -75.23 -60.47 44.65
CA THR F 170 -75.01 -59.15 44.08
C THR F 170 -75.27 -59.24 42.57
N SER F 171 -76.53 -59.09 42.20
CA SER F 171 -76.92 -59.11 40.78
C SER F 171 -78.21 -58.31 40.65
N GLY F 172 -78.10 -57.08 40.18
CA GLY F 172 -79.23 -56.17 40.10
C GLY F 172 -79.54 -55.43 41.37
N VAL F 173 -78.70 -55.53 42.39
CA VAL F 173 -78.92 -54.77 43.62
C VAL F 173 -78.74 -53.29 43.32
N HIS F 174 -79.69 -52.48 43.79
CA HIS F 174 -79.67 -51.04 43.55
C HIS F 174 -79.83 -50.34 44.89
N THR F 175 -78.71 -50.12 45.58
CA THR F 175 -78.70 -49.42 46.85
C THR F 175 -78.71 -47.93 46.58
N PHE F 176 -79.90 -47.33 46.61
CA PHE F 176 -80.06 -45.92 46.33
C PHE F 176 -79.40 -45.07 47.41
N PRO F 177 -78.79 -43.95 47.01
CA PRO F 177 -78.09 -43.10 47.98
C PRO F 177 -79.04 -42.60 49.05
N ALA F 178 -78.53 -42.55 50.28
CA ALA F 178 -79.32 -42.06 51.39
C ALA F 178 -79.59 -40.57 51.26
N VAL F 179 -80.77 -40.15 51.69
CA VAL F 179 -81.18 -38.75 51.63
C VAL F 179 -81.64 -38.31 53.01
N LEU F 180 -81.51 -37.01 53.27
CA LEU F 180 -81.88 -36.43 54.55
C LEU F 180 -83.37 -36.17 54.57
N GLN F 181 -84.07 -36.72 55.56
CA GLN F 181 -85.48 -36.44 55.74
C GLN F 181 -85.67 -35.11 56.46
N SER F 182 -86.93 -34.71 56.63
CA SER F 182 -87.26 -33.45 57.27
C SER F 182 -87.08 -33.47 58.78
N SER F 183 -86.92 -34.65 59.37
CA SER F 183 -86.75 -34.78 60.81
C SER F 183 -85.29 -34.97 61.24
N GLY F 184 -84.34 -34.85 60.32
CA GLY F 184 -82.94 -35.03 60.62
C GLY F 184 -82.43 -36.43 60.41
N LEU F 185 -83.33 -37.41 60.29
CA LEU F 185 -82.96 -38.79 60.03
C LEU F 185 -82.85 -39.02 58.53
N TYR F 186 -82.59 -40.27 58.15
CA TYR F 186 -82.32 -40.59 56.76
C TYR F 186 -83.14 -41.79 56.31
N SER F 187 -83.07 -42.06 55.01
CA SER F 187 -83.72 -43.19 54.40
C SER F 187 -82.86 -43.72 53.27
N LEU F 188 -82.97 -45.02 53.00
CA LEU F 188 -82.16 -45.69 52.00
C LEU F 188 -82.91 -46.90 51.50
N SER F 189 -82.72 -47.22 50.22
CA SER F 189 -83.39 -48.36 49.59
C SER F 189 -82.35 -49.22 48.90
N SER F 190 -82.35 -50.52 49.22
CA SER F 190 -81.50 -51.49 48.53
C SER F 190 -82.41 -52.51 47.86
N VAL F 191 -82.63 -52.33 46.56
CA VAL F 191 -83.57 -53.16 45.81
C VAL F 191 -82.79 -54.03 44.84
N VAL F 192 -83.18 -55.30 44.78
CA VAL F 192 -82.55 -56.28 43.89
C VAL F 192 -83.64 -56.97 43.09
N THR F 193 -83.33 -57.21 41.81
CA THR F 193 -84.22 -57.91 40.90
C THR F 193 -83.79 -59.37 40.84
N VAL F 194 -84.69 -60.27 41.21
CA VAL F 194 -84.43 -61.70 41.20
C VAL F 194 -85.50 -62.39 40.37
N PRO F 195 -85.22 -63.54 39.77
CA PRO F 195 -86.25 -64.23 38.98
C PRO F 195 -87.47 -64.58 39.84
N SER F 196 -88.65 -64.46 39.23
CA SER F 196 -89.90 -64.75 39.93
C SER F 196 -90.04 -66.24 40.27
N SER F 197 -89.31 -67.11 39.59
CA SER F 197 -89.35 -68.52 39.94
C SER F 197 -88.76 -68.77 41.33
N SER F 198 -87.64 -68.11 41.64
CA SER F 198 -86.95 -68.31 42.90
C SER F 198 -87.42 -67.26 43.92
N LEU F 199 -88.73 -67.26 44.16
CA LEU F 199 -89.33 -66.42 45.18
C LEU F 199 -89.69 -67.22 46.43
N GLY F 200 -90.44 -68.30 46.25
CA GLY F 200 -90.77 -69.22 47.33
C GLY F 200 -89.78 -70.35 47.53
N THR F 201 -88.68 -70.35 46.78
CA THR F 201 -87.66 -71.39 46.90
C THR F 201 -86.33 -70.82 47.38
N GLN F 202 -85.91 -69.69 46.83
CA GLN F 202 -84.65 -69.08 47.24
C GLN F 202 -84.72 -68.59 48.67
N THR F 203 -83.65 -68.85 49.41
CA THR F 203 -83.51 -68.39 50.79
C THR F 203 -82.52 -67.24 50.80
N TYR F 204 -82.97 -66.07 51.24
CA TYR F 204 -82.15 -64.87 51.24
C TYR F 204 -82.55 -63.97 52.39
N ILE F 205 -81.57 -63.21 52.91
CA ILE F 205 -81.80 -62.17 53.89
C ILE F 205 -80.96 -60.97 53.49
N CYS F 206 -81.30 -59.81 54.04
CA CYS F 206 -80.49 -58.61 53.90
C CYS F 206 -80.09 -58.12 55.28
N ASN F 207 -78.83 -57.73 55.42
CA ASN F 207 -78.27 -57.25 56.67
C ASN F 207 -77.94 -55.77 56.56
N VAL F 208 -78.21 -55.03 57.63
CA VAL F 208 -77.95 -53.60 57.67
C VAL F 208 -77.20 -53.29 58.96
N ASN F 209 -76.05 -52.65 58.84
CA ASN F 209 -75.20 -52.33 59.98
C ASN F 209 -75.04 -50.83 60.07
N HIS F 210 -75.35 -50.27 61.24
CA HIS F 210 -75.14 -48.87 61.56
C HIS F 210 -74.09 -48.80 62.65
N LYS F 211 -72.84 -48.57 62.24
CA LYS F 211 -71.74 -48.52 63.21
C LYS F 211 -71.90 -47.41 64.24
N PRO F 212 -72.26 -46.17 63.88
CA PRO F 212 -72.39 -45.13 64.93
C PRO F 212 -73.36 -45.50 66.02
N SER F 213 -74.48 -46.15 65.69
CA SER F 213 -75.39 -46.68 66.69
C SER F 213 -75.08 -48.13 67.03
N ASN F 214 -74.15 -48.77 66.31
CA ASN F 214 -73.73 -50.15 66.55
C ASN F 214 -74.93 -51.10 66.55
N THR F 215 -75.61 -51.14 65.40
CA THR F 215 -76.78 -51.99 65.23
C THR F 215 -76.63 -52.76 63.92
N LYS F 216 -76.35 -54.06 64.03
CA LYS F 216 -76.29 -54.95 62.87
C LYS F 216 -77.50 -55.87 62.92
N VAL F 217 -78.43 -55.67 61.99
CA VAL F 217 -79.71 -56.35 62.00
C VAL F 217 -79.89 -57.12 60.70
N ASP F 218 -80.39 -58.35 60.82
CA ASP F 218 -80.68 -59.21 59.68
C ASP F 218 -82.18 -59.33 59.54
N LYS F 219 -82.69 -59.22 58.31
CA LYS F 219 -84.12 -59.39 58.11
C LYS F 219 -84.41 -59.92 56.71
N ARG F 220 -85.55 -60.57 56.57
CA ARG F 220 -85.94 -61.26 55.35
C ARG F 220 -87.15 -60.58 54.72
N VAL F 221 -87.19 -60.60 53.39
CA VAL F 221 -88.30 -60.07 52.61
C VAL F 221 -89.05 -61.24 52.00
N GLU F 222 -90.36 -61.32 52.27
CA GLU F 222 -91.18 -62.41 51.78
C GLU F 222 -92.47 -61.85 51.18
N PRO F 223 -92.88 -62.33 50.00
CA PRO F 223 -94.12 -61.87 49.37
C PRO F 223 -95.34 -62.64 49.86
N ASP G 1 -74.75 -10.17 41.62
CA ASP G 1 -74.54 -9.09 40.67
C ASP G 1 -73.73 -9.55 39.47
N ILE G 2 -72.91 -10.58 39.69
CA ILE G 2 -72.01 -11.05 38.66
C ILE G 2 -72.12 -12.57 38.53
N GLN G 3 -73.27 -13.11 38.94
CA GLN G 3 -73.50 -14.54 38.80
C GLN G 3 -73.46 -14.93 37.33
N MET G 4 -72.82 -16.07 37.06
CA MET G 4 -72.59 -16.54 35.69
C MET G 4 -73.53 -17.69 35.37
N THR G 5 -73.86 -17.81 34.10
CA THR G 5 -74.74 -18.87 33.62
C THR G 5 -73.95 -19.84 32.74
N GLN G 6 -73.93 -21.10 33.14
CA GLN G 6 -73.17 -22.12 32.42
C GLN G 6 -74.11 -23.08 31.71
N SER G 7 -73.86 -23.25 30.40
CA SER G 7 -74.72 -24.16 29.59
C SER G 7 -73.82 -25.09 28.77
N PRO G 8 -74.30 -26.28 28.32
CA PRO G 8 -75.59 -26.82 28.77
C PRO G 8 -75.47 -27.43 30.18
N SER G 9 -76.59 -27.49 30.92
CA SER G 9 -76.56 -28.04 32.30
C SER G 9 -75.97 -29.45 32.30
N SER G 10 -76.35 -30.30 31.33
CA SER G 10 -75.75 -31.61 31.25
C SER G 10 -75.74 -32.08 29.81
N VAL G 11 -74.73 -32.88 29.44
CA VAL G 11 -74.59 -33.40 28.10
C VAL G 11 -74.24 -34.89 28.17
N SER G 12 -74.47 -35.59 27.06
CA SER G 12 -74.14 -37.00 26.93
C SER G 12 -73.49 -37.24 25.57
N ALA G 13 -72.37 -37.94 25.57
CA ALA G 13 -71.65 -38.25 24.34
C ALA G 13 -70.74 -39.45 24.58
N SER G 14 -70.27 -40.02 23.47
CA SER G 14 -69.46 -41.23 23.48
C SER G 14 -67.98 -40.91 23.41
N VAL G 15 -67.16 -41.92 23.67
CA VAL G 15 -65.71 -41.77 23.66
C VAL G 15 -65.25 -41.44 22.25
N GLY G 16 -64.36 -40.46 22.13
CA GLY G 16 -63.85 -40.00 20.86
C GLY G 16 -64.54 -38.76 20.31
N ASP G 17 -65.66 -38.35 20.91
CA ASP G 17 -66.40 -37.19 20.45
C ASP G 17 -65.82 -35.91 21.07
N SER G 18 -66.53 -34.81 20.89
CA SER G 18 -66.13 -33.52 21.43
C SER G 18 -67.31 -32.90 22.17
N VAL G 19 -67.00 -32.20 23.27
CA VAL G 19 -68.02 -31.55 24.08
C VAL G 19 -67.63 -30.10 24.30
N THR G 20 -68.54 -29.19 23.95
CA THR G 20 -68.34 -27.77 24.16
C THR G 20 -69.29 -27.27 25.24
N ILE G 21 -68.76 -26.50 26.18
CA ILE G 21 -69.54 -25.95 27.29
C ILE G 21 -69.27 -24.46 27.35
N THR G 22 -70.33 -23.66 27.31
CA THR G 22 -70.23 -22.21 27.27
C THR G 22 -70.61 -21.63 28.62
N CYS G 23 -70.12 -20.42 28.89
CA CYS G 23 -70.35 -19.74 30.15
C CYS G 23 -70.51 -18.25 29.86
N ARG G 24 -71.59 -17.68 30.38
CA ARG G 24 -71.96 -16.29 30.17
C ARG G 24 -71.76 -15.55 31.48
N ALA G 25 -71.14 -14.37 31.40
CA ALA G 25 -70.99 -13.48 32.53
C ALA G 25 -72.02 -12.38 32.44
N SER G 26 -72.54 -11.95 33.61
CA SER G 26 -73.54 -10.88 33.61
C SER G 26 -72.95 -9.58 33.10
N GLN G 27 -71.73 -9.26 33.52
CA GLN G 27 -71.03 -8.05 33.09
C GLN G 27 -69.67 -8.44 32.53
N GLY G 28 -69.07 -7.51 31.80
CA GLY G 28 -67.76 -7.73 31.23
C GLY G 28 -66.69 -7.98 32.28
N ILE G 29 -66.06 -9.15 32.22
CA ILE G 29 -65.04 -9.53 33.19
C ILE G 29 -63.68 -9.70 32.52
N SER G 30 -63.53 -9.15 31.31
CA SER G 30 -62.29 -9.23 30.55
C SER G 30 -61.84 -10.68 30.39
N ARG G 31 -60.74 -11.04 31.05
CA ARG G 31 -60.19 -12.38 31.04
C ARG G 31 -59.96 -12.88 32.45
N TRP G 32 -60.95 -12.71 33.32
CA TRP G 32 -60.87 -13.17 34.70
C TRP G 32 -61.96 -14.20 34.92
N LEU G 33 -61.65 -15.45 34.56
CA LEU G 33 -62.55 -16.57 34.78
C LEU G 33 -61.76 -17.86 34.70
N ALA G 34 -62.20 -18.85 35.48
CA ALA G 34 -61.52 -20.14 35.56
C ALA G 34 -62.51 -21.26 35.32
N TRP G 35 -62.08 -22.26 34.56
CA TRP G 35 -62.86 -23.46 34.27
C TRP G 35 -62.34 -24.58 35.15
N TYR G 36 -63.23 -25.16 35.95
CA TYR G 36 -62.90 -26.20 36.92
C TYR G 36 -63.60 -27.50 36.55
N GLN G 37 -62.94 -28.61 36.85
CA GLN G 37 -63.54 -29.94 36.79
C GLN G 37 -63.65 -30.50 38.20
N GLN G 38 -64.61 -31.39 38.41
CA GLN G 38 -64.80 -32.00 39.71
C GLN G 38 -65.51 -33.33 39.57
N ARG G 39 -65.04 -34.33 40.34
CA ARG G 39 -65.58 -35.66 40.60
C ARG G 39 -66.32 -35.68 41.92
N PRO G 40 -67.41 -36.45 42.04
CA PRO G 40 -68.10 -36.53 43.32
C PRO G 40 -67.20 -37.11 44.41
N GLY G 41 -67.29 -36.53 45.60
CA GLY G 41 -66.48 -36.98 46.71
C GLY G 41 -65.05 -36.49 46.69
N LYS G 42 -64.69 -35.66 45.71
CA LYS G 42 -63.33 -35.16 45.59
C LYS G 42 -63.36 -33.65 45.38
N ALA G 43 -62.26 -33.00 45.77
CA ALA G 43 -62.16 -31.56 45.58
C ALA G 43 -62.05 -31.24 44.09
N PRO G 44 -62.56 -30.08 43.67
CA PRO G 44 -62.46 -29.70 42.26
C PRO G 44 -61.03 -29.50 41.82
N LYS G 45 -60.76 -29.79 40.55
CA LYS G 45 -59.46 -29.58 39.94
C LYS G 45 -59.58 -28.54 38.84
N LEU G 46 -58.69 -27.55 38.88
CA LEU G 46 -58.73 -26.48 37.89
C LEU G 46 -58.27 -26.98 36.53
N LEU G 47 -59.01 -26.59 35.49
CA LEU G 47 -58.68 -26.92 34.11
C LEU G 47 -58.09 -25.73 33.37
N ILE G 48 -58.79 -24.60 33.36
CA ILE G 48 -58.41 -23.42 32.61
C ILE G 48 -58.42 -22.23 33.54
N TYR G 49 -57.50 -21.28 33.32
CA TYR G 49 -57.54 -20.01 34.02
C TYR G 49 -57.49 -18.88 32.99
N ALA G 50 -57.99 -17.71 33.39
CA ALA G 50 -58.11 -16.54 32.54
C ALA G 50 -59.04 -16.79 31.35
N ALA G 51 -58.47 -16.95 30.17
CA ALA G 51 -59.28 -17.14 28.96
C ALA G 51 -59.16 -18.54 28.38
N GLY G 52 -57.95 -19.00 28.09
CA GLY G 52 -57.76 -20.32 27.54
C GLY G 52 -56.50 -20.99 28.04
N ASN G 53 -55.94 -20.48 29.13
CA ASN G 53 -54.68 -20.97 29.65
C ASN G 53 -54.85 -22.38 30.21
N LEU G 54 -53.98 -23.28 29.80
CA LEU G 54 -54.09 -24.68 30.19
C LEU G 54 -53.20 -24.98 31.39
N GLU G 55 -53.76 -25.70 32.35
CA GLU G 55 -52.99 -26.15 33.51
C GLU G 55 -52.03 -27.27 33.09
N THR G 56 -50.92 -27.36 33.83
CA THR G 56 -49.85 -28.28 33.46
C THR G 56 -50.30 -29.73 33.45
N GLY G 57 -51.04 -30.16 34.47
CA GLY G 57 -51.46 -31.54 34.54
C GLY G 57 -52.72 -31.84 33.75
N VAL G 58 -53.41 -30.80 33.31
CA VAL G 58 -54.67 -30.98 32.60
C VAL G 58 -54.39 -31.47 31.19
N PRO G 59 -55.09 -32.49 30.70
CA PRO G 59 -54.84 -32.97 29.33
C PRO G 59 -55.09 -31.89 28.29
N SER G 60 -54.33 -31.96 27.21
CA SER G 60 -54.40 -30.98 26.12
C SER G 60 -55.73 -30.98 25.40
N ARG G 61 -56.57 -32.00 25.56
CA ARG G 61 -57.88 -32.02 24.94
C ARG G 61 -58.82 -30.96 25.50
N PHE G 62 -58.48 -30.37 26.64
CA PHE G 62 -59.24 -29.26 27.20
C PHE G 62 -58.69 -27.95 26.65
N SER G 63 -59.56 -27.18 25.98
CA SER G 63 -59.17 -25.92 25.39
C SER G 63 -60.13 -24.83 25.83
N GLY G 64 -59.59 -23.66 26.16
CA GLY G 64 -60.40 -22.55 26.58
C GLY G 64 -60.37 -21.38 25.62
N SER G 65 -61.46 -20.63 25.56
CA SER G 65 -61.53 -19.45 24.70
C SER G 65 -62.56 -18.50 25.26
N GLY G 66 -62.56 -17.29 24.71
CA GLY G 66 -63.48 -16.25 25.12
C GLY G 66 -62.78 -15.06 25.75
N SER G 67 -63.58 -14.03 26.01
CA SER G 67 -63.09 -12.76 26.54
C SER G 67 -64.28 -11.88 26.90
N GLY G 68 -64.12 -11.14 28.00
CA GLY G 68 -65.07 -10.14 28.42
C GLY G 68 -66.29 -10.71 29.11
N THR G 69 -67.18 -11.28 28.31
CA THR G 69 -68.39 -11.89 28.81
C THR G 69 -68.48 -13.37 28.46
N ASP G 70 -68.18 -13.72 27.20
CA ASP G 70 -68.33 -15.09 26.73
C ASP G 70 -67.08 -15.89 27.07
N PHE G 71 -67.28 -17.13 27.50
CA PHE G 71 -66.18 -18.07 27.66
C PHE G 71 -66.67 -19.46 27.24
N THR G 72 -65.73 -20.30 26.81
CA THR G 72 -66.08 -21.60 26.25
C THR G 72 -64.94 -22.58 26.46
N LEU G 73 -65.26 -23.76 26.99
CA LEU G 73 -64.31 -24.86 27.15
C LEU G 73 -64.72 -26.03 26.27
N THR G 74 -63.76 -26.56 25.51
CA THR G 74 -64.01 -27.62 24.54
C THR G 74 -63.11 -28.81 24.83
N ILE G 75 -63.69 -30.00 24.85
CA ILE G 75 -62.97 -31.25 25.00
C ILE G 75 -62.99 -31.96 23.65
N SER G 76 -61.81 -32.17 23.07
CA SER G 76 -61.71 -32.64 21.70
C SER G 76 -61.89 -34.16 21.62
N ASP G 77 -61.30 -34.89 22.55
CA ASP G 77 -61.32 -36.35 22.56
C ASP G 77 -61.78 -36.82 23.93
N LEU G 78 -63.06 -37.18 24.03
CA LEU G 78 -63.60 -37.66 25.30
C LEU G 78 -62.94 -38.96 25.69
N GLN G 79 -62.59 -39.08 26.98
CA GLN G 79 -61.97 -40.27 27.53
C GLN G 79 -62.85 -40.81 28.66
N ALA G 80 -62.39 -41.91 29.27
CA ALA G 80 -63.13 -42.54 30.35
C ALA G 80 -63.26 -41.65 31.58
N GLU G 81 -62.30 -40.76 31.80
CA GLU G 81 -62.32 -39.84 32.93
C GLU G 81 -62.94 -38.49 32.56
N ASP G 82 -63.27 -38.28 31.29
CA ASP G 82 -63.79 -37.00 30.82
C ASP G 82 -65.27 -36.82 31.10
N PHE G 83 -65.80 -37.52 32.10
CA PHE G 83 -67.21 -37.40 32.49
C PHE G 83 -67.23 -36.86 33.93
N ALA G 84 -67.25 -35.53 34.06
CA ALA G 84 -67.16 -34.89 35.36
C ALA G 84 -68.04 -33.64 35.34
N THR G 85 -68.24 -33.05 36.52
CA THR G 85 -69.01 -31.83 36.68
C THR G 85 -68.09 -30.64 36.47
N TYR G 86 -68.49 -29.74 35.56
CA TYR G 86 -67.64 -28.64 35.14
C TYR G 86 -68.26 -27.31 35.56
N TYR G 87 -67.42 -26.42 36.07
CA TYR G 87 -67.86 -25.14 36.61
C TYR G 87 -67.06 -24.01 35.97
N CYS G 88 -67.64 -22.83 35.91
CA CYS G 88 -66.92 -21.61 35.57
C CYS G 88 -67.05 -20.63 36.73
N GLN G 89 -65.94 -20.01 37.11
CA GLN G 89 -65.88 -19.11 38.26
C GLN G 89 -65.20 -17.81 37.88
N GLN G 90 -65.85 -16.69 38.18
CA GLN G 90 -65.27 -15.38 37.97
C GLN G 90 -64.41 -15.00 39.18
N ALA G 91 -63.35 -14.23 38.93
CA ALA G 91 -62.47 -13.79 40.00
C ALA G 91 -62.07 -12.34 39.81
N ASP G 92 -62.99 -11.53 39.29
CA ASP G 92 -62.70 -10.11 39.08
C ASP G 92 -63.52 -9.18 39.95
N SER G 93 -64.69 -9.60 40.43
CA SER G 93 -65.52 -8.77 41.29
C SER G 93 -65.91 -9.56 42.53
N PHE G 94 -65.64 -8.98 43.70
CA PHE G 94 -65.94 -9.67 44.95
C PHE G 94 -67.27 -9.21 45.51
N PRO G 95 -68.04 -10.08 46.19
CA PRO G 95 -67.75 -11.50 46.45
C PRO G 95 -67.75 -12.37 45.20
N LEU G 96 -66.98 -13.45 45.23
CA LEU G 96 -66.88 -14.34 44.07
C LEU G 96 -68.01 -15.36 44.06
N THR G 97 -68.37 -15.78 42.86
CA THR G 97 -69.47 -16.72 42.64
C THR G 97 -68.99 -17.83 41.72
N PHE G 98 -69.65 -18.98 41.79
CA PHE G 98 -69.33 -20.14 40.97
C PHE G 98 -70.48 -20.44 40.01
N GLY G 99 -70.14 -21.14 38.93
CA GLY G 99 -71.13 -21.52 37.95
C GLY G 99 -72.08 -22.59 38.45
N GLY G 100 -73.16 -22.78 37.70
CA GLY G 100 -74.15 -23.77 38.08
C GLY G 100 -73.60 -25.19 38.11
N GLY G 101 -72.85 -25.56 37.09
CA GLY G 101 -72.28 -26.89 37.02
C GLY G 101 -72.86 -27.70 35.89
N THR G 102 -71.99 -28.28 35.07
CA THR G 102 -72.39 -29.09 33.94
C THR G 102 -71.74 -30.47 34.06
N LYS G 103 -72.56 -31.51 33.98
CA LYS G 103 -72.11 -32.89 34.08
C LYS G 103 -72.13 -33.53 32.70
N VAL G 104 -71.06 -34.25 32.37
CA VAL G 104 -70.92 -34.94 31.10
C VAL G 104 -71.17 -36.43 31.36
N ASP G 105 -72.06 -37.02 30.59
CA ASP G 105 -72.48 -38.41 30.79
C ASP G 105 -72.15 -39.24 29.55
N ILE G 106 -72.17 -40.56 29.73
CA ILE G 106 -71.95 -41.49 28.64
C ILE G 106 -73.27 -41.70 27.90
N LYS G 107 -73.24 -41.50 26.59
CA LYS G 107 -74.42 -41.67 25.75
C LYS G 107 -74.52 -43.12 25.29
N ARG G 108 -75.74 -43.65 25.29
CA ARG G 108 -75.98 -45.03 24.92
C ARG G 108 -77.38 -45.14 24.33
N THR G 109 -77.77 -46.37 23.98
CA THR G 109 -79.11 -46.62 23.47
C THR G 109 -80.15 -46.39 24.56
N VAL G 110 -81.33 -45.95 24.14
CA VAL G 110 -82.41 -45.71 25.09
C VAL G 110 -82.92 -47.04 25.63
N ALA G 111 -83.18 -47.08 26.93
CA ALA G 111 -83.66 -48.28 27.61
C ALA G 111 -85.01 -48.00 28.25
N ALA G 112 -85.96 -48.91 28.04
CA ALA G 112 -87.27 -48.78 28.65
C ALA G 112 -87.19 -48.98 30.15
N PRO G 113 -87.75 -48.06 30.93
CA PRO G 113 -87.66 -48.17 32.39
C PRO G 113 -88.53 -49.28 32.95
N SER G 114 -87.91 -50.23 33.66
CA SER G 114 -88.67 -51.25 34.37
C SER G 114 -89.16 -50.67 35.68
N VAL G 115 -90.49 -50.67 35.87
CA VAL G 115 -91.13 -50.02 37.01
C VAL G 115 -91.74 -51.09 37.91
N PHE G 116 -91.43 -51.00 39.20
CA PHE G 116 -91.93 -51.92 40.21
C PHE G 116 -92.54 -51.14 41.36
N ILE G 117 -93.44 -51.80 42.09
CA ILE G 117 -94.19 -51.17 43.17
C ILE G 117 -93.86 -51.89 44.48
N PHE G 118 -93.83 -51.10 45.56
CA PHE G 118 -93.59 -51.61 46.90
C PHE G 118 -94.55 -50.94 47.88
N PRO G 119 -95.65 -51.59 48.25
CA PRO G 119 -96.51 -51.06 49.30
C PRO G 119 -95.80 -51.12 50.64
N PRO G 120 -96.17 -50.26 51.59
CA PRO G 120 -95.56 -50.32 52.92
C PRO G 120 -95.80 -51.68 53.56
N SER G 121 -94.76 -52.24 54.17
CA SER G 121 -94.87 -53.56 54.76
C SER G 121 -95.75 -53.53 56.00
N ASP G 122 -96.28 -54.70 56.35
CA ASP G 122 -97.08 -54.82 57.56
C ASP G 122 -96.25 -54.45 58.79
N GLU G 123 -94.95 -54.69 58.74
CA GLU G 123 -94.05 -54.24 59.80
C GLU G 123 -93.99 -52.71 59.83
N GLN G 124 -94.02 -52.08 58.66
CA GLN G 124 -93.99 -50.62 58.59
C GLN G 124 -95.33 -50.00 59.02
N LEU G 125 -96.43 -50.75 58.89
CA LEU G 125 -97.73 -50.19 59.20
C LEU G 125 -97.89 -49.91 60.70
N LYS G 126 -97.30 -50.75 61.55
CA LYS G 126 -97.44 -50.54 62.99
C LYS G 126 -96.62 -49.35 63.47
N SER G 127 -95.65 -48.91 62.67
CA SER G 127 -94.83 -47.77 63.06
C SER G 127 -95.65 -46.50 63.16
N GLY G 128 -96.59 -46.31 62.24
CA GLY G 128 -97.39 -45.10 62.21
C GLY G 128 -97.08 -44.25 60.99
N THR G 129 -96.04 -44.62 60.26
CA THR G 129 -95.66 -43.96 59.02
C THR G 129 -95.54 -44.99 57.92
N ALA G 130 -96.17 -44.72 56.79
CA ALA G 130 -96.20 -45.63 55.66
C ALA G 130 -95.39 -45.05 54.51
N SER G 131 -94.56 -45.89 53.90
CA SER G 131 -93.74 -45.49 52.77
C SER G 131 -94.07 -46.39 51.59
N VAL G 132 -94.50 -45.78 50.49
CA VAL G 132 -94.76 -46.51 49.25
C VAL G 132 -93.63 -46.19 48.27
N VAL G 133 -93.00 -47.24 47.75
CA VAL G 133 -91.79 -47.09 46.94
C VAL G 133 -92.11 -47.44 45.50
N CYS G 134 -91.71 -46.58 44.57
CA CYS G 134 -91.82 -46.84 43.15
C CYS G 134 -90.41 -46.90 42.57
N LEU G 135 -90.06 -48.03 41.98
CA LEU G 135 -88.70 -48.31 41.54
C LEU G 135 -88.64 -48.27 40.02
N LEU G 136 -87.66 -47.54 39.48
CA LEU G 136 -87.35 -47.55 38.06
C LEU G 136 -85.94 -48.08 37.89
N ASN G 137 -85.77 -49.04 36.99
CA ASN G 137 -84.48 -49.68 36.75
C ASN G 137 -84.20 -49.73 35.26
N ASN G 138 -82.91 -49.61 34.88
CA ASN G 138 -82.46 -49.84 33.52
C ASN G 138 -83.19 -48.93 32.52
N PHE G 139 -82.97 -47.64 32.71
CA PHE G 139 -83.57 -46.62 31.85
C PHE G 139 -82.51 -45.61 31.44
N TYR G 140 -82.78 -44.94 30.31
CA TYR G 140 -81.90 -43.90 29.80
C TYR G 140 -82.77 -42.92 29.03
N PRO G 141 -82.55 -41.60 29.16
CA PRO G 141 -81.52 -40.98 29.99
C PRO G 141 -81.91 -40.87 31.46
N ARG G 142 -81.20 -40.00 32.19
CA ARG G 142 -81.49 -39.76 33.60
C ARG G 142 -82.91 -39.24 33.81
N GLU G 143 -83.43 -38.46 32.86
CA GLU G 143 -84.77 -37.92 32.98
C GLU G 143 -85.79 -39.04 33.05
N ALA G 144 -86.54 -39.10 34.15
CA ALA G 144 -87.55 -40.13 34.37
C ALA G 144 -88.97 -39.56 34.43
N LYS G 145 -89.17 -38.49 35.20
CA LYS G 145 -90.46 -37.83 35.35
C LYS G 145 -91.52 -38.82 35.86
N VAL G 146 -91.29 -39.28 37.08
CA VAL G 146 -92.23 -40.14 37.79
C VAL G 146 -93.03 -39.30 38.78
N GLN G 147 -94.34 -39.53 38.82
CA GLN G 147 -95.22 -38.80 39.72
C GLN G 147 -96.23 -39.73 40.35
N TRP G 148 -96.70 -39.35 41.54
CA TRP G 148 -97.56 -40.18 42.37
C TRP G 148 -99.00 -39.70 42.26
N LYS G 149 -99.94 -40.66 42.21
CA LYS G 149 -101.36 -40.39 42.24
C LYS G 149 -101.99 -41.16 43.38
N VAL G 150 -102.87 -40.49 44.13
CA VAL G 150 -103.68 -41.11 45.17
C VAL G 150 -105.13 -40.84 44.81
N ASP G 151 -105.86 -41.90 44.47
CA ASP G 151 -107.22 -41.77 43.94
C ASP G 151 -107.25 -40.84 42.73
N ASN G 152 -106.23 -40.98 41.88
CA ASN G 152 -106.07 -40.13 40.69
C ASN G 152 -106.01 -38.65 41.05
N ALA G 153 -105.26 -38.31 42.10
CA ALA G 153 -105.04 -36.94 42.51
C ALA G 153 -103.54 -36.67 42.58
N LEU G 154 -103.13 -35.51 42.08
CA LEU G 154 -101.71 -35.16 42.07
C LEU G 154 -101.20 -34.94 43.50
N GLN G 155 -99.99 -35.41 43.76
CA GLN G 155 -99.34 -35.27 45.05
C GLN G 155 -98.08 -34.42 44.90
N SER G 156 -97.97 -33.39 45.74
CA SER G 156 -96.82 -32.50 45.75
C SER G 156 -96.32 -32.32 47.17
N GLY G 157 -95.00 -32.41 47.35
CA GLY G 157 -94.40 -32.26 48.65
C GLY G 157 -94.48 -33.47 49.55
N ASN G 158 -94.98 -34.60 49.05
CA ASN G 158 -95.10 -35.82 49.84
C ASN G 158 -94.18 -36.94 49.37
N SER G 159 -93.39 -36.71 48.33
CA SER G 159 -92.52 -37.75 47.77
C SER G 159 -91.10 -37.23 47.62
N GLN G 160 -90.15 -38.16 47.66
CA GLN G 160 -88.73 -37.84 47.55
C GLN G 160 -88.07 -38.80 46.57
N GLU G 161 -87.08 -38.30 45.84
CA GLU G 161 -86.39 -39.06 44.82
C GLU G 161 -84.97 -39.40 45.26
N SER G 162 -84.53 -40.59 44.86
CA SER G 162 -83.15 -41.01 45.08
C SER G 162 -82.65 -41.67 43.80
N VAL G 163 -81.57 -41.14 43.24
CA VAL G 163 -81.05 -41.61 41.96
C VAL G 163 -79.61 -42.07 42.15
N THR G 164 -79.24 -43.07 41.36
CA THR G 164 -77.91 -43.65 41.39
C THR G 164 -77.06 -43.09 40.25
N GLU G 165 -75.78 -43.46 40.27
CA GLU G 165 -74.86 -43.06 39.22
C GLU G 165 -74.96 -44.01 38.04
N GLN G 166 -74.20 -43.73 37.00
CA GLN G 166 -74.20 -44.58 35.82
C GLN G 166 -73.68 -45.96 36.16
N ASP G 167 -74.38 -46.99 35.68
CA ASP G 167 -74.00 -48.36 35.97
C ASP G 167 -72.67 -48.71 35.30
N SER G 168 -71.89 -49.55 35.98
CA SER G 168 -70.59 -49.96 35.44
C SER G 168 -70.71 -51.01 34.35
N LYS G 169 -71.87 -51.67 34.22
CA LYS G 169 -72.05 -52.74 33.25
C LYS G 169 -72.63 -52.21 31.92
N ASP G 170 -73.81 -51.61 31.97
CA ASP G 170 -74.48 -51.14 30.76
C ASP G 170 -74.72 -49.63 30.77
N SER G 171 -74.09 -48.90 31.68
CA SER G 171 -74.19 -47.44 31.75
C SER G 171 -75.66 -46.97 31.78
N THR G 172 -76.46 -47.66 32.59
CA THR G 172 -77.87 -47.33 32.76
C THR G 172 -78.08 -46.71 34.12
N TYR G 173 -79.35 -46.42 34.43
CA TYR G 173 -79.70 -45.69 35.64
C TYR G 173 -80.73 -46.43 36.47
N SER G 174 -80.99 -45.88 37.65
CA SER G 174 -81.99 -46.40 38.57
C SER G 174 -82.50 -45.26 39.43
N LEU G 175 -83.81 -45.27 39.69
CA LEU G 175 -84.50 -44.22 40.42
C LEU G 175 -85.43 -44.84 41.43
N SER G 176 -85.60 -44.16 42.57
CA SER G 176 -86.54 -44.58 43.59
C SER G 176 -87.35 -43.38 44.03
N SER G 177 -88.68 -43.49 43.95
CA SER G 177 -89.58 -42.46 44.43
C SER G 177 -90.28 -43.00 45.68
N THR G 178 -89.99 -42.41 46.83
CA THR G 178 -90.57 -42.83 48.09
C THR G 178 -91.63 -41.83 48.51
N LEU G 179 -92.83 -42.32 48.79
CA LEU G 179 -93.95 -41.50 49.25
C LEU G 179 -94.19 -41.84 50.71
N THR G 180 -93.88 -40.89 51.59
CA THR G 180 -94.01 -41.07 53.04
C THR G 180 -95.24 -40.31 53.52
N LEU G 181 -96.07 -40.99 54.29
CA LEU G 181 -97.30 -40.37 54.80
C LEU G 181 -97.66 -41.01 56.13
N SER G 182 -98.68 -40.46 56.78
CA SER G 182 -99.13 -40.98 58.06
C SER G 182 -99.95 -42.25 57.84
N LYS G 183 -99.91 -43.13 58.84
CA LYS G 183 -100.64 -44.39 58.75
C LYS G 183 -102.14 -44.14 58.72
N ALA G 184 -102.62 -43.18 59.51
CA ALA G 184 -104.03 -42.81 59.45
C ALA G 184 -104.40 -42.25 58.09
N ASP G 185 -103.53 -41.38 57.52
CA ASP G 185 -103.75 -40.88 56.18
C ASP G 185 -103.61 -41.98 55.13
N TYR G 186 -102.73 -42.95 55.37
CA TYR G 186 -102.63 -44.10 54.47
C TYR G 186 -103.93 -44.89 54.44
N GLU G 187 -104.53 -45.12 55.60
CA GLU G 187 -105.80 -45.83 55.68
C GLU G 187 -106.96 -45.02 55.10
N LYS G 188 -106.81 -43.70 54.98
CA LYS G 188 -107.88 -42.87 54.44
C LYS G 188 -108.17 -43.24 52.98
N HIS G 189 -107.12 -43.49 52.20
CA HIS G 189 -107.27 -43.84 50.80
C HIS G 189 -107.13 -45.36 50.63
N LYS G 190 -107.32 -45.83 49.40
CA LYS G 190 -107.28 -47.26 49.13
C LYS G 190 -106.36 -47.59 47.95
N VAL G 191 -106.26 -46.68 46.99
CA VAL G 191 -105.55 -46.91 45.73
C VAL G 191 -104.41 -45.92 45.61
N TYR G 192 -103.22 -46.43 45.29
CA TYR G 192 -102.06 -45.59 45.02
C TYR G 192 -101.45 -45.99 43.70
N ALA G 193 -100.73 -45.06 43.07
CA ALA G 193 -100.11 -45.35 41.79
C ALA G 193 -98.94 -44.41 41.56
N CYS G 194 -98.02 -44.86 40.71
CA CYS G 194 -96.93 -44.02 40.20
C CYS G 194 -96.86 -44.18 38.69
N GLU G 195 -96.77 -43.05 37.99
CA GLU G 195 -96.70 -43.07 36.54
C GLU G 195 -95.41 -42.40 36.08
N VAL G 196 -94.85 -42.94 35.00
CA VAL G 196 -93.57 -42.49 34.45
C VAL G 196 -93.79 -42.10 32.99
N THR G 197 -93.29 -40.91 32.64
CA THR G 197 -93.25 -40.45 31.25
C THR G 197 -91.80 -40.42 30.81
N HIS G 198 -91.38 -41.45 30.10
CA HIS G 198 -89.98 -41.60 29.70
C HIS G 198 -89.87 -41.51 28.19
N GLN G 199 -88.67 -41.16 27.72
CA GLN G 199 -88.43 -41.07 26.28
C GLN G 199 -88.61 -42.42 25.61
N GLY G 200 -88.16 -43.49 26.26
CA GLY G 200 -88.24 -44.82 25.69
C GLY G 200 -89.63 -45.43 25.69
N LEU G 201 -90.59 -44.78 26.34
CA LEU G 201 -91.97 -45.27 26.41
C LEU G 201 -92.83 -44.48 25.44
N SER G 202 -93.55 -45.19 24.56
CA SER G 202 -94.47 -44.53 23.65
C SER G 202 -95.60 -43.86 24.41
N SER G 203 -96.06 -44.48 25.48
CA SER G 203 -97.08 -43.93 26.37
C SER G 203 -96.58 -44.02 27.81
N PRO G 204 -97.02 -43.10 28.67
CA PRO G 204 -96.61 -43.18 30.09
C PRO G 204 -97.06 -44.49 30.71
N VAL G 205 -96.19 -45.05 31.55
CA VAL G 205 -96.44 -46.33 32.20
C VAL G 205 -96.90 -46.07 33.63
N THR G 206 -98.09 -46.54 33.96
CA THR G 206 -98.69 -46.35 35.27
C THR G 206 -98.72 -47.69 36.00
N LYS G 207 -98.08 -47.74 37.16
CA LYS G 207 -98.11 -48.92 38.02
C LYS G 207 -98.86 -48.58 39.29
N SER G 208 -99.90 -49.35 39.59
CA SER G 208 -100.82 -49.03 40.67
C SER G 208 -101.00 -50.23 41.58
N PHE G 209 -101.44 -49.97 42.80
CA PHE G 209 -101.77 -51.01 43.75
C PHE G 209 -102.90 -50.53 44.65
N ASN G 210 -103.53 -51.49 45.32
CA ASN G 210 -104.58 -51.23 46.28
C ASN G 210 -104.22 -51.87 47.61
N ARG G 211 -104.64 -51.23 48.70
CA ARG G 211 -104.34 -51.72 50.04
C ARG G 211 -104.96 -53.09 50.28
N GLY G 212 -104.21 -53.97 50.93
CA GLY G 212 -104.69 -55.30 51.23
C GLY G 212 -104.38 -56.32 50.15
#